data_8ECN
#
_entry.id   8ECN
#
_entity_poly.entity_id   1
_entity_poly.type   'polypeptide(L)'
_entity_poly.pdbx_seq_one_letter_code
;MAVLKTSSFQLPRHLVPGVWQKAQGQSVLARLSNAEPQEFGEQQYMTLTAPPRGEVVGESAEKSESTATFAPVTSLVRKV
QVTQRFSQEVKWADESRQLGVLQTMADLSGVALGRALDLIGIHGINPLTGAALAGTPPKIIDTTNVVELTTETLGLPDQA
IEAAVGLVLDDSISPNGLALDNSFAFKLATQRHPTTGQKLYPELGFGTDISGFMSLGAAVSDTVRGGPEAVTPSTGAYRT
TNPNIKAVVGDFSAFRWGVQANIPLTLIEYGDPDGSGDLQRKNELAIRAEVVYGVGILSTDAFAVVRDADES
;
_entity_poly.pdbx_strand_id   H,A,G,D,C,E,F,B,I
#
# COMPACT_ATOMS: atom_id res chain seq x y z
N ALA A 2 121.86 43.20 -62.09
CA ALA A 2 121.12 42.42 -61.11
C ALA A 2 120.88 41.00 -61.60
N VAL A 3 120.87 40.02 -60.70
CA VAL A 3 120.52 38.62 -61.01
C VAL A 3 119.01 38.41 -61.01
N LEU A 4 118.50 37.55 -61.89
CA LEU A 4 117.06 37.28 -62.00
C LEU A 4 116.57 36.41 -60.83
N LYS A 5 115.93 37.02 -59.83
CA LYS A 5 115.21 36.37 -58.73
C LYS A 5 113.79 36.03 -59.15
N THR A 6 113.22 34.94 -58.63
CA THR A 6 111.81 34.55 -58.87
C THR A 6 110.78 35.52 -58.30
N SER A 7 111.13 36.37 -57.34
CA SER A 7 110.26 37.46 -56.86
C SER A 7 109.76 38.36 -58.00
N SER A 8 110.55 38.49 -59.08
CA SER A 8 110.22 39.26 -60.27
C SER A 8 108.98 38.76 -60.99
N PHE A 9 108.69 37.45 -60.96
CA PHE A 9 107.57 36.87 -61.69
C PHE A 9 106.24 36.98 -60.95
N GLN A 10 106.25 37.24 -59.64
CA GLN A 10 105.06 37.27 -58.79
C GLN A 10 104.16 36.03 -59.01
N LEU A 11 104.76 34.83 -58.97
CA LEU A 11 104.05 33.59 -59.30
C LEU A 11 102.81 33.35 -58.42
N PRO A 12 101.70 32.85 -58.98
CA PRO A 12 100.52 32.48 -58.21
C PRO A 12 100.80 31.29 -57.29
N ARG A 13 100.17 31.25 -56.13
CA ARG A 13 100.22 30.07 -55.24
C ARG A 13 99.52 28.87 -55.86
N HIS A 14 99.96 27.68 -55.52
CA HIS A 14 99.22 26.44 -55.83
C HIS A 14 98.04 26.30 -54.88
N LEU A 15 96.90 25.83 -55.37
CA LEU A 15 95.67 25.72 -54.59
C LEU A 15 95.37 24.25 -54.34
N VAL A 16 95.47 23.83 -53.09
CA VAL A 16 95.43 22.41 -52.70
C VAL A 16 93.99 21.95 -52.47
N PRO A 17 93.57 20.75 -52.94
CA PRO A 17 92.17 20.33 -52.82
C PRO A 17 91.67 20.14 -51.39
N GLY A 18 90.35 20.17 -51.22
CA GLY A 18 89.66 19.92 -49.96
C GLY A 18 89.60 21.12 -49.00
N VAL A 19 88.81 21.01 -47.94
CA VAL A 19 88.59 22.04 -46.91
C VAL A 19 88.89 21.43 -45.55
N TRP A 20 89.51 22.19 -44.63
CA TRP A 20 89.82 21.74 -43.29
C TRP A 20 88.87 22.33 -42.27
N GLN A 21 88.32 21.49 -41.39
CA GLN A 21 87.27 21.84 -40.42
C GLN A 21 87.56 21.30 -39.02
N LYS A 22 87.31 22.09 -37.98
CA LYS A 22 87.07 21.55 -36.63
C LYS A 22 85.67 20.96 -36.59
N ALA A 23 85.51 19.75 -36.09
CA ALA A 23 84.21 19.09 -36.01
C ALA A 23 83.26 19.75 -34.99
N GLN A 24 81.98 19.41 -35.06
CA GLN A 24 80.93 19.83 -34.14
C GLN A 24 80.28 18.62 -33.49
N GLY A 25 79.91 18.74 -32.22
CA GLY A 25 79.17 17.71 -31.52
C GLY A 25 77.75 17.58 -32.06
N GLN A 26 77.30 16.34 -32.24
CA GLN A 26 75.95 16.00 -32.68
C GLN A 26 74.91 16.18 -31.56
N SER A 27 73.63 16.03 -31.87
CA SER A 27 72.59 16.02 -30.84
C SER A 27 72.70 14.79 -29.92
N VAL A 28 72.66 14.99 -28.60
CA VAL A 28 72.50 13.92 -27.62
C VAL A 28 71.04 13.54 -27.47
N LEU A 29 70.10 14.48 -27.55
CA LEU A 29 68.67 14.18 -27.42
C LEU A 29 68.21 13.23 -28.51
N ALA A 30 68.71 13.38 -29.74
CA ALA A 30 68.35 12.50 -30.84
C ALA A 30 68.80 11.04 -30.65
N ARG A 31 69.80 10.81 -29.80
CA ARG A 31 70.35 9.48 -29.50
C ARG A 31 69.74 8.87 -28.25
N LEU A 32 69.57 9.65 -27.20
CA LEU A 32 69.08 9.21 -25.90
C LEU A 32 67.55 9.04 -25.86
N SER A 33 66.80 9.85 -26.61
CA SER A 33 65.35 9.74 -26.74
C SER A 33 64.99 9.31 -28.16
N ASN A 34 64.30 8.18 -28.35
CA ASN A 34 63.72 7.84 -29.64
C ASN A 34 62.67 8.87 -30.06
N ALA A 35 62.62 9.21 -31.35
CA ALA A 35 61.57 10.05 -31.90
C ALA A 35 60.26 9.26 -31.93
N GLU A 36 59.15 9.90 -31.60
CA GLU A 36 57.81 9.34 -31.84
C GLU A 36 57.19 9.99 -33.09
N PRO A 37 56.32 9.30 -33.83
CA PRO A 37 55.59 9.90 -34.93
C PRO A 37 54.56 10.90 -34.40
N GLN A 38 54.47 12.07 -35.04
CA GLN A 38 53.61 13.16 -34.60
C GLN A 38 52.89 13.84 -35.77
N GLU A 39 51.63 14.24 -35.59
CA GLU A 39 50.98 15.20 -36.48
C GLU A 39 51.32 16.64 -36.09
N PHE A 40 51.14 17.59 -37.01
CA PHE A 40 51.52 18.98 -36.80
C PHE A 40 50.69 19.66 -35.70
N GLY A 41 51.35 20.33 -34.76
CA GLY A 41 50.73 21.05 -33.65
C GLY A 41 51.10 20.49 -32.28
N GLU A 42 50.72 21.20 -31.23
CA GLU A 42 51.00 20.80 -29.85
C GLU A 42 50.33 19.48 -29.49
N GLN A 43 50.99 18.71 -28.64
CA GLN A 43 50.50 17.44 -28.14
C GLN A 43 50.25 17.51 -26.64
N GLN A 44 49.39 16.64 -26.12
CA GLN A 44 49.06 16.56 -24.72
C GLN A 44 49.20 15.13 -24.18
N TYR A 45 49.83 15.04 -23.01
CA TYR A 45 50.23 13.82 -22.32
C TYR A 45 49.63 13.81 -20.91
N MET A 46 49.32 12.62 -20.39
CA MET A 46 48.59 12.44 -19.14
C MET A 46 49.50 11.90 -18.03
N THR A 47 49.51 12.52 -16.86
CA THR A 47 50.42 12.13 -15.76
C THR A 47 49.66 11.86 -14.47
N LEU A 48 50.09 10.85 -13.70
CA LEU A 48 49.67 10.64 -12.32
C LEU A 48 50.44 11.57 -11.39
N THR A 49 49.74 12.44 -10.66
CA THR A 49 50.33 13.38 -9.71
C THR A 49 50.51 12.77 -8.32
N ALA A 50 49.54 11.99 -7.83
CA ALA A 50 49.63 11.30 -6.56
C ALA A 50 48.87 9.97 -6.56
N PRO A 51 49.38 8.92 -5.91
CA PRO A 51 48.70 7.65 -5.77
C PRO A 51 47.74 7.64 -4.56
N PRO A 52 46.72 6.77 -4.53
CA PRO A 52 45.89 6.56 -3.36
C PRO A 52 46.65 5.90 -2.21
N ARG A 53 46.09 5.90 -1.00
CA ARG A 53 46.63 5.21 0.18
C ARG A 53 45.59 4.35 0.88
N GLY A 54 45.99 3.19 1.36
CA GLY A 54 45.16 2.33 2.19
C GLY A 54 44.98 2.83 3.61
N GLU A 55 43.86 2.51 4.24
CA GLU A 55 43.56 2.85 5.63
C GLU A 55 43.20 1.60 6.41
N VAL A 56 43.69 1.48 7.65
CA VAL A 56 43.24 0.43 8.57
C VAL A 56 42.06 0.94 9.40
N VAL A 57 41.05 0.10 9.55
CA VAL A 57 39.80 0.45 10.25
C VAL A 57 39.36 -0.70 11.13
N GLY A 58 38.79 -0.39 12.29
CA GLY A 58 38.24 -1.38 13.21
C GLY A 58 36.99 -2.07 12.70
N GLU A 59 36.22 -2.65 13.62
CA GLU A 59 35.04 -3.42 13.30
C GLU A 59 33.96 -2.55 12.61
N SER A 60 33.38 -1.59 13.33
CA SER A 60 32.40 -0.64 12.80
C SER A 60 32.94 0.78 12.60
N ALA A 61 34.25 0.98 12.62
CA ALA A 61 34.85 2.31 12.47
C ALA A 61 34.62 2.90 11.06
N GLU A 62 34.44 4.21 10.98
CA GLU A 62 34.15 4.95 9.76
C GLU A 62 35.33 4.98 8.78
N LYS A 63 35.10 4.48 7.56
CA LYS A 63 36.06 4.50 6.46
C LYS A 63 36.25 5.88 5.84
N SER A 64 37.43 6.16 5.32
CA SER A 64 37.79 7.36 4.54
C SER A 64 37.87 7.07 3.04
N GLU A 65 38.11 8.08 2.21
CA GLU A 65 38.49 7.93 0.81
C GLU A 65 39.80 8.67 0.52
N SER A 66 40.58 8.11 -0.38
CA SER A 66 41.86 8.61 -0.84
C SER A 66 41.97 8.21 -2.29
N THR A 67 41.88 9.18 -3.19
CA THR A 67 41.83 8.95 -4.63
C THR A 67 43.12 9.40 -5.30
N ALA A 68 43.48 8.73 -6.38
CA ALA A 68 44.51 9.21 -7.28
C ALA A 68 44.24 10.63 -7.78
N THR A 69 45.29 11.37 -8.13
CA THR A 69 45.21 12.68 -8.80
C THR A 69 46.03 12.68 -10.09
N PHE A 70 45.60 13.44 -11.09
CA PHE A 70 46.16 13.46 -12.44
C PHE A 70 46.40 14.90 -12.90
N ALA A 71 47.37 15.11 -13.79
CA ALA A 71 47.63 16.40 -14.41
C ALA A 71 48.01 16.25 -15.88
N PRO A 72 47.55 17.11 -16.79
CA PRO A 72 48.02 17.12 -18.18
C PRO A 72 49.30 17.94 -18.31
N VAL A 73 50.18 17.52 -19.22
CA VAL A 73 51.36 18.27 -19.64
C VAL A 73 51.39 18.35 -21.15
N THR A 74 51.92 19.45 -21.70
CA THR A 74 51.77 19.78 -23.13
C THR A 74 53.10 20.00 -23.83
N SER A 75 53.22 19.58 -25.10
CA SER A 75 54.38 19.93 -25.92
C SER A 75 54.32 21.41 -26.31
N LEU A 76 55.45 21.97 -26.72
CA LEU A 76 55.47 23.12 -27.63
C LEU A 76 55.76 22.62 -29.03
N VAL A 77 55.78 23.52 -30.00
CA VAL A 77 56.23 23.28 -31.37
C VAL A 77 57.21 24.36 -31.76
N ARG A 78 58.33 23.97 -32.36
CA ARG A 78 59.49 24.81 -32.63
C ARG A 78 59.96 24.60 -34.06
N LYS A 79 59.89 25.63 -34.89
CA LYS A 79 60.35 25.61 -36.28
C LYS A 79 61.72 26.24 -36.34
N VAL A 80 62.69 25.50 -36.85
CA VAL A 80 64.07 25.97 -37.03
C VAL A 80 64.44 25.93 -38.50
N GLN A 81 65.18 26.95 -38.92
CA GLN A 81 65.57 27.22 -40.28
C GLN A 81 67.04 27.57 -40.32
N VAL A 82 67.74 27.18 -41.37
CA VAL A 82 69.08 27.67 -41.66
C VAL A 82 69.12 28.12 -43.10
N THR A 83 69.54 29.37 -43.33
CA THR A 83 69.62 29.97 -44.66
C THR A 83 71.02 30.50 -44.89
N GLN A 84 71.66 30.11 -45.99
CA GLN A 84 73.00 30.58 -46.36
C GLN A 84 72.96 31.28 -47.71
N ARG A 85 73.67 32.39 -47.86
CA ARG A 85 73.58 33.29 -49.02
C ARG A 85 74.97 33.58 -49.57
N PHE A 86 75.13 33.49 -50.88
CA PHE A 86 76.40 33.63 -51.59
C PHE A 86 76.21 34.21 -52.99
N SER A 87 77.24 34.85 -53.54
CA SER A 87 77.20 35.45 -54.89
C SER A 87 77.34 34.40 -55.98
N GLN A 88 76.80 34.66 -57.16
CA GLN A 88 76.94 33.78 -58.34
C GLN A 88 78.41 33.50 -58.68
N GLU A 89 79.29 34.49 -58.52
CA GLU A 89 80.73 34.34 -58.70
C GLU A 89 81.33 33.23 -57.82
N VAL A 90 80.78 32.97 -56.64
CA VAL A 90 81.19 31.86 -55.76
C VAL A 90 80.80 30.53 -56.36
N LYS A 91 79.62 30.39 -56.94
CA LYS A 91 79.20 29.15 -57.61
C LYS A 91 80.09 28.85 -58.80
N TRP A 92 80.40 29.85 -59.61
CA TRP A 92 81.33 29.72 -60.74
C TRP A 92 82.74 29.36 -60.29
N ALA A 93 83.28 30.01 -59.26
CA ALA A 93 84.61 29.70 -58.74
C ALA A 93 84.69 28.29 -58.15
N ASP A 94 83.75 27.93 -57.29
CA ASP A 94 83.61 26.60 -56.71
C ASP A 94 83.64 25.51 -57.78
N GLU A 95 82.76 25.61 -58.76
CA GLU A 95 82.56 24.52 -59.72
C GLU A 95 83.60 24.48 -60.82
N SER A 96 84.42 25.52 -61.00
CA SER A 96 85.53 25.51 -61.97
C SER A 96 86.85 25.09 -61.32
N ARG A 97 87.14 25.58 -60.11
CA ARG A 97 88.35 25.25 -59.34
C ARG A 97 88.22 23.97 -58.49
N GLN A 98 87.06 23.33 -58.49
CA GLN A 98 86.75 22.13 -57.69
C GLN A 98 86.86 22.38 -56.18
N LEU A 99 86.47 23.55 -55.68
CA LEU A 99 86.71 23.89 -54.26
C LEU A 99 85.92 23.01 -53.27
N GLY A 100 84.64 22.73 -53.55
CA GLY A 100 83.77 22.01 -52.61
C GLY A 100 83.27 22.85 -51.43
N VAL A 101 83.42 24.18 -51.47
CA VAL A 101 82.80 25.11 -50.53
C VAL A 101 81.28 24.89 -50.49
N LEU A 102 80.63 24.84 -51.65
CA LEU A 102 79.18 24.66 -51.69
C LEU A 102 78.75 23.29 -51.14
N GLN A 103 79.49 22.22 -51.40
CA GLN A 103 79.21 20.95 -50.74
C GLN A 103 79.42 21.00 -49.23
N THR A 104 80.50 21.61 -48.73
CA THR A 104 80.65 21.76 -47.27
C THR A 104 79.51 22.60 -46.68
N MET A 105 79.02 23.65 -47.36
CA MET A 105 77.86 24.41 -46.89
C MET A 105 76.58 23.58 -46.89
N ALA A 106 76.38 22.71 -47.86
CA ALA A 106 75.25 21.79 -47.84
C ALA A 106 75.29 20.89 -46.59
N ASP A 107 76.45 20.30 -46.29
CA ASP A 107 76.60 19.43 -45.12
C ASP A 107 76.50 20.20 -43.80
N LEU A 108 77.08 21.39 -43.71
CA LEU A 108 77.03 22.24 -42.51
C LEU A 108 75.60 22.65 -42.17
N SER A 109 74.70 22.73 -43.14
CA SER A 109 73.29 23.00 -42.87
C SER A 109 72.62 21.85 -42.10
N GLY A 110 72.90 20.61 -42.49
CA GLY A 110 72.30 19.42 -41.89
C GLY A 110 72.62 19.29 -40.40
N VAL A 111 73.90 19.43 -40.04
CA VAL A 111 74.32 19.40 -38.64
C VAL A 111 73.76 20.56 -37.84
N ALA A 112 73.58 21.75 -38.41
CA ALA A 112 73.02 22.87 -37.66
C ALA A 112 71.57 22.61 -37.25
N LEU A 113 70.77 21.97 -38.10
CA LEU A 113 69.41 21.56 -37.77
C LEU A 113 69.39 20.42 -36.76
N GLY A 114 70.32 19.48 -36.86
CA GLY A 114 70.50 18.42 -35.86
C GLY A 114 70.82 18.98 -34.47
N ARG A 115 71.80 19.88 -34.37
CA ARG A 115 72.21 20.53 -33.11
C ARG A 115 71.12 21.36 -32.46
N ALA A 116 70.19 21.91 -33.23
CA ALA A 116 69.14 22.76 -32.68
C ALA A 116 68.29 22.05 -31.64
N LEU A 117 68.04 20.75 -31.79
CA LEU A 117 67.25 19.97 -30.85
C LEU A 117 67.82 20.05 -29.43
N ASP A 118 69.13 19.92 -29.24
CA ASP A 118 69.75 20.03 -27.92
C ASP A 118 69.71 21.44 -27.35
N LEU A 119 69.97 22.45 -28.17
CA LEU A 119 69.97 23.84 -27.75
C LEU A 119 68.59 24.29 -27.28
N ILE A 120 67.55 23.79 -27.92
CA ILE A 120 66.17 24.03 -27.54
C ILE A 120 65.80 23.16 -26.34
N GLY A 121 66.00 21.84 -26.42
CA GLY A 121 65.52 20.88 -25.44
C GLY A 121 66.23 20.93 -24.10
N ILE A 122 67.57 21.03 -24.08
CA ILE A 122 68.33 21.08 -22.84
C ILE A 122 68.33 22.49 -22.27
N HIS A 123 68.71 23.48 -23.09
CA HIS A 123 69.03 24.81 -22.60
C HIS A 123 67.91 25.84 -22.76
N GLY A 124 66.94 25.64 -23.66
CA GLY A 124 65.90 26.62 -23.93
C GLY A 124 66.40 27.92 -24.54
N ILE A 125 67.37 27.85 -25.46
CA ILE A 125 67.97 29.03 -26.13
C ILE A 125 67.85 28.92 -27.66
N ASN A 126 67.70 30.05 -28.35
CA ASN A 126 67.71 30.10 -29.81
C ASN A 126 69.12 29.84 -30.35
N PRO A 127 69.33 28.87 -31.26
CA PRO A 127 70.68 28.50 -31.67
C PRO A 127 71.48 29.61 -32.36
N LEU A 128 70.85 30.47 -33.14
CA LEU A 128 71.55 31.50 -33.90
C LEU A 128 72.11 32.60 -33.00
N THR A 129 71.25 33.25 -32.20
CA THR A 129 71.68 34.38 -31.38
C THR A 129 72.20 33.95 -30.01
N GLY A 130 71.86 32.75 -29.55
CA GLY A 130 72.27 32.17 -28.26
C GLY A 130 71.48 32.64 -27.06
N ALA A 131 70.56 33.59 -27.21
CA ALA A 131 69.70 34.10 -26.15
C ALA A 131 68.56 33.12 -25.82
N ALA A 132 67.98 33.24 -24.62
CA ALA A 132 66.85 32.40 -24.18
C ALA A 132 65.61 32.57 -25.07
N LEU A 133 64.87 31.49 -25.29
CA LEU A 133 63.58 31.52 -25.97
C LEU A 133 62.55 32.29 -25.12
N ALA A 134 61.66 33.03 -25.76
CA ALA A 134 60.96 34.14 -25.10
C ALA A 134 59.92 33.71 -24.04
N GLY A 135 59.29 32.56 -24.19
CA GLY A 135 58.12 32.17 -23.38
C GLY A 135 58.42 31.56 -22.02
N THR A 136 59.67 31.60 -21.56
CA THR A 136 60.20 30.77 -20.45
C THR A 136 59.72 29.31 -20.55
N PRO A 137 59.97 28.63 -21.67
CA PRO A 137 59.40 27.31 -21.94
C PRO A 137 60.04 26.21 -21.07
N PRO A 138 59.44 25.02 -20.96
CA PRO A 138 60.10 23.88 -20.35
C PRO A 138 61.43 23.53 -21.01
N LYS A 139 62.44 23.21 -20.21
CA LYS A 139 63.78 22.76 -20.64
C LYS A 139 64.33 21.76 -19.64
N ILE A 140 65.19 20.83 -20.03
CA ILE A 140 65.66 19.78 -19.10
C ILE A 140 66.35 20.39 -17.88
N ILE A 141 67.12 21.47 -18.02
CA ILE A 141 67.82 22.13 -16.90
C ILE A 141 66.91 22.97 -15.99
N ASP A 142 65.60 22.95 -16.19
CA ASP A 142 64.65 23.40 -15.17
C ASP A 142 64.69 22.52 -13.91
N THR A 143 65.23 21.30 -13.99
CA THR A 143 65.16 20.36 -12.87
C THR A 143 65.87 20.88 -11.63
N THR A 144 65.27 20.65 -10.46
CA THR A 144 65.84 20.95 -9.15
C THR A 144 66.73 19.82 -8.61
N ASN A 145 66.80 18.68 -9.30
CA ASN A 145 67.77 17.63 -9.03
C ASN A 145 69.17 18.02 -9.55
N VAL A 146 69.81 19.00 -8.94
CA VAL A 146 71.15 19.46 -9.33
C VAL A 146 72.18 19.09 -8.28
N VAL A 147 73.30 18.53 -8.73
CA VAL A 147 74.53 18.39 -7.93
C VAL A 147 75.57 19.40 -8.41
N GLU A 148 75.96 20.28 -7.50
CA GLU A 148 76.95 21.32 -7.76
C GLU A 148 78.33 20.79 -7.36
N LEU A 149 79.23 20.70 -8.33
CA LEU A 149 80.61 20.35 -8.08
C LEU A 149 81.32 21.42 -7.26
N THR A 150 82.34 20.99 -6.54
CA THR A 150 83.13 21.76 -5.59
C THR A 150 84.60 21.41 -5.75
N THR A 151 85.50 22.20 -5.18
CA THR A 151 86.94 21.90 -5.22
C THR A 151 87.28 20.51 -4.64
N GLU A 152 86.52 20.01 -3.67
CA GLU A 152 86.69 18.68 -3.08
C GLU A 152 86.13 17.53 -3.95
N THR A 153 85.27 17.85 -4.92
CA THR A 153 84.45 16.85 -5.63
C THR A 153 84.62 16.83 -7.15
N LEU A 154 85.04 17.92 -7.80
CA LEU A 154 85.54 17.79 -9.18
C LEU A 154 86.84 16.97 -9.20
N GLY A 155 87.16 16.35 -10.32
CA GLY A 155 88.14 15.28 -10.33
C GLY A 155 87.61 13.93 -9.82
N LEU A 156 86.35 13.85 -9.37
CA LEU A 156 85.60 12.58 -9.24
C LEU A 156 84.33 12.53 -10.13
N PRO A 157 84.43 12.69 -11.47
CA PRO A 157 83.28 12.63 -12.38
C PRO A 157 82.36 11.43 -12.18
N ASP A 158 82.90 10.24 -11.94
CA ASP A 158 82.09 9.04 -11.72
C ASP A 158 81.19 9.15 -10.48
N GLN A 159 81.68 9.72 -9.40
CA GLN A 159 80.89 9.96 -8.20
C GLN A 159 79.93 11.13 -8.40
N ALA A 160 80.26 12.11 -9.23
CA ALA A 160 79.32 13.16 -9.58
C ALA A 160 78.14 12.61 -10.40
N ILE A 161 78.39 11.72 -11.35
CA ILE A 161 77.35 11.04 -12.13
C ILE A 161 76.51 10.15 -11.23
N GLU A 162 77.11 9.33 -10.37
CA GLU A 162 76.32 8.51 -9.44
C GLU A 162 75.51 9.36 -8.45
N ALA A 163 76.04 10.47 -7.93
CA ALA A 163 75.27 11.38 -7.08
C ALA A 163 74.04 11.93 -7.81
N ALA A 164 74.17 12.24 -9.09
CA ALA A 164 73.05 12.66 -9.89
C ALA A 164 72.05 11.53 -10.15
N VAL A 165 72.48 10.30 -10.41
CA VAL A 165 71.56 9.14 -10.49
C VAL A 165 70.81 8.94 -9.18
N GLY A 166 71.47 9.15 -8.05
CA GLY A 166 70.86 9.10 -6.75
C GLY A 166 69.66 10.04 -6.62
N LEU A 167 69.75 11.27 -7.13
CA LEU A 167 68.64 12.21 -7.10
C LEU A 167 67.45 11.76 -7.96
N VAL A 168 67.67 11.17 -9.14
CA VAL A 168 66.58 10.71 -9.99
C VAL A 168 65.85 9.52 -9.36
N LEU A 169 66.60 8.58 -8.79
CA LEU A 169 66.04 7.49 -8.00
C LEU A 169 65.32 7.97 -6.72
N ASP A 170 65.77 9.05 -6.09
CA ASP A 170 65.03 9.66 -4.98
C ASP A 170 63.69 10.25 -5.41
N ASP A 171 63.50 10.58 -6.68
CA ASP A 171 62.21 10.92 -7.27
C ASP A 171 61.47 9.70 -7.84
N SER A 172 61.86 8.48 -7.46
CA SER A 172 61.16 7.24 -7.79
C SER A 172 61.06 6.94 -9.29
N ILE A 173 61.95 7.52 -10.08
CA ILE A 173 62.10 7.30 -11.52
C ILE A 173 63.42 6.55 -11.76
N SER A 174 63.44 5.50 -12.55
CA SER A 174 64.69 4.80 -12.89
C SER A 174 65.33 5.42 -14.15
N PRO A 175 66.50 6.08 -14.07
CA PRO A 175 67.12 6.67 -15.24
C PRO A 175 67.61 5.60 -16.22
N ASN A 176 67.78 5.98 -17.49
CA ASN A 176 68.23 5.10 -18.57
C ASN A 176 69.29 5.74 -19.48
N GLY A 177 69.61 7.02 -19.32
CA GLY A 177 70.48 7.75 -20.23
C GLY A 177 71.34 8.82 -19.56
N LEU A 178 72.51 9.06 -20.13
CA LEU A 178 73.52 10.01 -19.69
C LEU A 178 74.05 10.84 -20.87
N ALA A 179 73.98 12.15 -20.76
CA ALA A 179 74.49 13.10 -21.74
C ALA A 179 75.68 13.85 -21.17
N LEU A 180 76.80 13.90 -21.90
CA LEU A 180 78.06 14.42 -21.40
C LEU A 180 78.59 15.58 -22.26
N ASP A 181 79.00 16.67 -21.62
CA ASP A 181 79.92 17.63 -22.22
C ASP A 181 81.19 16.89 -22.62
N ASN A 182 81.71 17.10 -23.84
CA ASN A 182 82.88 16.38 -24.33
C ASN A 182 84.15 16.57 -23.48
N SER A 183 84.30 17.72 -22.82
CA SER A 183 85.39 17.94 -21.87
C SER A 183 85.20 17.11 -20.60
N PHE A 184 83.97 17.01 -20.09
CA PHE A 184 83.68 16.21 -18.91
C PHE A 184 83.72 14.72 -19.21
N ALA A 185 83.34 14.32 -20.42
CA ALA A 185 83.53 12.97 -20.92
C ALA A 185 85.01 12.57 -20.97
N PHE A 186 85.90 13.48 -21.35
CA PHE A 186 87.35 13.25 -21.29
C PHE A 186 87.85 13.20 -19.85
N LYS A 187 87.44 14.13 -19.00
CA LYS A 187 87.79 14.16 -17.57
C LYS A 187 87.33 12.89 -16.83
N LEU A 188 86.22 12.27 -17.25
CA LEU A 188 85.75 10.96 -16.85
C LEU A 188 86.61 9.83 -17.42
N ALA A 189 86.78 9.75 -18.74
CA ALA A 189 87.45 8.60 -19.34
C ALA A 189 88.93 8.51 -18.96
N THR A 190 89.56 9.64 -18.64
CA THR A 190 90.93 9.71 -18.13
C THR A 190 91.01 9.82 -16.61
N GLN A 191 89.94 9.55 -15.88
CA GLN A 191 89.93 9.66 -14.42
C GLN A 191 90.87 8.62 -13.78
N ARG A 192 91.76 9.09 -12.90
CA ARG A 192 92.81 8.27 -12.28
C ARG A 192 92.56 8.18 -10.78
N HIS A 193 92.70 7.00 -10.17
CA HIS A 193 92.56 6.82 -8.72
C HIS A 193 93.54 7.75 -7.97
N PRO A 194 93.10 8.63 -7.07
CA PRO A 194 93.96 9.67 -6.49
C PRO A 194 95.19 9.15 -5.73
N THR A 195 95.17 7.90 -5.24
CA THR A 195 96.35 7.27 -4.62
C THR A 195 97.21 6.53 -5.64
N THR A 196 96.73 5.46 -6.27
CA THR A 196 97.59 4.60 -7.12
C THR A 196 97.86 5.15 -8.53
N GLY A 197 97.16 6.20 -8.96
CA GLY A 197 97.36 6.84 -10.26
C GLY A 197 96.96 6.00 -11.46
N GLN A 198 96.26 4.88 -11.26
CA GLN A 198 95.75 4.05 -12.36
C GLN A 198 94.44 4.62 -12.90
N LYS A 199 94.19 4.49 -14.21
CA LYS A 199 92.90 4.84 -14.81
C LYS A 199 91.82 3.92 -14.25
N LEU A 200 90.73 4.49 -13.76
CA LEU A 200 89.61 3.72 -13.21
C LEU A 200 88.80 3.01 -14.30
N TYR A 201 88.65 3.64 -15.47
CA TYR A 201 87.78 3.22 -16.55
C TYR A 201 88.54 3.15 -17.89
N PRO A 202 89.57 2.29 -18.00
CA PRO A 202 90.46 2.29 -19.14
C PRO A 202 89.77 2.00 -20.48
N GLU A 203 88.64 1.29 -20.47
CA GLU A 203 87.90 0.92 -21.67
C GLU A 203 87.29 2.12 -22.42
N LEU A 204 87.18 3.28 -21.77
CA LEU A 204 86.58 4.49 -22.36
C LEU A 204 87.54 5.30 -23.24
N GLY A 205 88.83 5.01 -23.29
CA GLY A 205 89.80 5.75 -24.11
C GLY A 205 89.86 7.22 -23.76
N PHE A 206 89.78 8.10 -24.76
CA PHE A 206 89.66 9.54 -24.57
C PHE A 206 88.23 10.04 -24.34
N GLY A 207 87.23 9.16 -24.36
CA GLY A 207 85.87 9.51 -23.97
C GLY A 207 85.10 10.38 -24.96
N THR A 208 85.50 10.39 -26.22
CA THR A 208 84.85 11.17 -27.27
C THR A 208 83.64 10.44 -27.88
N ASP A 209 83.53 9.13 -27.65
CA ASP A 209 82.54 8.25 -28.24
C ASP A 209 81.91 7.28 -27.21
N ILE A 210 81.76 7.70 -25.96
CA ILE A 210 81.15 6.88 -24.89
C ILE A 210 79.71 6.53 -25.25
N SER A 211 79.39 5.25 -25.44
CA SER A 211 78.04 4.77 -25.82
C SER A 211 77.22 4.23 -24.63
N GLY A 212 77.85 3.94 -23.49
CA GLY A 212 77.17 3.55 -22.26
C GLY A 212 78.11 3.49 -21.05
N PHE A 213 77.60 3.81 -19.87
CA PHE A 213 78.35 3.85 -18.62
C PHE A 213 77.43 3.62 -17.43
N MET A 214 77.83 2.82 -16.45
CA MET A 214 76.99 2.40 -15.32
C MET A 214 75.65 1.77 -15.76
N SER A 215 75.65 0.97 -16.82
CA SER A 215 74.43 0.42 -17.44
C SER A 215 73.46 1.44 -18.04
N LEU A 216 73.71 2.75 -17.97
CA LEU A 216 73.00 3.75 -18.74
C LEU A 216 73.44 3.71 -20.21
N GLY A 217 72.59 4.10 -21.14
CA GLY A 217 73.02 4.52 -22.47
C GLY A 217 73.69 5.89 -22.38
N ALA A 218 74.66 6.20 -23.22
CA ALA A 218 75.39 7.46 -23.14
C ALA A 218 75.64 8.09 -24.50
N ALA A 219 75.81 9.41 -24.49
CA ALA A 219 76.12 10.22 -25.64
C ALA A 219 76.93 11.46 -25.24
N VAL A 220 77.83 11.91 -26.10
CA VAL A 220 78.78 12.99 -25.82
C VAL A 220 78.62 14.13 -26.84
N SER A 221 78.64 15.40 -26.39
CA SER A 221 78.60 16.56 -27.27
C SER A 221 78.98 17.87 -26.58
N ASP A 222 79.44 18.87 -27.32
CA ASP A 222 79.60 20.22 -26.80
C ASP A 222 78.25 20.91 -26.54
N THR A 223 77.19 20.49 -27.21
CA THR A 223 75.83 21.02 -27.04
C THR A 223 75.39 20.95 -25.60
N VAL A 224 75.80 19.92 -24.85
CA VAL A 224 75.48 19.76 -23.43
C VAL A 224 76.04 20.89 -22.55
N ARG A 225 77.10 21.59 -22.96
CA ARG A 225 77.60 22.79 -22.27
C ARG A 225 76.73 24.04 -22.50
N GLY A 226 75.94 24.00 -23.56
CA GLY A 226 75.40 25.16 -24.27
C GLY A 226 76.03 25.36 -25.66
N GLY A 227 77.02 24.56 -26.05
CA GLY A 227 77.86 24.75 -27.24
C GLY A 227 78.61 26.09 -27.26
N PRO A 228 79.27 26.44 -28.38
CA PRO A 228 79.71 27.80 -28.66
C PRO A 228 78.57 28.82 -28.71
N GLU A 229 77.36 28.38 -29.06
CA GLU A 229 76.20 29.22 -29.26
C GLU A 229 75.79 29.98 -28.00
N ALA A 230 75.80 29.36 -26.83
CA ALA A 230 75.32 29.97 -25.60
C ALA A 230 76.18 31.14 -25.10
N VAL A 231 77.43 31.24 -25.56
CA VAL A 231 78.44 32.22 -25.13
C VAL A 231 78.77 33.26 -26.22
N THR A 232 77.90 33.46 -27.22
CA THR A 232 78.08 34.55 -28.22
C THR A 232 78.18 35.91 -27.50
N PRO A 233 79.18 36.75 -27.79
CA PRO A 233 79.66 37.77 -26.87
C PRO A 233 78.69 38.95 -26.62
N SER A 234 77.74 39.20 -27.51
CA SER A 234 76.75 40.29 -27.33
C SER A 234 75.38 39.83 -26.84
N THR A 235 75.00 38.57 -27.07
CA THR A 235 73.60 38.10 -26.95
C THR A 235 73.44 36.74 -26.30
N GLY A 236 74.48 35.94 -26.19
CA GLY A 236 74.40 34.57 -25.68
C GLY A 236 73.99 34.51 -24.22
N ALA A 237 73.15 33.55 -23.85
CA ALA A 237 72.60 33.41 -22.52
C ALA A 237 73.67 33.33 -21.42
N TYR A 238 74.78 32.64 -21.69
CA TYR A 238 75.86 32.37 -20.74
C TYR A 238 77.08 33.25 -20.95
N ARG A 239 76.98 34.35 -21.71
CA ARG A 239 78.09 35.27 -22.02
C ARG A 239 78.68 35.99 -20.81
N THR A 240 78.03 35.92 -19.65
CA THR A 240 78.42 36.64 -18.43
C THR A 240 78.32 35.77 -17.20
N THR A 241 77.13 35.32 -16.81
CA THR A 241 76.92 34.34 -15.74
C THR A 241 76.69 32.98 -16.37
N ASN A 242 77.54 32.01 -16.08
CA ASN A 242 77.53 30.73 -16.76
C ASN A 242 77.21 29.57 -15.78
N PRO A 243 76.08 28.86 -15.95
CA PRO A 243 75.86 27.59 -15.30
C PRO A 243 76.65 26.53 -16.07
N ASN A 244 77.77 26.06 -15.55
CA ASN A 244 78.64 25.18 -16.33
C ASN A 244 78.12 23.74 -16.26
N ILE A 245 77.07 23.42 -17.01
CA ILE A 245 76.56 22.06 -17.13
C ILE A 245 77.67 21.16 -17.65
N LYS A 246 77.95 20.11 -16.89
CA LYS A 246 78.92 19.05 -17.22
C LYS A 246 78.24 17.81 -17.78
N ALA A 247 77.15 17.39 -17.16
CA ALA A 247 76.38 16.24 -17.60
C ALA A 247 74.91 16.38 -17.20
N VAL A 248 74.06 15.67 -17.92
CA VAL A 248 72.66 15.46 -17.60
C VAL A 248 72.41 13.97 -17.55
N VAL A 249 71.68 13.49 -16.56
CA VAL A 249 71.33 12.09 -16.43
C VAL A 249 69.85 11.96 -16.15
N GLY A 250 69.18 10.97 -16.72
CA GLY A 250 67.73 10.89 -16.57
C GLY A 250 67.08 9.70 -17.22
N ASP A 251 65.76 9.62 -17.09
CA ASP A 251 64.95 8.78 -17.95
C ASP A 251 64.60 9.58 -19.21
N PHE A 252 65.40 9.44 -20.25
CA PHE A 252 65.21 10.18 -21.49
C PHE A 252 63.96 9.75 -22.26
N SER A 253 63.17 8.77 -21.82
CA SER A 253 61.81 8.60 -22.32
C SER A 253 60.85 9.66 -21.77
N ALA A 254 61.17 10.35 -20.68
CA ALA A 254 60.42 11.51 -20.21
C ALA A 254 60.64 12.76 -21.07
N PHE A 255 61.59 12.75 -22.01
CA PHE A 255 61.70 13.77 -23.04
C PHE A 255 61.04 13.26 -24.32
N ARG A 256 59.90 13.84 -24.71
CA ARG A 256 59.09 13.40 -25.84
C ARG A 256 59.28 14.38 -26.98
N TRP A 257 59.66 13.88 -28.14
CA TRP A 257 59.90 14.72 -29.31
C TRP A 257 59.64 13.96 -30.60
N GLY A 258 59.40 14.71 -31.67
CA GLY A 258 59.40 14.17 -33.01
C GLY A 258 59.46 15.27 -34.05
N VAL A 259 59.64 14.87 -35.31
CA VAL A 259 59.61 15.78 -36.44
C VAL A 259 58.20 15.83 -37.00
N GLN A 260 57.60 17.01 -36.96
CA GLN A 260 56.23 17.22 -37.39
C GLN A 260 56.13 17.51 -38.89
N ALA A 261 57.09 18.25 -39.45
CA ALA A 261 57.30 18.46 -40.88
C ALA A 261 58.76 18.86 -41.15
N ASN A 262 59.22 18.62 -42.38
CA ASN A 262 60.60 18.78 -42.83
C ASN A 262 60.66 19.38 -44.23
N ILE A 263 61.53 20.35 -44.48
CA ILE A 263 61.83 20.88 -45.82
C ILE A 263 63.29 20.57 -46.12
N PRO A 264 63.59 19.57 -46.95
CA PRO A 264 64.98 19.21 -47.23
C PRO A 264 65.69 20.35 -47.97
N LEU A 265 67.01 20.42 -47.85
CA LEU A 265 67.83 21.52 -48.37
C LEU A 265 67.49 21.89 -49.81
N THR A 266 67.17 23.15 -50.06
CA THR A 266 66.69 23.65 -51.36
C THR A 266 67.28 25.00 -51.71
N LEU A 267 67.53 25.24 -52.99
CA LEU A 267 68.00 26.50 -53.54
C LEU A 267 66.86 27.50 -53.71
N ILE A 268 67.08 28.73 -53.30
CA ILE A 268 66.21 29.88 -53.49
C ILE A 268 66.91 30.82 -54.49
N GLU A 269 66.17 31.24 -55.53
CA GLU A 269 66.71 32.11 -56.59
C GLU A 269 66.03 33.48 -56.67
N TYR A 270 64.91 33.70 -55.97
CA TYR A 270 64.02 34.85 -56.18
C TYR A 270 63.62 35.51 -54.88
N GLY A 271 63.36 36.81 -54.92
CA GLY A 271 62.99 37.57 -53.74
C GLY A 271 64.16 37.85 -52.81
N ASP A 272 63.84 38.31 -51.61
CA ASP A 272 64.78 38.79 -50.61
C ASP A 272 64.59 38.00 -49.29
N PRO A 273 65.07 36.76 -49.20
CA PRO A 273 64.69 35.78 -48.18
C PRO A 273 65.24 36.06 -46.79
N ASP A 274 66.06 37.09 -46.61
CA ASP A 274 66.72 37.45 -45.35
C ASP A 274 66.84 38.96 -45.11
N GLY A 275 66.34 39.81 -46.02
CA GLY A 275 66.32 41.26 -45.87
C GLY A 275 67.59 41.96 -46.36
N SER A 276 68.53 41.23 -46.95
CA SER A 276 69.79 41.76 -47.47
C SER A 276 69.66 42.42 -48.85
N GLY A 277 68.64 42.08 -49.64
CA GLY A 277 68.36 42.59 -50.97
C GLY A 277 67.87 41.48 -51.89
N ASP A 278 67.29 41.80 -53.04
CA ASP A 278 66.74 40.77 -53.91
C ASP A 278 67.83 39.93 -54.59
N LEU A 279 67.71 38.61 -54.62
CA LEU A 279 68.69 37.71 -55.22
C LEU A 279 68.97 37.99 -56.70
N GLN A 280 67.94 38.20 -57.53
CA GLN A 280 68.14 38.54 -58.94
C GLN A 280 68.71 39.95 -59.10
N ARG A 281 68.38 40.90 -58.23
CA ARG A 281 68.94 42.25 -58.28
C ARG A 281 70.44 42.27 -58.02
N LYS A 282 70.90 41.41 -57.11
CA LYS A 282 72.30 41.32 -56.67
C LYS A 282 73.10 40.17 -57.28
N ASN A 283 72.52 39.40 -58.20
CA ASN A 283 73.13 38.21 -58.80
C ASN A 283 73.66 37.24 -57.71
N GLU A 284 72.80 36.92 -56.76
CA GLU A 284 73.09 36.08 -55.60
C GLU A 284 72.21 34.84 -55.58
N LEU A 285 72.55 33.89 -54.73
CA LEU A 285 71.84 32.65 -54.51
C LEU A 285 71.72 32.41 -53.02
N ALA A 286 70.71 31.65 -52.58
CA ALA A 286 70.62 31.18 -51.22
C ALA A 286 70.21 29.71 -51.14
N ILE A 287 70.66 29.01 -50.12
CA ILE A 287 70.18 27.66 -49.79
C ILE A 287 69.49 27.71 -48.45
N ARG A 288 68.37 27.01 -48.31
CA ARG A 288 67.60 26.91 -47.06
C ARG A 288 67.23 25.47 -46.76
N ALA A 289 67.23 25.11 -45.48
CA ALA A 289 66.57 23.92 -44.97
C ALA A 289 65.74 24.30 -43.75
N GLU A 290 64.64 23.58 -43.49
CA GLU A 290 63.84 23.76 -42.28
C GLU A 290 63.40 22.44 -41.70
N VAL A 291 63.21 22.41 -40.39
CA VAL A 291 62.55 21.31 -39.71
C VAL A 291 61.70 21.90 -38.60
N VAL A 292 60.53 21.33 -38.35
CA VAL A 292 59.70 21.68 -37.20
C VAL A 292 59.59 20.50 -36.26
N TYR A 293 60.01 20.72 -35.02
CA TYR A 293 60.07 19.75 -33.94
C TYR A 293 58.93 20.01 -32.97
N GLY A 294 58.23 18.96 -32.56
CA GLY A 294 57.47 18.98 -31.32
C GLY A 294 58.40 18.57 -30.18
N VAL A 295 58.39 19.30 -29.06
CA VAL A 295 59.18 18.95 -27.87
C VAL A 295 58.36 19.09 -26.58
N GLY A 296 58.45 18.12 -25.67
CA GLY A 296 57.74 18.12 -24.39
C GLY A 296 58.47 17.32 -23.32
N ILE A 297 58.35 17.75 -22.07
CA ILE A 297 59.00 17.14 -20.91
C ILE A 297 57.92 16.67 -19.94
N LEU A 298 57.80 15.37 -19.71
CA LEU A 298 56.73 14.80 -18.90
C LEU A 298 56.88 15.12 -17.40
N SER A 299 58.10 15.08 -16.90
CA SER A 299 58.43 15.68 -15.61
C SER A 299 59.90 16.06 -15.58
N THR A 300 60.20 17.22 -15.02
CA THR A 300 61.57 17.63 -14.78
C THR A 300 62.27 16.72 -13.74
N ASP A 301 61.53 16.06 -12.85
CA ASP A 301 62.07 15.11 -11.87
C ASP A 301 62.75 13.90 -12.49
N ALA A 302 62.42 13.57 -13.73
CA ALA A 302 63.03 12.47 -14.47
C ALA A 302 64.49 12.73 -14.86
N PHE A 303 65.03 13.91 -14.55
CA PHE A 303 66.37 14.34 -14.91
C PHE A 303 67.09 14.92 -13.70
N ALA A 304 68.40 14.78 -13.68
CA ALA A 304 69.31 15.47 -12.78
C ALA A 304 70.51 16.00 -13.55
N VAL A 305 71.12 17.09 -13.09
CA VAL A 305 72.26 17.69 -13.77
C VAL A 305 73.46 17.85 -12.85
N VAL A 306 74.64 17.62 -13.41
CA VAL A 306 75.93 17.90 -12.80
C VAL A 306 76.41 19.24 -13.34
N ARG A 307 76.72 20.19 -12.47
CA ARG A 307 76.95 21.60 -12.80
C ARG A 307 78.07 22.18 -11.96
N ASP A 308 78.72 23.25 -12.39
CA ASP A 308 79.60 24.07 -11.54
C ASP A 308 79.27 25.57 -11.70
N ALA A 309 79.30 26.34 -10.62
CA ALA A 309 79.02 27.78 -10.61
C ALA A 309 79.71 28.49 -9.45
N ALA B 2 -69.06 52.62 -112.10
CA ALA B 2 -67.91 52.58 -111.19
C ALA B 2 -67.36 51.16 -111.09
N VAL B 3 -66.08 50.98 -110.77
CA VAL B 3 -65.47 49.64 -110.56
C VAL B 3 -65.98 48.96 -109.30
N LEU B 4 -66.02 47.62 -109.34
CA LEU B 4 -66.46 46.78 -108.23
C LEU B 4 -65.40 46.70 -107.13
N LYS B 5 -65.81 47.01 -105.89
CA LYS B 5 -64.97 47.03 -104.70
C LYS B 5 -65.56 46.14 -103.61
N THR B 6 -64.74 45.56 -102.77
CA THR B 6 -65.16 44.80 -101.57
C THR B 6 -65.94 45.66 -100.56
N SER B 7 -65.78 46.98 -100.63
CA SER B 7 -66.66 47.97 -99.99
C SER B 7 -68.15 47.69 -100.19
N SER B 8 -68.55 47.26 -101.38
CA SER B 8 -69.95 47.00 -101.72
C SER B 8 -70.51 45.72 -101.10
N PHE B 9 -69.66 44.74 -100.78
CA PHE B 9 -70.08 43.43 -100.29
C PHE B 9 -70.33 43.39 -98.78
N GLN B 10 -69.74 44.32 -98.03
CA GLN B 10 -69.86 44.41 -96.57
C GLN B 10 -69.60 43.08 -95.87
N LEU B 11 -68.44 42.45 -96.11
CA LEU B 11 -68.14 41.14 -95.54
C LEU B 11 -68.13 41.17 -94.01
N PRO B 12 -68.55 40.11 -93.32
CA PRO B 12 -68.34 39.93 -91.89
C PRO B 12 -66.86 39.63 -91.60
N ARG B 13 -66.34 40.14 -90.48
CA ARG B 13 -64.99 39.84 -89.99
C ARG B 13 -64.86 38.36 -89.62
N HIS B 14 -63.70 37.74 -89.86
CA HIS B 14 -63.42 36.41 -89.33
C HIS B 14 -63.30 36.48 -87.82
N LEU B 15 -63.87 35.52 -87.09
CA LEU B 15 -63.87 35.48 -85.63
C LEU B 15 -62.84 34.46 -85.18
N VAL B 16 -61.84 34.89 -84.43
CA VAL B 16 -60.74 34.02 -83.99
C VAL B 16 -61.19 33.21 -82.76
N PRO B 17 -60.86 31.91 -82.64
CA PRO B 17 -61.22 31.10 -81.48
C PRO B 17 -60.57 31.56 -80.17
N GLY B 18 -61.18 31.20 -79.05
CA GLY B 18 -60.63 31.45 -77.72
C GLY B 18 -60.75 32.88 -77.21
N VAL B 19 -60.52 33.07 -75.92
CA VAL B 19 -60.64 34.36 -75.22
C VAL B 19 -59.30 34.77 -74.67
N TRP B 20 -58.82 35.96 -74.98
CA TRP B 20 -57.58 36.48 -74.41
C TRP B 20 -57.82 37.03 -73.00
N GLN B 21 -56.94 36.74 -72.05
CA GLN B 21 -57.09 37.10 -70.64
C GLN B 21 -55.78 37.60 -70.02
N LYS B 22 -55.87 38.63 -69.18
CA LYS B 22 -54.85 38.92 -68.16
C LYS B 22 -55.01 37.97 -66.99
N ALA B 23 -53.98 37.24 -66.64
CA ALA B 23 -54.01 36.28 -65.53
C ALA B 23 -54.20 36.97 -64.18
N GLN B 24 -54.60 36.19 -63.17
CA GLN B 24 -54.84 36.64 -61.80
C GLN B 24 -54.00 35.84 -60.81
N GLY B 25 -53.53 36.48 -59.75
CA GLY B 25 -52.89 35.79 -58.63
C GLY B 25 -53.86 34.89 -57.87
N GLN B 26 -53.45 33.65 -57.63
CA GLN B 26 -54.15 32.66 -56.81
C GLN B 26 -54.07 33.01 -55.31
N SER B 27 -54.70 32.20 -54.46
CA SER B 27 -54.44 32.24 -53.03
C SER B 27 -52.99 31.87 -52.72
N VAL B 28 -52.34 32.57 -51.81
CA VAL B 28 -51.11 32.11 -51.16
C VAL B 28 -51.41 31.26 -49.94
N LEU B 29 -52.44 31.61 -49.15
CA LEU B 29 -52.74 30.88 -47.90
C LEU B 29 -53.08 29.42 -48.15
N ALA B 30 -53.77 29.11 -49.25
CA ALA B 30 -54.07 27.75 -49.62
C ALA B 30 -52.85 26.91 -50.01
N ARG B 31 -51.76 27.54 -50.46
CA ARG B 31 -50.48 26.88 -50.71
C ARG B 31 -49.64 26.75 -49.45
N LEU B 32 -49.65 27.78 -48.60
CA LEU B 32 -48.74 27.89 -47.47
C LEU B 32 -49.20 27.16 -46.20
N SER B 33 -50.50 27.03 -45.94
CA SER B 33 -51.02 26.16 -44.89
C SER B 33 -52.17 25.29 -45.34
N ASN B 34 -52.16 24.02 -44.94
CA ASN B 34 -53.14 23.04 -45.39
C ASN B 34 -54.53 23.32 -44.85
N ALA B 35 -55.55 23.04 -45.65
CA ALA B 35 -56.91 22.96 -45.15
C ALA B 35 -57.05 21.81 -44.17
N GLU B 36 -57.92 21.96 -43.19
CA GLU B 36 -58.26 20.90 -42.23
C GLU B 36 -59.76 20.57 -42.31
N PRO B 37 -60.22 19.36 -41.98
CA PRO B 37 -61.64 19.09 -41.89
C PRO B 37 -62.27 19.89 -40.75
N GLN B 38 -63.36 20.60 -41.05
CA GLN B 38 -64.11 21.42 -40.08
C GLN B 38 -65.62 21.20 -40.20
N GLU B 39 -66.34 21.35 -39.09
CA GLU B 39 -67.80 21.38 -39.05
C GLU B 39 -68.31 22.81 -38.93
N PHE B 40 -69.52 23.09 -39.40
CA PHE B 40 -70.03 24.44 -39.51
C PHE B 40 -70.14 25.15 -38.16
N GLY B 41 -69.43 26.25 -38.02
CA GLY B 41 -69.42 27.11 -36.84
C GLY B 41 -68.03 27.63 -36.50
N GLU B 42 -67.94 28.51 -35.52
CA GLU B 42 -66.66 28.92 -34.96
C GLU B 42 -65.93 27.76 -34.30
N GLN B 43 -64.67 27.56 -34.66
CA GLN B 43 -63.79 26.58 -34.02
C GLN B 43 -63.07 27.18 -32.79
N GLN B 44 -62.52 26.33 -31.94
CA GLN B 44 -61.72 26.71 -30.77
C GLN B 44 -60.53 25.78 -30.62
N TYR B 45 -59.35 26.30 -30.29
CA TYR B 45 -58.09 25.59 -30.24
C TYR B 45 -57.38 25.84 -28.91
N MET B 46 -56.67 24.85 -28.37
CA MET B 46 -55.88 25.01 -27.14
C MET B 46 -54.45 25.39 -27.44
N THR B 47 -53.91 26.34 -26.69
CA THR B 47 -52.52 26.78 -26.80
C THR B 47 -51.81 26.65 -25.45
N LEU B 48 -50.53 26.31 -25.46
CA LEU B 48 -49.69 26.32 -24.28
C LEU B 48 -49.21 27.75 -23.97
N THR B 49 -49.54 28.25 -22.79
CA THR B 49 -49.13 29.59 -22.32
C THR B 49 -47.78 29.54 -21.63
N ALA B 50 -47.51 28.52 -20.82
CA ALA B 50 -46.22 28.34 -20.14
C ALA B 50 -45.96 26.87 -19.76
N PRO B 51 -44.72 26.37 -19.91
CA PRO B 51 -44.33 25.01 -19.55
C PRO B 51 -44.02 24.87 -18.05
N PRO B 52 -44.04 23.64 -17.50
CA PRO B 52 -43.60 23.38 -16.14
C PRO B 52 -42.07 23.48 -16.02
N ARG B 53 -41.54 23.60 -14.80
CA ARG B 53 -40.08 23.61 -14.53
C ARG B 53 -39.67 22.51 -13.57
N GLY B 54 -38.47 22.00 -13.76
CA GLY B 54 -37.79 21.14 -12.81
C GLY B 54 -37.35 21.89 -11.57
N GLU B 55 -37.23 21.21 -10.46
CA GLU B 55 -36.71 21.73 -9.20
C GLU B 55 -35.64 20.79 -8.69
N VAL B 56 -34.56 21.31 -8.12
CA VAL B 56 -33.56 20.47 -7.45
C VAL B 56 -33.79 20.45 -5.95
N VAL B 57 -33.63 19.26 -5.38
CA VAL B 57 -34.00 18.94 -4.00
C VAL B 57 -32.89 18.12 -3.31
N GLY B 58 -32.69 18.33 -2.02
CA GLY B 58 -31.82 17.48 -1.20
C GLY B 58 -32.51 16.20 -0.76
N GLU B 59 -31.78 15.28 -0.14
CA GLU B 59 -32.34 14.11 0.52
C GLU B 59 -33.33 14.53 1.60
N SER B 60 -34.58 14.10 1.45
CA SER B 60 -35.73 14.47 2.29
C SER B 60 -35.99 15.98 2.40
N ALA B 61 -35.68 16.76 1.38
CA ALA B 61 -36.18 18.12 1.23
C ALA B 61 -37.61 18.11 0.67
N GLU B 62 -38.40 19.12 1.01
CA GLU B 62 -39.79 19.22 0.59
C GLU B 62 -39.89 19.60 -0.90
N LYS B 63 -40.49 18.72 -1.70
CA LYS B 63 -40.71 18.90 -3.14
C LYS B 63 -41.84 19.90 -3.40
N SER B 64 -41.72 20.73 -4.43
CA SER B 64 -42.74 21.71 -4.85
C SER B 64 -43.49 21.25 -6.10
N GLU B 65 -44.39 22.07 -6.64
CA GLU B 65 -45.11 21.83 -7.90
C GLU B 65 -44.99 22.99 -8.88
N SER B 66 -45.04 22.69 -10.17
CA SER B 66 -45.02 23.67 -11.24
C SER B 66 -45.76 23.07 -12.41
N THR B 67 -46.93 23.59 -12.72
CA THR B 67 -47.88 22.94 -13.64
C THR B 67 -48.02 23.72 -14.93
N ALA B 68 -48.12 23.03 -16.07
CA ALA B 68 -48.32 23.64 -17.38
C ALA B 68 -49.59 24.50 -17.42
N THR B 69 -49.53 25.64 -18.11
CA THR B 69 -50.62 26.63 -18.18
C THR B 69 -51.12 26.76 -19.61
N PHE B 70 -52.42 26.78 -19.84
CA PHE B 70 -53.04 26.76 -21.17
C PHE B 70 -54.02 27.91 -21.36
N ALA B 71 -54.23 28.33 -22.59
CA ALA B 71 -55.31 29.25 -22.96
C ALA B 71 -55.97 28.85 -24.30
N PRO B 72 -57.29 29.04 -24.46
CA PRO B 72 -57.98 28.78 -25.71
C PRO B 72 -57.95 29.98 -26.65
N VAL B 73 -58.02 29.74 -27.96
CA VAL B 73 -58.20 30.78 -28.99
C VAL B 73 -59.26 30.34 -30.00
N THR B 74 -59.93 31.27 -30.66
CA THR B 74 -61.20 31.03 -31.36
C THR B 74 -61.18 31.50 -32.81
N SER B 75 -61.76 30.71 -33.72
CA SER B 75 -61.94 31.11 -35.13
C SER B 75 -63.11 32.07 -35.34
N LEU B 76 -63.21 32.65 -36.53
CA LEU B 76 -64.46 33.12 -37.11
C LEU B 76 -64.88 32.19 -38.24
N VAL B 77 -66.05 32.42 -38.81
CA VAL B 77 -66.62 31.71 -39.95
C VAL B 77 -67.11 32.75 -40.97
N ARG B 78 -66.64 32.66 -42.22
CA ARG B 78 -66.87 33.65 -43.28
C ARG B 78 -67.47 32.98 -44.51
N LYS B 79 -68.57 33.51 -45.02
CA LYS B 79 -69.28 33.00 -46.20
C LYS B 79 -69.00 33.92 -47.38
N VAL B 80 -68.56 33.35 -48.49
CA VAL B 80 -68.26 34.10 -49.73
C VAL B 80 -68.94 33.46 -50.93
N GLN B 81 -69.53 34.29 -51.77
CA GLN B 81 -70.23 33.91 -53.00
C GLN B 81 -69.74 34.75 -54.17
N VAL B 82 -69.82 34.19 -55.36
CA VAL B 82 -69.65 34.91 -56.63
C VAL B 82 -70.81 34.53 -57.55
N THR B 83 -71.50 35.53 -58.10
CA THR B 83 -72.72 35.35 -58.90
C THR B 83 -72.62 36.14 -60.19
N GLN B 84 -72.82 35.50 -61.33
CA GLN B 84 -72.75 36.12 -62.65
C GLN B 84 -74.03 35.85 -63.42
N ARG B 85 -74.70 36.90 -63.89
CA ARG B 85 -75.94 36.83 -64.65
C ARG B 85 -75.69 37.19 -66.10
N PHE B 86 -76.24 36.41 -67.02
CA PHE B 86 -76.10 36.58 -68.46
C PHE B 86 -77.39 36.25 -69.20
N SER B 87 -77.58 36.84 -70.37
CA SER B 87 -78.73 36.58 -71.24
C SER B 87 -78.73 35.15 -71.77
N GLN B 88 -79.90 34.53 -71.94
CA GLN B 88 -80.04 33.25 -72.61
C GLN B 88 -79.45 33.27 -74.02
N GLU B 89 -79.49 34.44 -74.68
CA GLU B 89 -78.88 34.70 -75.97
C GLU B 89 -77.38 34.39 -75.95
N VAL B 90 -76.68 34.77 -74.88
CA VAL B 90 -75.24 34.56 -74.72
C VAL B 90 -74.89 33.08 -74.70
N LYS B 91 -75.68 32.25 -74.02
CA LYS B 91 -75.43 30.81 -73.98
C LYS B 91 -75.56 30.18 -75.37
N TRP B 92 -76.61 30.52 -76.12
CA TRP B 92 -76.80 30.05 -77.49
C TRP B 92 -75.69 30.52 -78.43
N ALA B 93 -75.30 31.79 -78.33
CA ALA B 93 -74.21 32.35 -79.12
C ALA B 93 -72.89 31.64 -78.83
N ASP B 94 -72.58 31.36 -77.57
CA ASP B 94 -71.39 30.63 -77.17
C ASP B 94 -71.41 29.20 -77.69
N GLU B 95 -72.41 28.39 -77.34
CA GLU B 95 -72.44 26.99 -77.72
C GLU B 95 -72.55 26.81 -79.25
N SER B 96 -73.11 27.78 -79.97
CA SER B 96 -73.10 27.82 -81.44
C SER B 96 -71.71 28.10 -82.00
N ARG B 97 -71.10 29.21 -81.59
CA ARG B 97 -69.87 29.75 -82.18
C ARG B 97 -68.60 29.31 -81.48
N GLN B 98 -68.70 28.42 -80.48
CA GLN B 98 -67.60 27.91 -79.65
C GLN B 98 -66.77 29.03 -79.00
N LEU B 99 -67.43 30.04 -78.44
CA LEU B 99 -66.74 31.20 -77.88
C LEU B 99 -65.92 30.85 -76.63
N GLY B 100 -66.46 30.01 -75.75
CA GLY B 100 -65.86 29.68 -74.46
C GLY B 100 -65.99 30.78 -73.41
N VAL B 101 -66.88 31.75 -73.60
CA VAL B 101 -67.20 32.77 -72.61
C VAL B 101 -67.77 32.14 -71.34
N LEU B 102 -68.69 31.18 -71.47
CA LEU B 102 -69.28 30.47 -70.34
C LEU B 102 -68.19 29.72 -69.55
N GLN B 103 -67.27 29.06 -70.24
CA GLN B 103 -66.16 28.37 -69.62
C GLN B 103 -65.18 29.33 -68.91
N THR B 104 -64.93 30.49 -69.51
CA THR B 104 -64.10 31.54 -68.91
C THR B 104 -64.75 32.09 -67.66
N MET B 105 -66.05 32.37 -67.64
CA MET B 105 -66.74 32.79 -66.44
C MET B 105 -66.73 31.71 -65.35
N ALA B 106 -66.88 30.44 -65.72
CA ALA B 106 -66.74 29.36 -64.75
C ALA B 106 -65.35 29.37 -64.09
N ASP B 107 -64.27 29.40 -64.86
CA ASP B 107 -62.92 29.46 -64.31
C ASP B 107 -62.65 30.73 -63.49
N LEU B 108 -63.12 31.90 -63.93
CA LEU B 108 -62.97 33.14 -63.19
C LEU B 108 -63.68 33.12 -61.84
N SER B 109 -64.81 32.41 -61.71
CA SER B 109 -65.47 32.24 -60.42
C SER B 109 -64.65 31.34 -59.50
N GLY B 110 -64.01 30.30 -60.03
CA GLY B 110 -63.13 29.43 -59.24
C GLY B 110 -61.94 30.18 -58.64
N VAL B 111 -61.31 31.05 -59.43
CA VAL B 111 -60.24 31.92 -58.92
C VAL B 111 -60.77 32.93 -57.91
N ALA B 112 -61.94 33.52 -58.12
CA ALA B 112 -62.47 34.56 -57.25
C ALA B 112 -62.73 34.06 -55.83
N LEU B 113 -63.29 32.85 -55.66
CA LEU B 113 -63.45 32.25 -54.34
C LEU B 113 -62.12 31.83 -53.69
N GLY B 114 -61.08 31.55 -54.47
CA GLY B 114 -59.73 31.29 -53.97
C GLY B 114 -59.07 32.54 -53.40
N ARG B 115 -58.95 33.60 -54.20
CA ARG B 115 -58.39 34.91 -53.78
C ARG B 115 -59.06 35.48 -52.54
N ALA B 116 -60.35 35.22 -52.34
CA ALA B 116 -61.09 35.67 -51.17
C ALA B 116 -60.41 35.25 -49.86
N LEU B 117 -59.91 34.02 -49.77
CA LEU B 117 -59.24 33.53 -48.56
C LEU B 117 -58.08 34.41 -48.13
N ASP B 118 -57.24 34.87 -49.05
CA ASP B 118 -56.14 35.77 -48.74
C ASP B 118 -56.62 37.15 -48.33
N LEU B 119 -57.62 37.69 -49.00
CA LEU B 119 -58.15 39.03 -48.72
C LEU B 119 -58.83 39.10 -47.35
N ILE B 120 -59.38 37.99 -46.89
CA ILE B 120 -59.93 37.83 -45.54
C ILE B 120 -58.81 37.56 -44.53
N GLY B 121 -58.07 36.47 -44.68
CA GLY B 121 -57.06 36.03 -43.72
C GLY B 121 -55.86 36.97 -43.57
N ILE B 122 -55.33 37.52 -44.65
CA ILE B 122 -54.23 38.48 -44.57
C ILE B 122 -54.75 39.86 -44.20
N HIS B 123 -55.72 40.42 -44.92
CA HIS B 123 -56.09 41.83 -44.80
C HIS B 123 -57.36 42.14 -44.03
N GLY B 124 -58.28 41.19 -43.83
CA GLY B 124 -59.55 41.45 -43.16
C GLY B 124 -60.46 42.42 -43.92
N ILE B 125 -60.50 42.33 -45.25
CA ILE B 125 -61.33 43.18 -46.12
C ILE B 125 -62.22 42.32 -47.01
N ASN B 126 -63.41 42.81 -47.32
CA ASN B 126 -64.32 42.14 -48.23
C ASN B 126 -63.79 42.27 -49.66
N PRO B 127 -63.63 41.18 -50.44
CA PRO B 127 -63.05 41.28 -51.78
C PRO B 127 -63.84 42.14 -52.77
N LEU B 128 -65.16 42.18 -52.70
CA LEU B 128 -65.98 42.88 -53.68
C LEU B 128 -65.93 44.39 -53.52
N THR B 129 -66.16 44.91 -52.32
CA THR B 129 -66.09 46.36 -52.05
C THR B 129 -64.67 46.85 -51.72
N GLY B 130 -63.79 45.99 -51.21
CA GLY B 130 -62.46 46.37 -50.73
C GLY B 130 -62.42 47.01 -49.35
N ALA B 131 -63.56 47.26 -48.71
CA ALA B 131 -63.65 47.81 -47.37
C ALA B 131 -63.37 46.76 -46.28
N ALA B 132 -62.96 47.20 -45.10
CA ALA B 132 -62.73 46.35 -43.94
C ALA B 132 -64.00 45.66 -43.45
N LEU B 133 -63.86 44.38 -43.08
CA LEU B 133 -64.93 43.60 -42.45
C LEU B 133 -65.29 44.20 -41.09
N ALA B 134 -66.58 44.29 -40.77
CA ALA B 134 -67.08 45.22 -39.76
C ALA B 134 -66.61 44.93 -38.32
N GLY B 135 -66.27 43.69 -37.99
CA GLY B 135 -65.99 43.27 -36.61
C GLY B 135 -64.63 43.71 -36.03
N THR B 136 -63.74 44.30 -36.83
CA THR B 136 -62.29 44.39 -36.58
C THR B 136 -61.65 43.01 -36.30
N PRO B 137 -61.85 42.04 -37.20
CA PRO B 137 -61.50 40.64 -36.94
C PRO B 137 -59.97 40.39 -36.88
N PRO B 138 -59.51 39.28 -36.27
CA PRO B 138 -58.11 38.90 -36.28
C PRO B 138 -57.60 38.67 -37.71
N LYS B 139 -56.51 39.33 -38.09
CA LYS B 139 -55.92 39.26 -39.45
C LYS B 139 -54.40 39.15 -39.36
N ILE B 140 -53.73 38.55 -40.33
CA ILE B 140 -52.28 38.29 -40.21
C ILE B 140 -51.45 39.58 -40.12
N ILE B 141 -51.87 40.69 -40.73
CA ILE B 141 -51.20 42.00 -40.59
C ILE B 141 -51.43 42.69 -39.23
N ASP B 142 -52.16 42.08 -38.28
CA ASP B 142 -52.19 42.54 -36.87
C ASP B 142 -50.83 42.42 -36.17
N THR B 143 -49.95 41.53 -36.63
CA THR B 143 -48.69 41.23 -35.95
C THR B 143 -47.85 42.47 -35.71
N THR B 144 -47.32 42.63 -34.50
CA THR B 144 -46.36 43.69 -34.15
C THR B 144 -44.95 43.36 -34.62
N ASN B 145 -44.69 42.16 -35.12
CA ASN B 145 -43.45 41.84 -35.80
C ASN B 145 -43.40 42.47 -37.20
N VAL B 146 -43.10 43.75 -37.28
CA VAL B 146 -42.94 44.44 -38.56
C VAL B 146 -41.50 44.90 -38.75
N VAL B 147 -40.96 44.72 -39.96
CA VAL B 147 -39.80 45.45 -40.44
C VAL B 147 -40.24 46.43 -41.52
N GLU B 148 -40.00 47.72 -41.33
CA GLU B 148 -40.30 48.76 -42.31
C GLU B 148 -39.11 49.04 -43.21
N LEU B 149 -39.34 49.08 -44.51
CA LEU B 149 -38.34 49.41 -45.51
C LEU B 149 -38.08 50.92 -45.55
N THR B 150 -37.01 51.36 -44.92
CA THR B 150 -36.42 52.69 -45.12
C THR B 150 -35.59 52.71 -46.39
N THR B 151 -35.31 53.90 -46.92
CA THR B 151 -34.79 54.11 -48.29
C THR B 151 -33.45 53.42 -48.56
N GLU B 152 -32.61 53.22 -47.56
CA GLU B 152 -31.31 52.56 -47.69
C GLU B 152 -31.42 51.03 -47.67
N THR B 153 -32.45 50.47 -47.02
CA THR B 153 -32.71 49.01 -47.01
C THR B 153 -33.74 48.57 -48.04
N LEU B 154 -34.56 49.47 -48.55
CA LEU B 154 -35.36 49.27 -49.74
C LEU B 154 -34.40 48.95 -50.91
N GLY B 155 -34.69 47.92 -51.69
CA GLY B 155 -33.73 47.38 -52.66
C GLY B 155 -32.77 46.32 -52.10
N LEU B 156 -32.93 45.93 -50.82
CA LEU B 156 -32.38 44.69 -50.25
C LEU B 156 -33.48 43.71 -49.80
N PRO B 157 -34.29 43.15 -50.72
CA PRO B 157 -35.35 42.22 -50.36
C PRO B 157 -34.93 41.05 -49.46
N ASP B 158 -33.85 40.35 -49.78
CA ASP B 158 -33.41 39.20 -48.99
C ASP B 158 -33.11 39.56 -47.54
N GLN B 159 -32.45 40.69 -47.27
CA GLN B 159 -32.15 41.12 -45.92
C GLN B 159 -33.38 41.55 -45.14
N ALA B 160 -34.40 42.14 -45.77
CA ALA B 160 -35.65 42.42 -45.09
C ALA B 160 -36.44 41.13 -44.79
N ILE B 161 -36.46 40.15 -45.69
CA ILE B 161 -37.07 38.83 -45.43
C ILE B 161 -36.37 38.17 -44.24
N GLU B 162 -35.04 38.16 -44.23
CA GLU B 162 -34.22 37.66 -43.13
C GLU B 162 -34.46 38.39 -41.81
N ALA B 163 -34.58 39.72 -41.81
CA ALA B 163 -34.91 40.47 -40.61
C ALA B 163 -36.30 40.11 -40.08
N ALA B 164 -37.28 39.91 -40.96
CA ALA B 164 -38.60 39.45 -40.56
C ALA B 164 -38.56 38.05 -39.95
N VAL B 165 -37.81 37.10 -40.52
CA VAL B 165 -37.58 35.79 -39.89
C VAL B 165 -36.99 35.93 -38.49
N GLY B 166 -36.02 36.82 -38.31
CA GLY B 166 -35.46 37.13 -37.00
C GLY B 166 -36.51 37.53 -35.98
N LEU B 167 -37.50 38.36 -36.34
CA LEU B 167 -38.57 38.72 -35.42
C LEU B 167 -39.45 37.52 -35.04
N VAL B 168 -39.74 36.60 -35.96
CA VAL B 168 -40.53 35.41 -35.65
C VAL B 168 -39.74 34.48 -34.71
N LEU B 169 -38.46 34.25 -34.98
CA LEU B 169 -37.59 33.47 -34.10
C LEU B 169 -37.40 34.11 -32.72
N ASP B 170 -37.32 35.44 -32.61
CA ASP B 170 -37.33 36.14 -31.32
C ASP B 170 -38.61 35.92 -30.50
N ASP B 171 -39.70 35.47 -31.11
CA ASP B 171 -40.94 35.03 -30.45
C ASP B 171 -41.04 33.51 -30.30
N SER B 172 -39.93 32.78 -30.40
CA SER B 172 -39.82 31.35 -30.11
C SER B 172 -40.60 30.43 -31.06
N ILE B 173 -40.95 30.93 -32.24
CA ILE B 173 -41.69 30.22 -33.28
C ILE B 173 -40.77 30.04 -34.49
N SER B 174 -40.62 28.84 -35.02
CA SER B 174 -39.83 28.60 -36.24
C SER B 174 -40.66 28.80 -37.51
N PRO B 175 -40.42 29.81 -38.34
CA PRO B 175 -41.17 30.00 -39.59
C PRO B 175 -40.91 28.88 -40.59
N ASN B 176 -41.89 28.64 -41.45
CA ASN B 176 -41.84 27.59 -42.47
C ASN B 176 -42.33 28.04 -43.85
N GLY B 177 -42.89 29.24 -43.98
CA GLY B 177 -43.40 29.74 -45.23
C GLY B 177 -43.29 31.24 -45.39
N LEU B 178 -43.33 31.67 -46.65
CA LEU B 178 -43.15 33.05 -47.09
C LEU B 178 -44.16 33.40 -48.20
N ALA B 179 -44.91 34.47 -48.01
CA ALA B 179 -45.85 35.01 -48.98
C ALA B 179 -45.31 36.32 -49.53
N LEU B 180 -45.24 36.46 -50.84
CA LEU B 180 -44.63 37.61 -51.51
C LEU B 180 -45.63 38.33 -52.39
N ASP B 181 -45.73 39.65 -52.27
CA ASP B 181 -46.32 40.48 -53.32
C ASP B 181 -45.56 40.20 -54.62
N ASN B 182 -46.24 39.97 -55.75
CA ASN B 182 -45.56 39.73 -57.03
C ASN B 182 -44.64 40.89 -57.45
N SER B 183 -44.95 42.14 -57.07
CA SER B 183 -44.05 43.27 -57.23
C SER B 183 -42.74 43.11 -56.45
N PHE B 184 -42.82 42.74 -55.18
CA PHE B 184 -41.63 42.52 -54.36
C PHE B 184 -40.90 41.24 -54.73
N ALA B 185 -41.59 40.20 -55.16
CA ALA B 185 -40.99 38.97 -55.66
C ALA B 185 -40.16 39.22 -56.91
N PHE B 186 -40.64 40.05 -57.83
CA PHE B 186 -39.87 40.49 -58.99
C PHE B 186 -38.62 41.26 -58.57
N LYS B 187 -38.76 42.19 -57.62
CA LYS B 187 -37.63 42.93 -57.06
C LYS B 187 -36.59 42.02 -56.39
N LEU B 188 -37.00 40.97 -55.69
CA LEU B 188 -36.11 39.95 -55.14
C LEU B 188 -35.40 39.18 -56.26
N ALA B 189 -36.13 38.65 -57.22
CA ALA B 189 -35.58 37.89 -58.34
C ALA B 189 -34.61 38.69 -59.21
N THR B 190 -34.74 40.01 -59.23
CA THR B 190 -33.85 40.94 -59.94
C THR B 190 -32.87 41.68 -59.01
N GLN B 191 -32.67 41.23 -57.77
CA GLN B 191 -31.70 41.82 -56.84
C GLN B 191 -30.25 41.51 -57.28
N ARG B 192 -29.38 42.53 -57.32
CA ARG B 192 -28.06 42.45 -57.96
C ARG B 192 -26.90 42.59 -56.99
N HIS B 193 -25.85 41.83 -57.23
CA HIS B 193 -24.66 41.73 -56.39
C HIS B 193 -23.92 43.07 -56.30
N PRO B 194 -23.55 43.57 -55.11
CA PRO B 194 -23.14 44.96 -54.93
C PRO B 194 -21.79 45.31 -55.54
N THR B 195 -20.94 44.32 -55.85
CA THR B 195 -19.67 44.54 -56.55
C THR B 195 -19.71 43.97 -57.97
N THR B 196 -20.01 42.68 -58.14
CA THR B 196 -19.97 42.01 -59.47
C THR B 196 -21.14 42.35 -60.39
N GLY B 197 -22.21 42.97 -59.89
CA GLY B 197 -23.38 43.34 -60.69
C GLY B 197 -24.20 42.18 -61.26
N GLN B 198 -23.85 40.93 -60.96
CA GLN B 198 -24.60 39.76 -61.37
C GLN B 198 -25.94 39.62 -60.61
N LYS B 199 -26.86 38.79 -61.08
CA LYS B 199 -28.07 38.41 -60.34
C LYS B 199 -27.68 37.60 -59.10
N LEU B 200 -28.22 37.93 -57.92
CA LEU B 200 -28.03 37.07 -56.75
C LEU B 200 -28.81 35.77 -56.86
N TYR B 201 -29.99 35.79 -57.49
CA TYR B 201 -30.98 34.71 -57.45
C TYR B 201 -31.56 34.36 -58.83
N PRO B 202 -30.74 34.06 -59.86
CA PRO B 202 -31.21 33.93 -61.24
C PRO B 202 -32.21 32.77 -61.46
N GLU B 203 -32.18 31.75 -60.60
CA GLU B 203 -33.14 30.64 -60.60
C GLU B 203 -34.59 31.06 -60.31
N LEU B 204 -34.84 32.24 -59.76
CA LEU B 204 -36.18 32.76 -59.52
C LEU B 204 -36.86 33.25 -60.81
N GLY B 205 -36.14 33.39 -61.92
CA GLY B 205 -36.68 33.91 -63.18
C GLY B 205 -37.15 35.35 -63.03
N PHE B 206 -38.37 35.66 -63.43
CA PHE B 206 -39.04 36.93 -63.10
C PHE B 206 -39.68 36.94 -61.71
N GLY B 207 -39.68 35.83 -60.99
CA GLY B 207 -40.19 35.74 -59.63
C GLY B 207 -41.70 35.52 -59.51
N THR B 208 -42.43 35.23 -60.58
CA THR B 208 -43.89 35.01 -60.54
C THR B 208 -44.31 33.63 -60.01
N ASP B 209 -43.38 32.70 -59.83
CA ASP B 209 -43.65 31.30 -59.49
C ASP B 209 -42.66 30.72 -58.48
N ILE B 210 -42.10 31.56 -57.61
CA ILE B 210 -41.16 31.16 -56.56
C ILE B 210 -41.84 30.13 -55.64
N SER B 211 -41.24 28.95 -55.45
CA SER B 211 -41.81 27.87 -54.62
C SER B 211 -41.08 27.66 -53.30
N GLY B 212 -39.88 28.21 -53.12
CA GLY B 212 -39.16 28.27 -51.86
C GLY B 212 -38.02 29.29 -51.89
N PHE B 213 -37.69 29.89 -50.75
CA PHE B 213 -36.61 30.86 -50.62
C PHE B 213 -36.01 30.80 -49.21
N MET B 214 -34.68 30.92 -49.07
CA MET B 214 -34.00 30.32 -47.93
C MET B 214 -34.48 28.85 -47.75
N SER B 215 -34.64 28.37 -46.53
CA SER B 215 -35.28 27.06 -46.25
C SER B 215 -36.80 27.07 -46.35
N LEU B 216 -37.44 28.24 -46.42
CA LEU B 216 -38.88 28.39 -46.36
C LEU B 216 -39.55 27.89 -47.65
N GLY B 217 -40.76 27.34 -47.54
CA GLY B 217 -41.66 27.25 -48.68
C GLY B 217 -42.16 28.64 -49.07
N ALA B 218 -42.56 28.86 -50.31
CA ALA B 218 -42.98 30.18 -50.77
C ALA B 218 -44.16 30.17 -51.72
N ALA B 219 -44.82 31.31 -51.81
CA ALA B 219 -45.90 31.60 -52.74
C ALA B 219 -45.92 33.08 -53.13
N VAL B 220 -46.37 33.37 -54.33
CA VAL B 220 -46.40 34.72 -54.92
C VAL B 220 -47.82 35.08 -55.33
N SER B 221 -48.32 36.25 -54.98
CA SER B 221 -49.59 36.77 -55.49
C SER B 221 -49.73 38.26 -55.26
N ASP B 222 -50.57 38.95 -56.02
CA ASP B 222 -50.94 40.33 -55.74
C ASP B 222 -51.84 40.45 -54.51
N THR B 223 -52.53 39.38 -54.10
CA THR B 223 -53.36 39.36 -52.89
C THR B 223 -52.57 39.70 -51.64
N VAL B 224 -51.26 39.43 -51.60
CA VAL B 224 -50.38 39.75 -50.48
C VAL B 224 -50.25 41.26 -50.28
N ARG B 225 -50.42 42.06 -51.33
CA ARG B 225 -50.52 43.53 -51.24
C ARG B 225 -51.91 44.02 -50.81
N GLY B 226 -52.93 43.20 -51.03
CA GLY B 226 -54.34 43.59 -51.08
C GLY B 226 -54.95 43.57 -52.47
N GLY B 227 -54.18 43.18 -53.51
CA GLY B 227 -54.61 43.16 -54.90
C GLY B 227 -55.13 44.50 -55.42
N PRO B 228 -55.84 44.51 -56.55
CA PRO B 228 -56.72 45.62 -56.95
C PRO B 228 -57.82 45.90 -55.92
N GLU B 229 -58.34 44.87 -55.27
CA GLU B 229 -59.51 44.93 -54.40
C GLU B 229 -59.33 45.93 -53.26
N ALA B 230 -58.17 46.01 -52.61
CA ALA B 230 -57.95 46.91 -51.49
C ALA B 230 -57.99 48.40 -51.85
N VAL B 231 -57.93 48.74 -53.13
CA VAL B 231 -57.80 50.11 -53.65
C VAL B 231 -58.90 50.48 -54.66
N THR B 232 -60.07 49.83 -54.58
CA THR B 232 -61.29 50.26 -55.29
C THR B 232 -61.60 51.73 -54.98
N PRO B 233 -61.91 52.57 -55.99
CA PRO B 233 -61.67 54.01 -55.93
C PRO B 233 -62.49 54.84 -54.94
N SER B 234 -63.59 54.30 -54.39
CA SER B 234 -64.43 55.01 -53.41
C SER B 234 -64.72 54.25 -52.11
N THR B 235 -64.24 53.00 -51.99
CA THR B 235 -64.56 52.11 -50.86
C THR B 235 -63.39 51.26 -50.37
N GLY B 236 -62.34 51.04 -51.17
CA GLY B 236 -61.21 50.19 -50.78
C GLY B 236 -60.45 50.75 -49.59
N ALA B 237 -60.06 49.90 -48.63
CA ALA B 237 -59.44 50.36 -47.40
C ALA B 237 -58.14 51.14 -47.63
N TYR B 238 -57.35 50.74 -48.62
CA TYR B 238 -56.01 51.28 -48.87
C TYR B 238 -55.98 52.35 -49.96
N ARG B 239 -57.15 52.78 -50.47
CA ARG B 239 -57.24 53.80 -51.54
C ARG B 239 -56.66 55.17 -51.18
N THR B 240 -56.47 55.47 -49.90
CA THR B 240 -55.95 56.74 -49.38
C THR B 240 -54.70 56.56 -48.52
N THR B 241 -54.76 55.83 -47.40
CA THR B 241 -53.58 55.45 -46.59
C THR B 241 -53.27 53.99 -46.79
N ASN B 242 -52.23 53.68 -47.56
CA ASN B 242 -51.88 52.32 -47.92
C ASN B 242 -50.70 51.84 -47.05
N PRO B 243 -50.87 50.81 -46.20
CA PRO B 243 -49.75 50.07 -45.66
C PRO B 243 -49.25 49.14 -46.76
N ASN B 244 -48.09 49.44 -47.36
CA ASN B 244 -47.65 48.72 -48.56
C ASN B 244 -47.00 47.38 -48.18
N ILE B 245 -47.79 46.36 -47.84
CA ILE B 245 -47.26 45.03 -47.52
C ILE B 245 -46.52 44.49 -48.75
N LYS B 246 -45.25 44.15 -48.54
CA LYS B 246 -44.35 43.56 -49.54
C LYS B 246 -44.24 42.06 -49.37
N ALA B 247 -44.15 41.60 -48.13
CA ALA B 247 -44.09 40.17 -47.82
C ALA B 247 -44.66 39.87 -46.43
N VAL B 248 -45.10 38.64 -46.24
CA VAL B 248 -45.46 38.05 -44.95
C VAL B 248 -44.66 36.77 -44.78
N VAL B 249 -44.07 36.56 -43.62
CA VAL B 249 -43.29 35.35 -43.30
C VAL B 249 -43.76 34.81 -41.96
N GLY B 250 -43.78 33.50 -41.78
CA GLY B 250 -44.25 32.95 -40.52
C GLY B 250 -44.26 31.44 -40.45
N ASP B 251 -44.66 30.92 -39.29
CA ASP B 251 -45.10 29.54 -39.17
C ASP B 251 -46.54 29.47 -39.60
N PHE B 252 -46.75 29.18 -40.88
CA PHE B 252 -48.08 29.22 -41.48
C PHE B 252 -49.03 28.19 -40.89
N SER B 253 -48.56 27.19 -40.15
CA SER B 253 -49.45 26.27 -39.44
C SER B 253 -50.27 27.00 -38.37
N ALA B 254 -49.83 28.14 -37.88
CA ALA B 254 -50.60 28.96 -36.96
C ALA B 254 -51.78 29.71 -37.60
N PHE B 255 -51.94 29.67 -38.93
CA PHE B 255 -53.17 30.08 -39.61
C PHE B 255 -53.96 28.84 -39.98
N ARG B 256 -55.08 28.63 -39.29
CA ARG B 256 -55.88 27.41 -39.30
C ARG B 256 -57.18 27.69 -40.02
N TRP B 257 -57.47 26.91 -41.05
CA TRP B 257 -58.61 27.15 -41.92
C TRP B 257 -59.10 25.88 -42.58
N GLY B 258 -60.34 25.88 -43.02
CA GLY B 258 -60.92 24.79 -43.78
C GLY B 258 -62.27 25.18 -44.34
N VAL B 259 -62.72 24.47 -45.36
CA VAL B 259 -64.06 24.65 -45.91
C VAL B 259 -65.08 23.94 -45.04
N GLN B 260 -66.02 24.70 -44.50
CA GLN B 260 -67.10 24.17 -43.66
C GLN B 260 -68.29 23.73 -44.49
N ALA B 261 -68.57 24.43 -45.59
CA ALA B 261 -69.62 24.10 -46.56
C ALA B 261 -69.25 24.67 -47.93
N ASN B 262 -69.59 23.99 -49.00
CA ASN B 262 -69.36 24.44 -50.36
C ASN B 262 -70.60 24.19 -51.22
N ILE B 263 -71.06 25.22 -51.93
CA ILE B 263 -71.91 25.07 -53.10
C ILE B 263 -71.00 25.19 -54.33
N PRO B 264 -70.68 24.07 -55.01
CA PRO B 264 -69.94 24.13 -56.27
C PRO B 264 -70.73 24.89 -57.33
N LEU B 265 -70.03 25.46 -58.32
CA LEU B 265 -70.60 26.31 -59.35
C LEU B 265 -71.85 25.67 -59.98
N THR B 266 -72.97 26.39 -59.95
CA THR B 266 -74.28 25.87 -60.32
C THR B 266 -75.14 26.94 -61.01
N LEU B 267 -76.05 26.49 -61.87
CA LEU B 267 -76.91 27.34 -62.68
C LEU B 267 -78.19 27.66 -61.92
N ILE B 268 -78.45 28.93 -61.65
CA ILE B 268 -79.72 29.45 -61.13
C ILE B 268 -80.62 29.83 -62.31
N GLU B 269 -81.86 29.37 -62.30
CA GLU B 269 -82.86 29.64 -63.35
C GLU B 269 -84.10 30.38 -62.85
N TYR B 270 -84.30 30.55 -61.55
CA TYR B 270 -85.59 30.96 -60.98
C TYR B 270 -85.47 32.13 -60.01
N GLY B 271 -86.50 32.94 -59.95
CA GLY B 271 -86.51 34.12 -59.10
C GLY B 271 -85.57 35.21 -59.59
N ASP B 272 -85.21 36.12 -58.69
CA ASP B 272 -84.37 37.28 -58.93
C ASP B 272 -83.20 37.30 -57.93
N PRO B 273 -82.13 36.52 -58.15
CA PRO B 273 -81.08 36.30 -57.15
C PRO B 273 -80.16 37.50 -56.88
N ASP B 274 -80.31 38.64 -57.57
CA ASP B 274 -79.45 39.81 -57.43
C ASP B 274 -80.19 41.16 -57.52
N GLY B 275 -81.50 41.14 -57.74
CA GLY B 275 -82.36 42.33 -57.74
C GLY B 275 -82.55 42.98 -59.11
N SER B 276 -81.95 42.47 -60.17
CA SER B 276 -82.05 43.01 -61.52
C SER B 276 -83.39 42.69 -62.22
N GLY B 277 -84.10 41.67 -61.78
CA GLY B 277 -85.38 41.21 -62.33
C GLY B 277 -85.46 39.70 -62.41
N ASP B 278 -86.66 39.13 -62.52
CA ASP B 278 -86.85 37.70 -62.52
C ASP B 278 -86.21 37.02 -63.74
N LEU B 279 -85.47 35.94 -63.52
CA LEU B 279 -84.71 35.25 -64.53
C LEU B 279 -85.57 34.63 -65.64
N GLN B 280 -86.76 34.13 -65.32
CA GLN B 280 -87.68 33.60 -66.33
C GLN B 280 -88.37 34.74 -67.07
N ARG B 281 -88.80 35.79 -66.36
CA ARG B 281 -89.41 36.98 -66.98
C ARG B 281 -88.51 37.60 -68.04
N LYS B 282 -87.21 37.70 -67.77
CA LYS B 282 -86.22 38.33 -68.63
C LYS B 282 -85.46 37.38 -69.57
N ASN B 283 -85.74 36.08 -69.55
CA ASN B 283 -84.99 35.08 -70.32
C ASN B 283 -83.47 35.19 -70.06
N GLU B 284 -83.10 35.15 -68.80
CA GLU B 284 -81.72 35.26 -68.31
C GLU B 284 -81.35 34.04 -67.47
N LEU B 285 -80.08 33.67 -67.48
CA LEU B 285 -79.52 32.65 -66.63
C LEU B 285 -78.59 33.32 -65.62
N ALA B 286 -78.31 32.68 -64.50
CA ALA B 286 -77.22 33.09 -63.62
C ALA B 286 -76.41 31.88 -63.17
N ILE B 287 -75.12 32.02 -62.94
CA ILE B 287 -74.30 30.99 -62.29
C ILE B 287 -73.80 31.51 -60.95
N ARG B 288 -73.82 30.67 -59.92
CA ARG B 288 -73.31 30.98 -58.59
C ARG B 288 -72.41 29.87 -58.09
N ALA B 289 -71.33 30.23 -57.44
CA ALA B 289 -70.55 29.37 -56.58
C ALA B 289 -70.45 30.01 -55.20
N GLU B 290 -70.37 29.22 -54.15
CA GLU B 290 -70.25 29.74 -52.79
C GLU B 290 -69.44 28.80 -51.91
N VAL B 291 -68.76 29.33 -50.90
CA VAL B 291 -68.02 28.55 -49.91
C VAL B 291 -68.07 29.24 -48.56
N VAL B 292 -68.00 28.45 -47.48
CA VAL B 292 -67.85 28.96 -46.12
C VAL B 292 -66.48 28.53 -45.61
N TYR B 293 -65.64 29.50 -45.26
CA TYR B 293 -64.34 29.26 -44.66
C TYR B 293 -64.40 29.49 -43.17
N GLY B 294 -63.95 28.52 -42.39
CA GLY B 294 -63.47 28.81 -41.04
C GLY B 294 -62.07 29.39 -41.13
N VAL B 295 -61.81 30.50 -40.44
CA VAL B 295 -60.49 31.14 -40.39
C VAL B 295 -60.13 31.53 -38.97
N GLY B 296 -58.91 31.25 -38.56
CA GLY B 296 -58.38 31.60 -37.25
C GLY B 296 -56.87 31.65 -37.21
N ILE B 297 -56.33 32.47 -36.31
CA ILE B 297 -54.91 32.70 -36.08
C ILE B 297 -54.60 32.28 -34.65
N LEU B 298 -53.71 31.31 -34.45
CA LEU B 298 -53.39 30.77 -33.12
C LEU B 298 -52.49 31.72 -32.32
N SER B 299 -51.53 32.37 -32.94
CA SER B 299 -50.90 33.57 -32.42
C SER B 299 -50.47 34.48 -33.56
N THR B 300 -50.69 35.79 -33.44
CA THR B 300 -50.18 36.72 -34.46
C THR B 300 -48.65 36.80 -34.44
N ASP B 301 -48.01 36.48 -33.32
CA ASP B 301 -46.54 36.41 -33.22
C ASP B 301 -45.92 35.35 -34.12
N ALA B 302 -46.69 34.35 -34.57
CA ALA B 302 -46.20 33.37 -35.52
C ALA B 302 -45.90 33.95 -36.90
N PHE B 303 -46.21 35.23 -37.14
CA PHE B 303 -46.02 35.94 -38.39
C PHE B 303 -45.23 37.23 -38.19
N ALA B 304 -44.49 37.63 -39.20
CA ALA B 304 -43.90 38.95 -39.34
C ALA B 304 -44.14 39.50 -40.75
N VAL B 305 -44.16 40.82 -40.90
CA VAL B 305 -44.47 41.49 -42.18
C VAL B 305 -43.41 42.49 -42.58
N VAL B 306 -43.17 42.62 -43.88
CA VAL B 306 -42.33 43.65 -44.48
C VAL B 306 -43.25 44.72 -45.05
N ARG B 307 -43.13 45.96 -44.62
CA ARG B 307 -43.95 47.09 -45.08
C ARG B 307 -43.11 48.24 -45.61
N ASP B 308 -43.71 49.07 -46.44
CA ASP B 308 -43.32 50.47 -46.59
C ASP B 308 -44.52 51.38 -46.32
N ALA B 309 -44.29 52.60 -45.86
CA ALA B 309 -45.32 53.59 -45.60
C ALA B 309 -44.77 55.02 -45.68
N ALA C 2 -76.35 -30.57 41.53
CA ALA C 2 -77.33 -29.77 40.77
C ALA C 2 -77.34 -30.15 39.30
N VAL C 3 -78.47 -29.96 38.62
CA VAL C 3 -78.58 -30.15 37.15
C VAL C 3 -77.79 -29.10 36.37
N LEU C 4 -77.16 -29.48 35.27
CA LEU C 4 -76.46 -28.58 34.36
C LEU C 4 -77.43 -27.72 33.55
N LYS C 5 -77.16 -26.42 33.42
CA LYS C 5 -77.97 -25.45 32.68
C LYS C 5 -77.09 -24.57 31.79
N THR C 6 -77.64 -23.98 30.75
CA THR C 6 -76.88 -23.11 29.82
C THR C 6 -76.38 -21.82 30.45
N SER C 7 -76.94 -21.40 31.58
CA SER C 7 -76.43 -20.27 32.37
C SER C 7 -75.00 -20.49 32.87
N SER C 8 -74.57 -21.74 33.11
CA SER C 8 -73.18 -22.06 33.45
C SER C 8 -72.22 -21.91 32.26
N PHE C 9 -72.72 -21.97 31.02
CA PHE C 9 -71.89 -21.79 29.83
C PHE C 9 -71.70 -20.33 29.44
N GLN C 10 -72.57 -19.42 29.92
CA GLN C 10 -72.55 -18.00 29.59
C GLN C 10 -72.42 -17.74 28.08
N LEU C 11 -73.30 -18.35 27.29
CA LEU C 11 -73.21 -18.37 25.83
C LEU C 11 -73.25 -16.95 25.23
N PRO C 12 -72.43 -16.64 24.22
CA PRO C 12 -72.53 -15.40 23.46
C PRO C 12 -73.74 -15.39 22.53
N ARG C 13 -74.34 -14.21 22.31
CA ARG C 13 -75.50 -14.03 21.40
C ARG C 13 -75.12 -14.22 19.94
N HIS C 14 -76.06 -14.67 19.12
CA HIS C 14 -75.92 -14.63 17.66
C HIS C 14 -76.16 -13.22 17.13
N LEU C 15 -75.18 -12.66 16.44
CA LEU C 15 -75.32 -11.40 15.72
C LEU C 15 -75.71 -11.71 14.28
N VAL C 16 -76.95 -11.40 13.90
CA VAL C 16 -77.50 -11.69 12.57
C VAL C 16 -77.12 -10.62 11.54
N PRO C 17 -76.94 -10.97 10.25
CA PRO C 17 -76.70 -10.00 9.19
C PRO C 17 -77.84 -9.01 8.97
N GLY C 18 -77.55 -7.92 8.27
CA GLY C 18 -78.52 -6.89 7.90
C GLY C 18 -78.80 -5.87 9.00
N VAL C 19 -79.38 -4.73 8.62
CA VAL C 19 -79.56 -3.55 9.46
C VAL C 19 -81.00 -3.05 9.31
N TRP C 20 -81.68 -2.83 10.43
CA TRP C 20 -82.97 -2.16 10.43
C TRP C 20 -82.79 -0.65 10.42
N GLN C 21 -83.55 0.03 9.57
CA GLN C 21 -83.46 1.45 9.31
C GLN C 21 -84.82 2.11 9.48
N LYS C 22 -84.88 3.32 10.04
CA LYS C 22 -86.06 4.18 9.96
C LYS C 22 -86.32 4.61 8.52
N ALA C 23 -87.55 4.98 8.18
CA ALA C 23 -87.92 5.38 6.82
C ALA C 23 -87.17 6.65 6.37
N GLN C 24 -86.77 6.73 5.11
CA GLN C 24 -86.02 7.85 4.54
C GLN C 24 -86.54 8.24 3.15
N GLY C 25 -86.70 9.53 2.88
CA GLY C 25 -87.27 10.00 1.62
C GLY C 25 -86.34 9.78 0.44
N GLN C 26 -86.83 9.17 -0.61
CA GLN C 26 -86.13 9.03 -1.89
C GLN C 26 -86.26 10.30 -2.73
N SER C 27 -85.50 10.40 -3.82
CA SER C 27 -85.61 11.53 -4.75
C SER C 27 -86.97 11.61 -5.44
N VAL C 28 -87.66 12.74 -5.36
CA VAL C 28 -88.84 13.00 -6.18
C VAL C 28 -88.46 13.34 -7.60
N LEU C 29 -87.36 14.07 -7.82
CA LEU C 29 -86.97 14.50 -9.16
C LEU C 29 -86.52 13.35 -10.03
N ALA C 30 -85.84 12.34 -9.48
CA ALA C 30 -85.51 11.15 -10.24
C ALA C 30 -86.76 10.33 -10.65
N ARG C 31 -87.86 10.41 -9.90
CA ARG C 31 -89.13 9.72 -10.19
C ARG C 31 -90.02 10.51 -11.15
N LEU C 32 -90.03 11.84 -11.04
CA LEU C 32 -90.88 12.71 -11.84
C LEU C 32 -90.25 13.20 -13.15
N SER C 33 -88.91 13.21 -13.30
CA SER C 33 -88.22 13.52 -14.56
C SER C 33 -87.28 12.38 -14.95
N ASN C 34 -87.32 11.91 -16.18
CA ASN C 34 -86.41 10.85 -16.62
C ASN C 34 -85.00 11.40 -16.83
N ALA C 35 -83.96 10.65 -16.45
CA ALA C 35 -82.58 11.03 -16.72
C ALA C 35 -82.25 10.99 -18.21
N GLU C 36 -81.29 11.78 -18.65
CA GLU C 36 -80.79 11.86 -20.03
C GLU C 36 -79.35 11.34 -20.11
N PRO C 37 -78.92 10.72 -21.22
CA PRO C 37 -77.49 10.52 -21.49
C PRO C 37 -76.80 11.88 -21.61
N GLN C 38 -75.67 12.08 -20.93
CA GLN C 38 -74.92 13.34 -20.98
C GLN C 38 -73.41 13.10 -21.05
N GLU C 39 -72.67 14.12 -21.48
CA GLU C 39 -71.22 14.15 -21.46
C GLU C 39 -70.73 15.31 -20.58
N PHE C 40 -69.58 15.17 -19.93
CA PHE C 40 -69.13 16.08 -18.89
C PHE C 40 -69.12 17.56 -19.33
N GLY C 41 -69.84 18.42 -18.60
CA GLY C 41 -69.89 19.87 -18.83
C GLY C 41 -71.31 20.46 -18.82
N GLU C 42 -71.43 21.77 -18.93
CA GLU C 42 -72.73 22.43 -19.00
C GLU C 42 -73.44 22.06 -20.31
N GLN C 43 -74.72 21.74 -20.20
CA GLN C 43 -75.56 21.40 -21.34
C GLN C 43 -76.28 22.67 -21.84
N GLN C 44 -76.68 22.70 -23.10
CA GLN C 44 -77.55 23.73 -23.67
C GLN C 44 -78.73 23.06 -24.38
N TYR C 45 -79.93 23.58 -24.19
CA TYR C 45 -81.19 23.02 -24.67
C TYR C 45 -81.94 24.07 -25.50
N MET C 46 -82.63 23.64 -26.56
CA MET C 46 -83.58 24.51 -27.26
C MET C 46 -84.95 24.52 -26.59
N THR C 47 -85.62 25.67 -26.63
CA THR C 47 -87.04 25.81 -26.28
C THR C 47 -87.77 26.58 -27.39
N LEU C 48 -89.01 26.22 -27.64
CA LEU C 48 -89.89 26.89 -28.59
C LEU C 48 -90.60 28.05 -27.89
N THR C 49 -90.41 29.28 -28.34
CA THR C 49 -91.09 30.46 -27.78
C THR C 49 -92.45 30.73 -28.41
N ALA C 50 -92.68 30.35 -29.66
CA ALA C 50 -94.02 30.39 -30.28
C ALA C 50 -94.10 29.47 -31.50
N PRO C 51 -95.21 28.73 -31.70
CA PRO C 51 -95.39 27.87 -32.86
C PRO C 51 -95.88 28.66 -34.10
N PRO C 52 -95.79 28.07 -35.30
CA PRO C 52 -96.46 28.58 -36.49
C PRO C 52 -97.98 28.45 -36.38
N ARG C 53 -98.71 29.18 -37.22
CA ARG C 53 -100.16 29.06 -37.46
C ARG C 53 -100.45 28.67 -38.91
N GLY C 54 -101.49 27.87 -39.15
CA GLY C 54 -101.98 27.60 -40.50
C GLY C 54 -102.69 28.79 -41.13
N GLU C 55 -102.82 28.81 -42.46
CA GLU C 55 -103.59 29.81 -43.21
C GLU C 55 -104.52 29.14 -44.22
N VAL C 56 -105.76 29.63 -44.33
CA VAL C 56 -106.75 29.18 -45.32
C VAL C 56 -106.64 30.07 -46.56
N VAL C 57 -106.15 29.51 -47.67
CA VAL C 57 -105.96 30.23 -48.94
C VAL C 57 -106.92 29.73 -50.01
N GLY C 58 -107.67 30.65 -50.62
CA GLY C 58 -108.46 30.36 -51.82
C GLY C 58 -107.59 30.02 -53.03
N GLU C 59 -108.20 29.55 -54.10
CA GLU C 59 -107.47 29.29 -55.34
C GLU C 59 -106.84 30.59 -55.88
N SER C 60 -105.54 30.56 -56.16
CA SER C 60 -104.73 31.72 -56.58
C SER C 60 -104.66 32.89 -55.58
N ALA C 61 -105.04 32.70 -54.32
CA ALA C 61 -104.77 33.69 -53.27
C ALA C 61 -103.30 33.62 -52.82
N GLU C 62 -102.74 34.72 -52.33
CA GLU C 62 -101.35 34.78 -51.88
C GLU C 62 -101.16 34.07 -50.54
N LYS C 63 -100.17 33.17 -50.48
CA LYS C 63 -99.78 32.43 -49.28
C LYS C 63 -98.80 33.25 -48.44
N SER C 64 -99.05 33.41 -47.15
CA SER C 64 -98.16 34.11 -46.21
C SER C 64 -97.04 33.21 -45.68
N GLU C 65 -96.21 33.74 -44.77
CA GLU C 65 -95.30 32.96 -43.93
C GLU C 65 -95.59 33.16 -42.43
N SER C 66 -95.61 32.06 -41.68
CA SER C 66 -95.66 32.03 -40.22
C SER C 66 -94.66 30.99 -39.75
N THR C 67 -93.73 31.37 -38.88
CA THR C 67 -92.54 30.58 -38.55
C THR C 67 -92.49 30.25 -37.06
N ALA C 68 -91.92 29.10 -36.72
CA ALA C 68 -91.53 28.79 -35.36
C ALA C 68 -90.48 29.80 -34.85
N THR C 69 -90.54 30.18 -33.57
CA THR C 69 -89.48 30.95 -32.89
C THR C 69 -88.93 30.17 -31.71
N PHE C 70 -87.64 30.38 -31.40
CA PHE C 70 -86.90 29.60 -30.41
C PHE C 70 -86.08 30.47 -29.47
N ALA C 71 -85.75 29.95 -28.30
CA ALA C 71 -84.75 30.52 -27.41
C ALA C 71 -83.94 29.40 -26.71
N PRO C 72 -82.64 29.59 -26.41
CA PRO C 72 -81.82 28.58 -25.78
C PRO C 72 -81.77 28.73 -24.25
N VAL C 73 -81.58 27.64 -23.52
CA VAL C 73 -81.39 27.62 -22.06
C VAL C 73 -80.17 26.76 -21.73
N THR C 74 -79.33 27.15 -20.78
CA THR C 74 -78.15 26.39 -20.35
C THR C 74 -78.32 25.77 -18.97
N SER C 75 -77.76 24.59 -18.75
CA SER C 75 -77.69 23.93 -17.45
C SER C 75 -76.57 24.52 -16.58
N LEU C 76 -76.52 24.11 -15.31
CA LEU C 76 -75.30 24.08 -14.51
C LEU C 76 -74.84 22.64 -14.34
N VAL C 77 -73.71 22.45 -13.67
CA VAL C 77 -73.15 21.14 -13.31
C VAL C 77 -72.87 21.09 -11.81
N ARG C 78 -73.19 19.99 -11.15
CA ARG C 78 -72.93 19.77 -9.72
C ARG C 78 -72.19 18.47 -9.50
N LYS C 79 -71.17 18.50 -8.65
CA LYS C 79 -70.46 17.31 -8.15
C LYS C 79 -70.94 17.05 -6.73
N VAL C 80 -71.38 15.83 -6.44
CA VAL C 80 -71.88 15.45 -5.12
C VAL C 80 -71.13 14.22 -4.64
N GLN C 81 -70.75 14.19 -3.37
CA GLN C 81 -69.98 13.10 -2.78
C GLN C 81 -70.42 12.76 -1.36
N VAL C 82 -70.27 11.51 -0.97
CA VAL C 82 -70.39 11.03 0.41
C VAL C 82 -69.11 10.28 0.74
N THR C 83 -68.46 10.62 1.84
CA THR C 83 -67.26 9.91 2.32
C THR C 83 -67.51 9.41 3.73
N GLN C 84 -67.39 8.11 3.96
CA GLN C 84 -67.60 7.47 5.26
C GLN C 84 -66.33 6.79 5.74
N ARG C 85 -65.89 7.07 6.96
CA ARG C 85 -64.62 6.66 7.55
C ARG C 85 -64.84 5.61 8.65
N PHE C 86 -64.05 4.53 8.67
CA PHE C 86 -64.17 3.44 9.64
C PHE C 86 -62.80 2.78 9.92
N SER C 87 -62.62 2.13 11.07
CA SER C 87 -61.38 1.41 11.38
C SER C 87 -61.22 0.17 10.52
N GLN C 88 -59.98 -0.29 10.31
CA GLN C 88 -59.83 -1.59 9.66
C GLN C 88 -60.34 -2.76 10.53
N GLU C 89 -60.54 -2.54 11.83
CA GLU C 89 -61.20 -3.49 12.71
C GLU C 89 -62.66 -3.70 12.28
N VAL C 90 -63.42 -2.62 12.01
CA VAL C 90 -64.77 -2.67 11.49
C VAL C 90 -64.82 -3.44 10.18
N LYS C 91 -63.85 -3.27 9.29
CA LYS C 91 -63.78 -4.06 8.06
C LYS C 91 -63.57 -5.54 8.34
N TRP C 92 -62.58 -5.93 9.15
CA TRP C 92 -62.36 -7.35 9.44
C TRP C 92 -63.52 -8.00 10.19
N ALA C 93 -64.16 -7.29 11.10
CA ALA C 93 -65.37 -7.75 11.77
C ALA C 93 -66.49 -7.99 10.76
N ASP C 94 -66.88 -6.99 9.96
CA ASP C 94 -67.93 -7.12 8.96
C ASP C 94 -67.67 -8.28 8.02
N GLU C 95 -66.47 -8.33 7.46
CA GLU C 95 -66.08 -9.22 6.38
C GLU C 95 -65.97 -10.68 6.83
N SER C 96 -65.55 -10.95 8.05
CA SER C 96 -65.47 -12.32 8.59
C SER C 96 -66.82 -12.84 9.07
N ARG C 97 -67.64 -11.98 9.67
CA ARG C 97 -68.99 -12.32 10.15
C ARG C 97 -70.06 -12.25 9.07
N GLN C 98 -69.76 -11.66 7.92
CA GLN C 98 -70.68 -11.45 6.80
C GLN C 98 -71.91 -10.61 7.20
N LEU C 99 -71.73 -9.56 8.01
CA LEU C 99 -72.83 -8.72 8.47
C LEU C 99 -73.42 -7.84 7.36
N GLY C 100 -72.64 -7.47 6.36
CA GLY C 100 -73.03 -6.55 5.32
C GLY C 100 -73.16 -5.10 5.78
N VAL C 101 -72.44 -4.67 6.82
CA VAL C 101 -72.49 -3.26 7.22
C VAL C 101 -71.80 -2.34 6.21
N LEU C 102 -70.68 -2.73 5.59
CA LEU C 102 -70.11 -1.90 4.53
C LEU C 102 -70.99 -1.88 3.29
N GLN C 103 -71.67 -2.97 2.94
CA GLN C 103 -72.64 -2.92 1.85
C GLN C 103 -73.80 -1.98 2.19
N THR C 104 -74.31 -2.04 3.42
CA THR C 104 -75.33 -1.09 3.89
C THR C 104 -74.85 0.35 3.77
N MET C 105 -73.60 0.67 4.12
CA MET C 105 -73.04 2.01 3.96
C MET C 105 -72.91 2.43 2.49
N ALA C 106 -72.53 1.51 1.60
CA ALA C 106 -72.57 1.77 0.17
C ALA C 106 -74.00 2.10 -0.30
N ASP C 107 -75.01 1.36 0.13
CA ASP C 107 -76.41 1.60 -0.20
C ASP C 107 -76.90 2.93 0.37
N LEU C 108 -76.58 3.27 1.61
CA LEU C 108 -76.94 4.54 2.22
C LEU C 108 -76.30 5.72 1.51
N SER C 109 -75.06 5.58 1.02
CA SER C 109 -74.41 6.65 0.27
C SER C 109 -75.08 6.86 -1.09
N GLY C 110 -75.54 5.81 -1.76
CA GLY C 110 -76.34 5.93 -2.97
C GLY C 110 -77.67 6.66 -2.76
N VAL C 111 -78.34 6.41 -1.63
CA VAL C 111 -79.55 7.13 -1.22
C VAL C 111 -79.27 8.59 -0.93
N ALA C 112 -78.19 8.92 -0.22
CA ALA C 112 -77.82 10.30 0.07
C ALA C 112 -77.47 11.09 -1.20
N LEU C 113 -76.83 10.44 -2.18
CA LEU C 113 -76.60 11.04 -3.48
C LEU C 113 -77.90 11.27 -4.24
N GLY C 114 -78.86 10.33 -4.20
CA GLY C 114 -80.18 10.53 -4.79
C GLY C 114 -80.91 11.73 -4.19
N ARG C 115 -81.00 11.80 -2.85
CA ARG C 115 -81.61 12.93 -2.13
C ARG C 115 -81.03 14.28 -2.53
N ALA C 116 -79.73 14.34 -2.80
CA ALA C 116 -79.06 15.58 -3.19
C ALA C 116 -79.68 16.22 -4.43
N LEU C 117 -80.13 15.44 -5.42
CA LEU C 117 -80.75 15.96 -6.63
C LEU C 117 -81.97 16.83 -6.32
N ASP C 118 -82.82 16.41 -5.38
CA ASP C 118 -83.97 17.21 -4.94
C ASP C 118 -83.56 18.47 -4.21
N LEU C 119 -82.56 18.41 -3.33
CA LEU C 119 -82.14 19.57 -2.56
C LEU C 119 -81.39 20.60 -3.43
N ILE C 120 -80.68 20.15 -4.45
CA ILE C 120 -80.10 20.97 -5.49
C ILE C 120 -81.21 21.59 -6.37
N GLY C 121 -82.07 20.77 -6.99
CA GLY C 121 -83.02 21.23 -8.01
C GLY C 121 -84.23 21.96 -7.43
N ILE C 122 -84.86 21.43 -6.39
CA ILE C 122 -86.00 22.11 -5.77
C ILE C 122 -85.53 23.32 -4.99
N HIS C 123 -84.53 23.17 -4.12
CA HIS C 123 -84.21 24.16 -3.07
C HIS C 123 -82.97 24.99 -3.29
N GLY C 124 -82.03 24.57 -4.12
CA GLY C 124 -80.76 25.26 -4.26
C GLY C 124 -79.90 25.27 -3.00
N ILE C 125 -79.89 24.20 -2.20
CA ILE C 125 -79.10 24.10 -0.95
C ILE C 125 -78.14 22.92 -1.01
N ASN C 126 -76.99 23.06 -0.36
CA ASN C 126 -76.03 21.99 -0.15
C ASN C 126 -76.57 21.00 0.90
N PRO C 127 -76.68 19.69 0.65
CA PRO C 127 -77.26 18.76 1.62
C PRO C 127 -76.54 18.65 2.96
N LEU C 128 -75.20 18.71 2.98
CA LEU C 128 -74.44 18.42 4.19
C LEU C 128 -74.63 19.47 5.29
N THR C 129 -74.54 20.75 4.92
CA THR C 129 -74.72 21.88 5.84
C THR C 129 -76.13 22.47 5.78
N GLY C 130 -76.92 22.17 4.74
CA GLY C 130 -78.21 22.77 4.48
C GLY C 130 -78.16 24.23 4.05
N ALA C 131 -76.99 24.83 3.86
CA ALA C 131 -76.83 26.21 3.43
C ALA C 131 -77.12 26.39 1.94
N ALA C 132 -77.51 27.58 1.53
CA ALA C 132 -77.74 27.92 0.14
C ALA C 132 -76.47 27.77 -0.69
N LEU C 133 -76.58 27.21 -1.89
CA LEU C 133 -75.49 27.16 -2.86
C LEU C 133 -75.08 28.58 -3.25
N ALA C 134 -73.79 28.85 -3.32
CA ALA C 134 -73.28 30.14 -3.74
C ALA C 134 -73.65 30.46 -5.20
N GLY C 135 -73.76 31.75 -5.52
CA GLY C 135 -74.04 32.24 -6.87
C GLY C 135 -75.52 32.36 -7.23
N THR C 136 -76.42 32.20 -6.27
CA THR C 136 -77.89 32.31 -6.44
C THR C 136 -78.44 31.60 -7.70
N PRO C 137 -78.18 30.29 -7.87
CA PRO C 137 -78.56 29.51 -9.05
C PRO C 137 -80.08 29.37 -9.21
N PRO C 138 -80.59 28.99 -10.40
CA PRO C 138 -82.01 28.70 -10.59
C PRO C 138 -82.52 27.51 -9.76
N LYS C 139 -83.68 27.67 -9.12
CA LYS C 139 -84.37 26.68 -8.27
C LYS C 139 -85.80 26.50 -8.75
N ILE C 140 -86.39 25.31 -8.65
CA ILE C 140 -87.82 25.17 -8.97
C ILE C 140 -88.68 26.12 -8.12
N ILE C 141 -88.38 26.29 -6.83
CA ILE C 141 -89.17 27.16 -5.97
C ILE C 141 -89.01 28.66 -6.22
N ASP C 142 -88.19 29.09 -7.19
CA ASP C 142 -88.16 30.50 -7.59
C ASP C 142 -89.18 30.85 -8.68
N THR C 143 -90.06 29.90 -9.07
CA THR C 143 -91.27 30.21 -9.84
C THR C 143 -92.17 31.26 -9.17
N THR C 144 -92.76 32.13 -9.99
CA THR C 144 -93.72 33.15 -9.57
C THR C 144 -95.07 32.54 -9.17
N ASN C 145 -95.38 31.34 -9.67
CA ASN C 145 -96.62 30.63 -9.40
C ASN C 145 -96.68 30.05 -7.99
N VAL C 146 -96.91 30.89 -6.98
CA VAL C 146 -97.00 30.50 -5.58
C VAL C 146 -98.45 30.49 -5.13
N VAL C 147 -98.90 29.38 -4.58
CA VAL C 147 -100.12 29.28 -3.78
C VAL C 147 -99.73 29.44 -2.32
N GLU C 148 -100.01 30.58 -1.71
CA GLU C 148 -99.78 30.78 -0.28
C GLU C 148 -100.91 30.12 0.51
N LEU C 149 -100.58 29.08 1.27
CA LEU C 149 -101.53 28.23 1.98
C LEU C 149 -102.08 28.86 3.26
N THR C 150 -101.37 29.83 3.86
CA THR C 150 -101.72 30.40 5.17
C THR C 150 -103.15 30.94 5.28
N THR C 151 -103.69 31.49 4.19
CA THR C 151 -104.98 32.18 4.19
C THR C 151 -106.17 31.21 4.19
N GLU C 152 -106.38 30.51 5.31
CA GLU C 152 -107.55 29.66 5.62
C GLU C 152 -107.81 28.51 4.63
N THR C 153 -106.86 28.25 3.74
CA THR C 153 -106.82 27.08 2.86
C THR C 153 -106.02 25.94 3.52
N LEU C 154 -105.32 26.20 4.62
CA LEU C 154 -104.81 25.17 5.52
C LEU C 154 -105.95 24.24 5.94
N GLY C 155 -105.69 22.93 5.99
CA GLY C 155 -106.75 21.92 6.18
C GLY C 155 -107.57 21.62 4.92
N LEU C 156 -107.38 22.38 3.83
CA LEU C 156 -107.90 22.10 2.50
C LEU C 156 -106.78 21.80 1.46
N PRO C 157 -105.87 20.82 1.68
CA PRO C 157 -104.83 20.46 0.72
C PRO C 157 -105.27 20.31 -0.74
N ASP C 158 -106.43 19.71 -1.01
CA ASP C 158 -106.92 19.55 -2.38
C ASP C 158 -107.17 20.90 -3.09
N GLN C 159 -107.77 21.86 -2.39
CA GLN C 159 -108.04 23.20 -2.90
C GLN C 159 -106.75 23.93 -3.25
N ALA C 160 -105.68 23.71 -2.48
CA ALA C 160 -104.38 24.27 -2.75
C ALA C 160 -103.67 23.59 -3.93
N ILE C 161 -103.74 22.26 -4.05
CA ILE C 161 -103.12 21.57 -5.19
C ILE C 161 -103.80 21.96 -6.49
N GLU C 162 -105.13 21.97 -6.55
CA GLU C 162 -105.82 22.36 -7.79
C GLU C 162 -105.65 23.86 -8.11
N ALA C 163 -105.51 24.74 -7.11
CA ALA C 163 -105.05 26.10 -7.35
C ALA C 163 -103.65 26.15 -7.97
N ALA C 164 -102.73 25.32 -7.52
CA ALA C 164 -101.38 25.28 -8.08
C ALA C 164 -101.41 24.78 -9.53
N VAL C 165 -102.21 23.76 -9.83
CA VAL C 165 -102.46 23.28 -11.20
C VAL C 165 -103.04 24.39 -12.07
N GLY C 166 -103.98 25.17 -11.54
CA GLY C 166 -104.57 26.29 -12.25
C GLY C 166 -103.53 27.32 -12.67
N LEU C 167 -102.55 27.65 -11.83
CA LEU C 167 -101.52 28.63 -12.15
C LEU C 167 -100.63 28.15 -13.30
N VAL C 168 -100.32 26.87 -13.40
CA VAL C 168 -99.52 26.34 -14.51
C VAL C 168 -100.32 26.33 -15.82
N LEU C 169 -101.60 25.97 -15.74
CA LEU C 169 -102.53 26.03 -16.87
C LEU C 169 -102.78 27.47 -17.33
N ASP C 170 -102.78 28.44 -16.43
CA ASP C 170 -102.82 29.86 -16.79
C ASP C 170 -101.54 30.29 -17.53
N ASP C 171 -100.40 29.71 -17.17
CA ASP C 171 -99.14 29.85 -17.91
C ASP C 171 -99.08 28.97 -19.16
N SER C 172 -100.21 28.44 -19.62
CA SER C 172 -100.39 27.72 -20.90
C SER C 172 -99.57 26.42 -21.03
N ILE C 173 -99.23 25.79 -19.92
CA ILE C 173 -98.47 24.54 -19.84
C ILE C 173 -99.34 23.49 -19.16
N SER C 174 -99.33 22.24 -19.62
CA SER C 174 -100.07 21.15 -18.97
C SER C 174 -99.15 20.39 -18.00
N PRO C 175 -99.47 20.32 -16.69
CA PRO C 175 -98.66 19.56 -15.75
C PRO C 175 -98.65 18.07 -16.04
N ASN C 176 -97.61 17.36 -15.65
CA ASN C 176 -97.58 15.90 -15.68
C ASN C 176 -97.14 15.28 -14.35
N GLY C 177 -96.71 16.07 -13.37
CA GLY C 177 -96.16 15.57 -12.14
C GLY C 177 -96.45 16.44 -10.93
N LEU C 178 -96.52 15.81 -9.77
CA LEU C 178 -96.76 16.40 -8.47
C LEU C 178 -95.76 15.84 -7.44
N ALA C 179 -94.97 16.68 -6.80
CA ALA C 179 -94.13 16.30 -5.66
C ALA C 179 -94.77 16.81 -4.37
N LEU C 180 -94.87 15.95 -3.36
CA LEU C 180 -95.50 16.25 -2.08
C LEU C 180 -94.50 16.05 -0.94
N ASP C 181 -94.47 16.99 -0.01
CA ASP C 181 -93.88 16.77 1.30
C ASP C 181 -94.59 15.58 1.99
N ASN C 182 -93.86 14.71 2.70
CA ASN C 182 -94.50 13.56 3.36
C ASN C 182 -95.42 13.96 4.52
N SER C 183 -95.23 15.11 5.17
CA SER C 183 -96.22 15.58 6.15
C SER C 183 -97.49 16.11 5.45
N PHE C 184 -97.34 16.83 4.33
CA PHE C 184 -98.47 17.30 3.53
C PHE C 184 -99.22 16.16 2.85
N ALA C 185 -98.56 15.15 2.28
CA ALA C 185 -99.24 14.03 1.67
C ALA C 185 -100.11 13.28 2.67
N PHE C 186 -99.67 13.12 3.92
CA PHE C 186 -100.52 12.58 4.99
C PHE C 186 -101.72 13.48 5.28
N LYS C 187 -101.50 14.79 5.41
CA LYS C 187 -102.57 15.76 5.64
C LYS C 187 -103.63 15.73 4.52
N LEU C 188 -103.22 15.59 3.27
CA LEU C 188 -104.08 15.36 2.11
C LEU C 188 -104.79 14.01 2.20
N ALA C 189 -104.07 12.91 2.36
CA ALA C 189 -104.62 11.57 2.41
C ALA C 189 -105.58 11.33 3.58
N THR C 190 -105.47 12.10 4.67
CA THR C 190 -106.37 12.08 5.81
C THR C 190 -107.26 13.31 5.89
N GLN C 191 -107.42 14.04 4.78
CA GLN C 191 -108.30 15.20 4.70
C GLN C 191 -109.77 14.82 4.94
N ARG C 192 -110.46 15.60 5.76
CA ARG C 192 -111.85 15.38 6.15
C ARG C 192 -112.73 16.58 5.84
N HIS C 193 -113.98 16.32 5.49
CA HIS C 193 -114.97 17.35 5.26
C HIS C 193 -115.20 18.15 6.57
N PRO C 194 -115.22 19.49 6.52
CA PRO C 194 -115.15 20.33 7.71
C PRO C 194 -116.38 20.28 8.63
N THR C 195 -117.52 19.75 8.18
CA THR C 195 -118.74 19.64 9.00
C THR C 195 -119.33 18.23 9.04
N THR C 196 -119.29 17.46 7.95
CA THR C 196 -119.73 16.05 7.93
C THR C 196 -118.67 15.09 8.47
N GLY C 197 -117.41 15.51 8.62
CA GLY C 197 -116.33 14.80 9.30
C GLY C 197 -115.72 13.60 8.58
N GLN C 198 -116.35 13.12 7.51
CA GLN C 198 -115.92 11.97 6.71
C GLN C 198 -114.76 12.31 5.76
N LYS C 199 -114.06 11.29 5.27
CA LYS C 199 -112.72 11.38 4.67
C LYS C 199 -112.76 11.45 3.15
N LEU C 200 -112.07 12.44 2.57
CA LEU C 200 -111.88 12.57 1.13
C LEU C 200 -110.68 11.71 0.67
N TYR C 201 -110.69 11.25 -0.57
CA TYR C 201 -109.58 10.48 -1.17
C TYR C 201 -109.11 9.21 -0.42
N PRO C 202 -109.97 8.31 0.08
CA PRO C 202 -109.53 7.15 0.87
C PRO C 202 -108.53 6.22 0.15
N GLU C 203 -108.54 6.19 -1.17
CA GLU C 203 -107.60 5.44 -2.02
C GLU C 203 -106.13 5.84 -1.81
N LEU C 204 -105.84 6.98 -1.20
CA LEU C 204 -104.48 7.41 -0.88
C LEU C 204 -103.88 6.70 0.34
N GLY C 205 -104.67 5.98 1.13
CA GLY C 205 -104.23 5.38 2.38
C GLY C 205 -103.78 6.45 3.37
N PHE C 206 -102.60 6.27 3.96
CA PHE C 206 -101.96 7.27 4.82
C PHE C 206 -100.94 8.16 4.08
N GLY C 207 -100.68 7.92 2.81
CA GLY C 207 -100.09 8.89 1.89
C GLY C 207 -98.59 8.83 1.68
N THR C 208 -97.88 7.86 2.23
CA THR C 208 -96.41 7.72 2.02
C THR C 208 -96.03 7.17 0.66
N ASP C 209 -96.92 6.46 -0.02
CA ASP C 209 -96.63 5.72 -1.26
C ASP C 209 -97.58 6.06 -2.42
N ILE C 210 -98.16 7.27 -2.40
CA ILE C 210 -99.00 7.81 -3.47
C ILE C 210 -98.27 7.73 -4.82
N SER C 211 -98.81 6.97 -5.76
CA SER C 211 -98.25 6.79 -7.12
C SER C 211 -98.71 7.87 -8.12
N GLY C 212 -99.91 8.41 -7.91
CA GLY C 212 -100.51 9.47 -8.70
C GLY C 212 -101.72 10.06 -8.03
N PHE C 213 -102.13 11.24 -8.48
CA PHE C 213 -103.23 12.02 -7.92
C PHE C 213 -103.77 12.97 -8.98
N MET C 214 -105.09 13.00 -9.18
CA MET C 214 -105.78 13.66 -10.30
C MET C 214 -105.10 13.47 -11.67
N SER C 215 -104.74 12.23 -12.00
CA SER C 215 -104.06 11.83 -13.25
C SER C 215 -102.65 12.39 -13.47
N LEU C 216 -102.12 13.16 -12.53
CA LEU C 216 -100.69 13.47 -12.46
C LEU C 216 -99.95 12.29 -11.87
N GLY C 217 -98.73 12.02 -12.33
CA GLY C 217 -97.81 11.15 -11.60
C GLY C 217 -97.41 11.81 -10.30
N ALA C 218 -97.15 11.05 -9.24
CA ALA C 218 -96.77 11.61 -7.96
C ALA C 218 -95.53 10.95 -7.37
N ALA C 219 -94.87 11.70 -6.51
CA ALA C 219 -93.81 11.22 -5.64
C ALA C 219 -93.91 11.96 -4.31
N VAL C 220 -93.64 11.27 -3.21
CA VAL C 220 -93.73 11.80 -1.85
C VAL C 220 -92.35 11.74 -1.20
N SER C 221 -91.90 12.79 -0.53
CA SER C 221 -90.60 12.80 0.17
C SER C 221 -90.46 13.99 1.10
N ASP C 222 -89.66 13.87 2.16
CA ASP C 222 -89.33 15.01 3.02
C ASP C 222 -88.41 16.02 2.32
N THR C 223 -87.70 15.65 1.26
CA THR C 223 -86.87 16.59 0.49
C THR C 223 -87.68 17.72 -0.13
N VAL C 224 -88.97 17.56 -0.38
CA VAL C 224 -89.84 18.63 -0.85
C VAL C 224 -89.94 19.73 0.21
N ARG C 225 -89.99 19.38 1.50
CA ARG C 225 -89.91 20.33 2.62
C ARG C 225 -88.52 20.96 2.80
N GLY C 226 -87.50 20.37 2.17
CA GLY C 226 -86.08 20.62 2.44
C GLY C 226 -85.43 19.61 3.39
N GLY C 227 -86.17 18.60 3.83
CA GLY C 227 -85.73 17.56 4.77
C GLY C 227 -85.35 18.10 6.14
N PRO C 228 -84.76 17.27 7.01
CA PRO C 228 -83.99 17.77 8.15
C PRO C 228 -82.79 18.61 7.70
N GLU C 229 -82.25 18.39 6.50
CA GLU C 229 -81.09 19.08 5.97
C GLU C 229 -81.23 20.61 5.98
N ALA C 230 -82.30 21.18 5.43
CA ALA C 230 -82.49 22.63 5.35
C ALA C 230 -82.59 23.34 6.70
N VAL C 231 -82.96 22.61 7.77
CA VAL C 231 -83.06 23.13 9.14
C VAL C 231 -81.90 22.67 10.03
N THR C 232 -80.76 22.28 9.45
CA THR C 232 -79.54 21.95 10.22
C THR C 232 -79.23 23.09 11.21
N PRO C 233 -79.08 22.85 12.52
CA PRO C 233 -79.24 23.88 13.55
C PRO C 233 -78.34 25.11 13.46
N SER C 234 -77.08 24.97 13.07
CA SER C 234 -76.14 26.09 13.03
C SER C 234 -76.21 26.88 11.73
N THR C 235 -76.41 26.19 10.60
CA THR C 235 -76.09 26.68 9.26
C THR C 235 -77.14 26.39 8.17
N GLY C 236 -78.21 25.66 8.45
CA GLY C 236 -79.25 25.37 7.45
C GLY C 236 -79.97 26.63 6.98
N ALA C 237 -80.34 26.69 5.70
CA ALA C 237 -80.93 27.87 5.09
C ALA C 237 -82.28 28.30 5.68
N TYR C 238 -83.08 27.34 6.17
CA TYR C 238 -84.43 27.57 6.68
C TYR C 238 -84.50 27.57 8.21
N ARG C 239 -83.37 27.62 8.91
CA ARG C 239 -83.31 27.57 10.38
C ARG C 239 -84.06 28.71 11.08
N THR C 240 -84.08 29.92 10.51
CA THR C 240 -84.75 31.10 11.11
C THR C 240 -86.04 31.47 10.40
N THR C 241 -86.04 31.56 9.07
CA THR C 241 -87.24 31.89 8.28
C THR C 241 -87.55 30.79 7.26
N ASN C 242 -88.56 29.97 7.52
CA ASN C 242 -88.90 28.83 6.67
C ASN C 242 -90.06 29.19 5.71
N PRO C 243 -89.95 28.93 4.39
CA PRO C 243 -91.07 29.09 3.45
C PRO C 243 -92.14 27.99 3.60
N ASN C 244 -91.82 26.86 4.24
CA ASN C 244 -92.72 25.73 4.43
C ASN C 244 -93.29 25.21 3.10
N ILE C 245 -92.42 24.79 2.19
CA ILE C 245 -92.81 24.22 0.89
C ILE C 245 -93.59 22.92 1.12
N LYS C 246 -94.87 22.88 0.73
CA LYS C 246 -95.78 21.75 0.91
C LYS C 246 -95.84 20.85 -0.31
N ALA C 247 -95.89 21.45 -1.49
CA ALA C 247 -96.04 20.72 -2.74
C ALA C 247 -95.45 21.51 -3.91
N VAL C 248 -95.08 20.79 -4.95
CA VAL C 248 -94.63 21.31 -6.23
C VAL C 248 -95.41 20.60 -7.32
N VAL C 249 -95.97 21.32 -8.28
CA VAL C 249 -96.69 20.74 -9.40
C VAL C 249 -96.19 21.37 -10.68
N GLY C 250 -96.10 20.61 -11.75
CA GLY C 250 -95.63 21.18 -13.00
C GLY C 250 -95.46 20.18 -14.12
N ASP C 251 -94.93 20.67 -15.22
CA ASP C 251 -94.41 19.84 -16.29
C ASP C 251 -92.97 19.49 -15.93
N PHE C 252 -92.80 18.34 -15.30
CA PHE C 252 -91.51 17.88 -14.85
C PHE C 252 -90.59 17.49 -16.01
N SER C 253 -91.01 17.56 -17.27
CA SER C 253 -90.09 17.52 -18.40
C SER C 253 -89.31 18.84 -18.58
N ALA C 254 -89.77 19.93 -17.99
CA ALA C 254 -89.02 21.19 -17.95
C ALA C 254 -87.84 21.17 -16.99
N PHE C 255 -87.73 20.16 -16.12
CA PHE C 255 -86.53 19.89 -15.36
C PHE C 255 -85.70 18.83 -16.09
N ARG C 256 -84.49 19.20 -16.48
CA ARG C 256 -83.59 18.42 -17.32
C ARG C 256 -82.38 18.00 -16.52
N TRP C 257 -82.09 16.71 -16.43
CA TRP C 257 -81.01 16.21 -15.60
C TRP C 257 -80.38 14.92 -16.14
N GLY C 258 -79.15 14.64 -15.73
CA GLY C 258 -78.46 13.43 -16.12
C GLY C 258 -77.15 13.24 -15.39
N VAL C 259 -76.69 12.00 -15.31
CA VAL C 259 -75.43 11.63 -14.68
C VAL C 259 -74.30 11.71 -15.70
N GLN C 260 -73.40 12.66 -15.51
CA GLN C 260 -72.28 12.92 -16.42
C GLN C 260 -71.03 12.09 -16.11
N ALA C 261 -70.84 11.77 -14.84
CA ALA C 261 -69.80 10.87 -14.36
C ALA C 261 -70.31 10.19 -13.08
N ASN C 262 -69.93 8.94 -12.85
CA ASN C 262 -70.43 8.13 -11.75
C ASN C 262 -69.31 7.27 -11.17
N ILE C 263 -69.17 7.30 -9.84
CA ILE C 263 -68.21 6.49 -9.09
C ILE C 263 -68.95 5.93 -7.87
N PRO C 264 -69.59 4.75 -7.97
CA PRO C 264 -70.50 4.27 -6.94
C PRO C 264 -69.82 3.91 -5.62
N LEU C 265 -68.57 3.44 -5.69
CA LEU C 265 -67.77 3.01 -4.56
C LEU C 265 -66.29 3.01 -4.93
N THR C 266 -65.48 3.80 -4.23
CA THR C 266 -64.02 3.66 -4.17
C THR C 266 -63.57 3.59 -2.73
N LEU C 267 -62.68 2.66 -2.40
CA LEU C 267 -62.08 2.54 -1.10
C LEU C 267 -60.77 3.34 -1.07
N ILE C 268 -60.64 4.23 -0.10
CA ILE C 268 -59.49 5.11 0.12
C ILE C 268 -58.71 4.60 1.33
N GLU C 269 -57.41 4.43 1.16
CA GLU C 269 -56.52 3.82 2.16
C GLU C 269 -55.38 4.75 2.63
N TYR C 270 -55.17 5.91 2.01
CA TYR C 270 -54.00 6.75 2.23
C TYR C 270 -54.36 8.23 2.34
N GLY C 271 -53.57 9.01 3.08
CA GLY C 271 -53.81 10.44 3.26
C GLY C 271 -54.97 10.72 4.22
N ASP C 272 -55.55 11.91 4.17
CA ASP C 272 -56.70 12.27 5.00
C ASP C 272 -57.81 12.95 4.18
N PRO C 273 -58.59 12.19 3.40
CA PRO C 273 -59.64 12.68 2.53
C PRO C 273 -60.70 13.57 3.18
N ASP C 274 -60.88 13.51 4.50
CA ASP C 274 -61.85 14.30 5.26
C ASP C 274 -61.21 15.28 6.26
N GLY C 275 -59.89 15.34 6.36
CA GLY C 275 -59.18 16.20 7.31
C GLY C 275 -59.08 15.69 8.75
N SER C 276 -59.45 14.43 9.05
CA SER C 276 -59.42 13.89 10.42
C SER C 276 -58.08 13.25 10.84
N GLY C 277 -57.00 13.44 10.07
CA GLY C 277 -55.71 12.76 10.23
C GLY C 277 -55.55 11.55 9.33
N ASP C 278 -54.34 11.09 9.12
CA ASP C 278 -54.00 10.12 8.07
C ASP C 278 -54.57 8.72 8.33
N LEU C 279 -55.16 8.11 7.31
CA LEU C 279 -55.72 6.77 7.30
C LEU C 279 -54.72 5.65 7.62
N GLN C 280 -53.44 5.82 7.35
CA GLN C 280 -52.42 4.87 7.77
C GLN C 280 -51.93 5.14 9.18
N ARG C 281 -52.05 6.38 9.68
CA ARG C 281 -51.63 6.70 11.05
C ARG C 281 -52.65 6.26 12.08
N LYS C 282 -53.87 6.78 12.02
CA LYS C 282 -55.02 6.22 12.75
C LYS C 282 -55.54 5.10 11.88
N ASN C 283 -55.52 3.86 12.33
CA ASN C 283 -55.53 2.71 11.44
C ASN C 283 -56.90 2.41 10.78
N GLU C 284 -57.19 3.12 9.70
CA GLU C 284 -58.53 3.37 9.19
C GLU C 284 -58.63 3.32 7.66
N LEU C 285 -59.85 3.29 7.14
CA LEU C 285 -60.17 3.39 5.72
C LEU C 285 -61.34 4.35 5.52
N ALA C 286 -61.60 4.78 4.30
CA ALA C 286 -62.84 5.45 3.96
C ALA C 286 -63.42 4.92 2.65
N ILE C 287 -64.72 4.72 2.57
CA ILE C 287 -65.40 4.55 1.28
C ILE C 287 -65.91 5.89 0.82
N ARG C 288 -65.75 6.18 -0.47
CA ARG C 288 -66.32 7.34 -1.15
C ARG C 288 -67.25 6.92 -2.26
N ALA C 289 -68.40 7.57 -2.33
CA ALA C 289 -69.32 7.53 -3.45
C ALA C 289 -69.45 8.93 -4.03
N GLU C 290 -69.50 9.05 -5.35
CA GLU C 290 -69.48 10.35 -6.01
C GLU C 290 -70.24 10.33 -7.34
N VAL C 291 -70.87 11.45 -7.69
CA VAL C 291 -71.63 11.62 -8.92
C VAL C 291 -71.51 13.05 -9.43
N VAL C 292 -71.53 13.22 -10.75
CA VAL C 292 -71.69 14.52 -11.39
C VAL C 292 -73.06 14.58 -12.06
N TYR C 293 -73.91 15.49 -11.63
CA TYR C 293 -75.21 15.78 -12.18
C TYR C 293 -75.14 17.01 -13.08
N GLY C 294 -75.66 16.93 -14.30
CA GLY C 294 -76.12 18.10 -15.02
C GLY C 294 -77.51 18.42 -14.52
N VAL C 295 -77.81 19.67 -14.20
CA VAL C 295 -79.16 20.10 -13.79
C VAL C 295 -79.55 21.39 -14.52
N GLY C 296 -80.76 21.47 -15.03
CA GLY C 296 -81.28 22.67 -15.67
C GLY C 296 -82.79 22.78 -15.64
N ILE C 297 -83.30 24.00 -15.61
CA ILE C 297 -84.74 24.31 -15.62
C ILE C 297 -85.05 25.11 -16.89
N LEU C 298 -85.79 24.52 -17.82
CA LEU C 298 -86.15 25.15 -19.08
C LEU C 298 -87.17 26.28 -18.94
N SER C 299 -87.99 26.24 -17.90
CA SER C 299 -88.99 27.27 -17.63
C SER C 299 -89.39 27.16 -16.18
N THR C 300 -89.46 28.26 -15.44
CA THR C 300 -90.08 28.23 -14.10
C THR C 300 -91.59 28.34 -14.17
N ASP C 301 -92.16 28.90 -15.22
CA ASP C 301 -93.62 28.92 -15.42
C ASP C 301 -94.21 27.52 -15.57
N ALA C 302 -93.39 26.56 -15.99
CA ALA C 302 -93.74 25.15 -15.99
C ALA C 302 -94.01 24.56 -14.59
N PHE C 303 -93.73 25.29 -13.52
CA PHE C 303 -93.92 24.86 -12.14
C PHE C 303 -94.77 25.84 -11.35
N ALA C 304 -95.46 25.33 -10.35
CA ALA C 304 -96.13 26.06 -9.30
C ALA C 304 -95.84 25.38 -7.96
N VAL C 305 -95.87 26.12 -6.86
CA VAL C 305 -95.63 25.56 -5.53
C VAL C 305 -96.71 25.98 -4.56
N VAL C 306 -97.10 25.06 -3.69
CA VAL C 306 -97.91 25.34 -2.52
C VAL C 306 -96.94 25.53 -1.37
N ARG C 307 -97.00 26.66 -0.68
CA ARG C 307 -96.17 26.90 0.50
C ARG C 307 -96.88 27.72 1.56
N ASP C 308 -96.42 27.64 2.78
CA ASP C 308 -97.17 28.02 3.96
C ASP C 308 -96.44 29.07 4.81
N ALA C 309 -95.94 30.12 4.17
CA ALA C 309 -95.24 31.21 4.82
C ALA C 309 -96.24 32.17 5.48
N ALA D 2 -44.86 -107.12 79.87
CA ALA D 2 -44.78 -105.72 79.44
C ALA D 2 -44.12 -105.61 78.07
N VAL D 3 -44.37 -104.52 77.33
CA VAL D 3 -43.83 -104.30 75.98
C VAL D 3 -42.30 -104.28 75.97
N LEU D 4 -41.68 -104.85 74.94
CA LEU D 4 -40.24 -104.97 74.81
C LEU D 4 -39.62 -103.69 74.22
N LYS D 5 -39.06 -102.84 75.09
CA LYS D 5 -38.34 -101.62 74.73
C LYS D 5 -36.90 -101.95 74.32
N THR D 6 -36.28 -101.17 73.43
CA THR D 6 -34.83 -101.25 73.15
C THR D 6 -33.97 -100.90 74.34
N SER D 7 -34.47 -100.19 75.35
CA SER D 7 -33.76 -99.96 76.61
C SER D 7 -33.36 -101.25 77.33
N SER D 8 -34.02 -102.38 77.02
CA SER D 8 -33.66 -103.69 77.55
C SER D 8 -32.40 -104.28 76.91
N PHE D 9 -31.99 -103.83 75.73
CA PHE D 9 -30.84 -104.38 75.00
C PHE D 9 -29.53 -103.65 75.29
N GLN D 10 -29.59 -102.37 75.66
CA GLN D 10 -28.45 -101.48 75.92
C GLN D 10 -27.38 -101.57 74.82
N LEU D 11 -27.74 -101.29 73.56
CA LEU D 11 -26.84 -101.46 72.41
C LEU D 11 -25.59 -100.54 72.48
N PRO D 12 -24.44 -100.97 71.96
CA PRO D 12 -23.31 -100.09 71.72
C PRO D 12 -23.60 -99.09 70.60
N ARG D 13 -23.03 -97.89 70.70
CA ARG D 13 -23.08 -96.85 69.66
C ARG D 13 -22.32 -97.27 68.41
N HIS D 14 -22.68 -96.70 67.26
CA HIS D 14 -21.88 -96.84 66.03
C HIS D 14 -20.69 -95.90 66.03
N LEU D 15 -19.57 -96.32 65.46
CA LEU D 15 -18.32 -95.56 65.47
C LEU D 15 -18.01 -95.04 64.06
N VAL D 16 -17.87 -93.72 63.94
CA VAL D 16 -17.70 -93.03 62.65
C VAL D 16 -16.21 -92.81 62.37
N PRO D 17 -15.68 -93.19 61.20
CA PRO D 17 -14.27 -93.04 60.84
C PRO D 17 -13.78 -91.59 60.76
N GLY D 18 -12.46 -91.40 60.76
CA GLY D 18 -11.83 -90.07 60.72
C GLY D 18 -11.78 -89.37 62.07
N VAL D 19 -11.08 -88.24 62.12
CA VAL D 19 -10.91 -87.41 63.32
C VAL D 19 -11.18 -85.95 62.99
N TRP D 20 -12.08 -85.30 63.71
CA TRP D 20 -12.35 -83.88 63.53
C TRP D 20 -11.27 -83.04 64.21
N GLN D 21 -10.72 -82.03 63.52
CA GLN D 21 -9.63 -81.21 64.02
C GLN D 21 -9.89 -79.73 63.77
N LYS D 22 -9.61 -78.87 64.75
CA LYS D 22 -9.35 -77.44 64.50
C LYS D 22 -7.96 -77.32 63.89
N ALA D 23 -7.85 -76.78 62.68
CA ALA D 23 -6.58 -76.67 61.98
C ALA D 23 -5.63 -75.65 62.60
N GLN D 24 -4.35 -75.69 62.22
CA GLN D 24 -3.29 -74.86 62.78
C GLN D 24 -2.55 -74.02 61.73
N GLY D 25 -2.11 -72.82 62.11
CA GLY D 25 -1.33 -71.94 61.25
C GLY D 25 0.06 -72.51 60.97
N GLN D 26 0.43 -72.59 59.70
CA GLN D 26 1.74 -73.08 59.25
C GLN D 26 2.83 -72.02 59.37
N SER D 27 4.11 -72.39 59.33
CA SER D 27 5.22 -71.43 59.39
C SER D 27 5.16 -70.37 58.29
N VAL D 28 5.17 -69.09 58.64
CA VAL D 28 5.34 -68.03 57.63
C VAL D 28 6.79 -67.93 57.19
N LEU D 29 7.75 -68.14 58.08
CA LEU D 29 9.16 -67.96 57.76
C LEU D 29 9.63 -69.01 56.77
N ALA D 30 9.13 -70.24 56.83
CA ALA D 30 9.41 -71.24 55.82
C ALA D 30 8.79 -70.92 54.45
N ARG D 31 7.80 -70.04 54.37
CA ARG D 31 7.20 -69.58 53.11
C ARG D 31 7.87 -68.34 52.53
N LEU D 32 8.23 -67.38 53.38
CA LEU D 32 8.79 -66.08 53.01
C LEU D 32 10.32 -66.09 52.81
N SER D 33 11.06 -66.93 53.53
CA SER D 33 12.50 -67.12 53.38
C SER D 33 12.80 -68.55 52.93
N ASN D 34 13.48 -68.75 51.80
CA ASN D 34 13.92 -70.08 51.39
C ASN D 34 14.98 -70.66 52.33
N ALA D 35 14.92 -71.95 52.64
CA ALA D 35 15.96 -72.61 53.40
C ALA D 35 17.24 -72.68 52.59
N GLU D 36 18.38 -72.38 53.20
CA GLU D 36 19.70 -72.58 52.59
C GLU D 36 20.31 -73.90 53.09
N PRO D 37 21.07 -74.64 52.28
CA PRO D 37 21.85 -75.78 52.79
C PRO D 37 22.92 -75.28 53.77
N GLN D 38 23.08 -75.96 54.90
CA GLN D 38 24.02 -75.59 55.96
C GLN D 38 24.71 -76.81 56.58
N GLU D 39 25.98 -76.66 56.96
CA GLU D 39 26.71 -77.66 57.74
C GLU D 39 26.45 -77.45 59.23
N PHE D 40 26.46 -78.52 60.03
CA PHE D 40 26.14 -78.43 61.44
C PHE D 40 27.09 -77.48 62.20
N GLY D 41 26.54 -76.49 62.89
CA GLY D 41 27.28 -75.45 63.62
C GLY D 41 26.87 -74.03 63.25
N GLU D 42 27.31 -73.06 64.04
CA GLU D 42 27.05 -71.65 63.75
C GLU D 42 27.68 -71.22 62.43
N GLN D 43 27.02 -70.31 61.72
CA GLN D 43 27.46 -69.78 60.43
C GLN D 43 27.75 -68.29 60.54
N GLN D 44 28.62 -67.78 59.68
CA GLN D 44 29.06 -66.39 59.68
C GLN D 44 28.94 -65.78 58.28
N TYR D 45 28.38 -64.58 58.21
CA TYR D 45 28.03 -63.88 56.98
C TYR D 45 28.72 -62.52 56.95
N MET D 46 29.18 -62.06 55.79
CA MET D 46 29.93 -60.82 55.64
C MET D 46 29.03 -59.70 55.12
N THR D 47 29.10 -58.52 55.72
CA THR D 47 28.24 -57.40 55.35
C THR D 47 29.05 -56.14 55.08
N LEU D 48 28.62 -55.34 54.12
CA LEU D 48 29.16 -54.01 53.89
C LEU D 48 28.56 -53.00 54.89
N THR D 49 29.41 -52.38 55.71
CA THR D 49 28.96 -51.38 56.69
C THR D 49 28.81 -49.98 56.09
N ALA D 50 29.75 -49.53 55.27
CA ALA D 50 29.68 -48.26 54.55
C ALA D 50 30.42 -48.32 53.20
N PRO D 51 29.97 -47.60 52.16
CA PRO D 51 30.60 -47.54 50.84
C PRO D 51 31.68 -46.44 50.74
N PRO D 52 32.61 -46.52 49.77
CA PRO D 52 33.55 -45.44 49.46
C PRO D 52 32.86 -44.24 48.78
N ARG D 53 33.49 -43.06 48.85
CA ARG D 53 33.02 -41.82 48.21
C ARG D 53 34.05 -41.24 47.23
N GLY D 54 33.59 -40.61 46.16
CA GLY D 54 34.45 -39.86 45.24
C GLY D 54 34.86 -38.50 45.81
N GLU D 55 35.98 -37.99 45.37
CA GLU D 55 36.52 -36.69 45.77
C GLU D 55 36.86 -35.87 44.53
N VAL D 56 36.50 -34.59 44.54
CA VAL D 56 36.71 -33.67 43.42
C VAL D 56 38.01 -32.92 43.64
N VAL D 57 38.90 -33.00 42.66
CA VAL D 57 40.29 -32.54 42.76
C VAL D 57 40.66 -31.56 41.65
N GLY D 58 41.40 -30.51 42.01
CA GLY D 58 42.03 -29.60 41.07
C GLY D 58 43.18 -30.22 40.27
N GLU D 59 43.90 -29.40 39.50
CA GLU D 59 44.93 -29.87 38.55
C GLU D 59 46.15 -30.51 39.24
N SER D 60 46.51 -30.01 40.42
CA SER D 60 47.50 -30.64 41.31
C SER D 60 47.08 -30.49 42.78
N ALA D 61 45.78 -30.57 43.04
CA ALA D 61 45.28 -30.76 44.40
C ALA D 61 45.66 -32.16 44.88
N GLU D 62 45.91 -32.30 46.18
CA GLU D 62 46.26 -33.57 46.79
C GLU D 62 45.05 -34.52 46.86
N LYS D 63 45.15 -35.68 46.22
CA LYS D 63 44.14 -36.74 46.28
C LYS D 63 44.09 -37.41 47.66
N SER D 64 42.91 -37.73 48.17
CA SER D 64 42.66 -38.41 49.46
C SER D 64 42.16 -39.84 49.27
N GLU D 65 41.90 -40.57 50.36
CA GLU D 65 41.31 -41.93 50.31
C GLU D 65 40.00 -42.07 51.06
N SER D 66 39.13 -42.92 50.55
CA SER D 66 37.86 -43.33 51.14
C SER D 66 37.62 -44.76 50.71
N THR D 67 37.59 -45.67 51.68
CA THR D 67 37.52 -47.12 51.45
C THR D 67 36.24 -47.70 52.03
N ALA D 68 35.73 -48.75 51.38
CA ALA D 68 34.66 -49.55 51.93
C ALA D 68 34.97 -50.02 53.37
N THR D 69 33.96 -50.23 54.20
CA THR D 69 34.12 -50.88 55.52
C THR D 69 33.16 -52.06 55.62
N PHE D 70 33.56 -53.11 56.34
CA PHE D 70 32.82 -54.37 56.44
C PHE D 70 32.70 -54.81 57.89
N ALA D 71 31.71 -55.64 58.19
CA ALA D 71 31.62 -56.36 59.46
C ALA D 71 30.93 -57.71 59.24
N PRO D 72 31.25 -58.75 60.04
CA PRO D 72 30.56 -60.02 60.01
C PRO D 72 29.31 -60.01 60.90
N VAL D 73 28.42 -60.96 60.67
CA VAL D 73 27.27 -61.30 61.52
C VAL D 73 27.15 -62.81 61.64
N THR D 74 26.56 -63.30 62.71
CA THR D 74 26.61 -64.72 63.10
C THR D 74 25.24 -65.33 63.35
N SER D 75 25.05 -66.57 62.90
CA SER D 75 23.86 -67.36 63.20
C SER D 75 23.90 -67.93 64.63
N LEU D 76 22.75 -68.35 65.12
CA LEU D 76 22.64 -69.34 66.18
C LEU D 76 22.23 -70.68 65.60
N VAL D 77 22.26 -71.72 66.42
CA VAL D 77 21.79 -73.08 66.10
C VAL D 77 20.82 -73.49 67.20
N ARG D 78 19.64 -74.00 66.84
CA ARG D 78 18.53 -74.32 67.75
C ARG D 78 17.99 -75.70 67.47
N LYS D 79 17.85 -76.55 68.50
CA LYS D 79 17.32 -77.92 68.40
C LYS D 79 15.90 -77.98 68.97
N VAL D 80 14.97 -78.56 68.21
CA VAL D 80 13.56 -78.63 68.56
C VAL D 80 13.13 -80.08 68.52
N GLN D 81 12.39 -80.50 69.53
CA GLN D 81 11.88 -81.87 69.65
C GLN D 81 10.40 -81.86 70.05
N VAL D 82 9.67 -82.86 69.57
CA VAL D 82 8.33 -83.18 70.06
C VAL D 82 8.29 -84.66 70.39
N THR D 83 7.79 -85.01 71.57
CA THR D 83 7.64 -86.38 72.02
C THR D 83 6.24 -86.58 72.58
N GLN D 84 5.60 -87.64 72.12
CA GLN D 84 4.24 -87.98 72.52
C GLN D 84 4.21 -89.40 73.04
N ARG D 85 3.58 -89.61 74.19
CA ARG D 85 3.62 -90.85 74.96
C ARG D 85 2.22 -91.46 75.04
N PHE D 86 2.07 -92.77 74.84
CA PHE D 86 0.78 -93.45 74.87
C PHE D 86 0.89 -94.88 75.37
N SER D 87 -0.19 -95.45 75.85
CA SER D 87 -0.25 -96.82 76.34
C SER D 87 -0.28 -97.85 75.21
N GLN D 88 0.25 -99.04 75.44
CA GLN D 88 0.18 -100.17 74.49
C GLN D 88 -1.25 -100.49 74.07
N GLU D 89 -2.22 -100.36 74.99
CA GLU D 89 -3.64 -100.56 74.72
C GLU D 89 -4.20 -99.59 73.66
N VAL D 90 -3.67 -98.36 73.55
CA VAL D 90 -4.05 -97.42 72.48
C VAL D 90 -3.60 -97.90 71.11
N LYS D 91 -2.41 -98.50 71.00
CA LYS D 91 -1.91 -99.00 69.72
C LYS D 91 -2.76 -100.17 69.21
N TRP D 92 -3.16 -101.05 70.10
CA TRP D 92 -4.06 -102.18 69.81
C TRP D 92 -5.46 -101.71 69.44
N ALA D 93 -6.02 -100.75 70.17
CA ALA D 93 -7.32 -100.18 69.81
C ALA D 93 -7.28 -99.56 68.42
N ASP D 94 -6.31 -98.69 68.16
CA ASP D 94 -6.14 -98.01 66.87
C ASP D 94 -6.03 -98.99 65.72
N GLU D 95 -5.13 -99.96 65.79
CA GLU D 95 -4.88 -100.85 64.68
C GLU D 95 -5.97 -101.92 64.49
N SER D 96 -6.78 -102.21 65.51
CA SER D 96 -7.88 -103.18 65.37
C SER D 96 -9.16 -102.53 64.84
N ARG D 97 -9.46 -101.31 65.28
CA ARG D 97 -10.64 -100.54 64.85
C ARG D 97 -10.40 -99.62 63.65
N GLN D 98 -9.14 -99.41 63.25
CA GLN D 98 -8.74 -98.40 62.26
C GLN D 98 -9.09 -96.97 62.71
N LEU D 99 -8.71 -96.57 63.93
CA LEU D 99 -9.09 -95.24 64.47
C LEU D 99 -8.40 -94.06 63.79
N GLY D 100 -7.21 -94.26 63.21
CA GLY D 100 -6.40 -93.18 62.63
C GLY D 100 -5.74 -92.23 63.64
N VAL D 101 -5.91 -92.46 64.94
CA VAL D 101 -5.32 -91.64 66.01
C VAL D 101 -3.81 -91.54 65.86
N LEU D 102 -3.11 -92.65 65.69
CA LEU D 102 -1.66 -92.61 65.55
C LEU D 102 -1.20 -91.94 64.26
N GLN D 103 -1.97 -91.99 63.17
CA GLN D 103 -1.65 -91.17 62.01
C GLN D 103 -1.82 -89.68 62.30
N THR D 104 -2.85 -89.26 63.02
CA THR D 104 -2.98 -87.85 63.37
C THR D 104 -1.86 -87.38 64.29
N MET D 105 -1.38 -88.20 65.23
CA MET D 105 -0.22 -87.86 66.04
C MET D 105 1.07 -87.77 65.21
N ALA D 106 1.24 -88.65 64.22
CA ALA D 106 2.34 -88.56 63.28
C ALA D 106 2.29 -87.25 62.49
N ASP D 107 1.13 -86.84 61.99
CA ASP D 107 0.95 -85.59 61.25
C ASP D 107 1.15 -84.35 62.13
N LEU D 108 0.54 -84.33 63.31
CA LEU D 108 0.66 -83.24 64.25
C LEU D 108 2.11 -83.02 64.67
N SER D 109 2.93 -84.08 64.76
CA SER D 109 4.34 -83.93 65.10
C SER D 109 5.09 -83.06 64.07
N GLY D 110 4.88 -83.29 62.78
CA GLY D 110 5.54 -82.54 61.71
C GLY D 110 5.14 -81.07 61.72
N VAL D 111 3.85 -80.80 61.91
CA VAL D 111 3.31 -79.46 62.04
C VAL D 111 3.88 -78.72 63.25
N ALA D 112 4.03 -79.39 64.39
CA ALA D 112 4.55 -78.76 65.61
C ALA D 112 5.99 -78.28 65.44
N LEU D 113 6.85 -79.07 64.81
CA LEU D 113 8.23 -78.68 64.47
C LEU D 113 8.26 -77.54 63.44
N GLY D 114 7.37 -77.57 62.45
CA GLY D 114 7.22 -76.49 61.48
C GLY D 114 6.89 -75.16 62.13
N ARG D 115 5.89 -75.10 63.01
CA ARG D 115 5.53 -73.90 63.76
C ARG D 115 6.69 -73.31 64.56
N ALA D 116 7.60 -74.12 65.07
CA ALA D 116 8.64 -73.66 65.98
C ALA D 116 9.61 -72.64 65.37
N LEU D 117 9.86 -72.73 64.07
CA LEU D 117 10.69 -71.78 63.35
C LEU D 117 10.17 -70.34 63.47
N ASP D 118 8.86 -70.10 63.42
CA ASP D 118 8.33 -68.75 63.59
C ASP D 118 8.41 -68.25 65.02
N LEU D 119 8.14 -69.11 65.99
CA LEU D 119 8.23 -68.73 67.39
C LEU D 119 9.69 -68.47 67.81
N ILE D 120 10.66 -69.16 67.22
CA ILE D 120 12.08 -68.87 67.39
C ILE D 120 12.48 -67.60 66.63
N GLY D 121 12.19 -67.52 65.34
CA GLY D 121 12.64 -66.44 64.47
C GLY D 121 11.98 -65.10 64.76
N ILE D 122 10.65 -65.07 64.84
CA ILE D 122 9.90 -63.84 65.08
C ILE D 122 9.98 -63.45 66.54
N HIS D 123 9.60 -64.32 67.47
CA HIS D 123 9.42 -63.94 68.88
C HIS D 123 10.58 -64.30 69.81
N GLY D 124 11.45 -65.22 69.41
CA GLY D 124 12.52 -65.74 70.26
C GLY D 124 12.03 -66.44 71.53
N ILE D 125 11.00 -67.26 71.42
CA ILE D 125 10.37 -67.98 72.54
C ILE D 125 10.41 -69.49 72.33
N ASN D 126 10.43 -70.24 73.42
CA ASN D 126 10.26 -71.68 73.41
C ASN D 126 8.78 -72.00 73.12
N PRO D 127 8.44 -72.80 72.10
CA PRO D 127 7.07 -73.09 71.75
C PRO D 127 6.25 -73.78 72.85
N LEU D 128 6.85 -74.69 73.63
CA LEU D 128 6.11 -75.52 74.57
C LEU D 128 5.62 -74.75 75.80
N THR D 129 6.53 -74.04 76.47
CA THR D 129 6.22 -73.24 77.66
C THR D 129 5.82 -71.80 77.32
N GLY D 130 6.13 -71.32 76.11
CA GLY D 130 5.88 -69.95 75.68
C GLY D 130 6.83 -68.89 76.26
N ALA D 131 7.81 -69.28 77.07
CA ALA D 131 8.78 -68.41 77.69
C ALA D 131 9.84 -67.92 76.69
N ALA D 132 10.45 -66.77 76.98
CA ALA D 132 11.56 -66.26 76.18
C ALA D 132 12.83 -67.12 76.29
N LEU D 133 13.54 -67.31 75.19
CA LEU D 133 14.84 -67.98 75.17
C LEU D 133 15.88 -67.13 75.93
N ALA D 134 16.83 -67.78 76.59
CA ALA D 134 17.56 -67.16 77.70
C ALA D 134 18.57 -66.05 77.31
N GLY D 135 19.29 -66.21 76.21
CA GLY D 135 20.46 -65.36 75.89
C GLY D 135 20.17 -63.94 75.38
N THR D 136 18.93 -63.47 75.44
CA THR D 136 18.41 -62.32 74.65
C THR D 136 18.83 -62.39 73.17
N PRO D 137 18.49 -63.47 72.44
CA PRO D 137 18.97 -63.71 71.08
C PRO D 137 18.34 -62.79 70.03
N PRO D 138 18.92 -62.66 68.84
CA PRO D 138 18.31 -61.92 67.74
C PRO D 138 16.98 -62.56 67.34
N LYS D 139 15.95 -61.74 67.24
CA LYS D 139 14.59 -62.09 66.84
C LYS D 139 14.05 -60.98 65.97
N ILE D 140 13.19 -61.26 65.02
CA ILE D 140 12.79 -60.24 64.05
C ILE D 140 12.07 -59.07 64.71
N ILE D 141 11.32 -59.29 65.80
CA ILE D 141 10.68 -58.19 66.54
C ILE D 141 11.64 -57.28 67.32
N ASP D 142 12.96 -57.44 67.19
CA ASP D 142 13.93 -56.48 67.69
C ASP D 142 13.93 -55.15 66.92
N THR D 143 13.43 -55.13 65.68
CA THR D 143 13.61 -53.98 64.79
C THR D 143 13.10 -52.68 65.38
N THR D 144 13.87 -51.60 65.21
CA THR D 144 13.42 -50.24 65.55
C THR D 144 12.43 -49.69 64.53
N ASN D 145 12.21 -50.34 63.40
CA ASN D 145 11.17 -49.98 62.43
C ASN D 145 9.79 -50.44 62.91
N VAL D 146 9.19 -49.71 63.84
CA VAL D 146 7.85 -50.02 64.34
C VAL D 146 6.84 -48.96 63.88
N VAL D 147 5.66 -49.40 63.44
CA VAL D 147 4.46 -48.55 63.38
C VAL D 147 3.45 -49.09 64.38
N GLU D 148 3.08 -48.26 65.34
CA GLU D 148 2.22 -48.65 66.45
C GLU D 148 0.87 -47.97 66.34
N LEU D 149 -0.20 -48.76 66.32
CA LEU D 149 -1.55 -48.37 65.96
C LEU D 149 -2.24 -47.58 67.07
N THR D 150 -2.45 -46.29 66.83
CA THR D 150 -3.41 -45.48 67.59
C THR D 150 -4.84 -45.78 67.13
N THR D 151 -5.83 -45.42 67.95
CA THR D 151 -7.26 -45.72 67.71
C THR D 151 -7.80 -45.22 66.36
N GLU D 152 -7.20 -44.21 65.75
CA GLU D 152 -7.62 -43.67 64.45
C GLU D 152 -7.12 -44.50 63.27
N THR D 153 -5.84 -44.91 63.29
CA THR D 153 -5.24 -45.74 62.24
C THR D 153 -5.58 -47.23 62.39
N LEU D 154 -5.87 -47.69 63.60
CA LEU D 154 -6.53 -48.97 63.84
C LEU D 154 -7.90 -48.97 63.15
N GLY D 155 -8.10 -49.86 62.18
CA GLY D 155 -9.21 -49.79 61.23
C GLY D 155 -8.79 -49.45 59.80
N LEU D 156 -7.51 -49.12 59.56
CA LEU D 156 -6.92 -48.95 58.23
C LEU D 156 -5.70 -49.87 58.00
N PRO D 157 -5.84 -51.21 58.01
CA PRO D 157 -4.72 -52.13 57.87
C PRO D 157 -3.79 -51.88 56.69
N ASP D 158 -4.32 -51.56 55.51
CA ASP D 158 -3.53 -51.30 54.32
C ASP D 158 -2.60 -50.08 54.46
N GLN D 159 -3.05 -49.02 55.12
CA GLN D 159 -2.21 -47.85 55.39
C GLN D 159 -1.15 -48.13 56.44
N ALA D 160 -1.37 -49.07 57.35
CA ALA D 160 -0.35 -49.52 58.29
C ALA D 160 0.72 -50.38 57.61
N ILE D 161 0.35 -51.32 56.75
CA ILE D 161 1.31 -52.11 55.98
C ILE D 161 2.13 -51.19 55.07
N GLU D 162 1.50 -50.24 54.39
CA GLU D 162 2.18 -49.20 53.63
C GLU D 162 3.15 -48.39 54.50
N ALA D 163 2.73 -47.90 55.66
CA ALA D 163 3.58 -47.14 56.55
C ALA D 163 4.82 -47.94 56.98
N ALA D 164 4.68 -49.23 57.24
CA ALA D 164 5.79 -50.10 57.58
C ALA D 164 6.77 -50.29 56.40
N VAL D 165 6.28 -50.49 55.17
CA VAL D 165 7.16 -50.53 53.99
C VAL D 165 7.96 -49.24 53.86
N GLY D 166 7.37 -48.09 54.17
CA GLY D 166 8.08 -46.81 54.20
C GLY D 166 9.29 -46.82 55.12
N LEU D 167 9.22 -47.46 56.27
CA LEU D 167 10.35 -47.55 57.18
C LEU D 167 11.47 -48.42 56.61
N VAL D 168 11.16 -49.55 55.97
CA VAL D 168 12.20 -50.42 55.41
C VAL D 168 12.92 -49.73 54.25
N LEU D 169 12.18 -49.04 53.37
CA LEU D 169 12.76 -48.31 52.26
C LEU D 169 13.63 -47.15 52.71
N ASP D 170 13.28 -46.44 53.78
CA ASP D 170 14.13 -45.37 54.29
C ASP D 170 15.36 -45.86 55.08
N ASP D 171 15.48 -47.17 55.32
CA ASP D 171 16.72 -47.87 55.65
C ASP D 171 17.41 -48.49 54.43
N SER D 172 17.02 -48.13 53.21
CA SER D 172 17.66 -48.47 51.94
C SER D 172 17.64 -49.97 51.58
N ILE D 173 16.71 -50.72 52.14
CA ILE D 173 16.48 -52.14 51.84
C ILE D 173 15.12 -52.25 51.14
N SER D 174 14.99 -53.06 50.09
CA SER D 174 13.72 -53.25 49.39
C SER D 174 12.95 -54.47 49.92
N PRO D 175 11.84 -54.30 50.66
CA PRO D 175 11.08 -55.41 51.19
C PRO D 175 10.47 -56.26 50.09
N ASN D 176 10.39 -57.57 50.31
CA ASN D 176 9.85 -58.52 49.35
C ASN D 176 8.69 -59.38 49.90
N GLY D 177 8.51 -59.42 51.22
CA GLY D 177 7.55 -60.29 51.86
C GLY D 177 6.76 -59.62 52.96
N LEU D 178 5.59 -60.16 53.27
CA LEU D 178 4.68 -59.71 54.31
C LEU D 178 4.15 -60.91 55.10
N ALA D 179 4.25 -60.88 56.41
CA ALA D 179 3.70 -61.87 57.33
C ALA D 179 2.57 -61.26 58.15
N LEU D 180 1.41 -61.91 58.16
CA LEU D 180 0.20 -61.38 58.78
C LEU D 180 -0.29 -62.28 59.90
N ASP D 181 -0.61 -61.70 61.06
CA ASP D 181 -1.45 -62.35 62.06
C ASP D 181 -2.81 -62.69 61.45
N ASN D 182 -3.38 -63.86 61.72
CA ASN D 182 -4.64 -64.26 61.10
C ASN D 182 -5.81 -63.35 61.49
N SER D 183 -5.82 -62.75 62.69
CA SER D 183 -6.85 -61.76 63.05
C SER D 183 -6.69 -60.45 62.26
N PHE D 184 -5.48 -59.95 62.12
CA PHE D 184 -5.20 -58.76 61.31
C PHE D 184 -5.42 -59.00 59.82
N ALA D 185 -5.09 -60.17 59.29
CA ALA D 185 -5.37 -60.55 57.90
C ALA D 185 -6.87 -60.54 57.59
N PHE D 186 -7.72 -60.92 58.54
CA PHE D 186 -9.16 -60.79 58.42
C PHE D 186 -9.61 -59.32 58.44
N LYS D 187 -9.09 -58.48 59.35
CA LYS D 187 -9.40 -57.04 59.35
C LYS D 187 -9.00 -56.36 58.04
N LEU D 188 -7.90 -56.78 57.41
CA LEU D 188 -7.51 -56.33 56.09
C LEU D 188 -8.51 -56.81 55.03
N ALA D 189 -8.76 -58.11 54.92
CA ALA D 189 -9.62 -58.66 53.88
C ALA D 189 -11.07 -58.14 53.93
N THR D 190 -11.53 -57.66 55.09
CA THR D 190 -12.88 -57.13 55.30
C THR D 190 -12.93 -55.60 55.38
N GLN D 191 -11.84 -54.90 55.09
CA GLN D 191 -11.76 -53.44 55.13
C GLN D 191 -12.69 -52.78 54.10
N ARG D 192 -13.49 -51.81 54.54
CA ARG D 192 -14.54 -51.15 53.75
C ARG D 192 -14.12 -49.79 53.22
N HIS D 193 -14.46 -49.51 51.97
CA HIS D 193 -14.28 -48.23 51.29
C HIS D 193 -15.01 -47.11 52.04
N PRO D 194 -14.37 -46.00 52.39
CA PRO D 194 -14.89 -45.11 53.41
C PRO D 194 -16.15 -44.32 53.01
N THR D 195 -16.44 -44.16 51.72
CA THR D 195 -17.66 -43.48 51.27
C THR D 195 -18.69 -44.44 50.67
N THR D 196 -18.29 -45.45 49.91
CA THR D 196 -19.23 -46.39 49.28
C THR D 196 -19.63 -47.56 50.18
N GLY D 197 -18.82 -47.93 51.17
CA GLY D 197 -19.09 -49.04 52.08
C GLY D 197 -18.83 -50.45 51.54
N GLN D 198 -18.43 -50.59 50.27
CA GLN D 198 -18.02 -51.86 49.66
C GLN D 198 -16.71 -52.38 50.25
N LYS D 199 -16.39 -53.66 50.11
CA LYS D 199 -15.05 -54.19 50.43
C LYS D 199 -14.01 -53.63 49.48
N LEU D 200 -12.86 -53.22 50.00
CA LEU D 200 -11.71 -52.79 49.18
C LEU D 200 -11.04 -53.98 48.50
N TYR D 201 -10.89 -55.09 49.21
CA TYR D 201 -10.08 -56.24 48.79
C TYR D 201 -10.90 -57.55 48.76
N PRO D 202 -12.04 -57.62 48.05
CA PRO D 202 -12.93 -58.78 48.05
C PRO D 202 -12.24 -60.07 47.59
N GLU D 203 -11.19 -59.96 46.78
CA GLU D 203 -10.33 -61.05 46.33
C GLU D 203 -9.58 -61.78 47.44
N LEU D 204 -9.44 -61.18 48.63
CA LEU D 204 -8.77 -61.78 49.77
C LEU D 204 -9.64 -62.75 50.57
N GLY D 205 -10.93 -62.90 50.21
CA GLY D 205 -11.86 -63.74 50.96
C GLY D 205 -11.96 -63.35 52.43
N PHE D 206 -11.86 -64.32 53.33
CA PHE D 206 -11.73 -64.11 54.78
C PHE D 206 -10.31 -63.79 55.25
N GLY D 207 -9.34 -63.74 54.34
CA GLY D 207 -7.96 -63.41 54.65
C GLY D 207 -7.13 -64.54 55.21
N THR D 208 -7.61 -65.78 55.22
CA THR D 208 -6.89 -66.92 55.83
C THR D 208 -5.76 -67.47 54.95
N ASP D 209 -5.67 -67.06 53.68
CA ASP D 209 -4.77 -67.65 52.69
C ASP D 209 -4.20 -66.62 51.68
N ILE D 210 -3.99 -65.39 52.14
CA ILE D 210 -3.41 -64.29 51.37
C ILE D 210 -2.01 -64.68 50.87
N SER D 211 -1.88 -64.98 49.58
CA SER D 211 -0.63 -65.41 48.93
C SER D 211 0.32 -64.25 48.56
N GLY D 212 -0.23 -63.05 48.43
CA GLY D 212 0.49 -61.82 48.12
C GLY D 212 -0.43 -60.60 48.25
N PHE D 213 0.12 -59.45 48.64
CA PHE D 213 -0.62 -58.20 48.80
C PHE D 213 0.27 -56.99 48.49
N MET D 214 -0.25 -55.98 47.81
CA MET D 214 0.59 -55.00 47.11
C MET D 214 1.61 -55.75 46.23
N SER D 215 2.84 -55.26 46.09
CA SER D 215 3.88 -55.96 45.31
C SER D 215 4.45 -57.19 46.01
N LEU D 216 4.21 -57.33 47.32
CA LEU D 216 4.89 -58.25 48.22
C LEU D 216 4.31 -59.66 48.13
N GLY D 217 5.15 -60.69 48.25
CA GLY D 217 4.68 -62.03 48.59
C GLY D 217 4.15 -62.07 50.02
N ALA D 218 3.17 -62.89 50.34
CA ALA D 218 2.59 -62.91 51.68
C ALA D 218 2.30 -64.31 52.22
N ALA D 219 2.19 -64.38 53.54
CA ALA D 219 1.75 -65.55 54.27
C ALA D 219 1.01 -65.15 55.55
N VAL D 220 0.04 -65.96 55.97
CA VAL D 220 -0.81 -65.70 57.14
C VAL D 220 -0.64 -66.80 58.18
N SER D 221 -0.57 -66.46 59.46
CA SER D 221 -0.53 -67.43 60.55
C SER D 221 -0.81 -66.79 61.91
N ASP D 222 -1.37 -67.52 62.86
CA ASP D 222 -1.44 -67.11 64.25
C ASP D 222 -0.04 -67.02 64.89
N THR D 223 0.96 -67.74 64.39
CA THR D 223 2.34 -67.67 64.91
C THR D 223 2.91 -66.26 64.85
N VAL D 224 2.48 -65.42 63.91
CA VAL D 224 2.91 -64.03 63.79
C VAL D 224 2.49 -63.20 64.99
N ARG D 225 1.39 -63.54 65.66
CA ARG D 225 0.95 -62.93 66.92
C ARG D 225 1.67 -63.51 68.14
N GLY D 226 2.36 -64.63 67.96
CA GLY D 226 2.87 -65.49 69.03
C GLY D 226 2.07 -66.77 69.23
N GLY D 227 0.96 -66.97 68.51
CA GLY D 227 0.06 -68.11 68.67
C GLY D 227 -0.57 -68.19 70.07
N PRO D 228 -1.22 -69.31 70.41
CA PRO D 228 -1.58 -69.61 71.78
C PRO D 228 -0.35 -69.82 72.66
N GLU D 229 0.76 -70.26 72.08
CA GLU D 229 2.02 -70.53 72.76
C GLU D 229 2.47 -69.35 73.64
N ALA D 230 2.62 -68.16 73.06
CA ALA D 230 3.16 -66.99 73.75
C ALA D 230 2.32 -66.47 74.92
N VAL D 231 1.05 -66.86 75.02
CA VAL D 231 0.11 -66.40 76.05
C VAL D 231 -0.27 -67.50 77.06
N THR D 232 0.47 -68.62 77.07
CA THR D 232 0.27 -69.74 78.00
C THR D 232 0.19 -69.25 79.46
N PRO D 233 -0.89 -69.52 80.22
CA PRO D 233 -1.30 -68.68 81.36
C PRO D 233 -0.33 -68.57 82.54
N SER D 234 0.57 -69.54 82.74
CA SER D 234 1.50 -69.57 83.86
C SER D 234 2.93 -69.10 83.53
N THR D 235 3.33 -69.13 82.26
CA THR D 235 4.74 -69.00 81.85
C THR D 235 4.96 -68.27 80.54
N GLY D 236 3.95 -68.09 79.70
CA GLY D 236 4.10 -67.47 78.39
C GLY D 236 4.61 -66.04 78.49
N ALA D 237 5.45 -65.61 77.55
CA ALA D 237 6.11 -64.32 77.57
C ALA D 237 5.12 -63.15 77.62
N TYR D 238 3.97 -63.30 76.97
CA TYR D 238 2.96 -62.27 76.78
C TYR D 238 1.74 -62.44 77.66
N ARG D 239 1.82 -63.23 78.73
CA ARG D 239 0.69 -63.51 79.60
C ARG D 239 0.18 -62.29 80.39
N THR D 240 1.03 -61.31 80.65
CA THR D 240 0.71 -60.10 81.43
C THR D 240 0.77 -58.82 80.60
N THR D 241 1.76 -58.68 79.73
CA THR D 241 1.97 -57.52 78.85
C THR D 241 2.26 -58.02 77.44
N ASN D 242 1.27 -57.97 76.57
CA ASN D 242 1.38 -58.47 75.20
C ASN D 242 1.71 -57.30 74.26
N PRO D 243 2.88 -57.26 73.61
CA PRO D 243 3.12 -56.39 72.49
C PRO D 243 2.40 -57.02 71.30
N ASN D 244 1.25 -56.49 70.91
CA ASN D 244 0.42 -57.19 69.92
C ASN D 244 1.00 -57.01 68.52
N ILE D 245 1.81 -57.94 68.03
CA ILE D 245 2.27 -57.92 66.65
C ILE D 245 1.09 -58.23 65.74
N LYS D 246 0.86 -57.36 64.76
CA LYS D 246 -0.18 -57.49 63.75
C LYS D 246 0.39 -57.96 62.42
N ALA D 247 1.54 -57.45 62.01
CA ALA D 247 2.21 -57.85 60.79
C ALA D 247 3.71 -57.60 60.88
N VAL D 248 4.48 -58.30 60.06
CA VAL D 248 5.90 -58.08 59.83
C VAL D 248 6.09 -57.95 58.34
N VAL D 249 6.80 -56.94 57.89
CA VAL D 249 7.15 -56.74 56.49
C VAL D 249 8.65 -56.50 56.38
N GLY D 250 9.28 -57.00 55.33
CA GLY D 250 10.72 -56.88 55.23
C GLY D 250 11.33 -57.54 54.01
N ASP D 251 12.63 -57.41 53.87
CA ASP D 251 13.41 -58.26 52.99
C ASP D 251 13.66 -59.58 53.72
N PHE D 252 12.77 -60.54 53.52
CA PHE D 252 12.90 -61.86 54.12
C PHE D 252 14.11 -62.65 53.60
N SER D 253 14.86 -62.14 52.63
CA SER D 253 16.19 -62.65 52.32
C SER D 253 17.24 -62.34 53.41
N ALA D 254 17.00 -61.34 54.26
CA ALA D 254 17.87 -61.05 55.39
C ALA D 254 17.68 -62.02 56.57
N PHE D 255 16.63 -62.82 56.58
CA PHE D 255 16.49 -63.95 57.50
C PHE D 255 17.03 -65.20 56.82
N ARG D 256 18.19 -65.69 57.28
CA ARG D 256 18.91 -66.82 56.71
C ARG D 256 18.72 -68.01 57.62
N TRP D 257 18.30 -69.15 57.09
CA TRP D 257 17.97 -70.30 57.90
C TRP D 257 18.09 -71.59 57.11
N GLY D 258 18.25 -72.71 57.80
CA GLY D 258 18.24 -74.02 57.18
C GLY D 258 18.21 -75.16 58.18
N VAL D 259 17.88 -76.35 57.71
CA VAL D 259 17.88 -77.59 58.52
C VAL D 259 19.28 -78.18 58.57
N GLN D 260 19.97 -78.02 59.69
CA GLN D 260 21.36 -78.47 59.84
C GLN D 260 21.45 -79.99 60.02
N ALA D 261 20.51 -80.55 60.76
CA ALA D 261 20.26 -81.99 60.89
C ALA D 261 18.80 -82.25 61.26
N ASN D 262 18.36 -83.47 61.02
CA ASN D 262 16.97 -83.90 61.13
C ASN D 262 16.90 -85.33 61.67
N ILE D 263 16.05 -85.60 62.64
CA ILE D 263 15.71 -86.95 63.07
C ILE D 263 14.23 -87.19 62.75
N PRO D 264 13.91 -88.07 61.80
CA PRO D 264 12.53 -88.36 61.44
C PRO D 264 11.81 -89.10 62.57
N LEU D 265 10.48 -89.03 62.55
CA LEU D 265 9.62 -89.60 63.57
C LEU D 265 9.97 -91.06 63.85
N THR D 266 10.37 -91.36 65.07
CA THR D 266 10.88 -92.68 65.47
C THR D 266 10.26 -93.14 66.78
N LEU D 267 10.09 -94.45 66.91
CA LEU D 267 9.44 -95.11 68.04
C LEU D 267 10.44 -95.41 69.17
N ILE D 268 10.06 -95.10 70.41
CA ILE D 268 10.83 -95.34 71.62
C ILE D 268 10.10 -96.36 72.49
N GLU D 269 10.80 -97.38 72.97
CA GLU D 269 10.21 -98.51 73.70
C GLU D 269 10.84 -98.73 75.08
N TYR D 270 11.98 -98.09 75.37
CA TYR D 270 12.83 -98.41 76.51
C TYR D 270 13.21 -97.15 77.30
N GLY D 271 13.43 -97.31 78.59
CA GLY D 271 13.78 -96.21 79.47
C GLY D 271 12.63 -95.25 79.70
N ASP D 272 12.95 -94.07 80.21
CA ASP D 272 11.99 -93.04 80.61
C ASP D 272 12.32 -91.74 79.87
N PRO D 273 11.91 -91.58 78.61
CA PRO D 273 12.39 -90.55 77.70
C PRO D 273 11.87 -89.15 78.02
N ASP D 274 11.01 -88.99 79.02
CA ASP D 274 10.38 -87.72 79.38
C ASP D 274 10.18 -87.49 80.88
N GLY D 275 10.53 -88.43 81.75
CA GLY D 275 10.45 -88.25 83.20
C GLY D 275 9.17 -88.79 83.86
N SER D 276 8.30 -89.49 83.12
CA SER D 276 7.01 -90.00 83.61
C SER D 276 7.06 -91.44 84.17
N GLY D 277 8.21 -92.12 84.09
CA GLY D 277 8.40 -93.51 84.50
C GLY D 277 8.68 -94.41 83.30
N ASP D 278 9.26 -95.58 83.50
CA ASP D 278 9.83 -96.37 82.41
C ASP D 278 8.77 -96.98 81.47
N LEU D 279 9.01 -96.93 80.17
CA LEU D 279 8.07 -97.42 79.16
C LEU D 279 7.78 -98.92 79.28
N GLN D 280 8.78 -99.74 79.59
CA GLN D 280 8.58 -101.17 79.82
C GLN D 280 7.88 -101.42 81.17
N ARG D 281 8.11 -100.59 82.18
CA ARG D 281 7.46 -100.72 83.49
C ARG D 281 5.95 -100.53 83.38
N LYS D 282 5.49 -99.57 82.58
CA LYS D 282 4.08 -99.19 82.44
C LYS D 282 3.39 -99.71 81.18
N ASN D 283 4.06 -100.45 80.31
CA ASN D 283 3.54 -100.88 79.01
C ASN D 283 3.09 -99.70 78.14
N GLU D 284 4.02 -98.81 77.86
CA GLU D 284 3.83 -97.57 77.11
C GLU D 284 4.84 -97.47 75.99
N LEU D 285 4.61 -96.54 75.08
CA LEU D 285 5.48 -96.21 73.97
C LEU D 285 5.59 -94.69 73.89
N ALA D 286 6.61 -94.18 73.22
CA ALA D 286 6.64 -92.80 72.80
C ALA D 286 7.04 -92.71 71.34
N ILE D 287 6.60 -91.67 70.65
CA ILE D 287 7.10 -91.32 69.32
C ILE D 287 7.77 -89.96 69.41
N ARG D 288 8.97 -89.81 68.83
CA ARG D 288 9.74 -88.56 68.86
C ARG D 288 10.21 -88.17 67.48
N ALA D 289 10.19 -86.90 67.15
CA ALA D 289 10.91 -86.34 66.00
C ALA D 289 11.73 -85.14 66.46
N GLU D 290 12.86 -84.87 65.82
CA GLU D 290 13.68 -83.70 66.12
C GLU D 290 14.18 -83.03 64.86
N VAL D 291 14.44 -81.74 64.96
CA VAL D 291 15.10 -80.98 63.92
C VAL D 291 16.03 -79.97 64.56
N VAL D 292 17.16 -79.68 63.94
CA VAL D 292 18.01 -78.57 64.35
C VAL D 292 18.08 -77.57 63.22
N TYR D 293 17.63 -76.35 63.51
CA TYR D 293 17.57 -75.21 62.61
C TYR D 293 18.76 -74.30 62.88
N GLY D 294 19.44 -73.83 61.84
CA GLY D 294 20.26 -72.63 61.94
C GLY D 294 19.38 -71.42 61.69
N VAL D 295 19.50 -70.36 62.48
CA VAL D 295 18.76 -69.11 62.25
C VAL D 295 19.69 -67.90 62.43
N GLY D 296 19.62 -66.94 61.52
CA GLY D 296 20.44 -65.74 61.55
C GLY D 296 19.76 -64.57 60.85
N ILE D 297 19.79 -63.40 61.48
CA ILE D 297 19.21 -62.16 60.96
C ILE D 297 20.37 -61.26 60.56
N LEU D 298 20.50 -60.95 59.26
CA LEU D 298 21.66 -60.20 58.76
C LEU D 298 21.61 -58.72 59.12
N SER D 299 20.41 -58.15 59.21
CA SER D 299 20.19 -56.79 59.70
C SER D 299 18.76 -56.66 60.20
N THR D 300 18.54 -56.21 61.43
CA THR D 300 17.18 -56.03 61.94
C THR D 300 16.42 -54.97 61.14
N ASP D 301 17.12 -53.97 60.60
CA ASP D 301 16.57 -52.91 59.77
C ASP D 301 15.88 -53.41 58.49
N ALA D 302 16.21 -54.61 58.03
CA ALA D 302 15.55 -55.22 56.88
C ALA D 302 14.06 -55.50 57.13
N PHE D 303 13.60 -55.44 58.38
CA PHE D 303 12.24 -55.69 58.79
C PHE D 303 11.65 -54.45 59.45
N ALA D 304 10.33 -54.31 59.30
CA ALA D 304 9.47 -53.43 60.06
C ALA D 304 8.27 -54.20 60.61
N VAL D 305 7.70 -53.76 61.73
CA VAL D 305 6.56 -54.40 62.38
C VAL D 305 5.39 -53.46 62.56
N VAL D 306 4.19 -53.99 62.38
CA VAL D 306 2.94 -53.33 62.67
C VAL D 306 2.46 -53.87 64.00
N ARG D 307 2.14 -53.00 64.94
CA ARG D 307 1.98 -53.37 66.35
C ARG D 307 0.87 -52.58 67.02
N ASP D 308 0.30 -53.09 68.11
CA ASP D 308 -0.58 -52.33 68.99
C ASP D 308 -0.17 -52.51 70.46
N ALA D 309 0.10 -51.43 71.17
CA ALA D 309 0.57 -51.42 72.55
C ALA D 309 0.17 -50.11 73.24
N ALA E 2 32.12 -86.49 83.91
CA ALA E 2 31.11 -85.67 83.22
C ALA E 2 30.92 -86.14 81.79
N VAL E 3 29.79 -85.82 81.18
CA VAL E 3 29.46 -86.09 79.76
C VAL E 3 30.30 -85.21 78.85
N LEU E 4 30.82 -85.74 77.74
CA LEU E 4 31.54 -84.96 76.74
C LEU E 4 30.57 -84.13 75.88
N LYS E 5 30.77 -82.80 75.82
CA LYS E 5 29.94 -81.89 74.99
C LYS E 5 30.80 -81.10 74.01
N THR E 6 30.23 -80.71 72.87
CA THR E 6 30.87 -79.86 71.85
C THR E 6 31.38 -78.52 72.39
N SER E 7 30.86 -78.04 73.51
CA SER E 7 31.42 -76.93 74.28
C SER E 7 32.94 -77.03 74.48
N SER E 8 33.45 -78.23 74.78
CA SER E 8 34.86 -78.49 75.01
C SER E 8 35.75 -78.35 73.76
N PHE E 9 35.19 -78.45 72.56
CA PHE E 9 35.93 -78.43 71.30
C PHE E 9 36.21 -77.02 70.76
N GLN E 10 35.41 -76.02 71.15
CA GLN E 10 35.51 -74.62 70.70
C GLN E 10 35.57 -74.46 69.18
N LEU E 11 34.64 -75.12 68.48
CA LEU E 11 34.69 -75.25 67.02
C LEU E 11 34.54 -73.90 66.29
N PRO E 12 35.25 -73.68 65.19
CA PRO E 12 35.13 -72.45 64.40
C PRO E 12 33.82 -72.40 63.62
N ARG E 13 33.30 -71.18 63.41
CA ARG E 13 32.09 -70.92 62.62
C ARG E 13 32.35 -71.17 61.14
N HIS E 14 31.33 -71.58 60.41
CA HIS E 14 31.40 -71.72 58.96
C HIS E 14 31.26 -70.36 58.28
N LEU E 15 32.20 -69.97 57.43
CA LEU E 15 32.01 -68.81 56.55
C LEU E 15 31.05 -69.15 55.43
N VAL E 16 30.09 -68.25 55.19
CA VAL E 16 29.10 -68.39 54.11
C VAL E 16 29.49 -67.45 52.96
N PRO E 17 29.54 -67.91 51.70
CA PRO E 17 29.93 -67.10 50.56
C PRO E 17 29.04 -65.87 50.32
N GLY E 18 29.58 -64.88 49.62
CA GLY E 18 28.90 -63.65 49.25
C GLY E 18 28.92 -62.56 50.32
N VAL E 19 28.60 -61.33 49.93
CA VAL E 19 28.50 -60.15 50.82
C VAL E 19 27.09 -59.58 50.74
N TRP E 20 26.48 -59.31 51.89
CA TRP E 20 25.20 -58.61 51.95
C TRP E 20 25.41 -57.10 52.01
N GLN E 21 24.71 -56.36 51.15
CA GLN E 21 24.89 -54.93 50.96
C GLN E 21 23.54 -54.22 50.87
N LYS E 22 23.43 -53.05 51.49
CA LYS E 22 22.38 -52.06 51.15
C LYS E 22 22.71 -51.44 49.79
N ALA E 23 21.70 -51.23 48.95
CA ALA E 23 21.87 -50.62 47.63
C ALA E 23 22.21 -49.12 47.70
N GLN E 24 22.81 -48.60 46.64
CA GLN E 24 23.18 -47.20 46.48
C GLN E 24 22.26 -46.51 45.45
N GLY E 25 21.76 -45.33 45.77
CA GLY E 25 21.04 -44.51 44.79
C GLY E 25 21.95 -44.10 43.63
N GLN E 26 21.47 -44.26 42.41
CA GLN E 26 22.25 -44.01 41.18
C GLN E 26 22.17 -42.55 40.72
N SER E 27 22.95 -42.16 39.72
CA SER E 27 22.90 -40.80 39.18
C SER E 27 21.58 -40.48 38.49
N VAL E 28 20.91 -39.39 38.85
CA VAL E 28 19.77 -38.87 38.08
C VAL E 28 20.27 -38.15 36.83
N LEU E 29 21.32 -37.35 36.93
CA LEU E 29 21.78 -36.54 35.81
C LEU E 29 22.23 -37.40 34.63
N ALA E 30 22.82 -38.56 34.88
CA ALA E 30 23.18 -39.53 33.84
C ALA E 30 21.97 -40.08 33.06
N ARG E 31 20.75 -39.97 33.59
CA ARG E 31 19.51 -40.48 32.98
C ARG E 31 18.62 -39.36 32.41
N LEU E 32 18.58 -38.20 33.05
CA LEU E 32 17.79 -37.06 32.61
C LEU E 32 18.50 -36.21 31.53
N SER E 33 19.83 -36.12 31.55
CA SER E 33 20.63 -35.45 30.52
C SER E 33 21.49 -36.47 29.81
N ASN E 34 21.41 -36.58 28.49
CA ASN E 34 22.33 -37.41 27.69
C ASN E 34 23.76 -36.85 27.71
N ALA E 35 24.75 -37.74 27.78
CA ALA E 35 26.14 -37.36 27.66
C ALA E 35 26.43 -36.92 26.23
N GLU E 36 27.03 -35.75 26.07
CA GLU E 36 27.54 -35.30 24.79
C GLU E 36 29.03 -35.65 24.67
N PRO E 37 29.52 -36.08 23.51
CA PRO E 37 30.95 -36.26 23.31
C PRO E 37 31.67 -34.92 23.47
N GLN E 38 32.70 -34.88 24.30
CA GLN E 38 33.51 -33.69 24.57
C GLN E 38 35.00 -33.99 24.50
N GLU E 39 35.79 -33.05 23.99
CA GLU E 39 37.25 -33.05 24.12
C GLU E 39 37.68 -32.41 25.43
N PHE E 40 38.86 -32.77 25.94
CA PHE E 40 39.32 -32.26 27.23
C PHE E 40 39.43 -30.74 27.26
N GLY E 41 38.77 -30.09 28.22
CA GLY E 41 38.81 -28.65 28.43
C GLY E 41 37.45 -27.99 28.62
N GLU E 42 37.44 -26.69 28.86
CA GLU E 42 36.19 -25.93 28.98
C GLU E 42 35.52 -25.78 27.62
N GLN E 43 34.22 -26.05 27.58
CA GLN E 43 33.38 -25.83 26.42
C GLN E 43 32.75 -24.45 26.49
N GLN E 44 32.31 -23.90 25.36
CA GLN E 44 31.56 -22.66 25.29
C GLN E 44 30.32 -22.83 24.40
N TYR E 45 29.18 -22.34 24.89
CA TYR E 45 27.87 -22.48 24.25
C TYR E 45 27.27 -21.10 23.97
N MET E 46 26.67 -20.90 22.81
CA MET E 46 26.08 -19.63 22.40
C MET E 46 24.61 -19.55 22.86
N THR E 47 24.21 -18.45 23.49
CA THR E 47 22.83 -18.23 23.94
C THR E 47 22.26 -16.95 23.33
N LEU E 48 20.97 -16.96 23.01
CA LEU E 48 20.23 -15.76 22.63
C LEU E 48 19.80 -15.01 23.89
N THR E 49 20.25 -13.77 24.06
CA THR E 49 19.98 -12.95 25.25
C THR E 49 18.67 -12.18 25.14
N ALA E 50 18.38 -11.59 23.98
CA ALA E 50 17.12 -10.89 23.71
C ALA E 50 16.75 -10.96 22.23
N PRO E 51 15.46 -11.08 21.89
CA PRO E 51 14.99 -11.09 20.50
C PRO E 51 14.77 -9.67 19.95
N PRO E 52 14.79 -9.51 18.61
CA PRO E 52 14.42 -8.26 17.95
C PRO E 52 12.91 -8.01 18.01
N ARG E 53 12.46 -6.78 17.76
CA ARG E 53 11.05 -6.38 17.81
C ARG E 53 10.59 -5.65 16.55
N GLY E 54 9.32 -5.82 16.19
CA GLY E 54 8.68 -4.99 15.16
C GLY E 54 8.36 -3.57 15.65
N GLU E 55 8.31 -2.62 14.74
CA GLU E 55 7.97 -1.21 15.00
C GLU E 55 6.82 -0.79 14.10
N VAL E 56 5.80 -0.12 14.63
CA VAL E 56 4.70 0.44 13.83
C VAL E 56 5.07 1.83 13.32
N VAL E 57 4.95 2.06 12.01
CA VAL E 57 5.42 3.29 11.34
C VAL E 57 4.42 3.90 10.37
N GLY E 58 4.39 5.23 10.30
CA GLY E 58 3.60 6.00 9.33
C GLY E 58 4.10 5.91 7.89
N GLU E 59 3.63 6.78 7.02
CA GLU E 59 3.87 6.64 5.59
C GLU E 59 5.31 6.99 5.17
N SER E 60 5.76 8.18 5.55
CA SER E 60 7.15 8.63 5.41
C SER E 60 7.83 8.85 6.76
N ALA E 61 7.39 8.14 7.80
CA ALA E 61 7.97 8.22 9.13
C ALA E 61 9.31 7.48 9.21
N GLU E 62 10.25 7.98 10.02
CA GLU E 62 11.61 7.43 10.11
C GLU E 62 11.67 6.09 10.86
N LYS E 63 12.17 5.05 10.21
CA LYS E 63 12.30 3.69 10.77
C LYS E 63 13.47 3.53 11.74
N SER E 64 13.32 2.65 12.73
CA SER E 64 14.33 2.31 13.73
C SER E 64 14.93 0.91 13.51
N GLU E 65 15.93 0.52 14.29
CA GLU E 65 16.44 -0.85 14.34
C GLU E 65 16.36 -1.44 15.75
N SER E 66 16.14 -2.75 15.82
CA SER E 66 16.07 -3.56 17.03
C SER E 66 16.61 -4.92 16.65
N THR E 67 17.72 -5.32 17.26
CA THR E 67 18.50 -6.48 16.81
C THR E 67 18.69 -7.48 17.93
N ALA E 68 18.76 -8.76 17.58
CA ALA E 68 19.04 -9.84 18.49
C ALA E 68 20.36 -9.59 19.24
N THR E 69 20.39 -9.85 20.54
CA THR E 69 21.64 -9.84 21.32
C THR E 69 21.94 -11.25 21.80
N PHE E 70 23.21 -11.58 21.87
CA PHE E 70 23.70 -12.91 22.20
C PHE E 70 24.74 -12.81 23.31
N ALA E 71 24.93 -13.88 24.07
CA ALA E 71 26.07 -14.01 24.98
C ALA E 71 26.53 -15.46 25.08
N PRO E 72 27.82 -15.72 25.33
CA PRO E 72 28.30 -17.06 25.58
C PRO E 72 28.13 -17.48 27.04
N VAL E 73 28.00 -18.77 27.26
CA VAL E 73 28.12 -19.43 28.59
C VAL E 73 29.10 -20.57 28.49
N THR E 74 29.81 -20.90 29.57
CA THR E 74 30.96 -21.83 29.54
C THR E 74 30.83 -22.96 30.56
N SER E 75 31.33 -24.14 30.23
CA SER E 75 31.43 -25.26 31.17
C SER E 75 32.58 -25.08 32.15
N LEU E 76 32.51 -25.74 33.30
CA LEU E 76 33.67 -26.08 34.12
C LEU E 76 34.09 -27.52 33.84
N VAL E 77 35.27 -27.91 34.29
CA VAL E 77 35.80 -29.27 34.19
C VAL E 77 36.12 -29.79 35.58
N ARG E 78 35.48 -30.88 36.00
CA ARG E 78 35.68 -31.50 37.31
C ARG E 78 36.28 -32.88 37.15
N LYS E 79 37.45 -33.11 37.76
CA LYS E 79 38.06 -34.42 37.88
C LYS E 79 37.66 -35.00 39.22
N VAL E 80 37.11 -36.21 39.22
CA VAL E 80 36.74 -36.95 40.42
C VAL E 80 37.52 -38.26 40.50
N GLN E 81 38.03 -38.57 41.68
CA GLN E 81 38.82 -39.77 41.94
C GLN E 81 38.24 -40.52 43.13
N VAL E 82 38.39 -41.83 43.16
CA VAL E 82 38.21 -42.61 44.40
C VAL E 82 39.44 -43.46 44.61
N THR E 83 39.98 -43.48 45.83
CA THR E 83 41.13 -44.30 46.24
C THR E 83 40.75 -45.11 47.45
N GLN E 84 40.90 -46.42 47.41
CA GLN E 84 40.65 -47.33 48.54
C GLN E 84 41.96 -48.01 48.95
N ARG E 85 42.37 -47.91 50.21
CA ARG E 85 43.62 -48.48 50.73
C ARG E 85 43.34 -49.68 51.65
N PHE E 86 44.11 -50.76 51.52
CA PHE E 86 43.99 -51.99 52.31
C PHE E 86 45.34 -52.69 52.52
N SER E 87 45.48 -53.49 53.59
CA SER E 87 46.69 -54.26 53.90
C SER E 87 46.88 -55.43 52.93
N GLN E 88 48.10 -55.86 52.64
CA GLN E 88 48.29 -57.07 51.82
C GLN E 88 47.77 -58.34 52.50
N GLU E 89 47.65 -58.32 53.83
CA GLU E 89 46.91 -59.29 54.64
C GLU E 89 45.49 -59.52 54.10
N VAL E 90 44.78 -58.46 53.71
CA VAL E 90 43.41 -58.54 53.17
C VAL E 90 43.39 -59.17 51.79
N LYS E 91 44.40 -58.94 50.95
CA LYS E 91 44.50 -59.62 49.66
C LYS E 91 44.71 -61.11 49.84
N TRP E 92 45.60 -61.51 50.76
CA TRP E 92 45.85 -62.90 51.11
C TRP E 92 44.61 -63.59 51.69
N ALA E 93 43.92 -62.94 52.63
CA ALA E 93 42.71 -63.49 53.22
C ALA E 93 41.64 -63.72 52.15
N ASP E 94 41.35 -62.72 51.33
CA ASP E 94 40.35 -62.84 50.29
C ASP E 94 40.73 -63.92 49.25
N GLU E 95 41.94 -63.90 48.70
CA GLU E 95 42.30 -64.87 47.66
C GLU E 95 42.38 -66.31 48.19
N SER E 96 42.68 -66.52 49.47
CA SER E 96 42.64 -67.86 50.05
C SER E 96 41.22 -68.31 50.37
N ARG E 97 40.43 -67.51 51.08
CA ARG E 97 39.09 -67.88 51.58
C ARG E 97 37.94 -67.53 50.62
N GLN E 98 38.22 -66.87 49.50
CA GLN E 98 37.27 -66.47 48.47
C GLN E 98 36.14 -65.57 49.00
N LEU E 99 36.46 -64.51 49.75
CA LEU E 99 35.48 -63.60 50.36
C LEU E 99 34.74 -62.76 49.31
N GLY E 100 35.41 -62.34 48.24
CA GLY E 100 34.88 -61.36 47.29
C GLY E 100 34.93 -59.93 47.81
N VAL E 101 35.75 -59.63 48.81
CA VAL E 101 35.95 -58.28 49.31
C VAL E 101 36.55 -57.39 48.22
N LEU E 102 37.59 -57.83 47.53
CA LEU E 102 38.22 -57.03 46.48
C LEU E 102 37.27 -56.79 45.31
N GLN E 103 36.45 -57.77 44.92
CA GLN E 103 35.47 -57.57 43.86
C GLN E 103 34.34 -56.63 44.28
N THR E 104 33.83 -56.70 45.50
CA THR E 104 32.83 -55.73 45.95
C THR E 104 33.43 -54.34 46.13
N MET E 105 34.69 -54.21 46.53
CA MET E 105 35.36 -52.92 46.52
C MET E 105 35.55 -52.37 45.11
N ALA E 106 35.93 -53.20 44.15
CA ALA E 106 36.05 -52.80 42.76
C ALA E 106 34.72 -52.28 42.22
N ASP E 107 33.62 -53.01 42.46
CA ASP E 107 32.28 -52.59 42.05
C ASP E 107 31.84 -51.27 42.69
N LEU E 108 32.12 -51.07 43.97
CA LEU E 108 31.74 -49.87 44.71
C LEU E 108 32.47 -48.61 44.25
N SER E 109 33.67 -48.74 43.68
CA SER E 109 34.40 -47.59 43.14
C SER E 109 33.63 -46.93 42.00
N GLY E 110 33.09 -47.71 41.07
CA GLY E 110 32.38 -47.20 39.90
C GLY E 110 31.12 -46.42 40.26
N VAL E 111 30.30 -46.93 41.18
CA VAL E 111 29.06 -46.23 41.57
C VAL E 111 29.36 -44.94 42.31
N ALA E 112 30.47 -44.85 43.03
CA ALA E 112 30.91 -43.61 43.65
C ALA E 112 31.29 -42.54 42.61
N LEU E 113 31.94 -42.93 41.50
CA LEU E 113 32.21 -42.00 40.40
C LEU E 113 30.94 -41.59 39.66
N GLY E 114 29.96 -42.49 39.56
CA GLY E 114 28.64 -42.19 39.02
C GLY E 114 27.90 -41.16 39.86
N ARG E 115 27.73 -41.41 41.16
CA ARG E 115 27.02 -40.53 42.09
C ARG E 115 27.57 -39.11 42.10
N ALA E 116 28.87 -38.94 41.87
CA ALA E 116 29.51 -37.64 41.96
C ALA E 116 28.93 -36.61 40.97
N LEU E 117 28.48 -37.05 39.80
CA LEU E 117 27.87 -36.16 38.83
C LEU E 117 26.69 -35.39 39.42
N ASP E 118 25.86 -36.02 40.24
CA ASP E 118 24.71 -35.37 40.87
C ASP E 118 25.11 -34.44 42.00
N LEU E 119 26.06 -34.81 42.85
CA LEU E 119 26.48 -33.94 43.94
C LEU E 119 27.16 -32.68 43.38
N ILE E 120 27.93 -32.82 42.31
CA ILE E 120 28.56 -31.73 41.58
C ILE E 120 27.48 -30.87 40.92
N GLY E 121 26.68 -31.45 40.04
CA GLY E 121 25.77 -30.71 39.16
C GLY E 121 24.55 -30.14 39.88
N ILE E 122 23.94 -30.91 40.79
CA ILE E 122 22.78 -30.44 41.52
C ILE E 122 23.24 -29.55 42.67
N HIS E 123 24.09 -30.06 43.56
CA HIS E 123 24.36 -29.44 44.84
C HIS E 123 25.63 -28.59 44.88
N GLY E 124 26.56 -28.74 43.94
CA GLY E 124 27.86 -28.07 44.02
C GLY E 124 28.68 -28.45 45.25
N ILE E 125 28.75 -29.73 45.63
CA ILE E 125 29.52 -30.20 46.79
C ILE E 125 30.59 -31.22 46.41
N ASN E 126 31.69 -31.23 47.14
CA ASN E 126 32.71 -32.27 47.04
C ASN E 126 32.18 -33.53 47.74
N PRO E 127 31.91 -34.65 47.06
CA PRO E 127 31.16 -35.74 47.67
C PRO E 127 31.81 -36.31 48.93
N LEU E 128 33.13 -36.49 48.96
CA LEU E 128 33.85 -37.05 50.09
C LEU E 128 33.60 -36.33 51.42
N THR E 129 33.99 -35.07 51.52
CA THR E 129 33.82 -34.24 52.71
C THR E 129 32.43 -33.62 52.83
N GLY E 130 31.67 -33.58 51.73
CA GLY E 130 30.31 -33.02 51.67
C GLY E 130 30.25 -31.50 51.66
N ALA E 131 31.37 -30.79 51.80
CA ALA E 131 31.43 -29.33 51.81
C ALA E 131 31.19 -28.76 50.40
N ALA E 132 30.72 -27.52 50.34
CA ALA E 132 30.52 -26.81 49.08
C ALA E 132 31.85 -26.66 48.32
N LEU E 133 31.82 -26.83 47.00
CA LEU E 133 32.96 -26.57 46.13
C LEU E 133 33.33 -25.07 46.18
N ALA E 134 34.62 -24.77 46.15
CA ALA E 134 35.14 -23.48 46.60
C ALA E 134 34.92 -22.29 45.65
N GLY E 135 34.68 -22.52 44.36
CA GLY E 135 34.55 -21.45 43.36
C GLY E 135 33.21 -20.72 43.30
N THR E 136 32.22 -21.12 44.11
CA THR E 136 30.77 -20.83 43.91
C THR E 136 30.32 -21.14 42.47
N PRO E 137 30.51 -22.39 41.98
CA PRO E 137 30.24 -22.71 40.59
C PRO E 137 28.74 -22.73 40.27
N PRO E 138 28.35 -22.70 38.98
CA PRO E 138 26.97 -22.91 38.58
C PRO E 138 26.48 -24.28 39.06
N LYS E 139 25.37 -24.29 39.80
CA LYS E 139 24.68 -25.49 40.27
C LYS E 139 23.18 -25.37 40.01
N ILE E 140 22.49 -26.48 39.76
CA ILE E 140 21.04 -26.43 39.47
C ILE E 140 20.26 -25.74 40.58
N ILE E 141 20.60 -25.98 41.85
CA ILE E 141 19.89 -25.34 42.96
C ILE E 141 20.19 -23.85 43.15
N ASP E 142 20.96 -23.20 42.26
CA ASP E 142 21.03 -21.73 42.21
C ASP E 142 19.70 -21.10 41.82
N THR E 143 18.81 -21.85 41.15
CA THR E 143 17.59 -21.30 40.56
C THR E 143 16.71 -20.59 41.58
N THR E 144 16.20 -19.43 41.19
CA THR E 144 15.17 -18.70 41.93
C THR E 144 13.78 -19.30 41.75
N ASN E 145 13.60 -20.25 40.83
CA ASN E 145 12.37 -21.03 40.71
C ASN E 145 12.28 -22.09 41.83
N VAL E 146 12.07 -21.65 43.05
CA VAL E 146 11.82 -22.50 44.20
C VAL E 146 10.32 -22.60 44.45
N VAL E 147 9.82 -23.79 44.74
CA VAL E 147 8.53 -23.95 45.43
C VAL E 147 8.80 -24.49 46.82
N GLU E 148 8.29 -23.81 47.83
CA GLU E 148 8.55 -24.08 49.24
C GLU E 148 7.37 -24.83 49.80
N LEU E 149 7.61 -26.00 50.39
CA LEU E 149 6.59 -26.76 51.09
C LEU E 149 6.26 -26.10 52.45
N THR E 150 5.03 -25.64 52.58
CA THR E 150 4.43 -25.29 53.87
C THR E 150 3.77 -26.52 54.49
N THR E 151 3.46 -26.50 55.78
CA THR E 151 2.82 -27.63 56.49
C THR E 151 1.49 -28.10 55.86
N GLU E 152 0.79 -27.26 55.11
CA GLU E 152 -0.42 -27.61 54.36
C GLU E 152 -0.13 -28.22 52.98
N THR E 153 0.90 -27.75 52.27
CA THR E 153 1.31 -28.31 50.97
C THR E 153 2.11 -29.59 51.13
N LEU E 154 2.77 -29.76 52.27
CA LEU E 154 3.39 -30.99 52.70
C LEU E 154 2.34 -32.08 52.88
N GLY E 155 2.57 -33.25 52.28
CA GLY E 155 1.56 -34.30 52.14
C GLY E 155 0.77 -34.23 50.83
N LEU E 156 1.08 -33.28 49.95
CA LEU E 156 0.59 -33.21 48.57
C LEU E 156 1.74 -33.17 47.53
N PRO E 157 2.56 -34.22 47.38
CA PRO E 157 3.67 -34.22 46.45
C PRO E 157 3.33 -33.87 45.01
N ASP E 158 2.27 -34.41 44.43
CA ASP E 158 1.93 -34.13 43.03
C ASP E 158 1.63 -32.64 42.76
N GLN E 159 1.04 -31.95 43.72
CA GLN E 159 0.80 -30.52 43.63
C GLN E 159 2.08 -29.70 43.78
N ALA E 160 3.11 -30.23 44.42
CA ALA E 160 4.41 -29.59 44.46
C ALA E 160 5.13 -29.73 43.12
N ILE E 161 5.08 -30.89 42.46
CA ILE E 161 5.66 -31.09 41.13
C ILE E 161 4.98 -30.14 40.13
N GLU E 162 3.66 -30.06 40.09
CA GLU E 162 3.00 -29.18 39.11
C GLU E 162 3.31 -27.70 39.36
N ALA E 163 3.40 -27.26 40.61
CA ALA E 163 3.80 -25.88 40.89
C ALA E 163 5.20 -25.58 40.35
N ALA E 164 6.15 -26.49 40.55
CA ALA E 164 7.51 -26.34 40.06
C ALA E 164 7.55 -26.35 38.52
N VAL E 165 6.80 -27.23 37.85
CA VAL E 165 6.63 -27.17 36.39
C VAL E 165 6.13 -25.79 35.95
N GLY E 166 5.13 -25.24 36.64
CA GLY E 166 4.56 -23.95 36.30
C GLY E 166 5.58 -22.82 36.32
N LEU E 167 6.56 -22.84 37.24
CA LEU E 167 7.63 -21.85 37.27
C LEU E 167 8.60 -21.98 36.10
N VAL E 168 8.92 -23.20 35.65
CA VAL E 168 9.76 -23.36 34.47
C VAL E 168 9.03 -22.84 33.23
N LEU E 169 7.73 -23.14 33.12
CA LEU E 169 6.92 -22.72 31.99
C LEU E 169 6.72 -21.22 31.91
N ASP E 170 6.55 -20.51 33.02
CA ASP E 170 6.47 -19.04 32.98
C ASP E 170 7.84 -18.34 32.91
N ASP E 171 8.94 -19.08 32.91
CA ASP E 171 10.23 -18.65 32.34
C ASP E 171 10.42 -19.04 30.88
N SER E 172 9.36 -19.42 30.17
CA SER E 172 9.35 -19.65 28.72
C SER E 172 10.24 -20.81 28.26
N ILE E 173 10.49 -21.77 29.14
CA ILE E 173 11.22 -23.01 28.89
C ILE E 173 10.27 -24.19 29.16
N SER E 174 10.33 -25.27 28.38
CA SER E 174 9.46 -26.45 28.57
C SER E 174 10.22 -27.59 29.25
N PRO E 175 9.85 -28.01 30.46
CA PRO E 175 10.53 -29.10 31.14
C PRO E 175 10.24 -30.45 30.48
N ASN E 176 11.22 -31.34 30.53
CA ASN E 176 11.12 -32.70 29.99
C ASN E 176 11.47 -33.77 31.02
N GLY E 177 12.01 -33.38 32.18
CA GLY E 177 12.44 -34.33 33.19
C GLY E 177 12.21 -33.89 34.63
N LEU E 178 12.18 -34.88 35.50
CA LEU E 178 11.92 -34.79 36.93
C LEU E 178 12.90 -35.66 37.71
N ALA E 179 13.49 -35.12 38.77
CA ALA E 179 14.34 -35.84 39.70
C ALA E 179 13.74 -35.81 41.10
N LEU E 180 13.65 -36.97 41.76
CA LEU E 180 13.00 -37.10 43.06
C LEU E 180 13.95 -37.67 44.11
N ASP E 181 13.94 -37.13 45.33
CA ASP E 181 14.47 -37.82 46.51
C ASP E 181 13.68 -39.11 46.72
N ASN E 182 14.34 -40.25 46.91
CA ASN E 182 13.66 -41.54 47.02
C ASN E 182 12.61 -41.59 48.15
N SER E 183 12.79 -40.81 49.20
CA SER E 183 11.79 -40.69 50.27
C SER E 183 10.53 -39.96 49.80
N PHE E 184 10.69 -38.88 49.05
CA PHE E 184 9.59 -38.11 48.49
C PHE E 184 8.91 -38.86 47.34
N ALA E 185 9.65 -39.67 46.59
CA ALA E 185 9.10 -40.55 45.58
C ALA E 185 8.19 -41.63 46.20
N PHE E 186 8.52 -42.18 47.36
CA PHE E 186 7.61 -43.04 48.11
C PHE E 186 6.37 -42.27 48.58
N LYS E 187 6.54 -41.06 49.12
CA LYS E 187 5.42 -40.24 49.58
C LYS E 187 4.47 -39.84 48.44
N LEU E 188 4.98 -39.61 47.24
CA LEU E 188 4.19 -39.42 46.04
C LEU E 188 3.45 -40.71 45.65
N ALA E 189 4.16 -41.82 45.51
CA ALA E 189 3.56 -43.08 45.07
C ALA E 189 2.48 -43.62 46.00
N THR E 190 2.51 -43.26 47.28
CA THR E 190 1.54 -43.67 48.29
C THR E 190 0.53 -42.57 48.64
N GLN E 191 0.45 -41.50 47.87
CA GLN E 191 -0.47 -40.39 48.12
C GLN E 191 -1.93 -40.85 48.00
N ARG E 192 -2.72 -40.63 49.04
CA ARG E 192 -4.11 -41.09 49.13
C ARG E 192 -5.09 -39.99 48.76
N HIS E 193 -6.16 -40.36 48.06
CA HIS E 193 -7.29 -39.48 47.77
C HIS E 193 -7.90 -38.97 49.07
N PRO E 194 -8.12 -37.66 49.24
CA PRO E 194 -8.43 -37.07 50.54
C PRO E 194 -9.81 -37.40 51.11
N THR E 195 -10.73 -37.99 50.34
CA THR E 195 -12.02 -38.48 50.86
C THR E 195 -12.24 -39.97 50.63
N THR E 196 -11.95 -40.52 49.45
CA THR E 196 -12.10 -41.96 49.21
C THR E 196 -10.99 -42.82 49.79
N GLY E 197 -9.85 -42.24 50.15
CA GLY E 197 -8.70 -42.98 50.71
C GLY E 197 -7.96 -43.91 49.74
N GLN E 198 -8.37 -44.04 48.47
CA GLN E 198 -7.65 -44.85 47.48
C GLN E 198 -6.29 -44.25 47.13
N LYS E 199 -5.36 -45.02 46.58
CA LYS E 199 -4.09 -44.47 46.05
C LYS E 199 -4.38 -43.70 44.77
N LEU E 200 -3.78 -42.53 44.63
CA LEU E 200 -3.96 -41.69 43.44
C LEU E 200 -3.18 -42.20 42.22
N TYR E 201 -2.02 -42.82 42.45
CA TYR E 201 -1.05 -43.18 41.42
C TYR E 201 -0.55 -44.63 41.58
N PRO E 202 -1.43 -45.64 41.54
CA PRO E 202 -1.09 -47.01 41.87
C PRO E 202 0.01 -47.62 41.00
N GLU E 203 0.20 -47.14 39.78
CA GLU E 203 1.25 -47.56 38.86
C GLU E 203 2.67 -47.25 39.35
N LEU E 204 2.84 -46.34 40.30
CA LEU E 204 4.13 -45.98 40.87
C LEU E 204 4.65 -47.01 41.89
N GLY E 205 3.87 -48.02 42.29
CA GLY E 205 4.31 -49.01 43.27
C GLY E 205 4.68 -48.35 44.60
N PHE E 206 5.87 -48.64 45.11
CA PHE E 206 6.46 -47.94 46.26
C PHE E 206 7.36 -46.76 45.88
N GLY E 207 7.44 -46.39 44.60
CA GLY E 207 8.17 -45.20 44.15
C GLY E 207 9.67 -45.35 44.10
N THR E 208 10.21 -46.56 44.07
CA THR E 208 11.65 -46.83 44.05
C THR E 208 12.28 -46.65 42.67
N ASP E 209 11.49 -46.64 41.60
CA ASP E 209 11.94 -46.77 40.22
C ASP E 209 11.05 -45.99 39.24
N ILE E 210 10.53 -44.83 39.66
CA ILE E 210 9.59 -44.01 38.89
C ILE E 210 10.27 -43.56 37.59
N SER E 211 9.90 -44.18 36.48
CA SER E 211 10.48 -43.96 35.15
C SER E 211 9.91 -42.73 34.43
N GLY E 212 8.69 -42.34 34.77
CA GLY E 212 8.03 -41.14 34.25
C GLY E 212 6.79 -40.78 35.07
N PHE E 213 6.48 -39.50 35.18
CA PHE E 213 5.33 -38.98 35.93
C PHE E 213 4.79 -37.71 35.28
N MET E 214 3.47 -37.46 35.33
CA MET E 214 2.82 -36.47 34.48
C MET E 214 3.25 -36.72 33.02
N SER E 215 3.67 -35.72 32.25
CA SER E 215 4.22 -35.97 30.91
C SER E 215 5.73 -36.22 30.89
N LEU E 216 6.42 -36.07 32.03
CA LEU E 216 7.87 -35.98 32.14
C LEU E 216 8.52 -37.37 32.23
N GLY E 217 9.75 -37.50 31.72
CA GLY E 217 10.65 -38.58 32.13
C GLY E 217 11.13 -38.36 33.56
N ALA E 218 11.37 -39.41 34.33
CA ALA E 218 11.74 -39.26 35.74
C ALA E 218 12.89 -40.17 36.14
N ALA E 219 13.58 -39.76 37.19
CA ALA E 219 14.61 -40.55 37.84
C ALA E 219 14.58 -40.26 39.35
N VAL E 220 14.98 -41.24 40.15
CA VAL E 220 14.87 -41.16 41.60
C VAL E 220 16.16 -41.63 42.27
N SER E 221 16.60 -40.92 43.30
CA SER E 221 17.82 -41.23 44.02
C SER E 221 17.91 -40.45 45.33
N ASP E 222 18.64 -40.94 46.32
CA ASP E 222 18.96 -40.15 47.51
C ASP E 222 19.91 -38.98 47.19
N THR E 223 20.66 -39.04 46.08
CA THR E 223 21.55 -37.95 45.65
C THR E 223 20.82 -36.63 45.44
N VAL E 224 19.52 -36.65 45.18
CA VAL E 224 18.70 -35.46 45.01
C VAL E 224 18.52 -34.69 46.33
N ARG E 225 18.63 -35.35 47.47
CA ARG E 225 18.72 -34.72 48.80
C ARG E 225 20.11 -34.15 49.10
N GLY E 226 21.10 -34.52 48.29
CA GLY E 226 22.52 -34.41 48.60
C GLY E 226 23.08 -35.66 49.30
N GLY E 227 22.30 -36.74 49.38
CA GLY E 227 22.67 -38.02 49.98
C GLY E 227 23.13 -37.95 51.45
N PRO E 228 23.75 -39.02 51.98
CA PRO E 228 24.52 -38.98 53.21
C PRO E 228 25.67 -37.97 53.15
N GLU E 229 26.24 -37.73 51.98
CA GLU E 229 27.38 -36.87 51.73
C GLU E 229 27.14 -35.45 52.28
N ALA E 230 26.05 -34.79 51.93
CA ALA E 230 25.79 -33.41 52.31
C ALA E 230 25.62 -33.17 53.81
N VAL E 231 25.31 -34.19 54.60
CA VAL E 231 25.10 -34.11 56.05
C VAL E 231 26.24 -34.75 56.86
N THR E 232 27.37 -35.04 56.24
CA THR E 232 28.59 -35.54 56.91
C THR E 232 28.89 -34.73 58.17
N PRO E 233 28.92 -35.33 59.36
CA PRO E 233 28.63 -34.62 60.60
C PRO E 233 29.60 -33.48 60.93
N SER E 234 30.87 -33.59 60.56
CA SER E 234 31.88 -32.57 60.85
C SER E 234 31.98 -31.46 59.80
N THR E 235 31.57 -31.70 58.55
CA THR E 235 31.97 -30.88 57.38
C THR E 235 30.96 -30.75 56.26
N GLY E 236 29.93 -31.60 56.18
CA GLY E 236 28.97 -31.57 55.09
C GLY E 236 28.19 -30.27 55.06
N ALA E 237 27.91 -29.74 53.88
CA ALA E 237 27.34 -28.40 53.70
C ALA E 237 25.99 -28.17 54.39
N TYR E 238 25.20 -29.22 54.59
CA TYR E 238 23.85 -29.15 55.16
C TYR E 238 23.75 -29.70 56.59
N ARG E 239 24.87 -29.97 57.26
CA ARG E 239 24.91 -30.59 58.59
C ARG E 239 24.22 -29.78 59.70
N THR E 240 24.12 -28.46 59.56
CA THR E 240 23.52 -27.57 60.56
C THR E 240 22.17 -27.04 60.10
N THR E 241 22.15 -26.30 58.99
CA THR E 241 20.93 -25.85 58.31
C THR E 241 20.81 -26.58 56.98
N ASN E 242 19.70 -27.31 56.79
CA ASN E 242 19.50 -28.13 55.61
C ASN E 242 18.39 -27.53 54.73
N PRO E 243 18.66 -27.12 53.48
CA PRO E 243 17.61 -26.88 52.50
C PRO E 243 17.13 -28.25 52.02
N ASN E 244 15.96 -28.70 52.47
CA ASN E 244 15.54 -30.07 52.19
C ASN E 244 15.01 -30.20 50.76
N ILE E 245 15.87 -30.32 49.76
CA ILE E 245 15.46 -30.51 48.37
C ILE E 245 14.73 -31.84 48.29
N LYS E 246 13.44 -31.79 47.97
CA LYS E 246 12.60 -32.96 47.73
C LYS E 246 12.62 -33.39 46.28
N ALA E 247 12.65 -32.45 45.35
CA ALA E 247 12.61 -32.74 43.92
C ALA E 247 13.19 -31.59 43.08
N VAL E 248 13.59 -31.90 41.85
CA VAL E 248 14.01 -30.94 40.82
C VAL E 248 13.25 -31.20 39.54
N VAL E 249 12.68 -30.17 38.96
CA VAL E 249 11.97 -30.21 37.68
C VAL E 249 12.76 -29.38 36.70
N GLY E 250 12.89 -29.80 35.45
CA GLY E 250 13.45 -28.89 34.47
C GLY E 250 13.52 -29.37 33.04
N ASP E 251 13.99 -28.48 32.18
CA ASP E 251 14.50 -28.87 30.87
C ASP E 251 15.91 -29.40 31.06
N PHE E 252 16.02 -30.69 31.30
CA PHE E 252 17.32 -31.30 31.52
C PHE E 252 18.20 -31.31 30.27
N SER E 253 17.74 -30.83 29.13
CA SER E 253 18.63 -30.52 27.99
C SER E 253 19.54 -29.33 28.29
N ALA E 254 19.15 -28.41 29.17
CA ALA E 254 19.94 -27.23 29.55
C ALA E 254 21.11 -27.54 30.50
N PHE E 255 21.20 -28.75 31.04
CA PHE E 255 22.38 -29.24 31.74
C PHE E 255 23.18 -30.09 30.76
N ARG E 256 24.39 -29.64 30.45
CA ARG E 256 25.24 -30.16 29.37
C ARG E 256 26.47 -30.78 30.00
N TRP E 257 26.76 -32.04 29.66
CA TRP E 257 27.86 -32.76 30.29
C TRP E 257 28.42 -33.89 29.43
N GLY E 258 29.64 -34.30 29.73
CA GLY E 258 30.22 -35.49 29.13
C GLY E 258 31.49 -35.94 29.82
N VAL E 259 31.89 -37.19 29.59
CA VAL E 259 33.15 -37.73 30.07
C VAL E 259 34.26 -37.30 29.14
N GLN E 260 35.09 -36.37 29.59
CA GLN E 260 36.20 -35.84 28.80
C GLN E 260 37.40 -36.79 28.77
N ALA E 261 37.67 -37.49 29.86
CA ALA E 261 38.60 -38.59 29.96
C ALA E 261 38.28 -39.50 31.15
N ASN E 262 38.76 -40.73 31.10
CA ASN E 262 38.48 -41.78 32.04
C ASN E 262 39.78 -42.53 32.37
N ILE E 263 40.04 -42.83 33.63
CA ILE E 263 41.14 -43.71 34.06
C ILE E 263 40.52 -44.92 34.76
N PRO E 264 40.53 -46.11 34.14
CA PRO E 264 39.89 -47.28 34.70
C PRO E 264 40.56 -47.75 35.99
N LEU E 265 39.85 -48.56 36.77
CA LEU E 265 40.31 -49.05 38.06
C LEU E 265 41.66 -49.77 37.95
N THR E 266 42.62 -49.34 38.77
CA THR E 266 44.01 -49.83 38.73
C THR E 266 44.64 -49.86 40.11
N LEU E 267 45.64 -50.72 40.28
CA LEU E 267 46.35 -50.98 41.52
C LEU E 267 47.57 -50.06 41.67
N ILE E 268 47.72 -49.43 42.82
CA ILE E 268 48.88 -48.65 43.22
C ILE E 268 49.66 -49.47 44.26
N GLU E 269 50.96 -49.63 44.04
CA GLU E 269 51.85 -50.42 44.89
C GLU E 269 52.94 -49.60 45.59
N TYR E 270 53.18 -48.35 45.20
CA TYR E 270 54.37 -47.58 45.59
C TYR E 270 54.04 -46.14 45.99
N GLY E 271 54.91 -45.53 46.80
CA GLY E 271 54.73 -44.17 47.28
C GLY E 271 53.61 -44.03 48.32
N ASP E 272 53.17 -42.82 48.57
CA ASP E 272 52.11 -42.50 49.54
C ASP E 272 50.96 -41.75 48.84
N PRO E 273 50.06 -42.46 48.16
CA PRO E 273 49.12 -41.91 47.20
C PRO E 273 47.96 -41.12 47.81
N ASP E 274 47.88 -41.00 49.14
CA ASP E 274 46.75 -40.41 49.86
C ASP E 274 47.13 -39.66 51.14
N GLY E 275 48.38 -39.73 51.58
CA GLY E 275 48.90 -39.01 52.74
C GLY E 275 48.94 -39.81 54.04
N SER E 276 48.51 -41.07 54.03
CA SER E 276 48.46 -41.94 55.19
C SER E 276 49.81 -42.57 55.55
N GLY E 277 50.74 -42.67 54.61
CA GLY E 277 52.06 -43.27 54.77
C GLY E 277 52.39 -44.19 53.62
N ASP E 278 53.66 -44.48 53.36
CA ASP E 278 54.05 -45.18 52.14
C ASP E 278 53.56 -46.63 52.06
N LEU E 279 53.10 -47.08 50.89
CA LEU E 279 52.51 -48.40 50.71
C LEU E 279 53.50 -49.53 50.99
N GLN E 280 54.76 -49.41 50.58
CA GLN E 280 55.77 -50.43 50.83
C GLN E 280 56.28 -50.39 52.26
N ARG E 281 56.36 -49.20 52.89
CA ARG E 281 56.71 -49.04 54.30
C ARG E 281 55.73 -49.75 55.21
N LYS E 282 54.46 -49.78 54.80
CA LYS E 282 53.34 -50.28 55.60
C LYS E 282 52.73 -51.59 55.09
N ASN E 283 53.30 -52.20 54.07
CA ASN E 283 52.84 -53.46 53.45
C ASN E 283 51.35 -53.40 53.03
N GLU E 284 50.92 -52.25 52.54
CA GLU E 284 49.57 -51.95 52.08
C GLU E 284 49.52 -51.87 50.56
N LEU E 285 48.32 -51.67 50.04
CA LEU E 285 47.98 -51.51 48.64
C LEU E 285 46.89 -50.45 48.51
N ALA E 286 46.71 -49.88 47.33
CA ALA E 286 45.53 -49.08 47.04
C ALA E 286 44.98 -49.37 45.65
N ILE E 287 43.67 -49.24 45.46
CA ILE E 287 43.06 -49.22 44.14
C ILE E 287 42.44 -47.85 43.88
N ARG E 288 42.63 -47.33 42.68
CA ARG E 288 42.12 -46.02 42.25
C ARG E 288 41.43 -46.11 40.91
N ALA E 289 40.36 -45.34 40.77
CA ALA E 289 39.73 -45.02 39.49
C ALA E 289 39.49 -43.52 39.43
N GLU E 290 39.46 -42.95 38.23
CA GLU E 290 39.17 -41.54 38.02
C GLU E 290 38.31 -41.30 36.80
N VAL E 291 37.52 -40.23 36.82
CA VAL E 291 36.82 -39.71 35.65
C VAL E 291 36.83 -38.20 35.70
N VAL E 292 36.86 -37.56 34.55
CA VAL E 292 36.79 -36.11 34.44
C VAL E 292 35.60 -35.70 33.59
N TYR E 293 34.68 -34.97 34.20
CA TYR E 293 33.42 -34.52 33.63
C TYR E 293 33.53 -33.07 33.20
N GLY E 294 33.14 -32.74 31.97
CA GLY E 294 32.72 -31.37 31.66
C GLY E 294 31.29 -31.17 32.14
N VAL E 295 30.99 -30.06 32.81
CA VAL E 295 29.63 -29.72 33.26
C VAL E 295 29.30 -28.26 32.96
N GLY E 296 28.12 -27.97 32.44
CA GLY E 296 27.67 -26.59 32.19
C GLY E 296 26.16 -26.45 32.22
N ILE E 297 25.67 -25.31 32.67
CA ILE E 297 24.25 -24.98 32.81
C ILE E 297 23.93 -23.79 31.91
N LEU E 298 23.05 -23.95 30.93
CA LEU E 298 22.77 -22.92 29.94
C LEU E 298 21.85 -21.83 30.47
N SER E 299 20.92 -22.17 31.35
CA SER E 299 20.23 -21.20 32.19
C SER E 299 19.78 -21.84 33.50
N THR E 300 19.90 -21.14 34.62
CA THR E 300 19.29 -21.60 35.86
C THR E 300 17.76 -21.57 35.80
N ASP E 301 17.18 -20.72 34.96
CA ASP E 301 15.73 -20.66 34.74
C ASP E 301 15.15 -21.95 34.14
N ALA E 302 15.97 -22.79 33.51
CA ALA E 302 15.51 -24.06 33.00
C ALA E 302 15.11 -25.07 34.08
N PHE E 303 15.37 -24.77 35.35
CA PHE E 303 15.16 -25.65 36.49
C PHE E 303 14.33 -24.97 37.56
N ALA E 304 13.51 -25.77 38.24
CA ALA E 304 12.82 -25.41 39.46
C ALA E 304 13.06 -26.48 40.53
N VAL E 305 13.04 -26.13 41.81
CA VAL E 305 13.23 -27.09 42.91
C VAL E 305 12.06 -27.07 43.87
N VAL E 306 11.73 -28.23 44.42
CA VAL E 306 10.80 -28.39 45.52
C VAL E 306 11.62 -28.55 46.77
N ARG E 307 11.38 -27.72 47.80
CA ARG E 307 12.20 -27.70 49.01
C ARG E 307 11.38 -27.42 50.27
N ASP E 308 11.90 -27.77 51.42
CA ASP E 308 11.35 -27.40 52.72
C ASP E 308 12.44 -26.79 53.59
N ALA E 309 12.29 -25.53 53.97
CA ALA E 309 13.19 -24.81 54.86
C ALA E 309 12.44 -23.63 55.49
N ALA F 2 -36.63 8.20 14.28
CA ALA F 2 -36.02 9.07 13.25
C ALA F 2 -35.95 8.34 11.91
N VAL F 3 -36.12 9.07 10.80
CA VAL F 3 -36.01 8.51 9.44
C VAL F 3 -34.57 8.11 9.12
N LEU F 4 -34.40 6.94 8.50
CA LEU F 4 -33.11 6.48 8.02
C LEU F 4 -32.67 7.20 6.74
N LYS F 5 -31.59 7.99 6.82
CA LYS F 5 -31.02 8.77 5.71
C LYS F 5 -29.61 8.30 5.41
N THR F 6 -29.15 8.44 4.18
CA THR F 6 -27.83 7.97 3.74
C THR F 6 -26.66 8.68 4.42
N SER F 7 -26.86 9.86 5.01
CA SER F 7 -25.87 10.49 5.89
C SER F 7 -25.41 9.57 7.02
N SER F 8 -26.29 8.68 7.50
CA SER F 8 -25.97 7.72 8.55
C SER F 8 -25.00 6.62 8.10
N PHE F 9 -24.89 6.32 6.81
CA PHE F 9 -23.99 5.30 6.30
C PHE F 9 -22.57 5.80 5.99
N GLN F 10 -22.38 7.11 5.76
CA GLN F 10 -21.13 7.74 5.34
C GLN F 10 -20.41 6.94 4.23
N LEU F 11 -21.09 6.71 3.11
CA LEU F 11 -20.59 5.85 2.04
C LEU F 11 -19.33 6.43 1.35
N PRO F 12 -18.40 5.59 0.87
CA PRO F 12 -17.20 6.03 0.19
C PRO F 12 -17.49 6.49 -1.24
N ARG F 13 -16.74 7.47 -1.76
CA ARG F 13 -16.86 7.93 -3.14
C ARG F 13 -16.43 6.87 -4.15
N HIS F 14 -16.90 6.99 -5.38
CA HIS F 14 -16.46 6.13 -6.48
C HIS F 14 -15.25 6.73 -7.19
N LEU F 15 -14.06 6.16 -7.03
CA LEU F 15 -12.86 6.61 -7.73
C LEU F 15 -12.91 6.15 -9.20
N VAL F 16 -12.94 7.09 -10.13
CA VAL F 16 -13.07 6.83 -11.57
C VAL F 16 -11.69 6.65 -12.23
N PRO F 17 -11.47 5.64 -13.08
CA PRO F 17 -10.16 5.36 -13.68
C PRO F 17 -9.55 6.48 -14.52
N GLY F 18 -8.22 6.44 -14.66
CA GLY F 18 -7.42 7.39 -15.44
C GLY F 18 -7.06 8.66 -14.68
N VAL F 19 -6.23 9.50 -15.31
CA VAL F 19 -5.81 10.81 -14.80
C VAL F 19 -6.08 11.87 -15.86
N TRP F 20 -6.74 12.96 -15.48
CA TRP F 20 -6.92 14.12 -16.35
C TRP F 20 -5.74 15.06 -16.25
N GLN F 21 -5.24 15.53 -17.39
CA GLN F 21 -4.06 16.39 -17.50
C GLN F 21 -4.29 17.49 -18.54
N LYS F 22 -3.68 18.66 -18.32
CA LYS F 22 -3.39 19.59 -19.42
C LYS F 22 -2.24 19.05 -20.26
N ALA F 23 -2.27 19.25 -21.58
CA ALA F 23 -1.17 18.88 -22.47
C ALA F 23 -0.01 19.86 -22.32
N GLN F 24 1.19 19.40 -22.63
CA GLN F 24 2.42 20.20 -22.64
C GLN F 24 2.96 20.31 -24.05
N GLY F 25 3.51 21.47 -24.40
CA GLY F 25 4.23 21.61 -25.66
C GLY F 25 5.50 20.77 -25.66
N GLN F 26 5.79 20.12 -26.77
CA GLN F 26 7.00 19.32 -26.99
C GLN F 26 8.23 20.23 -27.24
N SER F 27 9.39 19.63 -27.52
CA SER F 27 10.53 20.38 -28.06
C SER F 27 10.25 20.85 -29.49
N VAL F 28 10.53 22.11 -29.78
CA VAL F 28 10.65 22.59 -31.16
C VAL F 28 12.01 22.22 -31.74
N LEU F 29 13.10 22.39 -30.98
CA LEU F 29 14.44 22.23 -31.50
C LEU F 29 14.72 20.80 -31.96
N ALA F 30 14.16 19.81 -31.29
CA ALA F 30 14.27 18.42 -31.71
C ALA F 30 13.61 18.12 -33.07
N ARG F 31 12.61 18.89 -33.49
CA ARG F 31 11.92 18.73 -34.77
C ARG F 31 12.56 19.51 -35.91
N LEU F 32 12.99 20.74 -35.62
CA LEU F 32 13.54 21.66 -36.61
C LEU F 32 15.01 21.41 -36.94
N SER F 33 15.82 20.92 -36.01
CA SER F 33 17.23 20.57 -36.18
C SER F 33 17.44 19.08 -35.94
N ASN F 34 17.93 18.32 -36.91
CA ASN F 34 18.32 16.94 -36.65
C ASN F 34 19.42 16.85 -35.58
N ALA F 35 19.28 15.93 -34.63
CA ALA F 35 20.39 15.57 -33.76
C ALA F 35 21.53 14.98 -34.59
N GLU F 36 22.77 15.34 -34.31
CA GLU F 36 23.95 14.69 -34.90
C GLU F 36 24.59 13.74 -33.88
N PRO F 37 25.27 12.68 -34.30
CA PRO F 37 26.09 11.88 -33.39
C PRO F 37 27.22 12.73 -32.82
N GLN F 38 27.42 12.69 -31.50
CA GLN F 38 28.52 13.41 -30.82
C GLN F 38 29.16 12.53 -29.75
N GLU F 39 30.47 12.47 -29.70
CA GLU F 39 31.22 11.89 -28.59
C GLU F 39 31.31 12.88 -27.42
N PHE F 40 31.32 12.36 -26.20
CA PHE F 40 31.24 13.15 -24.98
C PHE F 40 32.33 14.24 -24.92
N GLY F 41 31.90 15.47 -24.65
CA GLY F 41 32.75 16.65 -24.50
C GLY F 41 32.36 17.79 -25.46
N GLU F 42 32.92 18.97 -25.25
CA GLU F 42 32.66 20.12 -26.12
C GLU F 42 33.18 19.88 -27.54
N GLN F 43 32.39 20.28 -28.53
CA GLN F 43 32.71 20.19 -29.96
C GLN F 43 33.26 21.52 -30.46
N GLN F 44 34.03 21.52 -31.55
CA GLN F 44 34.48 22.74 -32.21
C GLN F 44 34.16 22.71 -33.71
N TYR F 45 33.56 23.79 -34.19
CA TYR F 45 33.12 23.99 -35.57
C TYR F 45 33.93 25.12 -36.19
N MET F 46 34.18 25.02 -37.49
CA MET F 46 34.93 26.01 -38.24
C MET F 46 33.99 26.85 -39.11
N THR F 47 34.11 28.18 -39.07
CA THR F 47 33.24 29.12 -39.80
C THR F 47 34.04 30.13 -40.63
N LEU F 48 33.51 30.52 -41.78
CA LEU F 48 34.03 31.59 -42.62
C LEU F 48 33.41 32.92 -42.20
N THR F 49 34.24 33.92 -41.91
CA THR F 49 33.85 35.21 -41.35
C THR F 49 33.74 36.31 -42.40
N ALA F 50 34.58 36.31 -43.43
CA ALA F 50 34.48 37.20 -44.56
C ALA F 50 35.05 36.56 -45.81
N PRO F 51 34.51 36.82 -47.01
CA PRO F 51 35.07 36.34 -48.27
C PRO F 51 36.15 37.29 -48.82
N PRO F 52 37.05 36.82 -49.70
CA PRO F 52 37.91 37.69 -50.49
C PRO F 52 37.10 38.51 -51.52
N ARG F 53 37.71 39.57 -52.05
CA ARG F 53 37.14 40.39 -53.14
C ARG F 53 38.08 40.50 -54.33
N GLY F 54 37.52 40.50 -55.53
CA GLY F 54 38.26 40.82 -56.75
C GLY F 54 38.69 42.29 -56.81
N GLU F 55 39.58 42.60 -57.73
CA GLU F 55 40.06 43.96 -58.02
C GLU F 55 40.29 44.11 -59.52
N VAL F 56 40.10 45.32 -60.04
CA VAL F 56 40.45 45.67 -61.43
C VAL F 56 41.73 46.51 -61.47
N VAL F 57 42.61 46.20 -62.42
CA VAL F 57 43.96 46.77 -62.51
C VAL F 57 44.34 47.14 -63.95
N GLY F 58 45.04 48.26 -64.14
CA GLY F 58 45.69 48.62 -65.40
C GLY F 58 46.88 47.72 -65.74
N GLU F 59 47.48 47.89 -66.92
CA GLU F 59 48.47 46.94 -67.48
C GLU F 59 49.75 46.80 -66.64
N SER F 60 50.06 47.78 -65.80
CA SER F 60 51.15 47.72 -64.81
C SER F 60 50.77 48.34 -63.46
N ALA F 61 49.49 48.37 -63.10
CA ALA F 61 49.05 48.84 -61.79
C ALA F 61 49.34 47.80 -60.70
N GLU F 62 49.61 48.25 -59.47
CA GLU F 62 49.94 47.37 -58.35
C GLU F 62 48.73 46.57 -57.86
N LYS F 63 48.79 45.24 -57.96
CA LYS F 63 47.77 44.31 -57.48
C LYS F 63 47.75 44.22 -55.94
N SER F 64 46.58 44.27 -55.30
CA SER F 64 46.42 44.30 -53.85
C SER F 64 46.32 42.93 -53.19
N GLU F 65 46.63 42.85 -51.90
CA GLU F 65 46.46 41.63 -51.08
C GLU F 65 45.03 41.63 -50.51
N SER F 66 44.27 40.52 -50.64
CA SER F 66 42.93 40.36 -50.04
C SER F 66 42.60 38.89 -49.81
N THR F 67 42.17 38.53 -48.59
CA THR F 67 42.11 37.14 -48.12
C THR F 67 40.81 36.87 -47.37
N ALA F 68 40.31 35.64 -47.41
CA ALA F 68 39.27 35.18 -46.52
C ALA F 68 39.68 35.32 -45.06
N THR F 69 38.73 35.49 -44.15
CA THR F 69 38.95 35.37 -42.71
C THR F 69 38.02 34.32 -42.12
N PHE F 70 38.48 33.61 -41.11
CA PHE F 70 37.79 32.49 -40.47
C PHE F 70 37.70 32.70 -38.96
N ALA F 71 36.74 32.08 -38.29
CA ALA F 71 36.68 31.97 -36.85
C ALA F 71 36.15 30.59 -36.44
N PRO F 72 36.59 30.03 -35.31
CA PRO F 72 36.02 28.83 -34.74
C PRO F 72 34.86 29.18 -33.80
N VAL F 73 33.95 28.24 -33.56
CA VAL F 73 32.95 28.31 -32.48
C VAL F 73 32.82 26.97 -31.79
N THR F 74 32.53 26.99 -30.51
CA THR F 74 32.57 25.82 -29.63
C THR F 74 31.21 25.56 -29.02
N SER F 75 30.78 24.31 -28.97
CA SER F 75 29.58 23.96 -28.20
C SER F 75 29.82 24.09 -26.70
N LEU F 76 28.76 24.21 -25.91
CA LEU F 76 28.77 23.84 -24.49
C LEU F 76 28.21 22.44 -24.32
N VAL F 77 28.41 21.86 -23.13
CA VAL F 77 27.84 20.58 -22.74
C VAL F 77 26.97 20.78 -21.52
N ARG F 78 25.69 20.43 -21.63
CA ARG F 78 24.63 20.69 -20.66
C ARG F 78 23.99 19.40 -20.20
N LYS F 79 24.08 19.10 -18.91
CA LYS F 79 23.58 17.86 -18.30
C LYS F 79 22.26 18.13 -17.61
N VAL F 80 21.22 17.37 -17.92
CA VAL F 80 19.88 17.57 -17.36
C VAL F 80 19.35 16.31 -16.71
N GLN F 81 18.67 16.50 -15.59
CA GLN F 81 18.10 15.43 -14.80
C GLN F 81 16.69 15.80 -14.37
N VAL F 82 15.87 14.79 -14.13
CA VAL F 82 14.62 14.94 -13.41
C VAL F 82 14.53 13.81 -12.40
N THR F 83 14.21 14.15 -11.15
CA THR F 83 14.03 13.19 -10.06
C THR F 83 12.69 13.43 -9.40
N GLN F 84 11.93 12.36 -9.18
CA GLN F 84 10.62 12.40 -8.54
C GLN F 84 10.62 11.40 -7.40
N ARG F 85 10.31 11.83 -6.17
CA ARG F 85 10.27 10.96 -4.98
C ARG F 85 8.83 10.71 -4.51
N PHE F 86 8.52 9.50 -4.08
CA PHE F 86 7.22 9.11 -3.56
C PHE F 86 7.32 8.06 -2.46
N SER F 87 6.38 8.00 -1.53
CA SER F 87 6.34 7.00 -0.45
C SER F 87 6.09 5.59 -0.98
N GLN F 88 6.58 4.55 -0.29
CA GLN F 88 6.33 3.16 -0.67
C GLN F 88 4.84 2.85 -0.89
N GLU F 89 3.98 3.44 -0.07
CA GLU F 89 2.53 3.40 -0.16
C GLU F 89 1.96 3.83 -1.52
N VAL F 90 2.58 4.78 -2.20
CA VAL F 90 2.10 5.21 -3.52
C VAL F 90 2.25 4.09 -4.53
N LYS F 91 3.29 3.25 -4.42
CA LYS F 91 3.44 2.07 -5.28
C LYS F 91 2.35 1.03 -5.04
N TRP F 92 2.01 0.80 -3.78
CA TRP F 92 0.96 -0.14 -3.36
C TRP F 92 -0.43 0.35 -3.74
N ALA F 93 -0.77 1.59 -3.43
CA ALA F 93 -2.03 2.19 -3.82
C ALA F 93 -2.19 2.17 -5.34
N ASP F 94 -1.19 2.63 -6.08
CA ASP F 94 -1.20 2.63 -7.54
C ASP F 94 -1.38 1.22 -8.10
N GLU F 95 -0.57 0.24 -7.71
CA GLU F 95 -0.63 -1.08 -8.34
C GLU F 95 -1.80 -1.94 -7.85
N SER F 96 -2.46 -1.60 -6.75
CA SER F 96 -3.69 -2.28 -6.30
C SER F 96 -4.94 -1.70 -6.97
N ARG F 97 -5.14 -0.38 -6.91
CA ARG F 97 -6.28 0.33 -7.51
C ARG F 97 -6.13 0.60 -9.01
N GLN F 98 -4.97 0.31 -9.59
CA GLN F 98 -4.64 0.60 -10.97
C GLN F 98 -4.77 2.10 -11.30
N LEU F 99 -4.23 2.98 -10.45
CA LEU F 99 -4.39 4.43 -10.58
C LEU F 99 -3.73 5.00 -11.84
N GLY F 100 -2.62 4.42 -12.30
CA GLY F 100 -1.83 4.95 -13.42
C GLY F 100 -1.01 6.20 -13.06
N VAL F 101 -0.87 6.53 -11.78
CA VAL F 101 -0.07 7.65 -11.27
C VAL F 101 1.40 7.41 -11.56
N LEU F 102 1.94 6.22 -11.29
CA LEU F 102 3.36 5.97 -11.56
C LEU F 102 3.66 6.00 -13.05
N GLN F 103 2.81 5.41 -13.89
CA GLN F 103 2.98 5.51 -15.34
C GLN F 103 2.86 6.95 -15.82
N THR F 104 1.97 7.76 -15.25
CA THR F 104 1.87 9.19 -15.54
C THR F 104 3.16 9.93 -15.18
N MET F 105 3.73 9.71 -13.99
CA MET F 105 5.02 10.30 -13.62
C MET F 105 6.16 9.81 -14.52
N ALA F 106 6.14 8.54 -14.94
CA ALA F 106 7.11 8.01 -15.88
C ALA F 106 7.05 8.72 -17.23
N ASP F 107 5.87 8.88 -17.82
CA ASP F 107 5.66 9.62 -19.06
C ASP F 107 6.06 11.09 -18.93
N LEU F 108 5.68 11.74 -17.84
CA LEU F 108 6.00 13.14 -17.58
C LEU F 108 7.51 13.41 -17.47
N SER F 109 8.32 12.44 -17.05
CA SER F 109 9.77 12.59 -17.08
C SER F 109 10.32 12.70 -18.52
N GLY F 110 9.77 11.94 -19.47
CA GLY F 110 10.23 11.92 -20.85
C GLY F 110 10.03 13.24 -21.57
N VAL F 111 8.87 13.87 -21.37
CA VAL F 111 8.61 15.21 -21.91
C VAL F 111 9.35 16.30 -21.15
N ALA F 112 9.64 16.12 -19.86
CA ALA F 112 10.45 17.08 -19.12
C ALA F 112 11.89 17.15 -19.66
N LEU F 113 12.50 16.02 -20.02
CA LEU F 113 13.81 16.03 -20.66
C LEU F 113 13.77 16.53 -22.11
N GLY F 114 12.71 16.27 -22.87
CA GLY F 114 12.53 16.84 -24.21
C GLY F 114 12.42 18.36 -24.20
N ARG F 115 11.48 18.91 -23.41
CA ARG F 115 11.29 20.37 -23.28
C ARG F 115 12.57 21.08 -22.90
N ALA F 116 13.42 20.46 -22.09
CA ALA F 116 14.63 21.10 -21.58
C ALA F 116 15.58 21.59 -22.68
N LEU F 117 15.64 20.91 -23.83
CA LEU F 117 16.47 21.32 -24.94
C LEU F 117 16.12 22.74 -25.41
N ASP F 118 14.84 23.05 -25.60
CA ASP F 118 14.39 24.37 -26.04
C ASP F 118 14.66 25.46 -25.01
N LEU F 119 14.39 25.17 -23.75
CA LEU F 119 14.62 26.10 -22.65
C LEU F 119 16.09 26.46 -22.52
N ILE F 120 16.99 25.51 -22.78
CA ILE F 120 18.43 25.78 -22.87
C ILE F 120 18.74 26.56 -24.15
N GLY F 121 18.43 25.99 -25.32
CA GLY F 121 18.89 26.48 -26.61
C GLY F 121 18.32 27.84 -27.00
N ILE F 122 17.02 28.07 -26.79
CA ILE F 122 16.38 29.33 -27.16
C ILE F 122 16.60 30.36 -26.07
N HIS F 123 16.19 30.09 -24.85
CA HIS F 123 16.12 31.11 -23.79
C HIS F 123 17.36 31.17 -22.90
N GLY F 124 18.19 30.14 -22.89
CA GLY F 124 19.38 30.09 -22.04
C GLY F 124 19.07 29.99 -20.56
N ILE F 125 17.98 29.33 -20.17
CA ILE F 125 17.52 29.25 -18.78
C ILE F 125 17.48 27.82 -18.26
N ASN F 126 17.73 27.66 -16.96
CA ASN F 126 17.60 26.39 -16.27
C ASN F 126 16.12 26.04 -16.10
N PRO F 127 15.59 24.96 -16.67
CA PRO F 127 14.15 24.77 -16.72
C PRO F 127 13.48 24.71 -15.34
N LEU F 128 14.13 24.16 -14.31
CA LEU F 128 13.53 23.97 -12.99
C LEU F 128 13.17 25.30 -12.32
N THR F 129 14.18 26.08 -12.00
CA THR F 129 14.04 27.39 -11.35
C THR F 129 13.57 28.47 -12.33
N GLY F 130 13.69 28.24 -13.64
CA GLY F 130 13.36 29.21 -14.69
C GLY F 130 14.34 30.38 -14.80
N ALA F 131 15.45 30.36 -14.05
CA ALA F 131 16.46 31.40 -14.03
C ALA F 131 17.51 31.20 -15.11
N ALA F 132 18.25 32.25 -15.46
CA ALA F 132 19.29 32.19 -16.48
C ALA F 132 20.49 31.31 -16.10
N LEU F 133 21.05 30.62 -17.07
CA LEU F 133 22.30 29.85 -16.92
C LEU F 133 23.49 30.81 -16.72
N ALA F 134 24.43 30.44 -15.85
CA ALA F 134 25.34 31.42 -15.25
C ALA F 134 26.37 32.07 -16.19
N GLY F 135 26.99 31.31 -17.09
CA GLY F 135 28.11 31.77 -17.91
C GLY F 135 27.77 32.74 -19.05
N THR F 136 26.58 33.35 -19.04
CA THR F 136 25.94 34.11 -20.13
C THR F 136 26.13 33.43 -21.50
N PRO F 137 25.65 32.18 -21.66
CA PRO F 137 26.00 31.32 -22.78
C PRO F 137 25.36 31.73 -24.12
N PRO F 138 25.79 31.15 -25.26
CA PRO F 138 25.15 31.35 -26.54
C PRO F 138 23.74 30.76 -26.57
N LYS F 139 22.76 31.54 -27.01
CA LYS F 139 21.34 31.14 -27.10
C LYS F 139 20.71 31.79 -28.32
N ILE F 140 19.69 31.17 -28.91
CA ILE F 140 19.15 31.67 -30.18
C ILE F 140 18.62 33.12 -30.05
N ILE F 141 17.99 33.52 -28.95
CA ILE F 141 17.51 34.90 -28.77
C ILE F 141 18.61 35.96 -28.57
N ASP F 142 19.89 35.62 -28.74
CA ASP F 142 20.97 36.59 -28.87
C ASP F 142 20.87 37.42 -30.16
N THR F 143 20.27 36.86 -31.21
CA THR F 143 20.32 37.43 -32.56
C THR F 143 19.91 38.89 -32.61
N THR F 144 20.67 39.68 -33.37
CA THR F 144 20.35 41.09 -33.65
C THR F 144 19.22 41.23 -34.67
N ASN F 145 18.83 40.16 -35.37
CA ASN F 145 17.66 40.13 -36.23
C ASN F 145 16.35 40.04 -35.42
N VAL F 146 15.96 41.12 -34.75
CA VAL F 146 14.73 41.21 -33.99
C VAL F 146 13.71 42.09 -34.69
N VAL F 147 12.46 41.63 -34.81
CA VAL F 147 11.32 42.44 -35.24
C VAL F 147 10.32 42.58 -34.09
N GLU F 148 10.13 43.82 -33.63
CA GLU F 148 9.22 44.22 -32.58
C GLU F 148 7.81 44.44 -33.15
N LEU F 149 6.81 43.84 -32.53
CA LEU F 149 5.41 44.14 -32.80
C LEU F 149 5.00 45.44 -32.12
N THR F 150 4.86 46.50 -32.89
CA THR F 150 4.12 47.69 -32.47
C THR F 150 2.63 47.37 -32.39
N THR F 151 1.83 48.24 -31.77
CA THR F 151 0.38 48.06 -31.72
C THR F 151 -0.30 48.01 -33.11
N GLU F 152 0.29 48.66 -34.12
CA GLU F 152 -0.15 48.62 -35.51
C GLU F 152 0.25 47.32 -36.22
N THR F 153 1.46 46.80 -35.96
CA THR F 153 1.94 45.55 -36.57
C THR F 153 1.35 44.32 -35.88
N LEU F 154 1.02 44.40 -34.59
CA LEU F 154 0.30 43.36 -33.87
C LEU F 154 -1.07 43.14 -34.55
N GLY F 155 -1.45 41.88 -34.76
CA GLY F 155 -2.59 41.52 -35.60
C GLY F 155 -2.28 41.33 -37.09
N LEU F 156 -1.01 41.43 -37.48
CA LEU F 156 -0.48 40.94 -38.76
C LEU F 156 0.62 39.87 -38.57
N PRO F 157 0.37 38.72 -37.92
CA PRO F 157 1.33 37.64 -37.75
C PRO F 157 2.12 37.22 -39.00
N ASP F 158 1.50 37.09 -40.15
CA ASP F 158 2.19 36.69 -41.38
C ASP F 158 3.16 37.77 -41.89
N GLN F 159 2.84 39.05 -41.75
CA GLN F 159 3.76 40.11 -42.10
C GLN F 159 4.91 40.19 -41.10
N ALA F 160 4.69 39.86 -39.82
CA ALA F 160 5.76 39.77 -38.85
C ALA F 160 6.70 38.60 -39.15
N ILE F 161 6.17 37.43 -39.52
CA ILE F 161 7.00 36.30 -39.92
C ILE F 161 7.79 36.63 -41.18
N GLU F 162 7.19 37.21 -42.21
CA GLU F 162 7.94 37.51 -43.42
C GLU F 162 8.94 38.65 -43.22
N ALA F 163 8.68 39.61 -42.35
CA ALA F 163 9.69 40.59 -41.94
C ALA F 163 10.88 39.90 -41.29
N ALA F 164 10.64 38.94 -40.39
CA ALA F 164 11.71 38.16 -39.79
C ALA F 164 12.47 37.33 -40.84
N VAL F 165 11.80 36.65 -41.77
CA VAL F 165 12.47 35.95 -42.88
C VAL F 165 13.34 36.91 -43.70
N GLY F 166 12.87 38.14 -43.92
CA GLY F 166 13.64 39.16 -44.60
C GLY F 166 14.96 39.48 -43.91
N LEU F 167 15.01 39.53 -42.59
CA LEU F 167 16.25 39.76 -41.85
C LEU F 167 17.27 38.62 -42.04
N VAL F 168 16.82 37.35 -42.04
CA VAL F 168 17.73 36.21 -42.23
C VAL F 168 18.30 36.23 -43.65
N LEU F 169 17.46 36.56 -44.65
CA LEU F 169 17.89 36.69 -46.04
C LEU F 169 18.82 37.88 -46.27
N ASP F 170 18.62 38.99 -45.58
CA ASP F 170 19.52 40.15 -45.57
C ASP F 170 20.91 39.76 -45.04
N ASP F 171 20.97 38.92 -44.01
CA ASP F 171 22.19 38.27 -43.52
C ASP F 171 22.65 37.07 -44.38
N SER F 172 22.17 36.94 -45.61
CA SER F 172 22.71 36.02 -46.63
C SER F 172 22.58 34.53 -46.30
N ILE F 173 21.64 34.16 -45.43
CA ILE F 173 21.36 32.79 -45.02
C ILE F 173 19.93 32.44 -45.43
N SER F 174 19.71 31.28 -46.05
CA SER F 174 18.37 30.82 -46.44
C SER F 174 17.68 30.06 -45.30
N PRO F 175 16.65 30.60 -44.64
CA PRO F 175 15.98 29.93 -43.54
C PRO F 175 15.21 28.70 -44.02
N ASN F 176 15.05 27.71 -43.14
CA ASN F 176 14.39 26.44 -43.45
C ASN F 176 13.35 26.02 -42.41
N GLY F 177 13.30 26.68 -41.26
CA GLY F 177 12.43 26.31 -40.14
C GLY F 177 11.86 27.49 -39.38
N LEU F 178 10.72 27.27 -38.75
CA LEU F 178 9.96 28.24 -37.97
C LEU F 178 9.46 27.60 -36.65
N ALA F 179 9.66 28.28 -35.53
CA ALA F 179 9.17 27.90 -34.22
C ALA F 179 8.17 28.94 -33.72
N LEU F 180 7.01 28.52 -33.23
CA LEU F 180 5.93 29.43 -32.85
C LEU F 180 5.48 29.17 -31.42
N ASP F 181 5.27 30.23 -30.65
CA ASP F 181 4.48 30.19 -29.42
C ASP F 181 3.09 29.69 -29.80
N ASN F 182 2.56 28.69 -29.09
CA ASN F 182 1.25 28.12 -29.41
C ASN F 182 0.13 29.16 -29.45
N SER F 183 0.21 30.22 -28.67
CA SER F 183 -0.77 31.29 -28.70
C SER F 183 -0.62 32.16 -29.95
N PHE F 184 0.60 32.39 -30.43
CA PHE F 184 0.86 33.14 -31.65
C PHE F 184 0.54 32.31 -32.89
N ALA F 185 0.81 31.01 -32.88
CA ALA F 185 0.39 30.10 -33.94
C ALA F 185 -1.13 30.05 -34.10
N PHE F 186 -1.88 30.14 -33.02
CA PHE F 186 -3.32 30.28 -33.05
C PHE F 186 -3.72 31.63 -33.68
N LYS F 187 -3.10 32.72 -33.22
CA LYS F 187 -3.35 34.07 -33.73
C LYS F 187 -3.01 34.22 -35.21
N LEU F 188 -2.03 33.48 -35.70
CA LEU F 188 -1.72 33.30 -37.11
C LEU F 188 -2.78 32.50 -37.84
N ALA F 189 -3.12 31.30 -37.37
CA ALA F 189 -4.08 30.44 -38.06
C ALA F 189 -5.48 31.07 -38.17
N THR F 190 -5.83 31.93 -37.22
CA THR F 190 -7.05 32.73 -37.21
C THR F 190 -6.84 34.17 -37.64
N GLN F 191 -5.75 34.53 -38.32
CA GLN F 191 -5.59 35.88 -38.86
C GLN F 191 -6.64 36.15 -39.95
N ARG F 192 -7.33 37.29 -39.86
CA ARG F 192 -8.42 37.66 -40.76
C ARG F 192 -8.08 38.95 -41.50
N HIS F 193 -8.48 39.03 -42.76
CA HIS F 193 -8.22 40.17 -43.64
C HIS F 193 -8.85 41.44 -43.07
N PRO F 194 -8.13 42.57 -43.01
CA PRO F 194 -8.55 43.73 -42.25
C PRO F 194 -9.84 44.40 -42.75
N THR F 195 -10.25 44.18 -43.99
CA THR F 195 -11.50 44.72 -44.54
C THR F 195 -12.52 43.67 -44.95
N THR F 196 -12.14 42.54 -45.54
CA THR F 196 -13.11 41.50 -45.93
C THR F 196 -13.50 40.55 -44.79
N GLY F 197 -12.74 40.52 -43.69
CA GLY F 197 -13.01 39.66 -42.54
C GLY F 197 -12.74 38.18 -42.75
N GLN F 198 -12.32 37.74 -43.93
CA GLN F 198 -12.07 36.33 -44.21
C GLN F 198 -10.78 35.84 -43.54
N LYS F 199 -10.73 34.58 -43.09
CA LYS F 199 -9.48 33.93 -42.66
C LYS F 199 -8.54 33.82 -43.85
N LEU F 200 -7.28 34.20 -43.69
CA LEU F 200 -6.27 34.04 -44.73
C LEU F 200 -5.82 32.59 -44.87
N TYR F 201 -5.76 31.85 -43.76
CA TYR F 201 -5.07 30.56 -43.67
C TYR F 201 -5.95 29.42 -43.14
N PRO F 202 -7.15 29.19 -43.71
CA PRO F 202 -8.13 28.27 -43.14
C PRO F 202 -7.61 26.84 -43.03
N GLU F 203 -6.67 26.43 -43.88
CA GLU F 203 -6.04 25.11 -43.84
C GLU F 203 -5.27 24.82 -42.54
N LEU F 204 -4.91 25.83 -41.76
CA LEU F 204 -4.20 25.68 -40.50
C LEU F 204 -5.09 25.28 -39.31
N GLY F 205 -6.41 25.29 -39.48
CA GLY F 205 -7.36 25.01 -38.40
C GLY F 205 -7.21 26.02 -37.26
N PHE F 206 -6.98 25.53 -36.04
CA PHE F 206 -6.67 26.36 -34.88
C PHE F 206 -5.17 26.58 -34.64
N GLY F 207 -4.31 26.11 -35.53
CA GLY F 207 -2.86 26.35 -35.46
C GLY F 207 -2.12 25.57 -34.37
N THR F 208 -2.73 24.62 -33.67
CA THR F 208 -2.04 23.81 -32.66
C THR F 208 -1.01 22.82 -33.20
N ASP F 209 -0.98 22.58 -34.51
CA ASP F 209 -0.20 21.52 -35.15
C ASP F 209 0.29 21.94 -36.55
N ILE F 210 0.65 23.22 -36.73
CA ILE F 210 1.21 23.71 -38.00
C ILE F 210 2.47 22.92 -38.33
N SER F 211 2.47 22.20 -39.45
CA SER F 211 3.59 21.39 -39.93
C SER F 211 4.52 22.14 -40.89
N GLY F 212 4.03 23.20 -41.54
CA GLY F 212 4.80 24.07 -42.40
C GLY F 212 4.03 25.33 -42.76
N PHE F 213 4.72 26.43 -43.04
CA PHE F 213 4.16 27.73 -43.41
C PHE F 213 5.16 28.48 -44.30
N MET F 214 4.73 29.15 -45.36
CA MET F 214 5.63 29.83 -46.31
C MET F 214 6.76 28.93 -46.83
N SER F 215 6.48 27.63 -47.00
CA SER F 215 7.45 26.56 -47.32
C SER F 215 8.60 26.34 -46.32
N LEU F 216 8.64 27.04 -45.19
CA LEU F 216 9.43 26.63 -44.04
C LEU F 216 8.81 25.37 -43.42
N GLY F 217 9.63 24.49 -42.86
CA GLY F 217 9.15 23.52 -41.88
C GLY F 217 8.75 24.25 -40.59
N ALA F 218 7.77 23.77 -39.86
CA ALA F 218 7.25 24.46 -38.69
C ALA F 218 7.10 23.55 -37.47
N ALA F 219 7.15 24.13 -36.27
CA ALA F 219 6.77 23.47 -35.03
C ALA F 219 6.16 24.48 -34.06
N VAL F 220 5.20 24.04 -33.25
CA VAL F 220 4.41 24.88 -32.36
C VAL F 220 4.57 24.40 -30.93
N SER F 221 4.91 25.28 -29.99
CA SER F 221 5.03 24.92 -28.57
C SER F 221 5.00 26.15 -27.67
N ASP F 222 4.64 26.00 -26.39
CA ASP F 222 4.79 27.07 -25.41
C ASP F 222 6.25 27.28 -25.00
N THR F 223 7.13 26.30 -25.22
CA THR F 223 8.57 26.43 -24.95
C THR F 223 9.20 27.61 -25.68
N VAL F 224 8.69 28.02 -26.84
CA VAL F 224 9.17 29.16 -27.64
C VAL F 224 8.96 30.48 -26.92
N ARG F 225 8.05 30.55 -25.96
CA ARG F 225 7.82 31.69 -25.06
C ARG F 225 8.69 31.63 -23.80
N GLY F 226 9.34 30.50 -23.53
CA GLY F 226 9.88 30.12 -22.24
C GLY F 226 8.91 29.36 -21.34
N GLY F 227 7.73 28.99 -21.84
CA GLY F 227 6.70 28.22 -21.11
C GLY F 227 6.28 28.82 -19.77
N PRO F 228 5.73 28.02 -18.85
CA PRO F 228 5.52 28.40 -17.46
C PRO F 228 6.84 28.56 -16.70
N GLU F 229 7.90 27.91 -17.15
CA GLU F 229 9.19 27.87 -16.47
C GLU F 229 9.79 29.28 -16.34
N ALA F 230 9.87 30.03 -17.43
CA ALA F 230 10.56 31.32 -17.44
C ALA F 230 9.90 32.40 -16.57
N VAL F 231 8.63 32.25 -16.24
CA VAL F 231 7.84 33.20 -15.44
C VAL F 231 7.65 32.76 -13.98
N THR F 232 8.45 31.81 -13.50
CA THR F 232 8.32 31.23 -12.15
C THR F 232 8.34 32.32 -11.06
N PRO F 233 7.38 32.37 -10.11
CA PRO F 233 7.03 33.58 -9.37
C PRO F 233 8.13 34.34 -8.62
N SER F 234 9.19 33.67 -8.17
CA SER F 234 10.27 34.28 -7.37
C SER F 234 11.66 34.22 -8.00
N THR F 235 11.84 33.45 -9.08
CA THR F 235 13.15 33.10 -9.66
C THR F 235 13.19 33.05 -11.18
N GLY F 236 12.04 32.99 -11.87
CA GLY F 236 12.01 32.96 -13.33
C GLY F 236 12.64 34.20 -13.94
N ALA F 237 13.37 34.05 -15.04
CA ALA F 237 14.04 35.15 -15.73
C ALA F 237 13.06 36.26 -16.15
N TYR F 238 11.88 35.89 -16.63
CA TYR F 238 10.87 36.77 -17.21
C TYR F 238 9.75 37.16 -16.24
N ARG F 239 9.90 36.90 -14.93
CA ARG F 239 8.86 37.21 -13.94
C ARG F 239 8.53 38.71 -13.78
N THR F 240 9.50 39.58 -14.07
CA THR F 240 9.36 41.03 -13.91
C THR F 240 9.38 41.81 -15.23
N THR F 241 10.29 41.50 -16.16
CA THR F 241 10.30 42.03 -17.52
C THR F 241 10.37 40.88 -18.53
N ASN F 242 9.34 40.68 -19.34
CA ASN F 242 9.25 39.57 -20.27
C ASN F 242 9.54 40.07 -21.69
N PRO F 243 10.48 39.49 -22.45
CA PRO F 243 10.71 39.88 -23.83
C PRO F 243 9.59 39.48 -24.80
N ASN F 244 8.69 38.57 -24.41
CA ASN F 244 7.54 38.10 -25.17
C ASN F 244 7.90 37.62 -26.59
N ILE F 245 8.78 36.63 -26.71
CA ILE F 245 9.09 35.98 -27.99
C ILE F 245 7.83 35.29 -28.52
N LYS F 246 7.39 35.69 -29.71
CA LYS F 246 6.23 35.11 -30.39
C LYS F 246 6.61 34.00 -31.35
N ALA F 247 7.67 34.21 -32.12
CA ALA F 247 8.16 33.26 -33.10
C ALA F 247 9.67 33.39 -33.27
N VAL F 248 10.31 32.31 -33.67
CA VAL F 248 11.73 32.27 -34.02
C VAL F 248 11.87 31.59 -35.36
N VAL F 249 12.56 32.21 -36.31
CA VAL F 249 12.71 31.70 -37.67
C VAL F 249 14.18 31.68 -38.04
N GLY F 250 14.64 30.70 -38.80
CA GLY F 250 16.05 30.64 -39.14
C GLY F 250 16.45 29.47 -40.01
N ASP F 251 17.75 29.38 -40.26
CA ASP F 251 18.36 28.15 -40.72
C ASP F 251 18.67 27.28 -39.51
N PHE F 252 17.76 26.40 -39.16
CA PHE F 252 17.89 25.54 -37.99
C PHE F 252 18.99 24.49 -38.15
N SER F 253 19.64 24.35 -39.31
CA SER F 253 20.88 23.58 -39.38
C SER F 253 22.06 24.30 -38.73
N ALA F 254 21.95 25.60 -38.46
CA ALA F 254 22.95 26.39 -37.74
C ALA F 254 22.89 26.22 -36.22
N PHE F 255 21.85 25.57 -35.68
CA PHE F 255 21.82 25.06 -34.30
C PHE F 255 22.27 23.60 -34.33
N ARG F 256 23.43 23.31 -33.75
CA ARG F 256 24.06 21.99 -33.77
C ARG F 256 23.96 21.37 -32.38
N TRP F 257 23.42 20.15 -32.30
CA TRP F 257 23.18 19.47 -31.03
C TRP F 257 23.12 17.95 -31.16
N GLY F 258 23.30 17.26 -30.05
CA GLY F 258 23.12 15.81 -29.94
C GLY F 258 23.09 15.34 -28.51
N VAL F 259 22.56 14.15 -28.26
CA VAL F 259 22.72 13.50 -26.95
C VAL F 259 24.11 12.88 -26.89
N GLN F 260 24.91 13.29 -25.92
CA GLN F 260 26.28 12.80 -25.75
C GLN F 260 26.33 11.55 -24.87
N ALA F 261 25.44 11.44 -23.89
CA ALA F 261 25.19 10.26 -23.09
C ALA F 261 23.77 10.31 -22.54
N ASN F 262 23.21 9.15 -22.23
CA ASN F 262 21.82 8.97 -21.82
C ASN F 262 21.70 7.92 -20.72
N ILE F 263 21.02 8.24 -19.63
CA ILE F 263 20.66 7.32 -18.54
C ILE F 263 19.13 7.19 -18.56
N PRO F 264 18.57 6.13 -19.14
CA PRO F 264 17.13 5.96 -19.25
C PRO F 264 16.48 5.79 -17.87
N LEU F 265 15.17 6.04 -17.77
CA LEU F 265 14.42 6.10 -16.53
C LEU F 265 14.68 4.91 -15.60
N THR F 266 15.06 5.17 -14.35
CA THR F 266 15.56 4.19 -13.40
C THR F 266 15.00 4.45 -12.01
N LEU F 267 14.92 3.40 -11.20
CA LEU F 267 14.48 3.44 -9.81
C LEU F 267 15.69 3.47 -8.87
N ILE F 268 15.73 4.44 -7.97
CA ILE F 268 16.71 4.59 -6.90
C ILE F 268 16.04 4.16 -5.58
N GLU F 269 16.67 3.27 -4.82
CA GLU F 269 16.08 2.68 -3.62
C GLU F 269 16.88 2.94 -2.34
N TYR F 270 18.04 3.59 -2.42
CA TYR F 270 19.03 3.70 -1.35
C TYR F 270 19.67 5.08 -1.28
N GLY F 271 20.14 5.48 -0.11
CA GLY F 271 20.73 6.80 0.08
C GLY F 271 19.69 7.90 0.00
N ASP F 272 20.13 9.11 -0.31
CA ASP F 272 19.32 10.31 -0.35
C ASP F 272 19.64 11.12 -1.61
N PRO F 273 18.97 10.84 -2.74
CA PRO F 273 19.33 11.42 -4.03
C PRO F 273 18.98 12.89 -4.20
N ASP F 274 18.30 13.52 -3.24
CA ASP F 274 17.71 14.85 -3.39
C ASP F 274 17.77 15.74 -2.14
N GLY F 275 18.15 15.19 -0.98
CA GLY F 275 18.34 15.93 0.27
C GLY F 275 17.20 15.85 1.30
N SER F 276 16.10 15.16 0.99
CA SER F 276 14.92 15.09 1.86
C SER F 276 15.07 14.09 3.02
N GLY F 277 16.06 13.21 3.00
CA GLY F 277 16.24 12.12 3.96
C GLY F 277 16.45 10.79 3.26
N ASP F 278 16.98 9.79 3.95
CA ASP F 278 17.33 8.52 3.33
C ASP F 278 16.10 7.70 2.90
N LEU F 279 16.14 7.17 1.69
CA LEU F 279 15.07 6.38 1.08
C LEU F 279 14.72 5.15 1.89
N GLN F 280 15.70 4.44 2.45
CA GLN F 280 15.45 3.31 3.31
C GLN F 280 14.97 3.76 4.69
N ARG F 281 15.46 4.87 5.22
CA ARG F 281 15.03 5.39 6.53
C ARG F 281 13.57 5.83 6.52
N LYS F 282 13.14 6.60 5.52
CA LYS F 282 11.77 7.10 5.39
C LYS F 282 10.87 6.18 4.59
N ASN F 283 11.38 5.08 4.03
CA ASN F 283 10.61 4.10 3.26
C ASN F 283 9.94 4.72 2.02
N GLU F 284 10.77 5.32 1.20
CA GLU F 284 10.38 6.06 0.00
C GLU F 284 11.17 5.50 -1.17
N LEU F 285 10.72 5.81 -2.36
CA LEU F 285 11.37 5.48 -3.62
C LEU F 285 11.57 6.76 -4.41
N ALA F 286 12.51 6.75 -5.33
CA ALA F 286 12.68 7.83 -6.29
C ALA F 286 12.93 7.27 -7.68
N ILE F 287 12.43 7.95 -8.69
CA ILE F 287 12.75 7.65 -10.09
C ILE F 287 13.54 8.80 -10.67
N ARG F 288 14.55 8.47 -11.46
CA ARG F 288 15.44 9.43 -12.11
C ARG F 288 15.58 9.13 -13.59
N ALA F 289 15.59 10.17 -14.40
CA ALA F 289 15.98 10.12 -15.79
C ALA F 289 16.94 11.26 -16.04
N GLU F 290 17.93 11.02 -16.90
CA GLU F 290 18.99 11.97 -17.12
C GLU F 290 19.59 11.84 -18.51
N VAL F 291 19.86 12.98 -19.14
CA VAL F 291 20.51 13.05 -20.45
C VAL F 291 21.48 14.21 -20.43
N VAL F 292 22.57 14.10 -21.19
CA VAL F 292 23.47 15.22 -21.45
C VAL F 292 23.43 15.58 -22.93
N TYR F 293 23.19 16.87 -23.20
CA TYR F 293 23.15 17.46 -24.52
C TYR F 293 24.43 18.23 -24.79
N GLY F 294 25.01 18.10 -25.97
CA GLY F 294 25.93 19.10 -26.51
C GLY F 294 25.14 20.13 -27.32
N VAL F 295 25.37 21.43 -27.13
CA VAL F 295 24.66 22.48 -27.88
C VAL F 295 25.59 23.61 -28.33
N GLY F 296 25.50 24.02 -29.60
CA GLY F 296 26.25 25.16 -30.12
C GLY F 296 25.53 25.81 -31.30
N ILE F 297 25.66 27.11 -31.45
CA ILE F 297 25.05 27.88 -32.56
C ILE F 297 26.15 28.42 -33.45
N LEU F 298 26.14 28.07 -34.74
CA LEU F 298 27.20 28.42 -35.68
C LEU F 298 27.28 29.91 -35.96
N SER F 299 26.14 30.53 -36.22
CA SER F 299 26.00 31.98 -36.21
C SER F 299 24.66 32.37 -35.62
N THR F 300 24.64 33.40 -34.80
CA THR F 300 23.39 33.96 -34.31
C THR F 300 22.61 34.66 -35.45
N ASP F 301 23.28 35.13 -36.49
CA ASP F 301 22.65 35.72 -37.67
C ASP F 301 21.82 34.73 -38.50
N ALA F 302 21.99 33.41 -38.31
CA ALA F 302 21.14 32.42 -38.95
C ALA F 302 19.69 32.43 -38.45
N PHE F 303 19.38 33.22 -37.42
CA PHE F 303 18.08 33.29 -36.76
C PHE F 303 17.56 34.72 -36.74
N ALA F 304 16.24 34.86 -36.73
CA ALA F 304 15.54 36.08 -36.42
C ALA F 304 14.36 35.79 -35.49
N VAL F 305 13.98 36.74 -34.65
CA VAL F 305 12.88 36.57 -33.69
C VAL F 305 11.83 37.64 -33.84
N VAL F 306 10.58 37.25 -33.70
CA VAL F 306 9.43 38.15 -33.58
C VAL F 306 9.11 38.26 -32.10
N ARG F 307 8.94 39.45 -31.58
CA ARG F 307 8.67 39.65 -30.14
C ARG F 307 7.88 40.93 -29.85
N ASP F 308 7.52 41.15 -28.59
CA ASP F 308 6.80 42.36 -28.17
C ASP F 308 7.32 42.91 -26.84
N ALA F 309 8.29 43.82 -26.91
CA ALA F 309 8.82 44.53 -25.75
C ALA F 309 9.26 45.94 -26.12
N ALA G 2 -91.11 36.78 -39.15
CA ALA G 2 -89.64 36.89 -39.25
C ALA G 2 -89.00 35.54 -39.59
N VAL G 3 -88.01 35.54 -40.47
CA VAL G 3 -87.14 34.38 -40.79
C VAL G 3 -86.32 33.94 -39.58
N LEU G 4 -86.13 32.63 -39.44
CA LEU G 4 -85.31 32.02 -38.40
C LEU G 4 -83.81 32.10 -38.72
N LYS G 5 -83.02 32.65 -37.79
CA LYS G 5 -81.55 32.77 -37.90
C LYS G 5 -80.84 32.08 -36.73
N THR G 6 -79.63 31.59 -36.96
CA THR G 6 -78.82 30.85 -35.98
C THR G 6 -78.44 31.65 -34.73
N SER G 7 -78.59 32.98 -34.71
CA SER G 7 -78.38 33.78 -33.49
C SER G 7 -79.33 33.38 -32.35
N SER G 8 -80.56 33.00 -32.70
CA SER G 8 -81.55 32.46 -31.76
C SER G 8 -81.19 31.11 -31.15
N PHE G 9 -80.18 30.42 -31.69
CA PHE G 9 -79.66 29.18 -31.11
C PHE G 9 -78.44 29.42 -30.20
N GLN G 10 -77.76 30.56 -30.27
CA GLN G 10 -76.51 30.82 -29.53
C GLN G 10 -75.54 29.64 -29.56
N LEU G 11 -75.14 29.20 -30.76
CA LEU G 11 -74.42 27.94 -30.92
C LEU G 11 -73.08 27.93 -30.17
N PRO G 12 -72.72 26.83 -29.48
CA PRO G 12 -71.42 26.70 -28.83
C PRO G 12 -70.32 26.39 -29.84
N ARG G 13 -69.07 26.79 -29.56
CA ARG G 13 -67.94 26.53 -30.47
C ARG G 13 -67.56 25.07 -30.56
N HIS G 14 -66.90 24.68 -31.64
CA HIS G 14 -66.29 23.37 -31.80
C HIS G 14 -64.85 23.36 -31.27
N LEU G 15 -64.62 22.78 -30.09
CA LEU G 15 -63.28 22.59 -29.53
C LEU G 15 -62.54 21.47 -30.26
N VAL G 16 -61.46 21.81 -30.93
CA VAL G 16 -60.68 20.92 -31.78
C VAL G 16 -59.58 20.24 -30.96
N PRO G 17 -59.35 18.92 -31.12
CA PRO G 17 -58.26 18.21 -30.43
C PRO G 17 -56.86 18.77 -30.69
N GLY G 18 -55.94 18.58 -29.75
CA GLY G 18 -54.52 18.94 -29.84
C GLY G 18 -54.17 20.30 -29.23
N VAL G 19 -52.92 20.46 -28.80
CA VAL G 19 -52.41 21.70 -28.19
C VAL G 19 -51.28 22.27 -29.04
N TRP G 20 -51.42 23.51 -29.49
CA TRP G 20 -50.35 24.25 -30.17
C TRP G 20 -49.34 24.83 -29.17
N GLN G 21 -48.05 24.63 -29.39
CA GLN G 21 -46.98 24.98 -28.45
C GLN G 21 -45.86 25.72 -29.16
N LYS G 22 -45.23 26.70 -28.51
CA LYS G 22 -43.92 27.18 -28.89
C LYS G 22 -42.87 26.10 -28.65
N ALA G 23 -41.84 26.05 -29.49
CA ALA G 23 -40.71 25.14 -29.31
C ALA G 23 -39.91 25.49 -28.05
N GLN G 24 -39.40 24.47 -27.37
CA GLN G 24 -38.51 24.61 -26.22
C GLN G 24 -37.07 24.21 -26.57
N GLY G 25 -36.09 24.98 -26.11
CA GLY G 25 -34.69 24.63 -26.27
C GLY G 25 -34.31 23.42 -25.43
N GLN G 26 -33.76 22.41 -26.08
CA GLN G 26 -33.25 21.19 -25.46
C GLN G 26 -31.93 21.41 -24.73
N SER G 27 -31.47 20.43 -23.95
CA SER G 27 -30.14 20.46 -23.34
C SER G 27 -29.02 20.56 -24.38
N VAL G 28 -28.06 21.45 -24.16
CA VAL G 28 -26.80 21.44 -24.91
C VAL G 28 -25.83 20.45 -24.32
N LEU G 29 -25.77 20.33 -22.99
CA LEU G 29 -24.79 19.47 -22.34
C LEU G 29 -25.00 18.01 -22.69
N ALA G 30 -26.24 17.56 -22.89
CA ALA G 30 -26.54 16.19 -23.27
C ALA G 30 -26.05 15.80 -24.69
N ARG G 31 -25.82 16.77 -25.56
CA ARG G 31 -25.28 16.59 -26.91
C ARG G 31 -23.78 16.81 -26.97
N LEU G 32 -23.28 17.82 -26.25
CA LEU G 32 -21.88 18.19 -26.27
C LEU G 32 -20.99 17.28 -25.42
N SER G 33 -21.49 16.73 -24.31
CA SER G 33 -20.76 15.81 -23.43
C SER G 33 -21.52 14.50 -23.25
N ASN G 34 -20.88 13.36 -23.49
CA ASN G 34 -21.53 12.05 -23.37
C ASN G 34 -21.78 11.67 -21.90
N ALA G 35 -22.93 11.07 -21.62
CA ALA G 35 -23.20 10.48 -20.31
C ALA G 35 -22.26 9.30 -20.04
N GLU G 36 -21.44 9.39 -18.99
CA GLU G 36 -20.75 8.22 -18.47
C GLU G 36 -21.72 7.39 -17.61
N PRO G 37 -21.68 6.05 -17.65
CA PRO G 37 -22.45 5.25 -16.72
C PRO G 37 -21.95 5.47 -15.29
N GLN G 38 -22.85 5.77 -14.35
CA GLN G 38 -22.51 6.07 -12.96
C GLN G 38 -23.38 5.26 -12.00
N GLU G 39 -22.79 4.78 -10.91
CA GLU G 39 -23.53 4.27 -9.75
C GLU G 39 -23.94 5.42 -8.81
N PHE G 40 -24.92 5.20 -7.94
CA PHE G 40 -25.47 6.25 -7.09
C PHE G 40 -24.43 6.81 -6.09
N GLY G 41 -24.20 8.11 -6.10
CA GLY G 41 -23.34 8.81 -5.15
C GLY G 41 -22.21 9.60 -5.80
N GLU G 42 -21.47 10.38 -5.00
CA GLU G 42 -20.43 11.24 -5.52
C GLU G 42 -19.26 10.43 -6.12
N GLN G 43 -18.98 10.65 -7.39
CA GLN G 43 -17.79 10.19 -8.08
C GLN G 43 -16.58 11.05 -7.67
N GLN G 44 -15.38 10.51 -7.85
CA GLN G 44 -14.11 11.22 -7.67
C GLN G 44 -13.20 10.96 -8.86
N TYR G 45 -12.62 12.02 -9.41
CA TYR G 45 -11.72 11.99 -10.55
C TYR G 45 -10.35 12.51 -10.12
N MET G 46 -9.27 11.92 -10.63
CA MET G 46 -7.90 12.25 -10.23
C MET G 46 -7.20 13.12 -11.28
N THR G 47 -6.56 14.21 -10.88
CA THR G 47 -6.04 15.22 -11.81
C THR G 47 -4.60 15.59 -11.54
N LEU G 48 -3.79 15.74 -12.59
CA LEU G 48 -2.45 16.32 -12.48
C LEU G 48 -2.57 17.81 -12.18
N THR G 49 -1.89 18.27 -11.14
CA THR G 49 -1.91 19.67 -10.70
C THR G 49 -0.72 20.45 -11.23
N ALA G 50 0.47 19.87 -11.20
CA ALA G 50 1.68 20.45 -11.80
C ALA G 50 2.66 19.36 -12.25
N PRO G 51 3.32 19.50 -13.40
CA PRO G 51 4.27 18.53 -13.90
C PRO G 51 5.68 18.66 -13.29
N PRO G 52 6.51 17.60 -13.35
CA PRO G 52 7.93 17.66 -13.00
C PRO G 52 8.72 18.52 -14.00
N ARG G 53 9.80 19.15 -13.57
CA ARG G 53 10.70 19.93 -14.44
C ARG G 53 12.12 19.40 -14.42
N GLY G 54 12.80 19.46 -15.55
CA GLY G 54 14.22 19.14 -15.65
C GLY G 54 15.09 20.20 -14.99
N GLU G 55 16.21 19.82 -14.42
CA GLU G 55 17.21 20.71 -13.85
C GLU G 55 18.51 20.52 -14.60
N VAL G 56 19.21 21.60 -14.97
CA VAL G 56 20.59 21.51 -15.47
C VAL G 56 21.58 21.63 -14.33
N VAL G 57 22.57 20.74 -14.33
CA VAL G 57 23.54 20.52 -13.24
C VAL G 57 24.95 20.36 -13.80
N GLY G 58 25.94 20.91 -13.09
CA GLY G 58 27.37 20.72 -13.36
C GLY G 58 27.88 19.33 -12.99
N GLU G 59 29.20 19.13 -13.03
CA GLU G 59 29.83 17.81 -12.86
C GLU G 59 29.56 17.15 -11.50
N SER G 60 29.85 17.84 -10.40
CA SER G 60 29.56 17.36 -9.03
C SER G 60 28.61 18.30 -8.28
N ALA G 61 27.72 18.96 -9.02
CA ALA G 61 26.64 19.76 -8.47
C ALA G 61 25.57 18.87 -7.82
N GLU G 62 25.05 19.28 -6.67
CA GLU G 62 23.97 18.59 -5.96
C GLU G 62 22.66 18.65 -6.75
N LYS G 63 22.13 17.49 -7.14
CA LYS G 63 20.84 17.38 -7.83
C LYS G 63 19.66 17.70 -6.91
N SER G 64 18.59 18.26 -7.46
CA SER G 64 17.30 18.50 -6.79
C SER G 64 16.27 17.40 -7.10
N GLU G 65 15.09 17.46 -6.49
CA GLU G 65 13.89 16.77 -6.98
C GLU G 65 12.76 17.75 -7.35
N SER G 66 11.94 17.33 -8.31
CA SER G 66 10.77 18.04 -8.80
C SER G 66 9.72 17.01 -9.15
N THR G 67 9.06 16.45 -8.14
CA THR G 67 8.02 15.42 -8.32
C THR G 67 6.72 16.01 -8.86
N ALA G 68 5.98 15.26 -9.66
CA ALA G 68 4.63 15.63 -10.06
C ALA G 68 3.71 15.81 -8.84
N THR G 69 2.70 16.67 -8.96
CA THR G 69 1.69 16.86 -7.90
C THR G 69 0.29 16.61 -8.44
N PHE G 70 -0.57 16.05 -7.61
CA PHE G 70 -1.91 15.59 -7.98
C PHE G 70 -2.96 16.12 -7.02
N ALA G 71 -4.20 16.21 -7.47
CA ALA G 71 -5.34 16.50 -6.62
C ALA G 71 -6.61 15.84 -7.17
N PRO G 72 -7.55 15.44 -6.31
CA PRO G 72 -8.85 14.96 -6.72
C PRO G 72 -9.85 16.11 -6.92
N VAL G 73 -10.87 15.83 -7.70
CA VAL G 73 -12.12 16.61 -7.80
C VAL G 73 -13.29 15.65 -7.69
N THR G 74 -14.45 16.11 -7.24
CA THR G 74 -15.61 15.24 -6.94
C THR G 74 -16.88 15.74 -7.61
N SER G 75 -17.71 14.83 -8.13
CA SER G 75 -19.01 15.20 -8.66
C SER G 75 -19.97 15.51 -7.51
N LEU G 76 -20.76 16.58 -7.60
CA LEU G 76 -21.95 16.67 -6.76
C LEU G 76 -23.06 15.78 -7.33
N VAL G 77 -23.98 15.35 -6.48
CA VAL G 77 -25.17 14.59 -6.86
C VAL G 77 -26.38 15.49 -6.75
N ARG G 78 -27.13 15.63 -7.84
CA ARG G 78 -28.26 16.55 -7.98
C ARG G 78 -29.51 15.78 -8.37
N LYS G 79 -30.55 15.87 -7.56
CA LYS G 79 -31.85 15.22 -7.77
C LYS G 79 -32.83 16.24 -8.27
N VAL G 80 -33.41 16.01 -9.43
CA VAL G 80 -34.31 16.92 -10.13
C VAL G 80 -35.69 16.31 -10.18
N GLN G 81 -36.72 17.04 -9.77
CA GLN G 81 -38.10 16.59 -9.81
C GLN G 81 -38.96 17.59 -10.58
N VAL G 82 -39.95 17.11 -11.30
CA VAL G 82 -41.05 17.93 -11.79
C VAL G 82 -42.37 17.33 -11.34
N THR G 83 -43.21 18.11 -10.68
CA THR G 83 -44.55 17.70 -10.25
C THR G 83 -45.60 18.64 -10.81
N GLN G 84 -46.61 18.10 -11.47
CA GLN G 84 -47.73 18.86 -12.03
C GLN G 84 -49.03 18.40 -11.39
N ARG G 85 -49.92 19.32 -11.07
CA ARG G 85 -51.16 19.06 -10.31
C ARG G 85 -52.36 19.67 -11.00
N PHE G 86 -53.47 18.92 -11.03
CA PHE G 86 -54.68 19.27 -11.77
C PHE G 86 -55.92 18.59 -11.18
N SER G 87 -57.12 19.15 -11.39
CA SER G 87 -58.38 18.61 -10.87
C SER G 87 -58.79 17.33 -11.59
N GLN G 88 -59.49 16.39 -10.95
CA GLN G 88 -60.08 15.24 -11.65
C GLN G 88 -61.01 15.65 -12.80
N GLU G 89 -61.63 16.83 -12.69
CA GLU G 89 -62.43 17.46 -13.75
C GLU G 89 -61.62 17.71 -15.03
N VAL G 90 -60.34 18.06 -14.92
CA VAL G 90 -59.44 18.19 -16.07
C VAL G 90 -59.25 16.83 -16.73
N LYS G 91 -59.10 15.75 -15.97
CA LYS G 91 -59.05 14.40 -16.52
C LYS G 91 -60.34 14.05 -17.25
N TRP G 92 -61.50 14.32 -16.67
CA TRP G 92 -62.80 14.06 -17.29
C TRP G 92 -63.00 14.86 -18.58
N ALA G 93 -62.69 16.14 -18.60
CA ALA G 93 -62.75 16.97 -19.79
C ALA G 93 -61.81 16.48 -20.89
N ASP G 94 -60.53 16.26 -20.58
CA ASP G 94 -59.56 15.76 -21.54
C ASP G 94 -59.94 14.37 -22.06
N GLU G 95 -60.28 13.42 -21.20
CA GLU G 95 -60.54 12.05 -21.65
C GLU G 95 -61.84 11.95 -22.44
N SER G 96 -62.86 12.77 -22.14
CA SER G 96 -64.10 12.79 -22.91
C SER G 96 -63.94 13.51 -24.24
N ARG G 97 -63.40 14.74 -24.25
CA ARG G 97 -63.28 15.56 -25.47
C ARG G 97 -62.06 15.28 -26.31
N GLN G 98 -61.17 14.40 -25.85
CA GLN G 98 -59.90 14.02 -26.48
C GLN G 98 -58.98 15.22 -26.72
N LEU G 99 -58.84 16.12 -25.74
CA LEU G 99 -58.08 17.38 -25.91
C LEU G 99 -56.58 17.19 -26.08
N GLY G 100 -55.98 16.14 -25.50
CA GLY G 100 -54.54 15.92 -25.46
C GLY G 100 -53.81 16.73 -24.38
N VAL G 101 -54.52 17.32 -23.42
CA VAL G 101 -53.93 18.17 -22.39
C VAL G 101 -53.02 17.36 -21.47
N LEU G 102 -53.42 16.19 -21.00
CA LEU G 102 -52.57 15.37 -20.15
C LEU G 102 -51.42 14.72 -20.92
N GLN G 103 -51.60 14.36 -22.19
CA GLN G 103 -50.47 13.86 -22.98
C GLN G 103 -49.41 14.94 -23.18
N THR G 104 -49.78 16.17 -23.49
CA THR G 104 -48.79 17.25 -23.55
C THR G 104 -48.17 17.55 -22.20
N MET G 105 -48.90 17.51 -21.09
CA MET G 105 -48.28 17.61 -19.77
C MET G 105 -47.26 16.49 -19.52
N ALA G 106 -47.52 15.26 -19.96
CA ALA G 106 -46.54 14.20 -19.88
C ALA G 106 -45.29 14.52 -20.71
N ASP G 107 -45.44 14.91 -21.97
CA ASP G 107 -44.30 15.32 -22.82
C ASP G 107 -43.50 16.49 -22.24
N LEU G 108 -44.17 17.51 -21.72
CA LEU G 108 -43.54 18.68 -21.14
C LEU G 108 -42.70 18.35 -19.91
N SER G 109 -42.99 17.27 -19.18
CA SER G 109 -42.16 16.90 -18.03
C SER G 109 -40.78 16.38 -18.46
N GLY G 110 -40.71 15.64 -19.56
CA GLY G 110 -39.47 15.08 -20.08
C GLY G 110 -38.48 16.15 -20.47
N VAL G 111 -38.93 17.16 -21.22
CA VAL G 111 -38.09 18.30 -21.57
C VAL G 111 -37.74 19.16 -20.35
N ALA G 112 -38.62 19.31 -19.36
CA ALA G 112 -38.29 20.08 -18.17
C ALA G 112 -37.13 19.46 -17.37
N LEU G 113 -37.06 18.14 -17.26
CA LEU G 113 -35.95 17.44 -16.64
C LEU G 113 -34.68 17.44 -17.50
N GLY G 114 -34.80 17.37 -18.82
CA GLY G 114 -33.67 17.49 -19.75
C GLY G 114 -33.04 18.85 -19.70
N ARG G 115 -33.82 19.93 -19.74
CA ARG G 115 -33.33 21.31 -19.60
C ARG G 115 -32.58 21.56 -18.31
N ALA G 116 -33.02 20.96 -17.21
CA ALA G 116 -32.43 21.17 -15.89
C ALA G 116 -30.93 20.89 -15.85
N LEU G 117 -30.42 19.95 -16.65
CA LEU G 117 -28.99 19.69 -16.72
C LEU G 117 -28.19 20.95 -17.06
N ASP G 118 -28.63 21.73 -18.03
CA ASP G 118 -27.92 22.95 -18.44
C ASP G 118 -28.05 24.08 -17.43
N LEU G 119 -29.19 24.23 -16.77
CA LEU G 119 -29.34 25.27 -15.76
C LEU G 119 -28.51 24.93 -14.51
N ILE G 120 -28.35 23.66 -14.17
CA ILE G 120 -27.46 23.23 -13.10
C ILE G 120 -26.01 23.40 -13.54
N GLY G 121 -25.62 22.75 -14.63
CA GLY G 121 -24.22 22.65 -15.06
C GLY G 121 -23.63 23.97 -15.57
N ILE G 122 -24.36 24.72 -16.40
CA ILE G 122 -23.86 25.97 -16.95
C ILE G 122 -24.00 27.09 -15.93
N HIS G 123 -25.19 27.30 -15.37
CA HIS G 123 -25.49 28.51 -14.59
C HIS G 123 -25.50 28.31 -13.08
N GLY G 124 -25.58 27.09 -12.57
CA GLY G 124 -25.67 26.80 -11.14
C GLY G 124 -26.90 27.40 -10.48
N ILE G 125 -28.05 27.34 -11.15
CA ILE G 125 -29.34 27.84 -10.65
C ILE G 125 -30.33 26.69 -10.50
N ASN G 126 -31.22 26.81 -9.52
CA ASN G 126 -32.37 25.93 -9.41
C ASN G 126 -33.39 26.30 -10.50
N PRO G 127 -33.79 25.41 -11.41
CA PRO G 127 -34.56 25.82 -12.57
C PRO G 127 -35.91 26.44 -12.21
N LEU G 128 -36.59 25.95 -11.17
CA LEU G 128 -37.93 26.40 -10.78
C LEU G 128 -37.99 27.88 -10.41
N THR G 129 -37.28 28.25 -9.35
CA THR G 129 -37.23 29.62 -8.85
C THR G 129 -36.26 30.50 -9.64
N GLY G 130 -35.36 29.93 -10.44
CA GLY G 130 -34.32 30.65 -11.17
C GLY G 130 -33.18 31.19 -10.31
N ALA G 131 -33.21 30.97 -9.00
CA ALA G 131 -32.24 31.45 -8.03
C ALA G 131 -30.99 30.57 -7.98
N ALA G 132 -29.86 31.12 -7.54
CA ALA G 132 -28.60 30.38 -7.42
C ALA G 132 -28.66 29.23 -6.41
N LEU G 133 -27.95 28.13 -6.69
CA LEU G 133 -27.87 26.97 -5.80
C LEU G 133 -27.10 27.28 -4.51
N ALA G 134 -27.59 26.74 -3.39
CA ALA G 134 -27.22 27.18 -2.05
C ALA G 134 -25.76 26.96 -1.69
N GLY G 135 -25.14 25.87 -2.15
CA GLY G 135 -23.77 25.49 -1.79
C GLY G 135 -22.64 26.21 -2.52
N THR G 136 -22.95 27.25 -3.31
CA THR G 136 -22.06 27.88 -4.31
C THR G 136 -21.25 26.85 -5.10
N PRO G 137 -21.89 25.91 -5.81
CA PRO G 137 -21.23 24.77 -6.43
C PRO G 137 -20.39 25.15 -7.66
N PRO G 138 -19.51 24.25 -8.14
CA PRO G 138 -18.86 24.41 -9.43
C PRO G 138 -19.87 24.50 -10.57
N LYS G 139 -19.59 25.37 -11.54
CA LYS G 139 -20.41 25.60 -12.76
C LYS G 139 -19.52 25.95 -13.94
N ILE G 140 -20.02 25.81 -15.16
CA ILE G 140 -19.21 26.08 -16.37
C ILE G 140 -18.98 27.59 -16.57
N ILE G 141 -19.95 28.47 -16.29
CA ILE G 141 -19.64 29.90 -16.15
C ILE G 141 -18.77 30.12 -14.91
N ASP G 142 -18.37 31.36 -14.64
CA ASP G 142 -17.38 31.67 -13.59
C ASP G 142 -15.99 31.02 -13.84
N THR G 143 -15.75 30.51 -15.04
CA THR G 143 -14.42 30.44 -15.63
C THR G 143 -13.92 31.86 -15.85
N THR G 144 -12.65 32.14 -15.60
CA THR G 144 -12.06 33.46 -15.85
C THR G 144 -11.77 33.72 -17.32
N ASN G 145 -11.92 32.72 -18.19
CA ASN G 145 -11.85 32.88 -19.65
C ASN G 145 -13.13 33.51 -20.22
N VAL G 146 -13.34 34.80 -20.00
CA VAL G 146 -14.48 35.54 -20.57
C VAL G 146 -14.00 36.44 -21.71
N VAL G 147 -14.71 36.45 -22.83
CA VAL G 147 -14.58 37.48 -23.86
C VAL G 147 -15.81 38.37 -23.82
N GLU G 148 -15.58 39.67 -23.62
CA GLU G 148 -16.62 40.67 -23.44
C GLU G 148 -16.94 41.34 -24.77
N LEU G 149 -18.19 41.30 -25.20
CA LEU G 149 -18.65 41.98 -26.40
C LEU G 149 -18.78 43.48 -26.13
N THR G 150 -18.04 44.28 -26.89
CA THR G 150 -18.26 45.72 -27.02
C THR G 150 -19.28 46.00 -28.11
N THR G 151 -19.72 47.25 -28.25
CA THR G 151 -20.56 47.73 -29.35
C THR G 151 -19.93 47.49 -30.73
N GLU G 152 -18.61 47.43 -30.82
CA GLU G 152 -17.85 47.09 -32.02
C GLU G 152 -17.73 45.59 -32.23
N THR G 153 -17.72 44.79 -31.17
CA THR G 153 -17.54 43.34 -31.24
C THR G 153 -18.85 42.61 -31.57
N LEU G 154 -19.97 43.02 -30.99
CA LEU G 154 -21.27 42.42 -31.30
C LEU G 154 -21.64 42.72 -32.75
N GLY G 155 -22.17 41.72 -33.44
CA GLY G 155 -22.23 41.73 -34.90
C GLY G 155 -20.99 41.18 -35.61
N LEU G 156 -19.96 40.74 -34.88
CA LEU G 156 -18.90 39.86 -35.39
C LEU G 156 -18.86 38.55 -34.58
N PRO G 157 -19.97 37.80 -34.51
CA PRO G 157 -20.12 36.65 -33.61
C PRO G 157 -19.11 35.54 -33.85
N ASP G 158 -18.65 35.34 -35.08
CA ASP G 158 -17.64 34.35 -35.41
C ASP G 158 -16.26 34.71 -34.84
N GLN G 159 -15.89 35.98 -34.86
CA GLN G 159 -14.66 36.45 -34.25
C GLN G 159 -14.73 36.36 -32.73
N ALA G 160 -15.90 36.58 -32.12
CA ALA G 160 -16.09 36.36 -30.69
C ALA G 160 -15.92 34.88 -30.31
N ILE G 161 -16.43 33.95 -31.11
CA ILE G 161 -16.25 32.51 -30.87
C ILE G 161 -14.77 32.13 -30.99
N GLU G 162 -14.06 32.58 -32.02
CA GLU G 162 -12.64 32.27 -32.15
C GLU G 162 -11.82 32.89 -31.01
N ALA G 163 -12.13 34.10 -30.56
CA ALA G 163 -11.46 34.70 -29.41
C ALA G 163 -11.61 33.84 -28.15
N ALA G 164 -12.79 33.29 -27.90
CA ALA G 164 -13.02 32.35 -26.80
C ALA G 164 -12.27 31.03 -26.99
N VAL G 165 -12.23 30.46 -28.20
CA VAL G 165 -11.36 29.29 -28.47
C VAL G 165 -9.92 29.58 -28.09
N GLY G 166 -9.40 30.75 -28.43
CA GLY G 166 -8.05 31.15 -28.11
C GLY G 166 -7.76 31.09 -26.61
N LEU G 167 -8.68 31.57 -25.77
CA LEU G 167 -8.50 31.48 -24.32
C LEU G 167 -8.43 30.03 -23.84
N VAL G 168 -9.29 29.13 -24.31
CA VAL G 168 -9.22 27.72 -23.91
C VAL G 168 -7.88 27.13 -24.35
N LEU G 169 -7.44 27.42 -25.57
CA LEU G 169 -6.20 26.92 -26.12
C LEU G 169 -4.97 27.43 -25.40
N ASP G 170 -4.92 28.67 -24.95
CA ASP G 170 -3.77 29.15 -24.19
C ASP G 170 -3.83 28.83 -22.69
N ASP G 171 -4.93 28.24 -22.19
CA ASP G 171 -4.91 27.41 -20.99
C ASP G 171 -4.52 25.95 -21.29
N SER G 172 -3.91 25.67 -22.44
CA SER G 172 -3.35 24.37 -22.83
C SER G 172 -4.36 23.24 -23.00
N ILE G 173 -5.63 23.56 -23.20
CA ILE G 173 -6.72 22.60 -23.37
C ILE G 173 -7.30 22.76 -24.78
N SER G 174 -7.49 21.67 -25.53
CA SER G 174 -8.07 21.77 -26.88
C SER G 174 -9.60 21.65 -26.85
N PRO G 175 -10.36 22.72 -27.18
CA PRO G 175 -11.81 22.66 -27.16
C PRO G 175 -12.36 21.69 -28.18
N ASN G 176 -13.58 21.19 -27.95
CA ASN G 176 -14.26 20.27 -28.85
C ASN G 176 -15.75 20.56 -29.05
N GLY G 177 -16.32 21.53 -28.35
CA GLY G 177 -17.74 21.85 -28.46
C GLY G 177 -18.07 23.31 -28.25
N LEU G 178 -19.22 23.71 -28.78
CA LEU G 178 -19.73 25.07 -28.76
C LEU G 178 -21.23 25.09 -28.43
N ALA G 179 -21.61 25.68 -27.31
CA ALA G 179 -23.01 25.90 -26.97
C ALA G 179 -23.39 27.34 -27.30
N LEU G 180 -24.50 27.55 -28.00
CA LEU G 180 -24.93 28.87 -28.44
C LEU G 180 -26.30 29.21 -27.88
N ASP G 181 -26.46 30.43 -27.38
CA ASP G 181 -27.79 31.00 -27.21
C ASP G 181 -28.47 31.08 -28.58
N ASN G 182 -29.77 30.79 -28.66
CA ASN G 182 -30.47 30.75 -29.93
C ASN G 182 -30.55 32.12 -30.62
N SER G 183 -30.62 33.25 -29.90
CA SER G 183 -30.63 34.55 -30.54
C SER G 183 -29.26 34.91 -31.13
N PHE G 184 -28.18 34.50 -30.47
CA PHE G 184 -26.82 34.66 -30.99
C PHE G 184 -26.52 33.67 -32.12
N ALA G 185 -27.06 32.47 -32.08
CA ALA G 185 -27.00 31.51 -33.18
C ALA G 185 -27.68 32.03 -34.45
N PHE G 186 -28.76 32.80 -34.34
CA PHE G 186 -29.34 33.48 -35.49
C PHE G 186 -28.40 34.56 -36.04
N LYS G 187 -27.81 35.40 -35.17
CA LYS G 187 -26.84 36.43 -35.59
C LYS G 187 -25.58 35.82 -36.21
N LEU G 188 -25.15 34.65 -35.78
CA LEU G 188 -24.10 33.90 -36.44
C LEU G 188 -24.53 33.44 -37.83
N ALA G 189 -25.65 32.72 -37.96
CA ALA G 189 -26.07 32.17 -39.23
C ALA G 189 -26.46 33.23 -40.28
N THR G 190 -26.96 34.38 -39.85
CA THR G 190 -27.29 35.52 -40.72
C THR G 190 -26.17 36.54 -40.88
N GLN G 191 -24.95 36.23 -40.48
CA GLN G 191 -23.80 37.12 -40.64
C GLN G 191 -23.40 37.19 -42.11
N ARG G 192 -23.20 38.42 -42.60
CA ARG G 192 -22.96 38.72 -44.02
C ARG G 192 -21.61 39.38 -44.23
N HIS G 193 -20.99 39.09 -45.36
CA HIS G 193 -19.68 39.59 -45.76
C HIS G 193 -19.69 41.12 -45.81
N PRO G 194 -18.71 41.83 -45.26
CA PRO G 194 -18.79 43.26 -45.08
C PRO G 194 -18.70 44.08 -46.38
N THR G 195 -18.37 43.47 -47.53
CA THR G 195 -18.42 44.13 -48.84
C THR G 195 -19.32 43.43 -49.86
N THR G 196 -19.25 42.10 -50.06
CA THR G 196 -20.15 41.42 -51.02
C THR G 196 -21.59 41.25 -50.52
N GLY G 197 -21.88 41.41 -49.22
CA GLY G 197 -23.21 41.25 -48.64
C GLY G 197 -23.77 39.82 -48.62
N GLN G 198 -23.06 38.82 -49.17
CA GLN G 198 -23.45 37.42 -49.11
C GLN G 198 -23.34 36.86 -47.69
N LYS G 199 -24.14 35.85 -47.34
CA LYS G 199 -24.01 35.11 -46.08
C LYS G 199 -22.65 34.41 -46.03
N LEU G 200 -21.97 34.48 -44.89
CA LEU G 200 -20.69 33.82 -44.66
C LEU G 200 -20.85 32.32 -44.48
N TYR G 201 -21.86 31.90 -43.72
CA TYR G 201 -22.06 30.53 -43.28
C TYR G 201 -23.43 30.00 -43.75
N PRO G 202 -23.74 29.99 -45.06
CA PRO G 202 -25.08 29.70 -45.56
C PRO G 202 -25.60 28.30 -45.21
N GLU G 203 -24.73 27.31 -45.05
CA GLU G 203 -25.06 25.95 -44.62
C GLU G 203 -25.70 25.87 -43.22
N LEU G 204 -25.61 26.95 -42.43
CA LEU G 204 -26.25 27.05 -41.12
C LEU G 204 -27.74 27.42 -41.16
N GLY G 205 -28.30 27.76 -42.32
CA GLY G 205 -29.71 28.15 -42.43
C GLY G 205 -30.05 29.41 -41.62
N PHE G 206 -31.07 29.36 -40.78
CA PHE G 206 -31.38 30.41 -39.81
C PHE G 206 -30.73 30.18 -38.43
N GLY G 207 -29.88 29.16 -38.30
CA GLY G 207 -29.05 28.95 -37.11
C GLY G 207 -29.76 28.29 -35.94
N THR G 208 -31.00 27.86 -36.09
CA THR G 208 -31.81 27.24 -35.04
C THR G 208 -31.38 25.82 -34.69
N ASP G 209 -30.65 25.13 -35.56
CA ASP G 209 -30.28 23.72 -35.40
C ASP G 209 -28.82 23.41 -35.79
N ILE G 210 -27.90 24.35 -35.56
CA ILE G 210 -26.47 24.23 -35.88
C ILE G 210 -25.86 22.99 -35.22
N SER G 211 -25.28 22.10 -36.03
CA SER G 211 -24.75 20.80 -35.58
C SER G 211 -23.23 20.80 -35.36
N GLY G 212 -22.49 21.61 -36.11
CA GLY G 212 -21.06 21.83 -35.91
C GLY G 212 -20.55 23.07 -36.63
N PHE G 213 -19.54 23.72 -36.06
CA PHE G 213 -19.01 25.00 -36.52
C PHE G 213 -17.54 25.14 -36.15
N MET G 214 -16.69 25.67 -37.03
CA MET G 214 -15.22 25.71 -36.89
C MET G 214 -14.59 24.38 -36.45
N SER G 215 -15.12 23.25 -36.94
CA SER G 215 -14.75 21.90 -36.50
C SER G 215 -15.03 21.54 -35.04
N LEU G 216 -15.59 22.44 -34.23
CA LEU G 216 -16.24 22.09 -32.97
C LEU G 216 -17.58 21.40 -33.28
N GLY G 217 -18.02 20.48 -32.45
CA GLY G 217 -19.43 20.11 -32.39
C GLY G 217 -20.26 21.25 -31.79
N ALA G 218 -21.54 21.38 -32.12
CA ALA G 218 -22.34 22.50 -31.65
C ALA G 218 -23.75 22.12 -31.20
N ALA G 219 -24.35 22.95 -30.38
CA ALA G 219 -25.73 22.83 -29.93
C ALA G 219 -26.31 24.21 -29.61
N VAL G 220 -27.59 24.41 -29.85
CA VAL G 220 -28.25 25.72 -29.72
C VAL G 220 -29.40 25.63 -28.73
N SER G 221 -29.46 26.51 -27.74
CA SER G 221 -30.60 26.55 -26.81
C SER G 221 -30.70 27.86 -26.01
N ASP G 222 -31.89 28.22 -25.59
CA ASP G 222 -32.10 29.33 -24.66
C ASP G 222 -31.54 29.02 -23.26
N THR G 223 -31.36 27.75 -22.90
CA THR G 223 -30.70 27.36 -21.64
C THR G 223 -29.32 27.96 -21.50
N VAL G 224 -28.61 28.22 -22.61
CA VAL G 224 -27.27 28.82 -22.64
C VAL G 224 -27.26 30.26 -22.14
N ARG G 225 -28.38 30.97 -22.25
CA ARG G 225 -28.59 32.31 -21.67
C ARG G 225 -28.99 32.26 -20.18
N GLY G 226 -29.34 31.07 -19.68
CA GLY G 226 -30.09 30.86 -18.45
C GLY G 226 -31.61 30.79 -18.65
N GLY G 227 -32.09 30.72 -19.89
CA GLY G 227 -33.49 30.59 -20.28
C GLY G 227 -34.42 31.67 -19.72
N PRO G 228 -35.75 31.48 -19.80
CA PRO G 228 -36.71 32.26 -19.05
C PRO G 228 -36.57 32.14 -17.52
N GLU G 229 -36.03 31.04 -17.04
CA GLU G 229 -35.89 30.69 -15.63
C GLU G 229 -35.05 31.71 -14.85
N ALA G 230 -33.83 32.00 -15.31
CA ALA G 230 -32.91 32.87 -14.59
C ALA G 230 -33.41 34.31 -14.42
N VAL G 231 -34.38 34.75 -15.22
CA VAL G 231 -34.96 36.09 -15.18
C VAL G 231 -36.32 36.16 -14.48
N THR G 232 -36.72 35.10 -13.79
CA THR G 232 -37.97 35.01 -13.00
C THR G 232 -38.15 36.24 -12.10
N PRO G 233 -39.26 36.98 -12.20
CA PRO G 233 -39.32 38.39 -11.80
C PRO G 233 -39.05 38.71 -10.32
N SER G 234 -39.26 37.76 -9.41
CA SER G 234 -39.06 37.98 -7.97
C SER G 234 -37.80 37.32 -7.39
N THR G 235 -37.27 36.30 -8.08
CA THR G 235 -36.28 35.36 -7.51
C THR G 235 -35.23 34.86 -8.48
N GLY G 236 -35.36 35.07 -9.79
CA GLY G 236 -34.35 34.66 -10.75
C GLY G 236 -33.05 35.41 -10.53
N ALA G 237 -31.90 34.74 -10.63
CA ALA G 237 -30.59 35.31 -10.35
C ALA G 237 -30.24 36.53 -11.23
N TYR G 238 -30.77 36.56 -12.45
CA TYR G 238 -30.51 37.58 -13.47
C TYR G 238 -31.66 38.58 -13.65
N ARG G 239 -32.64 38.62 -12.75
CA ARG G 239 -33.75 39.60 -12.81
C ARG G 239 -33.29 41.07 -12.76
N THR G 240 -32.18 41.36 -12.07
CA THR G 240 -31.62 42.71 -11.91
C THR G 240 -30.38 42.94 -12.76
N THR G 241 -29.23 42.33 -12.45
CA THR G 241 -28.03 42.35 -13.28
C THR G 241 -27.89 41.05 -14.01
N ASN G 242 -27.89 41.09 -15.33
CA ASN G 242 -27.83 39.92 -16.18
C ASN G 242 -26.48 39.89 -16.92
N PRO G 243 -25.61 38.90 -16.67
CA PRO G 243 -24.48 38.60 -17.52
C PRO G 243 -25.01 37.86 -18.73
N ASN G 244 -25.09 38.51 -19.88
CA ASN G 244 -25.74 37.94 -21.04
C ASN G 244 -24.80 36.94 -21.72
N ILE G 245 -24.80 35.68 -21.31
CA ILE G 245 -24.02 34.66 -21.99
C ILE G 245 -24.59 34.53 -23.39
N LYS G 246 -23.77 34.75 -24.41
CA LYS G 246 -24.09 34.53 -25.82
C LYS G 246 -23.67 33.14 -26.28
N ALA G 247 -22.54 32.65 -25.81
CA ALA G 247 -22.05 31.31 -26.13
C ALA G 247 -21.09 30.79 -25.08
N VAL G 248 -20.87 29.48 -25.06
CA VAL G 248 -19.87 28.80 -24.23
C VAL G 248 -19.06 27.88 -25.12
N VAL G 249 -17.75 27.99 -25.03
CA VAL G 249 -16.79 27.19 -25.78
C VAL G 249 -16.03 26.32 -24.80
N GLY G 250 -15.74 25.07 -25.11
CA GLY G 250 -14.85 24.32 -24.25
C GLY G 250 -14.47 22.95 -24.75
N ASP G 251 -13.60 22.30 -23.98
CA ASP G 251 -13.50 20.86 -24.03
C ASP G 251 -14.62 20.27 -23.18
N PHE G 252 -15.77 20.00 -23.77
CA PHE G 252 -16.93 19.52 -23.01
C PHE G 252 -16.71 18.15 -22.36
N SER G 253 -15.65 17.41 -22.74
CA SER G 253 -15.20 16.23 -22.00
C SER G 253 -14.75 16.55 -20.57
N ALA G 254 -14.41 17.79 -20.25
CA ALA G 254 -14.13 18.23 -18.89
C ALA G 254 -15.37 18.42 -18.01
N PHE G 255 -16.58 18.48 -18.60
CA PHE G 255 -17.84 18.39 -17.85
C PHE G 255 -18.30 16.94 -17.88
N ARG G 256 -18.15 16.25 -16.76
CA ARG G 256 -18.48 14.83 -16.61
C ARG G 256 -19.85 14.74 -15.97
N TRP G 257 -20.74 13.93 -16.53
CA TRP G 257 -22.06 13.70 -15.95
C TRP G 257 -22.64 12.34 -16.32
N GLY G 258 -23.64 11.90 -15.58
CA GLY G 258 -24.40 10.70 -15.89
C GLY G 258 -25.71 10.64 -15.12
N VAL G 259 -26.65 9.81 -15.58
CA VAL G 259 -27.91 9.54 -14.86
C VAL G 259 -27.69 8.43 -13.83
N GLN G 260 -27.71 8.78 -12.56
CA GLN G 260 -27.47 7.85 -11.46
C GLN G 260 -28.71 7.02 -11.10
N ALA G 261 -29.87 7.64 -11.04
CA ALA G 261 -31.17 7.00 -10.84
C ALA G 261 -32.26 7.75 -11.59
N ASN G 262 -33.35 7.08 -11.92
CA ASN G 262 -34.45 7.62 -12.72
C ASN G 262 -35.79 7.15 -12.17
N ILE G 263 -36.78 8.04 -12.08
CA ILE G 263 -38.18 7.68 -11.82
C ILE G 263 -39.00 8.12 -13.04
N PRO G 264 -39.57 7.19 -13.82
CA PRO G 264 -40.40 7.52 -14.96
C PRO G 264 -41.72 8.16 -14.51
N LEU G 265 -42.43 8.81 -15.43
CA LEU G 265 -43.62 9.59 -15.11
C LEU G 265 -44.72 8.73 -14.48
N THR G 266 -45.16 9.07 -13.27
CA THR G 266 -46.21 8.34 -12.54
C THR G 266 -47.31 9.25 -12.02
N LEU G 267 -48.55 8.78 -12.09
CA LEU G 267 -49.70 9.38 -11.43
C LEU G 267 -49.69 9.13 -9.91
N ILE G 268 -49.88 10.20 -9.14
CA ILE G 268 -50.04 10.25 -7.71
C ILE G 268 -51.49 10.61 -7.40
N GLU G 269 -52.14 9.88 -6.51
CA GLU G 269 -53.54 10.14 -6.15
C GLU G 269 -53.78 10.40 -4.66
N TYR G 270 -52.79 10.22 -3.79
CA TYR G 270 -52.96 10.24 -2.34
C TYR G 270 -51.99 11.17 -1.64
N GLY G 271 -52.39 11.68 -0.48
CA GLY G 271 -51.56 12.57 0.31
C GLY G 271 -51.51 13.97 -0.27
N ASP G 272 -50.67 14.82 0.29
CA ASP G 272 -50.35 16.14 -0.21
C ASP G 272 -48.89 16.19 -0.68
N PRO G 273 -48.61 15.90 -1.97
CA PRO G 273 -47.26 15.75 -2.48
C PRO G 273 -46.51 17.07 -2.71
N ASP G 274 -47.12 18.23 -2.44
CA ASP G 274 -46.56 19.54 -2.76
C ASP G 274 -46.94 20.67 -1.80
N GLY G 275 -47.85 20.43 -0.86
CA GLY G 275 -48.23 21.39 0.18
C GLY G 275 -49.52 22.15 -0.09
N SER G 276 -50.26 21.85 -1.16
CA SER G 276 -51.52 22.53 -1.51
C SER G 276 -52.77 21.98 -0.82
N GLY G 277 -52.64 20.99 0.05
CA GLY G 277 -53.72 20.19 0.62
C GLY G 277 -53.79 18.79 0.03
N ASP G 278 -54.52 17.88 0.66
CA ASP G 278 -54.54 16.47 0.23
C ASP G 278 -55.30 16.30 -1.10
N LEU G 279 -54.76 15.47 -1.99
CA LEU G 279 -55.34 15.20 -3.30
C LEU G 279 -56.73 14.56 -3.23
N GLN G 280 -56.94 13.59 -2.35
CA GLN G 280 -58.27 13.03 -2.12
C GLN G 280 -59.19 14.02 -1.41
N ARG G 281 -58.67 14.88 -0.53
CA ARG G 281 -59.51 15.92 0.11
C ARG G 281 -60.00 16.96 -0.89
N LYS G 282 -59.18 17.26 -1.91
CA LYS G 282 -59.45 18.32 -2.90
C LYS G 282 -59.88 17.80 -4.26
N ASN G 283 -60.11 16.50 -4.41
CA ASN G 283 -60.50 15.84 -5.66
C ASN G 283 -59.55 16.19 -6.83
N GLU G 284 -58.26 16.24 -6.52
CA GLU G 284 -57.17 16.56 -7.43
C GLU G 284 -56.32 15.33 -7.73
N LEU G 285 -55.42 15.46 -8.68
CA LEU G 285 -54.48 14.46 -9.14
C LEU G 285 -53.14 15.14 -9.36
N ALA G 286 -52.04 14.38 -9.38
CA ALA G 286 -50.74 14.91 -9.78
C ALA G 286 -49.90 13.90 -10.56
N ILE G 287 -49.06 14.34 -11.48
CA ILE G 287 -48.05 13.50 -12.16
C ILE G 287 -46.65 14.01 -11.80
N ARG G 288 -45.74 13.08 -11.51
CA ARG G 288 -44.36 13.33 -11.11
C ARG G 288 -43.39 12.51 -11.92
N ALA G 289 -42.27 13.11 -12.28
CA ALA G 289 -41.08 12.43 -12.76
C ALA G 289 -39.85 12.97 -12.05
N GLU G 290 -38.81 12.15 -11.90
CA GLU G 290 -37.56 12.54 -11.27
C GLU G 290 -36.36 11.92 -11.97
N VAL G 291 -35.23 12.56 -11.81
CA VAL G 291 -33.94 12.04 -12.24
C VAL G 291 -32.87 12.47 -11.26
N VAL G 292 -31.81 11.69 -11.14
CA VAL G 292 -30.61 12.04 -10.39
C VAL G 292 -29.45 12.15 -11.38
N TYR G 293 -28.84 13.32 -11.47
CA TYR G 293 -27.61 13.54 -12.22
C TYR G 293 -26.43 13.57 -11.26
N GLY G 294 -25.37 12.86 -11.56
CA GLY G 294 -24.06 13.18 -10.99
C GLY G 294 -23.37 14.16 -11.92
N VAL G 295 -22.92 15.31 -11.43
CA VAL G 295 -22.32 16.37 -12.25
C VAL G 295 -20.96 16.78 -11.71
N GLY G 296 -19.94 16.94 -12.55
CA GLY G 296 -18.59 17.32 -12.09
C GLY G 296 -17.76 18.01 -13.16
N ILE G 297 -16.96 18.99 -12.76
CA ILE G 297 -16.13 19.79 -13.67
C ILE G 297 -14.67 19.54 -13.33
N LEU G 298 -13.89 19.02 -14.28
CA LEU G 298 -12.49 18.67 -14.04
C LEU G 298 -11.59 19.90 -14.02
N SER G 299 -11.87 20.90 -14.84
CA SER G 299 -11.34 22.26 -14.69
C SER G 299 -12.28 23.29 -15.27
N THR G 300 -12.37 24.45 -14.65
CA THR G 300 -13.06 25.60 -15.24
C THR G 300 -12.28 26.20 -16.42
N ASP G 301 -10.96 26.01 -16.47
CA ASP G 301 -10.12 26.50 -17.57
C ASP G 301 -10.39 25.79 -18.89
N ALA G 302 -11.00 24.61 -18.88
CA ALA G 302 -11.40 23.93 -20.10
C ALA G 302 -12.52 24.63 -20.86
N PHE G 303 -13.09 25.69 -20.30
CA PHE G 303 -14.19 26.45 -20.85
C PHE G 303 -13.85 27.94 -20.96
N ALA G 304 -14.50 28.60 -21.90
CA ALA G 304 -14.51 30.04 -22.07
C ALA G 304 -15.93 30.48 -22.45
N VAL G 305 -16.34 31.69 -22.10
CA VAL G 305 -17.69 32.18 -22.41
C VAL G 305 -17.64 33.48 -23.17
N VAL G 306 -18.53 33.60 -24.14
CA VAL G 306 -18.77 34.83 -24.90
C VAL G 306 -19.94 35.52 -24.24
N ARG G 307 -19.78 36.78 -23.83
CA ARG G 307 -20.72 37.45 -22.94
C ARG G 307 -20.78 38.95 -23.18
N ASP G 308 -21.91 39.59 -22.90
CA ASP G 308 -22.07 41.05 -22.93
C ASP G 308 -22.55 41.55 -21.57
N ALA G 309 -21.79 42.43 -20.93
CA ALA G 309 -22.19 43.18 -19.74
C ALA G 309 -21.45 44.53 -19.71
N ALA H 2 58.74 -24.89 38.66
CA ALA H 2 58.07 -26.06 39.19
C ALA H 2 57.40 -26.85 38.06
N VAL H 3 56.52 -27.80 38.39
CA VAL H 3 55.80 -28.63 37.41
C VAL H 3 54.98 -27.81 36.41
N LEU H 4 54.83 -28.33 35.20
CA LEU H 4 54.17 -27.68 34.07
C LEU H 4 52.64 -27.84 34.10
N LYS H 5 51.93 -26.82 34.60
CA LYS H 5 50.47 -26.72 34.58
C LYS H 5 49.94 -26.32 33.20
N THR H 6 48.75 -26.76 32.84
CA THR H 6 48.02 -26.33 31.63
C THR H 6 47.68 -24.85 31.64
N SER H 7 47.58 -24.20 32.79
CA SER H 7 47.37 -22.75 32.89
C SER H 7 48.45 -21.91 32.21
N SER H 8 49.66 -22.45 32.04
CA SER H 8 50.74 -21.80 31.30
C SER H 8 50.50 -21.73 29.79
N PHE H 9 49.67 -22.61 29.23
CA PHE H 9 49.37 -22.65 27.80
C PHE H 9 48.24 -21.70 27.39
N GLN H 10 47.33 -21.36 28.31
CA GLN H 10 46.14 -20.54 28.07
C GLN H 10 45.32 -21.04 26.88
N LEU H 11 44.93 -22.32 26.92
CA LEU H 11 44.28 -22.98 25.81
C LEU H 11 42.93 -22.34 25.47
N PRO H 12 42.55 -22.23 24.19
CA PRO H 12 41.23 -21.79 23.79
C PRO H 12 40.14 -22.79 24.20
N ARG H 13 38.97 -22.29 24.62
CA ARG H 13 37.76 -23.09 24.85
C ARG H 13 37.24 -23.68 23.55
N HIS H 14 36.50 -24.78 23.61
CA HIS H 14 35.87 -25.36 22.41
C HIS H 14 34.48 -24.78 22.21
N LEU H 15 34.20 -24.16 21.07
CA LEU H 15 32.85 -23.79 20.70
C LEU H 15 32.02 -25.03 20.41
N VAL H 16 30.78 -25.07 20.89
CA VAL H 16 29.80 -26.11 20.57
C VAL H 16 28.77 -25.57 19.58
N PRO H 17 28.40 -26.30 18.52
CA PRO H 17 27.45 -25.82 17.51
C PRO H 17 26.06 -25.43 18.04
N GLY H 18 25.36 -24.58 17.31
CA GLY H 18 23.96 -24.20 17.58
C GLY H 18 23.80 -23.13 18.66
N VAL H 19 22.57 -22.64 18.81
CA VAL H 19 22.21 -21.55 19.73
C VAL H 19 21.08 -22.00 20.65
N TRP H 20 21.20 -21.76 21.96
CA TRP H 20 20.12 -22.02 22.90
C TRP H 20 19.27 -20.77 23.07
N GLN H 21 17.95 -20.93 23.03
CA GLN H 21 16.95 -19.86 23.05
C GLN H 21 15.81 -20.17 24.02
N LYS H 22 15.32 -19.17 24.75
CA LYS H 22 13.98 -19.20 25.32
C LYS H 22 12.93 -19.12 24.21
N ALA H 23 11.82 -19.82 24.34
CA ALA H 23 10.74 -19.80 23.37
C ALA H 23 9.99 -18.45 23.36
N GLN H 24 9.24 -18.18 22.29
CA GLN H 24 8.35 -17.02 22.17
C GLN H 24 6.95 -17.46 21.75
N GLY H 25 5.92 -16.88 22.37
CA GLY H 25 4.54 -17.09 21.98
C GLY H 25 4.27 -16.51 20.60
N GLN H 26 3.54 -17.26 19.78
CA GLN H 26 3.09 -16.84 18.45
C GLN H 26 1.84 -15.96 18.54
N SER H 27 1.35 -15.44 17.41
CA SER H 27 0.09 -14.68 17.38
C SER H 27 -1.12 -15.54 17.75
N VAL H 28 -1.94 -15.09 18.69
CA VAL H 28 -3.26 -15.67 18.95
C VAL H 28 -4.29 -15.17 17.95
N LEU H 29 -4.28 -13.90 17.54
CA LEU H 29 -5.26 -13.36 16.60
C LEU H 29 -5.18 -14.07 15.25
N ALA H 30 -3.99 -14.39 14.78
CA ALA H 30 -3.81 -15.16 13.56
C ALA H 30 -4.33 -16.59 13.66
N ARG H 31 -4.45 -17.16 14.87
CA ARG H 31 -5.06 -18.48 15.11
C ARG H 31 -6.58 -18.40 15.29
N LEU H 32 -7.07 -17.37 15.97
CA LEU H 32 -8.49 -17.21 16.33
C LEU H 32 -9.34 -16.49 15.30
N SER H 33 -8.78 -15.62 14.46
CA SER H 33 -9.47 -14.91 13.38
C SER H 33 -8.79 -15.24 12.05
N ASN H 34 -9.50 -15.82 11.10
CA ASN H 34 -8.97 -16.02 9.74
C ASN H 34 -8.66 -14.68 9.08
N ALA H 35 -7.53 -14.58 8.39
CA ALA H 35 -7.22 -13.40 7.58
C ALA H 35 -8.18 -13.33 6.40
N GLU H 36 -8.86 -12.21 6.20
CA GLU H 36 -9.59 -11.96 4.96
C GLU H 36 -8.64 -11.34 3.92
N PRO H 37 -8.82 -11.59 2.61
CA PRO H 37 -8.11 -10.82 1.60
C PRO H 37 -8.53 -9.36 1.64
N GLN H 38 -7.57 -8.47 1.42
CA GLN H 38 -7.75 -7.03 1.44
C GLN H 38 -6.89 -6.37 0.36
N GLU H 39 -7.31 -5.19 -0.07
CA GLU H 39 -6.56 -4.31 -0.97
C GLU H 39 -6.07 -3.10 -0.19
N PHE H 40 -4.86 -2.61 -0.50
CA PHE H 40 -4.21 -1.58 0.29
C PHE H 40 -5.11 -0.35 0.53
N GLY H 41 -5.27 0.00 1.80
CA GLY H 41 -6.08 1.11 2.30
C GLY H 41 -7.10 0.70 3.36
N GLU H 42 -7.69 1.67 4.05
CA GLU H 42 -8.71 1.40 5.06
C GLU H 42 -9.97 0.77 4.46
N GLN H 43 -10.43 -0.33 5.04
CA GLN H 43 -11.74 -0.93 4.76
C GLN H 43 -12.83 -0.20 5.54
N GLN H 44 -14.08 -0.35 5.15
CA GLN H 44 -15.25 0.10 5.90
C GLN H 44 -16.30 -1.01 6.00
N TYR H 45 -16.92 -1.17 7.15
CA TYR H 45 -17.90 -2.23 7.45
C TYR H 45 -19.20 -1.62 7.96
N MET H 46 -20.35 -2.20 7.61
CA MET H 46 -21.65 -1.67 8.00
C MET H 46 -22.22 -2.45 9.18
N THR H 47 -22.68 -1.75 10.21
CA THR H 47 -23.16 -2.36 11.45
C THR H 47 -24.54 -1.85 11.83
N LEU H 48 -25.42 -2.74 12.27
CA LEU H 48 -26.71 -2.39 12.89
C LEU H 48 -26.48 -1.87 14.31
N THR H 49 -27.01 -0.71 14.66
CA THR H 49 -26.85 -0.06 15.97
C THR H 49 -28.04 -0.30 16.89
N ALA H 50 -29.26 -0.33 16.36
CA ALA H 50 -30.47 -0.68 17.12
C ALA H 50 -31.55 -1.28 16.21
N PRO H 51 -32.31 -2.30 16.65
CA PRO H 51 -33.40 -2.88 15.88
C PRO H 51 -34.72 -2.11 16.05
N PRO H 52 -35.70 -2.31 15.16
CA PRO H 52 -37.06 -1.82 15.36
C PRO H 52 -37.80 -2.60 16.47
N ARG H 53 -38.81 -1.99 17.10
CA ARG H 53 -39.70 -2.64 18.07
C ARG H 53 -41.15 -2.71 17.59
N GLY H 54 -41.85 -3.79 17.93
CA GLY H 54 -43.30 -3.89 17.81
C GLY H 54 -44.07 -2.93 18.72
N GLU H 55 -45.34 -2.68 18.40
CA GLU H 55 -46.24 -1.85 19.19
C GLU H 55 -47.65 -2.45 19.24
N VAL H 56 -48.30 -2.46 20.39
CA VAL H 56 -49.73 -2.74 20.55
C VAL H 56 -50.50 -1.42 20.44
N VAL H 57 -51.54 -1.33 19.62
CA VAL H 57 -52.15 -0.05 19.25
C VAL H 57 -53.59 0.13 19.74
N GLY H 58 -54.54 -0.69 19.31
CA GLY H 58 -55.96 -0.53 19.60
C GLY H 58 -56.81 -0.12 18.41
N GLU H 59 -58.06 0.25 18.67
CA GLU H 59 -59.13 0.37 17.67
C GLU H 59 -58.83 1.38 16.56
N SER H 60 -58.35 2.55 16.92
CA SER H 60 -58.00 3.64 15.99
C SER H 60 -56.97 4.58 16.62
N ALA H 61 -56.15 4.07 17.53
CA ALA H 61 -55.04 4.81 18.11
C ALA H 61 -53.97 5.10 17.04
N GLU H 62 -53.19 6.16 17.23
CA GLU H 62 -52.14 6.54 16.30
C GLU H 62 -50.96 5.56 16.31
N LYS H 63 -50.60 5.03 15.16
CA LYS H 63 -49.31 4.39 14.93
C LYS H 63 -48.13 5.31 15.25
N SER H 64 -47.02 4.71 15.65
CA SER H 64 -45.70 5.33 15.73
C SER H 64 -44.65 4.54 14.95
N GLU H 65 -43.72 5.23 14.31
CA GLU H 65 -42.51 4.65 13.74
C GLU H 65 -41.58 4.07 14.82
N SER H 66 -40.82 3.05 14.45
CA SER H 66 -39.67 2.53 15.16
C SER H 66 -38.75 1.93 14.13
N THR H 67 -37.65 2.61 13.83
CA THR H 67 -36.83 2.34 12.66
C THR H 67 -35.46 1.82 13.08
N ALA H 68 -34.92 0.85 12.36
CA ALA H 68 -33.56 0.39 12.56
C ALA H 68 -32.55 1.52 12.40
N THR H 69 -31.48 1.55 13.20
CA THR H 69 -30.40 2.52 13.06
C THR H 69 -29.10 1.81 12.77
N PHE H 70 -28.22 2.44 12.02
CA PHE H 70 -26.99 1.85 11.50
C PHE H 70 -25.81 2.80 11.65
N ALA H 71 -24.60 2.26 11.67
CA ALA H 71 -23.38 3.04 11.56
C ALA H 71 -22.26 2.26 10.83
N PRO H 72 -21.38 2.96 10.11
CA PRO H 72 -20.14 2.37 9.63
C PRO H 72 -19.12 2.24 10.75
N VAL H 73 -18.16 1.35 10.57
CA VAL H 73 -16.87 1.35 11.27
C VAL H 73 -15.76 1.13 10.26
N THR H 74 -14.62 1.79 10.46
CA THR H 74 -13.46 1.76 9.55
C THR H 74 -12.32 0.95 10.15
N SER H 75 -11.59 0.22 9.34
CA SER H 75 -10.30 -0.33 9.75
C SER H 75 -9.25 0.76 9.89
N LEU H 76 -8.04 0.40 10.35
CA LEU H 76 -6.83 1.19 10.21
C LEU H 76 -5.79 0.35 9.48
N VAL H 77 -4.84 1.00 8.82
CA VAL H 77 -3.69 0.33 8.19
C VAL H 77 -2.46 0.55 9.04
N ARG H 78 -1.78 -0.53 9.39
CA ARG H 78 -0.56 -0.56 10.19
C ARG H 78 0.58 -1.14 9.39
N LYS H 79 1.58 -0.32 9.05
CA LYS H 79 2.84 -0.78 8.49
C LYS H 79 3.76 -1.13 9.65
N VAL H 80 4.18 -2.39 9.75
CA VAL H 80 5.07 -2.87 10.79
C VAL H 80 6.34 -3.48 10.17
N GLN H 81 7.48 -3.04 10.67
CA GLN H 81 8.80 -3.33 10.13
C GLN H 81 9.74 -3.84 11.22
N VAL H 82 10.68 -4.72 10.88
CA VAL H 82 11.77 -5.13 11.78
C VAL H 82 13.10 -5.00 11.06
N THR H 83 14.07 -4.29 11.63
CA THR H 83 15.40 -4.08 11.03
C THR H 83 16.46 -4.51 12.02
N GLN H 84 17.43 -5.29 11.58
CA GLN H 84 18.58 -5.72 12.38
C GLN H 84 19.87 -5.34 11.67
N ARG H 85 20.88 -4.86 12.38
CA ARG H 85 22.12 -4.33 11.80
C ARG H 85 23.36 -4.94 12.44
N PHE H 86 24.33 -5.34 11.63
CA PHE H 86 25.51 -6.07 12.08
C PHE H 86 26.75 -5.78 11.22
N SER H 87 27.94 -5.82 11.81
CA SER H 87 29.20 -5.54 11.13
C SER H 87 29.58 -6.67 10.17
N GLN H 88 30.31 -6.39 9.09
CA GLN H 88 30.75 -7.45 8.15
C GLN H 88 31.61 -8.54 8.83
N GLU H 89 32.32 -8.21 9.90
CA GLU H 89 32.96 -9.18 10.79
C GLU H 89 32.01 -10.24 11.33
N VAL H 90 30.78 -9.86 11.73
CA VAL H 90 29.80 -10.83 12.24
C VAL H 90 29.46 -11.84 11.17
N LYS H 91 29.35 -11.41 9.92
CA LYS H 91 29.11 -12.31 8.78
C LYS H 91 30.30 -13.22 8.51
N TRP H 92 31.53 -12.69 8.50
CA TRP H 92 32.75 -13.48 8.32
C TRP H 92 32.96 -14.50 9.44
N ALA H 93 32.72 -14.13 10.70
CA ALA H 93 32.76 -15.03 11.84
C ALA H 93 31.70 -16.13 11.71
N ASP H 94 30.45 -15.76 11.43
CA ASP H 94 29.35 -16.70 11.27
C ASP H 94 29.64 -17.77 10.20
N GLU H 95 30.01 -17.37 8.98
CA GLU H 95 30.19 -18.31 7.88
C GLU H 95 31.51 -19.10 7.98
N SER H 96 32.52 -18.58 8.68
CA SER H 96 33.78 -19.33 8.90
C SER H 96 33.65 -20.34 10.03
N ARG H 97 33.18 -19.91 11.20
CA ARG H 97 33.00 -20.75 12.38
C ARG H 97 31.70 -21.56 12.39
N GLN H 98 30.79 -21.34 11.43
CA GLN H 98 29.48 -21.99 11.36
C GLN H 98 28.63 -21.76 12.61
N LEU H 99 28.57 -20.51 13.09
CA LEU H 99 27.85 -20.13 14.33
C LEU H 99 26.33 -20.29 14.24
N GLY H 100 25.74 -20.02 13.07
CA GLY H 100 24.30 -19.92 12.89
C GLY H 100 23.65 -18.65 13.44
N VAL H 101 24.41 -17.62 13.82
CA VAL H 101 23.82 -16.36 14.32
C VAL H 101 23.04 -15.63 13.25
N LEU H 102 23.48 -15.63 11.98
CA LEU H 102 22.70 -14.98 10.92
C LEU H 102 21.39 -15.69 10.65
N GLN H 103 21.37 -17.02 10.60
CA GLN H 103 20.13 -17.77 10.44
C GLN H 103 19.20 -17.59 11.62
N THR H 104 19.72 -17.57 12.85
CA THR H 104 18.91 -17.30 14.04
C THR H 104 18.27 -15.94 13.96
N MET H 105 18.99 -14.90 13.53
CA MET H 105 18.39 -13.59 13.30
C MET H 105 17.35 -13.56 12.18
N ALA H 106 17.55 -14.32 11.11
CA ALA H 106 16.57 -14.42 10.03
C ALA H 106 15.26 -15.04 10.51
N ASP H 107 15.31 -16.11 11.30
CA ASP H 107 14.12 -16.71 11.91
C ASP H 107 13.42 -15.77 12.89
N LEU H 108 14.17 -15.06 13.72
CA LEU H 108 13.59 -14.15 14.71
C LEU H 108 12.83 -12.98 14.09
N SER H 109 13.17 -12.57 12.87
CA SER H 109 12.45 -11.49 12.18
C SER H 109 11.00 -11.84 11.88
N GLY H 110 10.75 -13.07 11.42
CA GLY H 110 9.42 -13.55 11.09
C GLY H 110 8.50 -13.55 12.29
N VAL H 111 8.97 -14.07 13.43
CA VAL H 111 8.16 -14.11 14.65
C VAL H 111 7.90 -12.73 15.24
N ALA H 112 8.84 -11.78 15.10
CA ALA H 112 8.61 -10.40 15.51
C ALA H 112 7.47 -9.73 14.72
N LEU H 113 7.33 -10.02 13.43
CA LEU H 113 6.22 -9.52 12.62
C LEU H 113 4.89 -10.23 12.89
N GLY H 114 4.92 -11.52 13.25
CA GLY H 114 3.74 -12.26 13.71
C GLY H 114 3.21 -11.70 15.04
N ARG H 115 4.06 -11.61 16.07
CA ARG H 115 3.67 -11.11 17.40
C ARG H 115 3.08 -9.71 17.38
N ALA H 116 3.48 -8.87 16.43
CA ALA H 116 3.00 -7.51 16.37
C ALA H 116 1.47 -7.42 16.22
N LEU H 117 0.83 -8.35 15.50
CA LEU H 117 -0.61 -8.34 15.29
C LEU H 117 -1.36 -8.41 16.61
N ASP H 118 -0.95 -9.28 17.52
CA ASP H 118 -1.56 -9.36 18.85
C ASP H 118 -1.35 -8.11 19.67
N LEU H 119 -0.14 -7.55 19.66
CA LEU H 119 0.17 -6.37 20.46
C LEU H 119 -0.53 -5.12 19.95
N ILE H 120 -0.81 -5.04 18.66
CA ILE H 120 -1.60 -3.97 18.07
C ILE H 120 -3.09 -4.24 18.32
N GLY H 121 -3.62 -5.38 17.88
CA GLY H 121 -5.05 -5.67 17.91
C GLY H 121 -5.61 -5.83 19.31
N ILE H 122 -4.89 -6.52 20.22
CA ILE H 122 -5.33 -6.66 21.61
C ILE H 122 -5.04 -5.38 22.39
N HIS H 123 -3.80 -4.89 22.40
CA HIS H 123 -3.35 -3.87 23.37
C HIS H 123 -3.22 -2.44 22.84
N GLY H 124 -3.12 -2.22 21.52
CA GLY H 124 -2.85 -0.91 20.97
C GLY H 124 -1.50 -0.31 21.42
N ILE H 125 -0.46 -1.14 21.53
CA ILE H 125 0.91 -0.71 21.83
C ILE H 125 1.84 -0.97 20.65
N ASN H 126 2.82 -0.08 20.45
CA ASN H 126 3.91 -0.27 19.49
C ASN H 126 4.94 -1.26 20.06
N PRO H 127 5.22 -2.42 19.46
CA PRO H 127 6.00 -3.47 20.11
C PRO H 127 7.41 -3.05 20.49
N LEU H 128 8.14 -2.35 19.62
CA LEU H 128 9.52 -1.93 19.85
C LEU H 128 9.71 -1.19 21.19
N THR H 129 8.95 -0.13 21.40
CA THR H 129 9.05 0.71 22.61
C THR H 129 8.08 0.31 23.73
N GLY H 130 7.08 -0.52 23.44
CA GLY H 130 6.03 -0.92 24.37
C GLY H 130 5.03 0.17 24.74
N ALA H 131 5.16 1.41 24.24
CA ALA H 131 4.24 2.53 24.51
C ALA H 131 2.96 2.41 23.68
N ALA H 132 1.87 3.04 24.12
CA ALA H 132 0.61 3.07 23.39
C ALA H 132 0.71 3.78 22.04
N LEU H 133 -0.04 3.29 21.06
CA LEU H 133 -0.19 3.93 19.76
C LEU H 133 -0.91 5.26 19.89
N ALA H 134 -0.49 6.26 19.10
CA ALA H 134 -0.81 7.66 19.37
C ALA H 134 -2.28 8.04 19.17
N GLY H 135 -3.00 7.38 18.26
CA GLY H 135 -4.32 7.84 17.81
C GLY H 135 -5.49 7.61 18.76
N THR H 136 -5.27 6.92 19.90
CA THR H 136 -6.33 6.22 20.66
C THR H 136 -7.14 5.29 19.74
N PRO H 137 -6.49 4.33 19.07
CA PRO H 137 -7.16 3.42 18.16
C PRO H 137 -8.07 2.44 18.92
N PRO H 138 -9.05 1.81 18.23
CA PRO H 138 -9.74 0.64 18.75
C PRO H 138 -8.78 -0.50 19.11
N LYS H 139 -8.90 -1.05 20.32
CA LYS H 139 -8.17 -2.23 20.80
C LYS H 139 -9.14 -3.17 21.50
N ILE H 140 -8.93 -4.48 21.44
CA ILE H 140 -9.92 -5.43 21.99
C ILE H 140 -10.16 -5.18 23.48
N ILE H 141 -9.13 -4.81 24.23
CA ILE H 141 -9.24 -4.50 25.66
C ILE H 141 -9.97 -3.20 25.99
N ASP H 142 -10.50 -2.48 25.02
CA ASP H 142 -11.45 -1.38 25.25
C ASP H 142 -12.79 -1.85 25.82
N THR H 143 -13.14 -3.12 25.68
CA THR H 143 -14.45 -3.64 26.08
C THR H 143 -14.80 -3.33 27.54
N THR H 144 -16.06 -3.00 27.77
CA THR H 144 -16.64 -2.84 29.11
C THR H 144 -17.00 -4.17 29.76
N ASN H 145 -16.91 -5.28 29.04
CA ASN H 145 -17.09 -6.62 29.57
C ASN H 145 -15.82 -7.10 30.29
N VAL H 146 -15.58 -6.63 31.50
CA VAL H 146 -14.46 -7.09 32.32
C VAL H 146 -14.96 -7.96 33.46
N VAL H 147 -14.33 -9.10 33.68
CA VAL H 147 -14.45 -9.87 34.93
C VAL H 147 -13.12 -9.79 35.64
N GLU H 148 -13.13 -9.22 36.84
CA GLU H 148 -11.94 -8.80 37.54
C GLU H 148 -11.73 -9.70 38.76
N LEU H 149 -10.54 -10.30 38.85
CA LEU H 149 -10.29 -11.39 39.78
C LEU H 149 -10.04 -10.86 41.20
N THR H 150 -11.00 -11.09 42.09
CA THR H 150 -10.82 -11.00 43.54
C THR H 150 -9.99 -12.19 44.03
N THR H 151 -9.47 -12.14 45.26
CA THR H 151 -8.78 -13.28 45.88
C THR H 151 -9.68 -14.48 46.16
N GLU H 152 -11.01 -14.35 46.05
CA GLU H 152 -11.92 -15.50 46.07
C GLU H 152 -12.02 -16.16 44.69
N THR H 153 -12.14 -15.39 43.60
CA THR H 153 -12.29 -15.92 42.23
C THR H 153 -10.95 -16.33 41.61
N LEU H 154 -9.85 -15.68 41.99
CA LEU H 154 -8.49 -16.10 41.67
C LEU H 154 -8.30 -17.53 42.20
N GLY H 155 -7.81 -18.42 41.34
CA GLY H 155 -7.79 -19.86 41.62
C GLY H 155 -8.97 -20.65 41.05
N LEU H 156 -9.94 -19.99 40.40
CA LEU H 156 -11.01 -20.63 39.65
C LEU H 156 -11.03 -20.22 38.15
N PRO H 157 -9.99 -20.53 37.35
CA PRO H 157 -9.94 -20.18 35.94
C PRO H 157 -11.16 -20.54 35.13
N ASP H 158 -11.73 -21.72 35.30
CA ASP H 158 -12.93 -22.13 34.58
C ASP H 158 -14.12 -21.20 34.86
N GLN H 159 -14.34 -20.83 36.11
CA GLN H 159 -15.41 -19.91 36.48
C GLN H 159 -15.15 -18.49 35.99
N ALA H 160 -13.91 -18.04 35.95
CA ALA H 160 -13.58 -16.75 35.38
C ALA H 160 -13.84 -16.71 33.87
N ILE H 161 -13.42 -17.75 33.16
CA ILE H 161 -13.61 -17.85 31.71
C ILE H 161 -15.09 -17.95 31.37
N GLU H 162 -15.88 -18.73 32.09
CA GLU H 162 -17.31 -18.78 31.85
C GLU H 162 -18.05 -17.52 32.30
N ALA H 163 -17.59 -16.81 33.34
CA ALA H 163 -18.11 -15.49 33.66
C ALA H 163 -17.84 -14.48 32.54
N ALA H 164 -16.67 -14.53 31.91
CA ALA H 164 -16.39 -13.71 30.74
C ALA H 164 -17.34 -14.09 29.58
N VAL H 165 -17.50 -15.38 29.26
CA VAL H 165 -18.48 -15.84 28.26
C VAL H 165 -19.90 -15.38 28.56
N GLY H 166 -20.32 -15.36 29.82
CA GLY H 166 -21.63 -14.87 30.22
C GLY H 166 -21.86 -13.40 29.89
N LEU H 167 -20.84 -12.54 30.02
CA LEU H 167 -20.93 -11.16 29.58
C LEU H 167 -21.09 -11.05 28.06
N VAL H 168 -20.34 -11.83 27.28
CA VAL H 168 -20.45 -11.77 25.81
C VAL H 168 -21.85 -12.22 25.38
N LEU H 169 -22.33 -13.37 25.87
CA LEU H 169 -23.68 -13.84 25.56
C LEU H 169 -24.76 -12.87 26.01
N ASP H 170 -24.63 -12.19 27.15
CA ASP H 170 -25.65 -11.25 27.58
C ASP H 170 -25.60 -9.90 26.84
N ASP H 171 -24.56 -9.64 26.04
CA ASP H 171 -24.54 -8.64 24.98
C ASP H 171 -25.05 -9.18 23.62
N SER H 172 -25.69 -10.34 23.60
CA SER H 172 -26.29 -11.00 22.42
C SER H 172 -25.32 -11.47 21.34
N ILE H 173 -24.03 -11.63 21.64
CA ILE H 173 -23.03 -12.22 20.75
C ILE H 173 -22.66 -13.62 21.24
N SER H 174 -22.61 -14.62 20.37
CA SER H 174 -22.11 -15.94 20.72
C SER H 174 -20.59 -16.04 20.53
N PRO H 175 -19.77 -16.13 21.59
CA PRO H 175 -18.34 -16.25 21.44
C PRO H 175 -17.96 -17.55 20.75
N ASN H 176 -16.82 -17.55 20.06
CA ASN H 176 -16.31 -18.70 19.31
C ASN H 176 -14.82 -18.98 19.55
N GLY H 177 -14.10 -18.09 20.23
CA GLY H 177 -12.68 -18.24 20.48
C GLY H 177 -12.25 -17.68 21.83
N LEU H 178 -11.22 -18.29 22.40
CA LEU H 178 -10.60 -17.92 23.66
C LEU H 178 -9.07 -17.78 23.51
N ALA H 179 -8.53 -16.63 23.92
CA ALA H 179 -7.11 -16.38 24.00
C ALA H 179 -6.67 -16.36 25.46
N LEU H 180 -5.55 -17.02 25.77
CA LEU H 180 -5.04 -17.18 27.14
C LEU H 180 -3.59 -16.70 27.25
N ASP H 181 -3.26 -15.96 28.32
CA ASP H 181 -1.87 -15.80 28.75
C ASP H 181 -1.28 -17.17 29.10
N ASN H 182 0.00 -17.42 28.84
CA ASN H 182 0.58 -18.75 29.01
C ASN H 182 0.61 -19.23 30.47
N SER H 183 0.81 -18.34 31.45
CA SER H 183 0.77 -18.71 32.86
C SER H 183 -0.65 -19.10 33.25
N PHE H 184 -1.64 -18.35 32.77
CA PHE H 184 -3.04 -18.60 33.06
C PHE H 184 -3.57 -19.82 32.32
N ALA H 185 -3.09 -20.11 31.11
CA ALA H 185 -3.37 -21.38 30.45
C ALA H 185 -2.86 -22.58 31.24
N PHE H 186 -1.65 -22.53 31.81
CA PHE H 186 -1.16 -23.58 32.70
C PHE H 186 -2.06 -23.70 33.94
N LYS H 187 -2.43 -22.56 34.54
CA LYS H 187 -3.28 -22.52 35.73
C LYS H 187 -4.66 -23.15 35.49
N LEU H 188 -5.25 -22.98 34.31
CA LEU H 188 -6.46 -23.65 33.89
C LEU H 188 -6.24 -25.15 33.72
N ALA H 189 -5.24 -25.57 32.96
CA ALA H 189 -4.98 -26.99 32.71
C ALA H 189 -4.63 -27.78 33.97
N THR H 190 -4.14 -27.09 35.00
CA THR H 190 -3.82 -27.65 36.31
C THR H 190 -4.82 -27.20 37.38
N GLN H 191 -6.04 -26.80 37.00
CA GLN H 191 -7.08 -26.52 37.98
C GLN H 191 -7.52 -27.82 38.64
N ARG H 192 -7.67 -27.79 39.97
CA ARG H 192 -8.00 -28.96 40.77
C ARG H 192 -9.22 -28.68 41.62
N HIS H 193 -10.06 -29.69 41.78
CA HIS H 193 -11.26 -29.61 42.60
C HIS H 193 -10.89 -29.26 44.04
N PRO H 194 -11.54 -28.29 44.69
CA PRO H 194 -11.03 -27.69 45.92
C PRO H 194 -10.98 -28.63 47.11
N THR H 195 -11.76 -29.72 47.12
CA THR H 195 -11.83 -30.65 48.27
C THR H 195 -11.47 -32.07 47.90
N THR H 196 -11.82 -32.57 46.71
CA THR H 196 -11.33 -33.87 46.24
C THR H 196 -9.89 -33.83 45.71
N GLY H 197 -9.34 -32.65 45.42
CA GLY H 197 -7.96 -32.46 44.97
C GLY H 197 -7.63 -33.00 43.59
N GLN H 198 -8.58 -33.55 42.84
CA GLN H 198 -8.33 -34.12 41.51
C GLN H 198 -8.30 -33.04 40.43
N LYS H 199 -7.55 -33.27 39.35
CA LYS H 199 -7.52 -32.39 38.17
C LYS H 199 -8.88 -32.35 37.47
N LEU H 200 -9.36 -31.17 37.12
CA LEU H 200 -10.64 -30.98 36.43
C LEU H 200 -10.57 -31.24 34.92
N TYR H 201 -9.39 -31.07 34.31
CA TYR H 201 -9.19 -31.09 32.85
C TYR H 201 -7.94 -31.87 32.41
N PRO H 202 -7.81 -33.15 32.76
CA PRO H 202 -6.60 -33.93 32.49
C PRO H 202 -6.19 -34.00 31.02
N GLU H 203 -7.10 -33.78 30.07
CA GLU H 203 -6.81 -33.72 28.64
C GLU H 203 -5.97 -32.50 28.21
N LEU H 204 -5.91 -31.44 29.02
CA LEU H 204 -5.20 -30.20 28.70
C LEU H 204 -3.69 -30.23 29.02
N GLY H 205 -3.18 -31.29 29.63
CA GLY H 205 -1.76 -31.44 29.96
C GLY H 205 -1.25 -30.36 30.91
N PHE H 206 -0.10 -29.75 30.60
CA PHE H 206 0.44 -28.58 31.30
C PHE H 206 -0.04 -27.24 30.72
N GLY H 207 -0.99 -27.25 29.80
CA GLY H 207 -1.64 -26.04 29.32
C GLY H 207 -0.82 -25.21 28.33
N THR H 208 0.27 -25.75 27.80
CA THR H 208 0.83 -25.26 26.53
C THR H 208 0.00 -25.82 25.38
N ASP H 209 -0.13 -25.07 24.30
CA ASP H 209 -0.78 -25.51 23.06
C ASP H 209 -2.23 -26.05 23.23
N ILE H 210 -3.05 -25.40 24.07
CA ILE H 210 -4.47 -25.71 24.18
C ILE H 210 -5.17 -25.37 22.85
N SER H 211 -5.66 -26.38 22.13
CA SER H 211 -6.29 -26.20 20.81
C SER H 211 -7.76 -25.75 20.90
N GLY H 212 -8.48 -26.15 21.94
CA GLY H 212 -9.85 -25.77 22.19
C GLY H 212 -10.26 -26.06 23.63
N PHE H 213 -11.16 -25.25 24.18
CA PHE H 213 -11.65 -25.40 25.54
C PHE H 213 -13.11 -25.00 25.64
N MET H 214 -13.89 -25.75 26.44
CA MET H 214 -15.33 -25.55 26.54
C MET H 214 -15.98 -25.63 25.14
N SER H 215 -16.95 -24.79 24.82
CA SER H 215 -17.51 -24.70 23.46
C SER H 215 -16.53 -24.14 22.41
N LEU H 216 -15.44 -23.51 22.82
CA LEU H 216 -14.65 -22.56 22.05
C LEU H 216 -13.38 -23.14 21.42
N GLY H 217 -12.96 -22.58 20.30
CA GLY H 217 -11.57 -22.68 19.84
C GLY H 217 -10.64 -21.91 20.76
N ALA H 218 -9.35 -22.26 20.81
CA ALA H 218 -8.42 -21.65 21.75
C ALA H 218 -7.03 -21.38 21.16
N ALA H 219 -6.31 -20.43 21.76
CA ALA H 219 -4.90 -20.17 21.48
C ALA H 219 -4.21 -19.56 22.70
N VAL H 220 -2.94 -19.89 22.90
CA VAL H 220 -2.14 -19.49 24.07
C VAL H 220 -0.94 -18.64 23.65
N SER H 221 -0.66 -17.52 24.32
CA SER H 221 0.58 -16.76 24.11
C SER H 221 0.81 -15.75 25.21
N ASP H 222 2.06 -15.43 25.51
CA ASP H 222 2.40 -14.32 26.38
C ASP H 222 2.01 -12.95 25.81
N THR H 223 1.80 -12.83 24.49
CA THR H 223 1.27 -11.60 23.89
C THR H 223 -0.05 -11.16 24.51
N VAL H 224 -0.90 -12.09 24.96
CA VAL H 224 -2.19 -11.81 25.59
C VAL H 224 -2.03 -11.06 26.90
N ARG H 225 -0.88 -11.16 27.56
CA ARG H 225 -0.52 -10.41 28.76
C ARG H 225 -0.10 -8.97 28.45
N GLY H 226 0.26 -8.70 27.20
CA GLY H 226 1.07 -7.57 26.75
C GLY H 226 2.51 -7.96 26.38
N GLY H 227 2.88 -9.24 26.52
CA GLY H 227 4.24 -9.73 26.34
C GLY H 227 5.27 -9.06 27.25
N PRO H 228 6.58 -9.34 27.09
CA PRO H 228 7.65 -8.51 27.64
C PRO H 228 7.60 -7.07 27.15
N GLU H 229 7.07 -6.85 25.95
CA GLU H 229 7.03 -5.57 25.27
C GLU H 229 6.33 -4.50 26.11
N ALA H 230 5.09 -4.72 26.56
CA ALA H 230 4.33 -3.70 27.27
C ALA H 230 4.89 -3.28 28.64
N VAL H 231 5.78 -4.07 29.24
CA VAL H 231 6.47 -3.73 30.51
C VAL H 231 7.92 -3.25 30.34
N THR H 232 8.35 -2.88 29.13
CA THR H 232 9.68 -2.32 28.85
C THR H 232 10.00 -1.17 29.81
N PRO H 233 11.13 -1.17 30.55
CA PRO H 233 11.22 -0.46 31.83
C PRO H 233 11.19 1.06 31.76
N SER H 234 11.56 1.65 30.63
CA SER H 234 11.62 3.11 30.46
C SER H 234 10.33 3.72 29.90
N THR H 235 9.63 2.99 29.03
CA THR H 235 8.61 3.53 28.11
C THR H 235 7.39 2.63 27.89
N GLY H 236 7.41 1.39 28.36
CA GLY H 236 6.30 0.46 28.22
C GLY H 236 5.02 0.96 28.89
N ALA H 237 3.87 0.74 28.26
CA ALA H 237 2.55 1.16 28.72
C ALA H 237 2.17 0.64 30.12
N TYR H 238 2.69 -0.53 30.50
CA TYR H 238 2.41 -1.24 31.74
C TYR H 238 3.58 -1.25 32.72
N ARG H 239 4.61 -0.42 32.53
CA ARG H 239 5.81 -0.39 33.42
C ARG H 239 5.52 0.01 34.87
N THR H 240 4.33 0.55 35.15
CA THR H 240 3.93 1.06 36.47
C THR H 240 2.51 0.67 36.90
N THR H 241 1.54 0.51 35.99
CA THR H 241 0.16 0.10 36.30
C THR H 241 -0.33 -0.99 35.35
N ASN H 242 0.24 -2.20 35.46
CA ASN H 242 -0.16 -3.31 34.59
C ASN H 242 -1.58 -3.78 34.92
N PRO H 243 -2.52 -3.86 33.96
CA PRO H 243 -3.85 -4.39 34.21
C PRO H 243 -3.91 -5.91 34.39
N ASN H 244 -2.81 -6.64 34.18
CA ASN H 244 -2.71 -8.09 34.36
C ASN H 244 -3.79 -8.88 33.63
N ILE H 245 -3.90 -8.70 32.32
CA ILE H 245 -4.83 -9.45 31.48
C ILE H 245 -4.42 -10.92 31.47
N LYS H 246 -5.40 -11.79 31.76
CA LYS H 246 -5.26 -13.25 31.88
C LYS H 246 -5.83 -13.99 30.67
N ALA H 247 -6.97 -13.54 30.18
CA ALA H 247 -7.64 -14.12 29.03
C ALA H 247 -8.49 -13.09 28.31
N VAL H 248 -8.70 -13.30 27.02
CA VAL H 248 -9.68 -12.58 26.20
C VAL H 248 -10.59 -13.61 25.56
N VAL H 249 -11.91 -13.45 25.67
CA VAL H 249 -12.88 -14.35 25.05
C VAL H 249 -13.85 -13.55 24.21
N GLY H 250 -14.26 -14.07 23.08
CA GLY H 250 -15.21 -13.34 22.25
C GLY H 250 -15.60 -14.03 20.98
N ASP H 251 -16.41 -13.34 20.17
CA ASP H 251 -16.60 -13.70 18.77
C ASP H 251 -15.43 -13.11 17.98
N PHE H 252 -14.39 -13.90 17.79
CA PHE H 252 -13.21 -13.46 17.07
C PHE H 252 -13.47 -13.19 15.59
N SER H 253 -14.66 -13.48 15.06
CA SER H 253 -15.08 -12.99 13.74
C SER H 253 -15.41 -11.48 13.74
N ALA H 254 -15.69 -10.89 14.91
CA ALA H 254 -15.80 -9.44 15.03
C ALA H 254 -14.44 -8.71 14.93
N PHE H 255 -13.31 -9.41 14.98
CA PHE H 255 -11.99 -8.84 14.68
C PHE H 255 -11.63 -9.18 13.24
N ARG H 256 -11.55 -8.16 12.38
CA ARG H 256 -11.35 -8.27 10.93
C ARG H 256 -9.94 -7.84 10.59
N TRP H 257 -9.17 -8.69 9.90
CA TRP H 257 -7.80 -8.36 9.55
C TRP H 257 -7.35 -9.06 8.28
N GLY H 258 -6.34 -8.50 7.62
CA GLY H 258 -5.66 -9.11 6.48
C GLY H 258 -4.31 -8.48 6.23
N VAL H 259 -3.44 -9.19 5.52
CA VAL H 259 -2.20 -8.61 4.99
C VAL H 259 -2.49 -7.86 3.70
N GLN H 260 -2.27 -6.55 3.71
CA GLN H 260 -2.49 -5.70 2.54
C GLN H 260 -1.27 -5.63 1.63
N ALA H 261 -0.09 -5.71 2.22
CA ALA H 261 1.19 -5.78 1.53
C ALA H 261 2.21 -6.51 2.42
N ASN H 262 3.22 -7.10 1.80
CA ASN H 262 4.31 -7.83 2.43
C ASN H 262 5.62 -7.55 1.68
N ILE H 263 6.72 -7.38 2.40
CA ILE H 263 8.08 -7.41 1.84
C ILE H 263 8.84 -8.54 2.55
N PRO H 264 9.25 -9.60 1.86
CA PRO H 264 9.97 -10.70 2.49
C PRO H 264 11.32 -10.25 3.04
N LEU H 265 11.94 -11.03 3.92
CA LEU H 265 13.22 -10.68 4.54
C LEU H 265 14.28 -10.41 3.47
N THR H 266 14.90 -9.25 3.53
CA THR H 266 15.80 -8.76 2.50
C THR H 266 16.99 -8.03 3.10
N LEU H 267 18.12 -8.05 2.40
CA LEU H 267 19.40 -7.50 2.83
C LEU H 267 19.59 -6.09 2.26
N ILE H 268 19.92 -5.13 3.12
CA ILE H 268 20.22 -3.74 2.79
C ILE H 268 21.72 -3.54 2.90
N GLU H 269 22.34 -3.00 1.85
CA GLU H 269 23.80 -2.84 1.78
C GLU H 269 24.26 -1.38 1.67
N TYR H 270 23.37 -0.42 1.41
CA TYR H 270 23.72 0.98 1.11
C TYR H 270 22.85 1.97 1.86
N GLY H 271 23.30 3.21 1.99
CA GLY H 271 22.59 4.24 2.73
C GLY H 271 22.65 4.03 4.24
N ASP H 272 21.79 4.70 4.98
CA ASP H 272 21.64 4.57 6.42
C ASP H 272 20.17 4.29 6.76
N PRO H 273 19.74 3.01 6.78
CA PRO H 273 18.34 2.65 6.85
C PRO H 273 17.71 2.87 8.23
N ASP H 274 18.46 3.31 9.24
CA ASP H 274 18.00 3.37 10.64
C ASP H 274 18.62 4.52 11.45
N GLY H 275 19.46 5.37 10.87
CA GLY H 275 19.88 6.64 11.48
C GLY H 275 21.16 6.56 12.31
N SER H 276 22.01 5.59 12.02
CA SER H 276 23.20 5.22 12.80
C SER H 276 24.51 5.38 11.99
N GLY H 277 24.49 6.17 10.93
CA GLY H 277 25.60 6.31 9.99
C GLY H 277 25.48 5.36 8.82
N ASP H 278 26.13 5.66 7.71
CA ASP H 278 25.96 4.92 6.46
C ASP H 278 26.56 3.50 6.52
N LEU H 279 25.90 2.51 5.95
CA LEU H 279 26.32 1.11 6.00
C LEU H 279 27.64 0.86 5.31
N GLN H 280 27.89 1.48 4.16
CA GLN H 280 29.18 1.42 3.47
C GLN H 280 30.23 2.24 4.19
N ARG H 281 29.87 3.36 4.84
CA ARG H 281 30.81 4.13 5.66
C ARG H 281 31.30 3.29 6.84
N LYS H 282 30.42 2.53 7.48
CA LYS H 282 30.68 1.86 8.76
C LYS H 282 30.70 0.34 8.67
N ASN H 283 31.16 -0.21 7.54
CA ASN H 283 31.49 -1.64 7.45
C ASN H 283 30.32 -2.60 7.71
N GLU H 284 29.08 -2.19 7.56
CA GLU H 284 27.91 -2.89 8.13
C GLU H 284 26.95 -3.40 7.08
N LEU H 285 26.03 -4.25 7.51
CA LEU H 285 24.87 -4.69 6.76
C LEU H 285 23.64 -4.60 7.65
N ALA H 286 22.46 -4.49 7.06
CA ALA H 286 21.21 -4.66 7.78
C ALA H 286 20.31 -5.65 7.06
N ILE H 287 19.54 -6.44 7.78
CA ILE H 287 18.43 -7.21 7.21
C ILE H 287 17.11 -6.63 7.69
N ARG H 288 16.15 -6.51 6.80
CA ARG H 288 14.82 -5.95 7.08
C ARG H 288 13.72 -6.86 6.56
N ALA H 289 12.62 -6.94 7.30
CA ALA H 289 11.36 -7.49 6.84
C ALA H 289 10.22 -6.54 7.21
N GLU H 290 9.14 -6.59 6.46
CA GLU H 290 8.01 -5.68 6.64
C GLU H 290 6.68 -6.31 6.24
N VAL H 291 5.61 -5.93 6.93
CA VAL H 291 4.25 -6.36 6.62
C VAL H 291 3.28 -5.23 6.91
N VAL H 292 2.22 -5.15 6.14
CA VAL H 292 1.13 -4.21 6.36
C VAL H 292 -0.11 -4.99 6.75
N TYR H 293 -0.61 -4.73 7.94
CA TYR H 293 -1.84 -5.29 8.46
C TYR H 293 -2.95 -4.24 8.35
N GLY H 294 -4.08 -4.59 7.76
CA GLY H 294 -5.32 -3.86 8.01
C GLY H 294 -6.01 -4.48 9.21
N VAL H 295 -6.44 -3.68 10.20
CA VAL H 295 -7.11 -4.16 11.42
C VAL H 295 -8.38 -3.37 11.73
N GLY H 296 -9.45 -4.04 12.12
CA GLY H 296 -10.68 -3.39 12.59
C GLY H 296 -11.51 -4.26 13.51
N ILE H 297 -12.11 -3.66 14.53
CA ILE H 297 -13.00 -4.33 15.48
C ILE H 297 -14.42 -3.87 15.20
N LEU H 298 -15.34 -4.78 14.84
CA LEU H 298 -16.72 -4.43 14.51
C LEU H 298 -17.52 -3.95 15.71
N SER H 299 -17.34 -4.57 16.88
CA SER H 299 -17.92 -4.09 18.13
C SER H 299 -17.11 -4.56 19.31
N THR H 300 -16.82 -3.68 20.25
CA THR H 300 -16.04 -4.05 21.43
C THR H 300 -16.81 -5.01 22.35
N ASP H 301 -18.15 -4.97 22.33
CA ASP H 301 -19.00 -5.89 23.09
C ASP H 301 -18.91 -7.33 22.62
N ALA H 302 -18.35 -7.61 21.44
CA ALA H 302 -18.08 -8.97 21.00
C ALA H 302 -16.98 -9.66 21.83
N PHE H 303 -16.28 -8.93 22.70
CA PHE H 303 -15.18 -9.43 23.51
C PHE H 303 -15.39 -9.12 24.99
N ALA H 304 -14.83 -9.98 25.84
CA ALA H 304 -14.73 -9.80 27.28
C ALA H 304 -13.33 -10.21 27.74
N VAL H 305 -12.83 -9.62 28.83
CA VAL H 305 -11.47 -9.90 29.32
C VAL H 305 -11.45 -10.23 30.80
N VAL H 306 -10.60 -11.17 31.15
CA VAL H 306 -10.29 -11.55 32.53
C VAL H 306 -9.03 -10.82 32.93
N ARG H 307 -9.05 -10.09 34.04
CA ARG H 307 -7.90 -9.29 34.47
C ARG H 307 -7.86 -9.08 35.98
N ASP H 308 -6.79 -8.49 36.50
CA ASP H 308 -6.59 -8.35 37.94
C ASP H 308 -5.82 -7.08 38.29
N ALA H 309 -6.53 -6.04 38.70
CA ALA H 309 -5.93 -4.83 39.26
C ALA H 309 -6.87 -4.22 40.31
N ALA I 2 44.91 40.64 -42.44
CA ALA I 2 45.46 40.63 -43.81
C ALA I 2 45.87 39.20 -44.24
N VAL I 3 46.99 38.67 -43.75
CA VAL I 3 47.46 37.28 -44.01
C VAL I 3 46.72 36.27 -43.11
N LEU I 4 46.39 35.09 -43.60
CA LEU I 4 45.72 34.06 -42.81
C LEU I 4 46.72 33.23 -42.00
N LYS I 5 46.62 33.28 -40.67
CA LYS I 5 47.49 32.55 -39.74
C LYS I 5 46.69 31.56 -38.90
N THR I 6 47.29 30.46 -38.50
CA THR I 6 46.62 29.40 -37.72
C THR I 6 46.16 29.83 -36.33
N SER I 7 46.65 30.96 -35.78
CA SER I 7 46.08 31.57 -34.57
C SER I 7 44.59 31.85 -34.70
N SER I 8 44.09 32.09 -35.90
CA SER I 8 42.66 32.26 -36.17
C SER I 8 41.87 30.96 -36.09
N PHE I 9 42.51 29.80 -36.17
CA PHE I 9 41.82 28.50 -36.19
C PHE I 9 41.62 27.91 -34.79
N GLN I 10 42.51 28.20 -33.84
CA GLN I 10 42.48 27.71 -32.45
C GLN I 10 42.26 26.19 -32.34
N LEU I 11 43.06 25.44 -33.08
CA LEU I 11 42.94 23.98 -33.16
C LEU I 11 43.26 23.29 -31.81
N PRO I 12 42.52 22.26 -31.40
CA PRO I 12 42.77 21.53 -30.16
C PRO I 12 44.00 20.62 -30.27
N ARG I 13 44.71 20.40 -29.16
CA ARG I 13 45.93 19.57 -29.09
C ARG I 13 45.64 18.12 -29.42
N HIS I 14 46.60 17.41 -29.99
CA HIS I 14 46.51 15.95 -30.13
C HIS I 14 46.73 15.28 -28.79
N LEU I 15 45.87 14.34 -28.40
CA LEU I 15 45.98 13.66 -27.12
C LEU I 15 46.70 12.33 -27.32
N VAL I 16 47.72 12.05 -26.51
CA VAL I 16 48.60 10.88 -26.70
C VAL I 16 48.20 9.76 -25.72
N PRO I 17 48.03 8.50 -26.17
CA PRO I 17 47.63 7.41 -25.29
C PRO I 17 48.61 7.11 -24.14
N GLY I 18 48.14 6.36 -23.15
CA GLY I 18 48.90 5.97 -21.97
C GLY I 18 48.96 7.04 -20.89
N VAL I 19 49.35 6.63 -19.69
CA VAL I 19 49.57 7.52 -18.53
C VAL I 19 51.00 7.33 -18.03
N TRP I 20 51.68 8.42 -17.72
CA TRP I 20 53.03 8.38 -17.15
C TRP I 20 52.96 8.50 -15.63
N GLN I 21 53.67 7.64 -14.92
CA GLN I 21 53.63 7.48 -13.47
C GLN I 21 55.04 7.30 -12.90
N LYS I 22 55.30 7.87 -11.72
CA LYS I 22 56.39 7.40 -10.85
C LYS I 22 56.10 5.99 -10.35
N ALA I 23 57.11 5.15 -10.16
CA ALA I 23 56.92 3.79 -9.63
C ALA I 23 56.76 3.80 -8.10
N GLN I 24 56.14 2.77 -7.51
CA GLN I 24 55.97 2.64 -6.06
C GLN I 24 56.70 1.42 -5.51
N GLY I 25 57.29 1.55 -4.33
CA GLY I 25 57.86 0.42 -3.62
C GLY I 25 56.79 -0.58 -3.19
N GLN I 26 57.02 -1.86 -3.48
CA GLN I 26 56.14 -2.97 -3.14
C GLN I 26 56.36 -3.46 -1.70
N SER I 27 55.54 -4.40 -1.24
CA SER I 27 55.74 -5.03 0.07
C SER I 27 57.07 -5.79 0.14
N VAL I 28 57.85 -5.54 1.19
CA VAL I 28 59.00 -6.39 1.56
C VAL I 28 58.53 -7.60 2.33
N LEU I 29 57.58 -7.46 3.24
CA LEU I 29 57.12 -8.55 4.09
C LEU I 29 56.49 -9.68 3.27
N ALA I 30 55.73 -9.39 2.23
CA ALA I 30 55.21 -10.42 1.33
C ALA I 30 56.30 -11.21 0.59
N ARG I 31 57.47 -10.61 0.38
CA ARG I 31 58.62 -11.25 -0.29
C ARG I 31 59.48 -12.02 0.70
N LEU I 32 59.74 -11.48 1.87
CA LEU I 32 60.62 -12.10 2.87
C LEU I 32 59.94 -13.17 3.71
N SER I 33 58.64 -13.03 3.99
CA SER I 33 57.83 -13.97 4.75
C SER I 33 56.73 -14.57 3.89
N ASN I 34 56.64 -15.89 3.74
CA ASN I 34 55.50 -16.51 3.08
C ASN I 34 54.21 -16.30 3.89
N ALA I 35 53.09 -16.05 3.22
CA ALA I 35 51.76 -16.10 3.82
C ALA I 35 51.45 -17.53 4.31
N GLU I 36 51.02 -17.68 5.55
CA GLU I 36 50.38 -18.91 6.01
C GLU I 36 48.87 -18.84 5.76
N PRO I 37 48.19 -19.94 5.42
CA PRO I 37 46.74 -19.97 5.37
C PRO I 37 46.17 -19.71 6.78
N GLN I 38 45.20 -18.80 6.89
CA GLN I 38 44.58 -18.42 8.16
C GLN I 38 43.06 -18.37 8.07
N GLU I 39 42.39 -18.81 9.13
CA GLU I 39 40.96 -18.59 9.33
C GLU I 39 40.71 -17.27 10.07
N PHE I 40 39.62 -16.58 9.72
CA PHE I 40 39.29 -15.27 10.27
C PHE I 40 39.28 -15.28 11.80
N GLY I 41 39.96 -14.31 12.42
CA GLY I 41 40.13 -14.21 13.87
C GLY I 41 41.59 -14.22 14.33
N GLU I 42 41.84 -13.92 15.60
CA GLU I 42 43.18 -13.92 16.15
C GLU I 42 43.77 -15.34 16.24
N GLN I 43 45.04 -15.49 15.90
CA GLN I 43 45.79 -16.74 16.00
C GLN I 43 46.53 -16.80 17.33
N GLN I 44 46.84 -17.99 17.82
CA GLN I 44 47.73 -18.18 18.98
C GLN I 44 48.84 -19.17 18.64
N TYR I 45 50.07 -18.84 18.99
CA TYR I 45 51.28 -19.63 18.72
C TYR I 45 51.97 -19.98 20.04
N MET I 46 52.56 -21.16 20.14
CA MET I 46 53.19 -21.65 21.37
C MET I 46 54.70 -21.49 21.29
N THR I 47 55.31 -20.92 22.32
CA THR I 47 56.76 -20.67 22.40
C THR I 47 57.38 -21.25 23.65
N LEU I 48 58.59 -21.77 23.57
CA LEU I 48 59.40 -22.16 24.74
C LEU I 48 60.04 -20.90 25.35
N THR I 49 59.81 -20.66 26.63
CA THR I 49 60.41 -19.55 27.38
C THR I 49 61.79 -19.91 27.91
N ALA I 50 61.96 -21.10 28.51
CA ALA I 50 63.25 -21.58 29.01
C ALA I 50 63.39 -23.11 28.89
N PRO I 51 64.56 -23.65 28.52
CA PRO I 51 64.82 -25.08 28.55
C PRO I 51 65.17 -25.56 29.97
N PRO I 52 65.12 -26.87 30.26
CA PRO I 52 65.63 -27.44 31.49
C PRO I 52 67.16 -27.42 31.52
N ARG I 53 67.76 -27.51 32.71
CA ARG I 53 69.21 -27.60 32.90
C ARG I 53 69.61 -28.93 33.52
N GLY I 54 70.80 -29.41 33.21
CA GLY I 54 71.39 -30.57 33.88
C GLY I 54 71.82 -30.26 35.30
N GLU I 55 72.09 -31.28 36.10
CA GLU I 55 72.59 -31.16 37.47
C GLU I 55 73.63 -32.25 37.74
N VAL I 56 74.66 -31.97 38.54
CA VAL I 56 75.62 -32.97 39.00
C VAL I 56 75.37 -33.29 40.47
N VAL I 57 75.38 -34.59 40.80
CA VAL I 57 74.96 -35.13 42.10
C VAL I 57 75.95 -36.18 42.63
N GLY I 58 76.14 -36.22 43.95
CA GLY I 58 76.86 -37.30 44.64
C GLY I 58 76.13 -38.65 44.60
N GLU I 59 76.76 -39.71 45.09
CA GLU I 59 76.24 -41.08 45.00
C GLU I 59 74.91 -41.28 45.73
N SER I 60 74.56 -40.41 46.69
CA SER I 60 73.22 -40.36 47.30
C SER I 60 72.78 -38.94 47.67
N ALA I 61 73.19 -37.93 46.91
CA ALA I 61 72.66 -36.57 47.04
C ALA I 61 71.25 -36.48 46.48
N GLU I 62 70.43 -35.58 47.02
CA GLU I 62 69.05 -35.38 46.59
C GLU I 62 68.97 -34.68 45.22
N LYS I 63 68.43 -35.35 44.20
CA LYS I 63 68.25 -34.81 42.85
C LYS I 63 67.17 -33.71 42.82
N SER I 64 67.39 -32.61 42.13
CA SER I 64 66.45 -31.48 41.97
C SER I 64 65.54 -31.63 40.76
N GLU I 65 64.42 -30.90 40.73
CA GLU I 65 63.55 -30.77 39.55
C GLU I 65 64.05 -29.65 38.63
N SER I 66 63.97 -29.82 37.30
CA SER I 66 64.13 -28.73 36.32
C SER I 66 63.31 -29.01 35.07
N THR I 67 62.44 -28.10 34.69
CA THR I 67 61.40 -28.33 33.67
C THR I 67 61.41 -27.21 32.64
N ALA I 68 61.08 -27.54 31.38
CA ALA I 68 60.79 -26.55 30.36
C ALA I 68 59.68 -25.59 30.80
N THR I 69 59.73 -24.34 30.38
CA THR I 69 58.65 -23.36 30.57
C THR I 69 58.21 -22.82 29.23
N PHE I 70 56.94 -22.43 29.12
CA PHE I 70 56.31 -22.00 27.87
C PHE I 70 55.51 -20.73 28.07
N ALA I 71 55.30 -19.99 26.99
CA ALA I 71 54.38 -18.88 26.92
C ALA I 71 53.69 -18.85 25.55
N PRO I 72 52.39 -18.53 25.49
CA PRO I 72 51.71 -18.25 24.23
C PRO I 72 51.94 -16.83 23.76
N VAL I 73 51.86 -16.61 22.45
CA VAL I 73 51.80 -15.28 21.84
C VAL I 73 50.65 -15.24 20.84
N THR I 74 50.02 -14.08 20.67
CA THR I 74 48.76 -13.95 19.93
C THR I 74 48.84 -12.90 18.83
N SER I 75 48.30 -13.21 17.65
CA SER I 75 48.22 -12.27 16.54
C SER I 75 47.23 -11.13 16.83
N LEU I 76 47.37 -10.03 16.10
CA LEU I 76 46.27 -9.11 15.85
C LEU I 76 45.63 -9.42 14.50
N VAL I 77 44.49 -8.81 14.24
CA VAL I 77 43.78 -8.85 12.96
C VAL I 77 43.53 -7.42 12.52
N ARG I 78 43.96 -7.07 11.31
CA ARG I 78 43.95 -5.72 10.76
C ARG I 78 43.20 -5.72 9.43
N LYS I 79 42.13 -4.95 9.36
CA LYS I 79 41.31 -4.77 8.16
C LYS I 79 41.74 -3.48 7.49
N VAL I 80 42.07 -3.58 6.21
CA VAL I 80 42.65 -2.50 5.42
C VAL I 80 41.77 -2.27 4.20
N GLN I 81 41.48 -1.03 3.88
CA GLN I 81 40.62 -0.66 2.76
C GLN I 81 41.19 0.51 1.96
N VAL I 82 40.78 0.64 0.71
CA VAL I 82 41.03 1.82 -0.11
C VAL I 82 39.74 2.16 -0.83
N THR I 83 39.36 3.44 -0.86
CA THR I 83 38.16 3.92 -1.55
C THR I 83 38.52 5.14 -2.36
N GLN I 84 38.11 5.18 -3.62
CA GLN I 84 38.39 6.28 -4.55
C GLN I 84 37.07 6.77 -5.13
N ARG I 85 36.86 8.08 -5.22
CA ARG I 85 35.58 8.71 -5.62
C ARG I 85 35.77 9.63 -6.82
N PHE I 86 34.89 9.56 -7.81
CA PHE I 86 34.96 10.34 -9.05
C PHE I 86 33.58 10.61 -9.65
N SER I 87 33.43 11.68 -10.44
CA SER I 87 32.15 12.04 -11.08
C SER I 87 31.84 11.10 -12.23
N GLN I 88 30.57 10.86 -12.56
CA GLN I 88 30.21 9.99 -13.69
C GLN I 88 30.82 10.46 -15.01
N GLU I 89 31.04 11.76 -15.16
CA GLU I 89 31.69 12.38 -16.32
C GLU I 89 33.10 11.86 -16.52
N VAL I 90 33.82 11.46 -15.46
CA VAL I 90 35.12 10.82 -15.56
C VAL I 90 35.03 9.44 -16.19
N LYS I 91 33.97 8.66 -15.90
CA LYS I 91 33.73 7.38 -16.55
C LYS I 91 33.41 7.57 -18.03
N TRP I 92 32.53 8.51 -18.34
CA TRP I 92 32.18 8.85 -19.72
C TRP I 92 33.35 9.37 -20.52
N ALA I 93 34.15 10.29 -19.98
CA ALA I 93 35.36 10.79 -20.62
C ALA I 93 36.33 9.63 -20.89
N ASP I 94 36.71 8.87 -19.86
CA ASP I 94 37.64 7.77 -19.98
C ASP I 94 37.18 6.72 -20.98
N GLU I 95 35.95 6.21 -20.87
CA GLU I 95 35.51 5.12 -21.73
C GLU I 95 35.22 5.54 -23.17
N SER I 96 35.02 6.82 -23.44
CA SER I 96 34.89 7.32 -24.83
C SER I 96 36.25 7.62 -25.44
N ARG I 97 37.14 8.31 -24.72
CA ARG I 97 38.47 8.66 -25.22
C ARG I 97 39.52 7.55 -25.05
N GLN I 98 39.22 6.47 -24.33
CA GLN I 98 40.16 5.41 -23.97
C GLN I 98 41.39 5.93 -23.21
N LEU I 99 41.19 6.78 -22.19
CA LEU I 99 42.30 7.38 -21.46
C LEU I 99 43.09 6.33 -20.66
N GLY I 100 42.42 5.30 -20.14
CA GLY I 100 42.97 4.32 -19.21
C GLY I 100 42.91 4.75 -17.75
N VAL I 101 42.27 5.87 -17.43
CA VAL I 101 42.31 6.47 -16.07
C VAL I 101 41.65 5.58 -15.03
N LEU I 102 40.51 4.95 -15.30
CA LEU I 102 39.91 4.02 -14.36
C LEU I 102 40.74 2.75 -14.19
N GLN I 103 41.41 2.29 -15.25
CA GLN I 103 42.25 1.10 -15.19
C GLN I 103 43.52 1.35 -14.37
N THR I 104 44.16 2.51 -14.47
CA THR I 104 45.27 2.82 -13.56
C THR I 104 44.76 3.00 -12.14
N MET I 105 43.61 3.62 -11.90
CA MET I 105 43.02 3.64 -10.56
C MET I 105 42.73 2.23 -10.02
N ALA I 106 42.34 1.27 -10.85
CA ALA I 106 42.20 -0.11 -10.43
C ALA I 106 43.55 -0.68 -9.99
N ASP I 107 44.60 -0.60 -10.82
CA ASP I 107 45.93 -1.10 -10.49
C ASP I 107 46.55 -0.44 -9.25
N LEU I 108 46.38 0.86 -9.11
CA LEU I 108 46.88 1.62 -7.96
C LEU I 108 46.28 1.18 -6.62
N SER I 109 45.04 0.71 -6.62
CA SER I 109 44.38 0.20 -5.42
C SER I 109 45.03 -1.08 -4.91
N GLY I 110 45.46 -1.97 -5.80
CA GLY I 110 46.15 -3.21 -5.46
C GLY I 110 47.49 -2.95 -4.81
N VAL I 111 48.30 -2.04 -5.36
CA VAL I 111 49.58 -1.69 -4.72
C VAL I 111 49.38 -0.97 -3.39
N ALA I 112 48.36 -0.14 -3.24
CA ALA I 112 48.08 0.52 -1.96
C ALA I 112 47.75 -0.48 -0.83
N LEU I 113 46.98 -1.53 -1.12
CA LEU I 113 46.70 -2.60 -0.15
C LEU I 113 47.91 -3.49 0.10
N GLY I 114 48.76 -3.73 -0.90
CA GLY I 114 50.01 -4.45 -0.72
C GLY I 114 50.97 -3.72 0.22
N ARG I 115 51.19 -2.43 0.00
CA ARG I 115 52.05 -1.58 0.84
C ARG I 115 51.62 -1.55 2.29
N ALA I 116 50.32 -1.61 2.57
CA ALA I 116 49.80 -1.53 3.93
C ALA I 116 50.40 -2.57 4.87
N LEU I 117 50.66 -3.79 4.39
CA LEU I 117 51.26 -4.85 5.19
C LEU I 117 52.57 -4.41 5.82
N ASP I 118 53.45 -3.72 5.09
CA ASP I 118 54.73 -3.24 5.61
C ASP I 118 54.58 -2.09 6.60
N LEU I 119 53.70 -1.12 6.36
CA LEU I 119 53.51 -0.02 7.30
C LEU I 119 52.93 -0.52 8.62
N ILE I 120 52.08 -1.54 8.56
CA ILE I 120 51.54 -2.18 9.76
C ILE I 120 52.63 -2.99 10.46
N GLY I 121 53.24 -3.98 9.79
CA GLY I 121 54.17 -4.91 10.41
C GLY I 121 55.47 -4.26 10.89
N ILE I 122 56.11 -3.47 10.05
CA ILE I 122 57.40 -2.86 10.39
C ILE I 122 57.20 -1.68 11.33
N HIS I 123 56.39 -0.70 10.96
CA HIS I 123 56.30 0.58 11.67
C HIS I 123 55.13 0.72 12.63
N GLY I 124 54.07 -0.06 12.47
CA GLY I 124 52.86 0.09 13.27
C GLY I 124 52.13 1.41 13.04
N ILE I 125 51.95 1.83 11.78
CA ILE I 125 51.27 3.07 11.42
C ILE I 125 50.10 2.82 10.48
N ASN I 126 49.11 3.71 10.50
CA ASN I 126 48.00 3.68 9.55
C ASN I 126 48.47 4.30 8.24
N PRO I 127 48.50 3.60 7.09
CA PRO I 127 49.18 4.12 5.91
C PRO I 127 48.62 5.46 5.42
N LEU I 128 47.30 5.65 5.44
CA LEU I 128 46.65 6.87 4.96
C LEU I 128 47.13 8.13 5.67
N THR I 129 46.88 8.26 6.96
CA THR I 129 47.23 9.45 7.75
C THR I 129 48.69 9.44 8.25
N GLY I 130 49.36 8.29 8.19
CA GLY I 130 50.74 8.10 8.64
C GLY I 130 50.94 8.04 10.16
N ALA I 131 49.89 8.18 10.96
CA ALA I 131 49.92 8.16 12.42
C ALA I 131 50.07 6.75 13.00
N ALA I 132 50.60 6.63 14.21
CA ALA I 132 50.77 5.36 14.93
C ALA I 132 49.43 4.69 15.31
N LEU I 133 49.37 3.37 15.24
CA LEU I 133 48.17 2.61 15.60
C LEU I 133 47.92 2.65 17.11
N ALA I 134 46.66 2.71 17.50
CA ALA I 134 46.25 3.18 18.82
C ALA I 134 46.59 2.25 20.00
N GLY I 135 46.69 0.93 19.80
CA GLY I 135 46.82 -0.04 20.89
C GLY I 135 48.25 -0.28 21.43
N THR I 136 49.24 0.52 21.00
CA THR I 136 50.67 0.18 21.10
C THR I 136 50.97 -1.27 20.67
N PRO I 137 50.60 -1.66 19.44
CA PRO I 137 50.66 -3.05 19.01
C PRO I 137 52.10 -3.50 18.74
N PRO I 138 52.36 -4.82 18.65
CA PRO I 138 53.66 -5.33 18.25
C PRO I 138 54.05 -4.89 16.84
N LYS I 139 55.28 -4.44 16.66
CA LYS I 139 55.88 -3.98 15.40
C LYS I 139 57.34 -4.38 15.35
N ILE I 140 57.92 -4.60 14.18
CA ILE I 140 59.31 -5.09 14.10
C ILE I 140 60.30 -4.10 14.70
N ILE I 141 60.10 -2.78 14.56
CA ILE I 141 61.01 -1.80 15.16
C ILE I 141 60.94 -1.71 16.69
N ASP I 142 60.17 -2.57 17.36
CA ASP I 142 60.26 -2.76 18.82
C ASP I 142 61.59 -3.38 19.27
N THR I 143 62.29 -4.09 18.40
CA THR I 143 63.48 -4.83 18.79
C THR I 143 64.55 -3.96 19.44
N THR I 144 65.12 -4.45 20.55
CA THR I 144 66.32 -3.89 21.18
C THR I 144 67.60 -4.21 20.43
N ASN I 145 67.56 -5.04 19.38
CA ASN I 145 68.67 -5.22 18.47
C ASN I 145 68.74 -4.06 17.48
N VAL I 146 69.30 -2.94 17.91
CA VAL I 146 69.51 -1.75 17.07
C VAL I 146 71.00 -1.50 16.85
N VAL I 147 71.38 -1.17 15.62
CA VAL I 147 72.65 -0.48 15.34
C VAL I 147 72.38 0.94 14.89
N GLU I 148 72.96 1.90 15.61
CA GLU I 148 72.77 3.32 15.38
C GLU I 148 74.01 3.85 14.65
N LEU I 149 73.82 4.37 13.45
CA LEU I 149 74.91 4.85 12.61
C LEU I 149 75.49 6.16 13.15
N THR I 150 76.82 6.25 13.17
CA THR I 150 77.54 7.50 13.35
C THR I 150 77.98 8.07 12.01
N THR I 151 78.55 9.28 12.01
CA THR I 151 79.15 9.91 10.82
C THR I 151 80.28 9.07 10.18
N GLU I 152 80.94 8.18 10.92
CA GLU I 152 81.90 7.22 10.37
C GLU I 152 81.33 5.83 10.10
N THR I 153 80.21 5.41 10.69
CA THR I 153 79.53 4.18 10.28
C THR I 153 78.86 4.35 8.91
N LEU I 154 78.33 5.55 8.63
CA LEU I 154 77.88 5.95 7.30
C LEU I 154 78.98 5.80 6.25
N GLY I 155 78.61 5.51 5.01
CA GLY I 155 79.55 5.14 3.96
C GLY I 155 79.99 3.68 4.00
N LEU I 156 79.72 2.97 5.09
CA LEU I 156 79.89 1.52 5.22
C LEU I 156 78.57 0.75 5.43
N PRO I 157 77.59 0.81 4.50
CA PRO I 157 76.38 0.00 4.57
C PRO I 157 76.61 -1.48 4.87
N ASP I 158 77.54 -2.13 4.18
CA ASP I 158 77.77 -3.56 4.35
C ASP I 158 78.23 -3.93 5.77
N GLN I 159 79.12 -3.14 6.37
CA GLN I 159 79.51 -3.34 7.76
C GLN I 159 78.36 -3.06 8.73
N ALA I 160 77.44 -2.16 8.41
CA ALA I 160 76.27 -1.91 9.24
C ALA I 160 75.29 -3.09 9.22
N ILE I 161 75.07 -3.68 8.05
CA ILE I 161 74.22 -4.87 7.92
C ILE I 161 74.81 -6.03 8.71
N GLU I 162 76.10 -6.33 8.59
CA GLU I 162 76.64 -7.47 9.34
C GLU I 162 76.73 -7.23 10.84
N ALA I 163 76.90 -6.01 11.32
CA ALA I 163 76.78 -5.73 12.74
C ALA I 163 75.37 -6.07 13.25
N ALA I 164 74.34 -5.71 12.50
CA ALA I 164 72.97 -6.05 12.83
C ALA I 164 72.71 -7.55 12.75
N VAL I 165 73.20 -8.29 11.75
CA VAL I 165 73.16 -9.76 11.70
C VAL I 165 73.74 -10.36 12.97
N GLY I 166 74.88 -9.84 13.41
CA GLY I 166 75.50 -10.24 14.66
C GLY I 166 74.58 -10.13 15.88
N LEU I 167 73.79 -9.07 16.02
CA LEU I 167 72.85 -8.94 17.12
C LEU I 167 71.75 -10.00 17.12
N VAL I 168 71.29 -10.46 15.95
CA VAL I 168 70.30 -11.54 15.88
C VAL I 168 70.93 -12.84 16.38
N LEU I 169 72.15 -13.14 15.94
CA LEU I 169 72.90 -14.32 16.36
C LEU I 169 73.28 -14.30 17.85
N ASP I 170 73.53 -13.15 18.45
CA ASP I 170 73.68 -13.01 19.90
C ASP I 170 72.40 -13.29 20.69
N ASP I 171 71.24 -13.20 20.07
CA ASP I 171 69.95 -13.65 20.61
C ASP I 171 69.61 -15.07 20.15
N SER I 172 70.59 -15.81 19.64
CA SER I 172 70.55 -17.23 19.33
C SER I 172 69.56 -17.63 18.23
N ILE I 173 69.16 -16.68 17.39
CA ILE I 173 68.29 -16.87 16.23
C ILE I 173 69.13 -16.67 14.97
N SER I 174 68.98 -17.47 13.92
CA SER I 174 69.72 -17.26 12.67
C SER I 174 68.89 -16.51 11.64
N PRO I 175 69.30 -15.31 11.21
CA PRO I 175 68.56 -14.54 10.23
C PRO I 175 68.55 -15.22 8.86
N ASN I 176 67.52 -14.95 8.08
CA ASN I 176 67.35 -15.46 6.72
C ASN I 176 66.95 -14.38 5.70
N GLY I 177 66.58 -13.19 6.15
CA GLY I 177 66.07 -12.11 5.32
C GLY I 177 66.59 -10.74 5.69
N LEU I 178 66.69 -9.86 4.71
CA LEU I 178 67.10 -8.47 4.80
C LEU I 178 66.10 -7.57 4.05
N ALA I 179 65.60 -6.54 4.69
CA ALA I 179 64.80 -5.48 4.07
C ALA I 179 65.59 -4.18 4.07
N LEU I 180 65.73 -3.54 2.91
CA LEU I 180 66.48 -2.31 2.72
C LEU I 180 65.58 -1.14 2.33
N ASP I 181 65.77 0.04 2.91
CA ASP I 181 65.27 1.27 2.29
C ASP I 181 65.97 1.49 0.96
N ASN I 182 65.29 1.95 -0.09
CA ASN I 182 65.91 2.15 -1.40
C ASN I 182 67.04 3.21 -1.40
N SER I 183 66.96 4.26 -0.57
CA SER I 183 68.04 5.22 -0.40
C SER I 183 69.31 4.55 0.16
N PHE I 184 69.16 3.58 1.05
CA PHE I 184 70.26 2.85 1.67
C PHE I 184 70.75 1.72 0.76
N ALA I 185 69.86 1.03 0.05
CA ALA I 185 70.22 0.02 -0.95
C ALA I 185 71.03 0.62 -2.09
N PHE I 186 70.77 1.86 -2.47
CA PHE I 186 71.59 2.59 -3.42
C PHE I 186 72.98 2.89 -2.84
N LYS I 187 73.09 3.40 -1.61
CA LYS I 187 74.38 3.59 -0.95
C LYS I 187 75.19 2.29 -0.89
N LEU I 188 74.55 1.17 -0.59
CA LEU I 188 75.19 -0.14 -0.62
C LEU I 188 75.66 -0.52 -2.03
N ALA I 189 74.79 -0.44 -3.02
CA ALA I 189 75.12 -0.82 -4.39
C ALA I 189 76.19 0.08 -5.04
N THR I 190 76.35 1.31 -4.57
CA THR I 190 77.38 2.27 -5.02
C THR I 190 78.58 2.34 -4.08
N GLN I 191 78.69 1.45 -3.09
CA GLN I 191 79.75 1.51 -2.07
C GLN I 191 81.15 1.27 -2.67
N ARG I 192 82.12 2.11 -2.31
CA ARG I 192 83.46 2.12 -2.92
C ARG I 192 84.55 1.51 -2.05
N HIS I 193 85.41 0.72 -2.65
CA HIS I 193 86.62 0.17 -2.05
C HIS I 193 87.60 1.29 -1.71
N PRO I 194 88.02 1.46 -0.45
CA PRO I 194 88.70 2.67 -0.01
C PRO I 194 90.12 2.84 -0.57
N THR I 195 90.75 1.79 -1.10
CA THR I 195 92.12 1.86 -1.65
C THR I 195 92.22 1.51 -3.13
N THR I 196 91.12 1.27 -3.83
CA THR I 196 91.11 1.22 -5.31
C THR I 196 90.09 2.15 -5.95
N GLY I 197 89.10 2.65 -5.19
CA GLY I 197 88.04 3.51 -5.67
C GLY I 197 86.95 2.81 -6.49
N GLN I 198 87.09 1.51 -6.80
CA GLN I 198 86.08 0.73 -7.50
C GLN I 198 84.86 0.39 -6.63
N LYS I 199 83.71 0.08 -7.24
CA LYS I 199 82.53 -0.42 -6.53
C LYS I 199 82.80 -1.81 -5.96
N LEU I 200 82.39 -2.03 -4.71
CA LEU I 200 82.53 -3.31 -4.03
C LEU I 200 81.50 -4.34 -4.51
N TYR I 201 80.31 -3.91 -4.91
CA TYR I 201 79.16 -4.76 -5.19
C TYR I 201 78.51 -4.49 -6.55
N PRO I 202 79.27 -4.57 -7.66
CA PRO I 202 78.80 -4.17 -8.98
C PRO I 202 77.61 -5.00 -9.50
N GLU I 203 77.44 -6.22 -9.00
CA GLU I 203 76.32 -7.10 -9.34
C GLU I 203 74.95 -6.54 -8.89
N LEU I 204 74.93 -5.58 -7.96
CA LEU I 204 73.70 -5.00 -7.41
C LEU I 204 73.07 -3.91 -8.29
N GLY I 205 73.68 -3.52 -9.41
CA GLY I 205 73.20 -2.40 -10.23
C GLY I 205 73.12 -1.11 -9.43
N PHE I 206 72.01 -0.39 -9.54
CA PHE I 206 71.70 0.76 -8.69
C PHE I 206 71.01 0.40 -7.37
N GLY I 207 70.85 -0.88 -7.05
CA GLY I 207 70.20 -1.33 -5.82
C GLY I 207 68.68 -1.24 -5.82
N THR I 208 68.05 -1.10 -6.97
CA THR I 208 66.58 -0.99 -7.08
C THR I 208 65.85 -2.33 -7.03
N ASP I 209 66.54 -3.46 -7.21
CA ASP I 209 65.92 -4.79 -7.33
C ASP I 209 66.75 -5.92 -6.70
N ILE I 210 67.44 -5.64 -5.59
CA ILE I 210 68.31 -6.60 -4.90
C ILE I 210 67.48 -7.78 -4.39
N SER I 211 67.78 -9.01 -4.83
CA SER I 211 67.09 -10.24 -4.42
C SER I 211 67.82 -11.05 -3.34
N GLY I 212 69.10 -10.79 -3.11
CA GLY I 212 69.88 -11.43 -2.08
C GLY I 212 71.22 -10.75 -1.85
N PHE I 213 71.70 -10.75 -0.62
CA PHE I 213 72.95 -10.10 -0.23
C PHE I 213 73.54 -10.80 0.99
N MET I 214 74.87 -10.94 1.05
CA MET I 214 75.52 -11.91 1.94
C MET I 214 74.84 -13.30 1.80
N SER I 215 74.65 -14.04 2.87
CA SER I 215 73.87 -15.29 2.87
C SER I 215 72.36 -15.07 2.68
N LEU I 216 71.86 -13.85 2.88
CA LEU I 216 70.47 -13.55 3.13
C LEU I 216 69.66 -13.38 1.84
N GLY I 217 68.38 -13.75 1.87
CA GLY I 217 67.40 -13.26 0.91
C GLY I 217 67.13 -11.77 1.15
N ALA I 218 66.89 -10.99 0.10
CA ALA I 218 66.71 -9.55 0.23
C ALA I 218 65.48 -9.02 -0.49
N ALA I 219 64.98 -7.90 -0.01
CA ALA I 219 63.97 -7.08 -0.65
C ALA I 219 64.23 -5.61 -0.34
N VAL I 220 63.85 -4.72 -1.25
CA VAL I 220 64.10 -3.28 -1.13
C VAL I 220 62.82 -2.48 -1.40
N SER I 221 62.53 -1.47 -0.59
CA SER I 221 61.32 -0.65 -0.74
C SER I 221 61.38 0.61 0.12
N ASP I 222 60.76 1.71 -0.30
CA ASP I 222 60.63 2.87 0.57
C ASP I 222 59.75 2.60 1.80
N THR I 223 58.90 1.57 1.78
CA THR I 223 58.08 1.19 2.94
C THR I 223 58.95 0.87 4.15
N VAL I 224 60.20 0.43 3.95
CA VAL I 224 61.18 0.05 5.03
C VAL I 224 61.54 1.31 5.84
N ARG I 225 61.49 2.50 5.24
CA ARG I 225 61.75 3.79 5.93
C ARG I 225 60.45 4.37 6.51
N GLY I 226 59.29 3.76 6.22
CA GLY I 226 57.97 4.29 6.60
C GLY I 226 57.29 4.91 5.38
N GLY I 227 57.99 5.06 4.24
CA GLY I 227 57.48 5.70 3.03
C GLY I 227 57.20 7.21 3.17
N PRO I 228 56.62 7.85 2.14
CA PRO I 228 55.97 9.16 2.22
C PRO I 228 54.86 9.23 3.26
N GLU I 229 54.22 8.10 3.54
CA GLU I 229 53.17 7.93 4.53
C GLU I 229 53.60 8.43 5.90
N ALA I 230 54.67 7.88 6.46
CA ALA I 230 55.06 8.16 7.84
C ALA I 230 55.46 9.61 8.12
N VAL I 231 55.84 10.36 7.09
CA VAL I 231 56.26 11.76 7.18
C VAL I 231 55.16 12.73 6.72
N THR I 232 53.90 12.30 6.63
CA THR I 232 52.75 13.15 6.26
C THR I 232 52.69 14.41 7.14
N PRO I 233 52.62 15.62 6.58
CA PRO I 233 52.99 16.85 7.30
C PRO I 233 52.19 17.20 8.55
N SER I 234 50.88 16.98 8.57
CA SER I 234 50.05 17.31 9.73
C SER I 234 50.06 16.24 10.83
N THR I 235 50.22 14.96 10.47
CA THR I 235 49.80 13.81 11.29
C THR I 235 50.71 12.57 11.24
N GLY I 236 51.67 12.47 10.32
CA GLY I 236 52.56 11.32 10.23
C GLY I 236 53.40 11.15 11.49
N ALA I 237 53.68 9.92 11.92
CA ALA I 237 54.43 9.66 13.13
C ALA I 237 55.84 10.30 13.13
N TYR I 238 56.45 10.38 11.95
CA TYR I 238 57.83 10.80 11.75
C TYR I 238 57.96 12.22 11.19
N ARG I 239 56.88 13.01 11.15
CA ARG I 239 56.91 14.41 10.68
C ARG I 239 57.83 15.33 11.50
N THR I 240 58.07 14.95 12.74
CA THR I 240 59.13 15.41 13.64
C THR I 240 59.79 14.15 14.23
N THR I 241 61.09 14.16 14.50
CA THR I 241 61.82 13.01 15.08
C THR I 241 61.57 11.70 14.34
N ASN I 242 61.96 11.67 13.07
CA ASN I 242 62.05 10.43 12.30
C ASN I 242 63.20 9.56 12.85
N PRO I 243 63.01 8.26 13.14
CA PRO I 243 64.11 7.37 13.48
C PRO I 243 65.09 7.11 12.34
N ASN I 244 64.73 7.40 11.08
CA ASN I 244 65.53 7.11 9.90
C ASN I 244 65.90 5.62 9.81
N ILE I 245 64.91 4.73 9.76
CA ILE I 245 65.16 3.30 9.54
C ILE I 245 65.86 3.11 8.21
N LYS I 246 67.06 2.53 8.20
CA LYS I 246 67.83 2.26 6.99
C LYS I 246 67.59 0.85 6.48
N ALA I 247 67.61 -0.14 7.36
CA ALA I 247 67.41 -1.54 7.03
C ALA I 247 66.89 -2.34 8.23
N VAL I 248 66.31 -3.50 7.97
CA VAL I 248 65.83 -4.45 8.96
C VAL I 248 66.32 -5.83 8.55
N VAL I 249 66.87 -6.61 9.47
CA VAL I 249 67.38 -7.95 9.21
C VAL I 249 66.86 -8.90 10.26
N GLY I 250 66.60 -10.16 9.93
CA GLY I 250 66.08 -11.08 10.91
C GLY I 250 65.75 -12.46 10.39
N ASP I 251 65.24 -13.30 11.27
CA ASP I 251 64.53 -14.51 10.90
C ASP I 251 63.09 -14.14 10.54
N PHE I 252 62.84 -13.82 9.29
CA PHE I 252 61.54 -13.39 8.80
C PHE I 252 60.45 -14.46 8.87
N SER I 253 60.74 -15.69 9.29
CA SER I 253 59.70 -16.65 9.66
C SER I 253 59.04 -16.33 11.01
N ALA I 254 59.70 -15.54 11.86
CA ALA I 254 59.17 -15.07 13.13
C ALA I 254 58.10 -13.99 12.98
N PHE I 255 57.98 -13.34 11.82
CA PHE I 255 56.80 -12.59 11.44
C PHE I 255 55.84 -13.51 10.69
N ARG I 256 54.72 -13.84 11.32
CA ARG I 256 53.69 -14.76 10.79
C ARG I 256 52.52 -13.91 10.31
N TRP I 257 52.07 -14.11 9.08
CA TRP I 257 51.00 -13.33 8.49
C TRP I 257 50.20 -14.13 7.47
N GLY I 258 48.97 -13.72 7.20
CA GLY I 258 48.13 -14.33 6.19
C GLY I 258 46.92 -13.47 5.86
N VAL I 259 46.40 -13.58 4.65
CA VAL I 259 45.12 -12.97 4.25
C VAL I 259 43.98 -13.80 4.81
N GLN I 260 43.22 -13.25 5.75
CA GLN I 260 42.09 -13.93 6.38
C GLN I 260 40.82 -13.86 5.55
N ALA I 261 40.55 -12.71 4.95
CA ALA I 261 39.47 -12.47 4.01
C ALA I 261 39.84 -11.31 3.08
N ASN I 262 39.14 -11.21 1.96
CA ASN I 262 39.42 -10.31 0.84
C ASN I 262 38.09 -9.87 0.20
N ILE I 263 37.88 -8.56 0.03
CA ILE I 263 36.81 -8.00 -0.81
C ILE I 263 37.46 -7.40 -2.07
N PRO I 264 37.39 -8.05 -3.23
CA PRO I 264 38.04 -7.58 -4.45
C PRO I 264 37.41 -6.29 -4.97
N LEU I 265 38.12 -5.57 -5.84
CA LEU I 265 37.73 -4.24 -6.33
C LEU I 265 36.29 -4.22 -6.85
N THR I 266 35.47 -3.33 -6.33
CA THR I 266 34.03 -3.29 -6.59
C THR I 266 33.49 -1.87 -6.61
N LEU I 267 32.42 -1.65 -7.36
CA LEU I 267 31.83 -0.34 -7.62
C LEU I 267 30.67 -0.10 -6.65
N ILE I 268 30.67 1.06 -6.01
CA ILE I 268 29.63 1.53 -5.10
C ILE I 268 28.90 2.69 -5.80
N GLU I 269 27.58 2.64 -5.89
CA GLU I 269 26.78 3.70 -6.53
C GLU I 269 25.89 4.49 -5.58
N TYR I 270 25.65 4.04 -4.34
CA TYR I 270 24.58 4.58 -3.50
C TYR I 270 25.06 4.98 -2.10
N GLY I 271 24.31 5.84 -1.43
CA GLY I 271 24.65 6.31 -0.09
C GLY I 271 25.87 7.23 -0.08
N ASP I 272 26.55 7.32 1.05
CA ASP I 272 27.74 8.13 1.26
C ASP I 272 28.83 7.29 1.95
N PRO I 273 29.67 6.59 1.18
CA PRO I 273 30.59 5.59 1.70
C PRO I 273 31.85 6.17 2.35
N ASP I 274 32.01 7.49 2.38
CA ASP I 274 33.25 8.16 2.75
C ASP I 274 33.07 9.49 3.51
N GLY I 275 31.85 10.01 3.60
CA GLY I 275 31.50 11.19 4.40
C GLY I 275 31.38 12.50 3.60
N SER I 276 31.68 12.52 2.31
CA SER I 276 31.74 13.74 1.52
C SER I 276 30.44 14.10 0.78
N GLY I 277 29.34 13.42 1.07
CA GLY I 277 28.01 13.64 0.49
C GLY I 277 27.53 12.42 -0.29
N ASP I 278 26.24 12.33 -0.58
CA ASP I 278 25.68 11.12 -1.21
C ASP I 278 26.05 10.98 -2.69
N LEU I 279 26.35 9.77 -3.15
CA LEU I 279 26.77 9.48 -4.53
C LEU I 279 25.67 9.75 -5.55
N GLN I 280 24.41 9.53 -5.22
CA GLN I 280 23.29 9.88 -6.09
C GLN I 280 22.98 11.37 -6.00
N ARG I 281 23.12 12.01 -4.85
CA ARG I 281 22.94 13.47 -4.74
C ARG I 281 23.96 14.23 -5.55
N LYS I 282 25.25 13.96 -5.37
CA LYS I 282 26.35 14.67 -6.02
C LYS I 282 26.83 14.00 -7.30
N ASN I 283 26.15 12.94 -7.73
CA ASN I 283 26.29 12.34 -9.05
C ASN I 283 27.67 11.74 -9.37
N GLU I 284 28.13 10.89 -8.48
CA GLU I 284 29.48 10.33 -8.44
C GLU I 284 29.44 8.83 -8.25
N LEU I 285 30.58 8.20 -8.48
CA LEU I 285 30.82 6.78 -8.27
C LEU I 285 32.00 6.63 -7.32
N ALA I 286 32.08 5.50 -6.63
CA ALA I 286 33.27 5.16 -5.86
C ALA I 286 33.68 3.71 -6.10
N ILE I 287 34.97 3.45 -6.27
CA ILE I 287 35.50 2.08 -6.29
C ILE I 287 36.19 1.80 -4.96
N ARG I 288 35.97 0.60 -4.41
CA ARG I 288 36.55 0.15 -3.14
C ARG I 288 37.17 -1.23 -3.26
N ALA I 289 38.24 -1.46 -2.51
CA ALA I 289 38.84 -2.76 -2.26
C ALA I 289 39.15 -2.90 -0.77
N GLU I 290 39.04 -4.11 -0.22
CA GLU I 290 39.46 -4.42 1.14
C GLU I 290 40.23 -5.72 1.24
N VAL I 291 41.08 -5.83 2.25
CA VAL I 291 41.69 -7.08 2.67
C VAL I 291 41.81 -7.06 4.18
N VAL I 292 41.77 -8.21 4.82
CA VAL I 292 42.08 -8.33 6.25
C VAL I 292 43.23 -9.29 6.45
N TYR I 293 44.28 -8.81 7.11
CA TYR I 293 45.50 -9.53 7.43
C TYR I 293 45.50 -9.91 8.90
N GLY I 294 45.81 -11.17 9.22
CA GLY I 294 46.29 -11.49 10.56
C GLY I 294 47.80 -11.29 10.61
N VAL I 295 48.31 -10.70 11.68
CA VAL I 295 49.76 -10.43 11.84
C VAL I 295 50.27 -10.74 13.25
N GLY I 296 51.43 -11.38 13.37
CA GLY I 296 52.05 -11.67 14.65
C GLY I 296 53.55 -11.79 14.58
N ILE I 297 54.22 -11.46 15.67
CA ILE I 297 55.66 -11.53 15.86
C ILE I 297 55.94 -12.50 17.01
N LEU I 298 56.56 -13.64 16.71
CA LEU I 298 56.82 -14.71 17.68
C LEU I 298 57.92 -14.31 18.68
N SER I 299 58.88 -13.48 18.27
CA SER I 299 59.77 -12.78 19.20
C SER I 299 60.34 -11.56 18.52
N THR I 300 60.42 -10.42 19.22
CA THR I 300 61.02 -9.22 18.63
C THR I 300 62.55 -9.38 18.42
N ASP I 301 63.20 -10.23 19.22
CA ASP I 301 64.64 -10.52 19.10
C ASP I 301 65.00 -11.22 17.79
N ALA I 302 64.06 -11.85 17.10
CA ALA I 302 64.32 -12.42 15.80
C ALA I 302 64.74 -11.38 14.75
N PHE I 303 64.56 -10.09 15.05
CA PHE I 303 64.85 -8.97 14.16
C PHE I 303 65.87 -8.03 14.77
N ALA I 304 66.63 -7.36 13.93
CA ALA I 304 67.47 -6.22 14.25
C ALA I 304 67.29 -5.11 13.22
N VAL I 305 67.52 -3.86 13.62
CA VAL I 305 67.34 -2.68 12.76
C VAL I 305 68.58 -1.81 12.68
N VAL I 306 68.90 -1.37 11.47
CA VAL I 306 69.92 -0.38 11.16
C VAL I 306 69.23 0.98 11.08
N ARG I 307 69.70 1.95 11.84
CA ARG I 307 68.97 3.17 12.16
C ARG I 307 69.90 4.37 12.20
N ASP I 308 69.37 5.57 12.10
CA ASP I 308 70.14 6.81 12.27
C ASP I 308 69.29 7.86 13.00
N ALA I 309 68.91 7.57 14.24
CA ALA I 309 68.31 8.54 15.12
C ALA I 309 69.38 9.50 15.65
#